data_9E85
#
_entry.id   9E85
#
loop_
_entity.id
_entity.type
_entity.pdbx_description
1 polymer 'DNA-directed RNA polymerase subunit alpha'
2 polymer 'DNA-directed RNA polymerase subunit beta'
3 polymer "DNA-directed RNA polymerase subunit beta'"
4 polymer 'DNA-directed RNA polymerase subunit omega'
5 polymer 'RNA polymerase sigma factor SigA'
6 polymer 'RNA polymerase-binding protein RbpA'
7 polymer 'Ubiquitin-like protein SMT3,RNA polymerase-binding transcription factor CarD'
8 polymer 'DNA (48-MER)'
9 polymer "RNA (5'-R(P*AP*GP*CP*GP*AP*G)-3')"
10 polymer 'DNA (47-MER)'
11 non-polymer 'PYROPHOSPHATE 2-'
12 non-polymer 'ZINC ION'
13 non-polymer 'MAGNESIUM ION'
14 water water
#
loop_
_entity_poly.entity_id
_entity_poly.type
_entity_poly.pdbx_seq_one_letter_code
_entity_poly.pdbx_strand_id
1 'polypeptide(L)'
;MLISQRPTLSEDVLTDNRSQFVIEPLEPGFGYTLGNSLRRTLLSSIPGAAVTSIRIDGVLHEFTTVPGVKEDVTEIILNL
KSLVVSSEEDEPVTMYLRKQGPGEVTAGDIVPPAGVTVHNPGMHIATLNDKGKLEVELVVERGRGYVPAVQNRASGAEIG
RIPVDSIYSPVLKVTYKVDATRVEQRTDFDKLILDVETKNSISPRDALASAGKTLVELFGLARELNVEAEGIEIGPSPAE
ADHIASFALPIDDLDLTVRSYNCLKREGVHTVGELVARTESDLLDIRNFGQKSIDEVKIKLHQLGLSLKDSPPSFDPSEV
AGYDVATGTWSTEGAYDEQDYAETEQL
;
A,B
2 'polypeptide(L)'
;MEGCILADSRQSKTAASPSPSRPQSSSNNSVPGAPNRVSFAKLREPLEVPGLLDVQTDSFEWLIGSPRWRESAAERGDVN
PVGGLEEVLYELSPIEDFSGSMSLSFSDPRFDDVKAPVDECKDKDMTYAAPLFVTAEFINNNTGEIKSQTVFMGDFPMMT
EKGTFIINGTERVVVSQLVRSPGVYFDETIDKSTDKTLHSVKVIPSRGAWLEFDVDKRDTVGVRIDRKRRQPVTVLLKAL
GWTSEQIVERFGFSEIMRSTLEKDNTVGTDEALLDIYRKLRPGEPPTKESAQTLLENLFFKEKRYDLARVGRYKVNKKLG
LHVGEPITSSTLTEEDVVATIEYLVRLHEGQTTMTVPGGVEVPVETDDIDHFGNRRLRTVGELIQNQIRVGMSRMERVVR
ERMTTQDVEAITPQTLINIRPVVAAIKEFFGTSQLSQFMDQNNPLSGLTHKRRLSALGPGGLSRERAGLEVRDVHPSHYG
RMCPIETPEGPNIGLIGSLSVYARVNPFGFIETPYRKVVDGVVSDEIVYLTADEEDRHVVAQANSPIDADGRFVEPRVLV
RRKAGEVEYVPSSEVDYMDVSPRQMVSVATAMIPFLEHDDANRALMGANMQRQAVPLVRSEAPLVGTGMELRAAIDAGDV
VVAEESGVIEEVSADYITVMHDNGTRRTYRMRKFARSNHGTCANQCPIVDAGDRVEAGQVIADGPCTDDGEMALGKNLLV
AIMPWEGHNYEDAIILSNRLVEEDVLTSIHIEEHEIDARDTKLGAEEITRDIPNISDEVLADLDERGIVRIGAEVRDGDI
LVGKVTPKGETELTPEERLLRAIFGEKAREVRDTSLKVPHGESGKVIGIRVFSREDEDELPAGVNELVRVYVAQKRKISD
GDKLAGRHGNKGVIGKILPVEDMPFLADGTPVDIILNTHGVPRRMNIGQILETHLGWCAHSGWKVDAAKGVPDWAARLPD
ELLEAQPNAIVSTPVFDGAQEAELQGLLSCTLPNRDGDVLVDADGKAMLFDGRSGEPFPYPVTVGYMYIMKLHHLVDDKI
HARSTGPYSMITQQPLGGKAQFGGQRFGEMECWAMQAYGAAYTLQELLTIKSDDTVGRVKVYEAIVKGENIPEPGIPESF
KVLLKELQSLCLNVEVLSSDGAAIELREGEDEDLERAAANLGINLSRNESASVEDLA
;
C
3 'polypeptide(L)'
;LARHGGSGAMLDVNFFDELRIGLATAEDIRQWSYGEVKKPETINYRTLKPEKDGLFCEKIFGPTRDWECYCGKYKRVRFK
GIICERCGVEVTRAKVRRERMGHIELAAPVTHIWYFKGVPSRLGYLLDLAPKDLEKIIYFAAYVITSVDEEMRHNELSTL
EAEMAVERKAVEDQRDGELEARAQKLEADLAELEAEGAKADARRKVRDGGEREMRQIRDRAQRELDRLEDIWSTFTKLAP
KQLIVDENLYRELVDRYGEYFTGAMGAESIQKLIENFDIDAEAESLRDVIRNGKGQKKLRALKRLKVVAAFQQSGNSPMG
MVLDAVPVIPPELRPMVQLDGGRFATSDLNDLYRRVINRNNRLKRLIDLGAPEIIVNNEKRMLQESVDALFDNGRRGRPV
TGPGNRPLKSLSDLLKGKQGRFRQNLLGKRVDYSGRSVIVVGPQLKLHQCGLPKLMALELFKPFVMKRLVDLNHAQNIKS
AKRMVERQRPQVWDVLEEVIAEHPVLLNRAPTLHRLGIQAFEPMLVEGKAIQLHPLVCEAFNADFDGDQMAVHLPLSAEA
QAEARILMLSSNNILSPASGRPLAMPRLDMVTGLYYLTTEVPGDTGEYQPASGDHPETGVYSSPAEAIMAADRGVLSVRA
KIKVRLTQLRPPVEIEAELFGHSGWQPGDAWMAETTLGRVMFNELLPLGYPFVNKQMHKKVQAAIINDLAERYPMIVVAQ
TVDKLKDAGFYWATRSGVTVSMADVLVPPRKKEILDHYEERADKVEKQFQRGALNHDERNEALVEIWKEATDEVGQALRE
HYPDDNPIITIVDSGATGNFTQTRTLAGMKGLVTNPKGEFIPRPVKSSFREGLTVLEYFINTHGARKGLADTALRTADSG
YLTRRLVDVSQDVIVREHDCQTERGIVVELAERAPDGTLIRDPYIETSAYARTLGTDAVDEAGNVIVERGQDLGDPEIDA
LLAAGITQVKVRSVLTCATSTGVCATCYGRSMATGKLVDIGEAVGIVAAQSIGEPGTQLTMRTFHQGGVGEDITGGLPRV
QELFEARVPRGKAPIADVTGRVRLEDGERFYKITIVPDDGGEEVVYDKISKRQRLRVFKHEDGSERVLSDGDHVEVGQQL
MEGSADPHEVLRVQGPREVQIHLVREVQEVYRAQGVSIHDKHIEVIVRQMLRRVTIIDSGSTEFLPGSLIDRAEFEAENR
RVVAEGGEPAAGRPVLMGITKASLATDSWLSAASFQETTRVLTDAAINCRSDKLNGLKENVIIGKLIPAGTGINRYRNIA
VQPTEEARAAAYTIPSYEDQYYSPDFGAATGAAVPLDDYGYSDYRHHHHHHHH
;
D
4 'polypeptide(L)'
;MSISQSDASLAAVPAVDQFDPSSGASGGYDTPLGITNPPIDELLDRVSSKYALVIYAAKRARQINDYYNQLGEGILEYVG
PLVEPGLQEKPLSIALREIHADLLEHTEGE
;
E
5 'polypeptide(L)'
;HHHHHHHHHHSSGLEVLFQGPHMAATKASTATDEPVKRTATKSPAASASGAKTGAKRTAAKSASGSPPAKRATKPAARSV
KPASAPQDTTTSTIPKRKTRAAAKSAAAKAPSARGHATKPRAPKDAQHEAATDPEDALDSVEELDAEPDLDVEPGEDLDL
DAADLNLDDLEDDVAPDADDDLDSGDDEDHEDLEAEAAVAPGQTADDDEEIAEPTEKDKASGDFVWDEDESEALRQARKD
AELTASADSVRAYLKQIGKVALLNAEEEVELAKRIEAGLYATQLMTELSERGEKLPAAQRRDMMWICRDGDRAKNHLLEA
NLRLVVSLAKRYTGRGMAFLDLIQEGNLGLIRAVEKFDYTKGYKFSTYATWWIRQAITRAMADQARTIRIPVHMVEVINK
LGRIQRELLQDLGREPTPEELAKEMDITPEKVLEIQQYAREPISLDQTIGDEGDSQLGDFIEDSEAVVAVDAVSFTLLQD
QLQSVLDTLSEREAGVVRLRFGLTDGQPRTLDEIGQVYGVTRERIRQIESKTMSKLRHPSRSQVLRDYLD
;
F
6 'polypeptide(L)'
;MADRVLRGSRLGAVSYETDRNHDLAPRQIARYRTDNGEEFEVPFADDAEIPGTWLCRNGMEGTLIEGDLPEPKKVKPPRT
HWDMLLERRSIEELEELLKERLELIRSRRRG
;
J
7 'polypeptide(L)'
;MGHHHHHHHHHHSSGHIEGRHMASMSDSEVNQEAKPEVKPEVKPETHINLKVSDGSSEIFFKIKKTTPLRRLMEAFAKRQ
GKEMDSLRFLYDGIRIQADQTPEDLDMEDNDIIEAHREQIGGSMIFKVGDTVVYPHHGAALVEAIETRTIKGEQKEYLVL
KVAQGDLTVRVPAENAEYVGVRDVVGQEGLDKVFQVLRAPHTEEPTNWSRRYKANLEKLASGDVNKVAEVVRDLWRRDQE
RGLSAGEKRMLAKARQILVGELALAESTDDAKAETILDEVLAAAS
;
M
8 'polydeoxyribonucleotide'
;(DC)(DT)(DT)(DA)(DA)(DA)(DA)(DG)(DA)(DT)(DT)(DA)(DA)(DT)(DT)(DT)(DA)(DA)(DA)(DA)
(DT)(DT)(DT)(DA)(DT)(DC)(DA)(DA)(DA)(DA)(DA)(DG)(DA)(DG)(DT)(DA)(DT)(DT)(DG)(DA)
(DC)(DT)(DT)(DA)(DA)(DA)(DG)(DT)(DC)(DT)(DA)(DA)(DC)(DC)(DT)(DA)(DT)(DA)(DG)(DG)
(DA)(DT)(DA)(DC)(DT)(DT)(DA)(DC)(DA)(DG)(DC)(DC)(DA)(DG)(DC)(DG)(DA)(DC)(DA)(DG)
(DG)(DG)(DA)(DC)(DA)(DC)(DG)(DG)(DC)(DG)(DA)(DA)(DT)(DA)(DG)(DC)(DC)(DA)(DT)(DC)
(DC)(DC)(DA)(DA)(DT)(DC)(DG)(DA)(DC)(DA)(DC)(DC)(DG)(DG)(DG)(DG)(DT)(DC)(DG)(DG)
(DG)(DA)(DT)(DC)(DT)(DG)(DG)
;
N
9 'polyribonucleotide' AGCGAGAGGGACACGGCGAAU R
10 'polydeoxyribonucleotide'
;(DC)(DC)(DA)(DG)(DA)(DT)(DC)(DC)(DC)(DG)(DA)(DC)(DC)(DC)(DC)(DG)(DG)(DT)(DG)(DT)
(DC)(DG)(DA)(DT)(DT)(DG)(DG)(DG)(DA)(DT)(DG)(DG)(DC)(DT)(DA)(DT)(DT)(DC)(DG)(DC)
(DC)(DG)(DT)(DG)(DT)(DC)(DC)(DC)(DT)(DC)(DT)(DC)(DG)(DC)(DT)(DG)(DG)(DC)(DT)(DG)
(DT)(DA)(DA)(DG)(DT)(DA)(DT)(DC)(DC)(DT)(DA)(DT)(DA)(DG)(DG)(DT)(DT)(DA)(DG)(DA)
(DC)(DT)(DT)(DT)(DA)(DA)(DG)(DT)(DC)(DA)(DA)(DT)(DA)(DC)(DT)(DC)(DT)(DT)(DT)(DT)
(DT)(DG)(DA)(DT)(DA)(DA)(DA)(DT)(DT)(DT)(DT)(DA)(DA)(DA)(DT)(DT)(DA)(DA)(DT)(DC)
(DT)(DT)(DT)(DT)(DA)(DA)(DG)
;
T
#
loop_
_chem_comp.id
_chem_comp.type
_chem_comp.name
_chem_comp.formula
A RNA linking ADENOSINE-5'-MONOPHOSPHATE 'C10 H14 N5 O7 P'
C RNA linking CYTIDINE-5'-MONOPHOSPHATE 'C9 H14 N3 O8 P'
DA DNA linking 2'-DEOXYADENOSINE-5'-MONOPHOSPHATE 'C10 H14 N5 O6 P'
DC DNA linking 2'-DEOXYCYTIDINE-5'-MONOPHOSPHATE 'C9 H14 N3 O7 P'
DG DNA linking 2'-DEOXYGUANOSINE-5'-MONOPHOSPHATE 'C10 H14 N5 O7 P'
DT DNA linking THYMIDINE-5'-MONOPHOSPHATE 'C10 H15 N2 O8 P'
G RNA linking GUANOSINE-5'-MONOPHOSPHATE 'C10 H14 N5 O8 P'
MG non-polymer 'MAGNESIUM ION' 'Mg 2'
POP non-polymer 'PYROPHOSPHATE 2-' 'H2 O7 P2 -2'
U RNA linking URIDINE-5'-MONOPHOSPHATE 'C9 H13 N2 O9 P'
ZN non-polymer 'ZINC ION' 'Zn 2'
#
# COMPACT_ATOMS: atom_id res chain seq x y z
N LEU A 2 -3.20 -6.53 -73.46
CA LEU A 2 -1.92 -6.53 -72.77
C LEU A 2 -1.28 -5.15 -72.84
N ILE A 3 -0.46 -4.84 -71.83
CA ILE A 3 0.15 -3.51 -71.76
C ILE A 3 1.08 -3.29 -72.95
N SER A 4 1.88 -4.31 -73.28
CA SER A 4 2.75 -4.27 -74.46
C SER A 4 3.75 -3.11 -74.39
N GLN A 5 4.24 -2.80 -73.19
CA GLN A 5 5.29 -1.81 -73.03
C GLN A 5 5.93 -1.99 -71.66
N ARG A 6 7.25 -2.04 -71.63
CA ARG A 6 7.98 -2.23 -70.39
C ARG A 6 8.22 -0.89 -69.68
N PRO A 7 8.49 -0.92 -68.38
CA PRO A 7 8.61 0.34 -67.63
C PRO A 7 9.94 1.03 -67.85
N THR A 8 9.98 2.31 -67.46
CA THR A 8 11.19 3.11 -67.53
C THR A 8 11.22 4.10 -66.39
N LEU A 9 12.42 4.50 -65.99
CA LEU A 9 12.67 5.41 -64.89
C LEU A 9 13.38 6.67 -65.40
N SER A 10 13.07 7.81 -64.76
CA SER A 10 13.70 9.07 -65.12
C SER A 10 13.85 9.93 -63.86
N GLU A 11 15.00 10.58 -63.72
CA GLU A 11 15.30 11.43 -62.58
C GLU A 11 15.02 12.89 -62.92
N ASP A 12 14.46 13.61 -61.96
CA ASP A 12 14.22 15.05 -62.03
C ASP A 12 14.93 15.65 -60.81
N VAL A 13 16.15 16.14 -61.02
CA VAL A 13 16.93 16.76 -59.97
C VAL A 13 16.32 18.12 -59.64
N LEU A 14 15.80 18.27 -58.42
CA LEU A 14 15.22 19.54 -58.00
C LEU A 14 16.25 20.36 -57.24
N THR A 15 16.71 19.84 -56.11
CA THR A 15 17.84 20.39 -55.38
C THR A 15 18.99 19.40 -55.57
N ASP A 16 20.14 19.68 -54.97
CA ASP A 16 21.20 18.67 -54.92
C ASP A 16 20.89 17.55 -53.94
N ASN A 17 19.73 17.59 -53.28
CA ASN A 17 19.35 16.57 -52.30
C ASN A 17 17.99 15.97 -52.59
N ARG A 18 17.04 16.78 -53.04
CA ARG A 18 15.66 16.36 -53.26
C ARG A 18 15.45 16.16 -54.75
N SER A 19 14.89 15.00 -55.13
CA SER A 19 14.68 14.70 -56.54
C SER A 19 13.46 13.79 -56.71
N GLN A 20 12.81 13.93 -57.88
CA GLN A 20 11.64 13.15 -58.24
C GLN A 20 12.05 12.07 -59.24
N PHE A 21 11.86 10.81 -58.90
CA PHE A 21 12.04 9.73 -59.85
C PHE A 21 10.67 9.31 -60.37
N VAL A 22 10.43 9.49 -61.66
CA VAL A 22 9.20 9.05 -62.29
C VAL A 22 9.46 7.68 -62.92
N ILE A 23 8.68 6.69 -62.50
CA ILE A 23 8.70 5.34 -63.05
C ILE A 23 7.35 5.11 -63.70
N GLU A 24 7.36 4.79 -64.99
CA GLU A 24 6.12 4.55 -65.71
C GLU A 24 6.41 3.77 -66.98
N PRO A 25 5.45 2.99 -67.51
CA PRO A 25 4.13 2.67 -66.95
C PRO A 25 4.15 1.44 -66.06
N LEU A 26 3.47 1.50 -64.92
CA LEU A 26 3.33 0.34 -64.04
C LEU A 26 2.04 -0.38 -64.37
N GLU A 27 1.63 -1.34 -63.53
CA GLU A 27 0.40 -2.08 -63.73
C GLU A 27 -0.63 -1.49 -62.77
N PRO A 28 -1.92 -1.50 -63.13
CA PRO A 28 -2.94 -0.99 -62.20
C PRO A 28 -2.83 -1.60 -60.80
N GLY A 29 -2.53 -0.76 -59.81
CA GLY A 29 -2.38 -1.18 -58.44
C GLY A 29 -0.94 -1.34 -57.99
N PHE A 30 0.01 -1.45 -58.92
CA PHE A 30 1.40 -1.66 -58.58
C PHE A 30 2.09 -0.41 -58.04
N GLY A 31 1.53 0.78 -58.29
CA GLY A 31 2.18 2.02 -57.92
C GLY A 31 2.51 2.14 -56.45
N TYR A 32 1.48 2.11 -55.61
CA TYR A 32 1.69 2.32 -54.19
C TYR A 32 2.56 1.21 -53.60
N THR A 33 2.34 -0.03 -54.03
CA THR A 33 3.14 -1.13 -53.52
C THR A 33 4.62 -0.95 -53.83
N LEU A 34 4.95 -0.65 -55.09
CA LEU A 34 6.35 -0.43 -55.46
C LEU A 34 6.95 0.78 -54.75
N GLY A 35 6.20 1.89 -54.70
CA GLY A 35 6.72 3.07 -54.02
C GLY A 35 7.00 2.82 -52.56
N ASN A 36 6.11 2.10 -51.88
CA ASN A 36 6.31 1.82 -50.47
C ASN A 36 7.47 0.86 -50.27
N SER A 37 7.64 -0.12 -51.16
CA SER A 37 8.80 -1.00 -51.06
C SER A 37 10.09 -0.20 -51.19
N LEU A 38 10.14 0.69 -52.18
CA LEU A 38 11.33 1.52 -52.35
C LEU A 38 11.56 2.41 -51.14
N ARG A 39 10.50 3.00 -50.61
CA ARG A 39 10.64 3.86 -49.43
C ARG A 39 11.15 3.08 -48.23
N ARG A 40 10.62 1.87 -48.01
CA ARG A 40 11.02 1.09 -46.86
C ARG A 40 12.46 0.59 -47.01
N THR A 41 12.92 0.36 -48.24
CA THR A 41 14.33 0.04 -48.43
C THR A 41 15.20 1.27 -48.19
N LEU A 42 14.80 2.42 -48.73
CA LEU A 42 15.59 3.64 -48.58
C LEU A 42 15.71 4.04 -47.12
N LEU A 43 14.58 4.15 -46.42
CA LEU A 43 14.56 4.69 -45.08
C LEU A 43 15.25 3.80 -44.05
N SER A 44 15.58 2.56 -44.39
CA SER A 44 16.02 1.60 -43.38
C SER A 44 17.30 0.86 -43.72
N SER A 45 17.60 0.68 -45.01
CA SER A 45 18.64 -0.25 -45.43
C SER A 45 19.59 0.37 -46.45
N ILE A 46 19.87 1.67 -46.35
CA ILE A 46 20.86 2.33 -47.20
C ILE A 46 22.14 2.45 -46.39
N PRO A 47 23.23 1.79 -46.78
CA PRO A 47 24.45 1.87 -45.99
C PRO A 47 25.04 3.28 -45.99
N GLY A 48 25.68 3.62 -44.89
CA GLY A 48 26.31 4.92 -44.76
C GLY A 48 27.33 4.91 -43.65
N ALA A 49 27.80 6.09 -43.30
CA ALA A 49 28.82 6.26 -42.26
C ALA A 49 28.37 7.32 -41.27
N ALA A 50 28.78 7.15 -40.02
CA ALA A 50 28.46 8.12 -38.98
C ALA A 50 29.45 7.94 -37.84
N VAL A 51 29.53 8.97 -37.00
CA VAL A 51 30.46 8.94 -35.87
C VAL A 51 30.00 7.88 -34.88
N THR A 52 30.92 6.99 -34.50
CA THR A 52 30.59 5.86 -33.65
C THR A 52 31.06 6.00 -32.21
N SER A 53 32.10 6.79 -31.96
CA SER A 53 32.57 7.03 -30.61
C SER A 53 33.50 8.23 -30.58
N ILE A 54 33.31 9.12 -29.62
CA ILE A 54 34.12 10.32 -29.49
C ILE A 54 34.86 10.25 -28.17
N ARG A 55 36.00 10.94 -28.11
CA ARG A 55 36.82 10.99 -26.91
C ARG A 55 37.38 12.40 -26.76
N ILE A 56 36.95 13.10 -25.72
CA ILE A 56 37.48 14.41 -25.40
C ILE A 56 38.63 14.23 -24.43
N ASP A 57 39.71 15.00 -24.64
CA ASP A 57 40.92 14.79 -23.86
C ASP A 57 40.69 15.05 -22.38
N GLY A 58 39.97 16.11 -22.04
CA GLY A 58 39.79 16.48 -20.65
C GLY A 58 38.46 16.03 -20.07
N VAL A 59 38.01 14.84 -20.44
CA VAL A 59 36.74 14.31 -19.99
C VAL A 59 36.91 12.81 -19.72
N LEU A 60 36.09 12.30 -18.79
CA LEU A 60 36.10 10.90 -18.43
C LEU A 60 34.81 10.17 -18.82
N HIS A 61 33.71 10.87 -19.02
CA HIS A 61 32.45 10.30 -19.46
C HIS A 61 31.55 11.44 -19.90
N GLU A 62 30.39 11.09 -20.44
CA GLU A 62 29.49 12.10 -20.99
C GLU A 62 28.63 12.80 -19.95
N PHE A 63 28.94 12.63 -18.66
CA PHE A 63 28.21 13.28 -17.58
C PHE A 63 29.08 14.29 -16.85
N THR A 64 29.88 15.05 -17.61
CA THR A 64 30.77 16.07 -17.05
C THR A 64 30.74 17.27 -17.98
N THR A 65 31.59 18.25 -17.67
CA THR A 65 31.76 19.45 -18.48
C THR A 65 33.24 19.71 -18.69
N VAL A 66 33.56 20.24 -19.86
CA VAL A 66 34.92 20.68 -20.16
C VAL A 66 35.05 22.11 -19.65
N PRO A 67 36.18 22.51 -19.08
CA PRO A 67 36.34 23.92 -18.70
C PRO A 67 36.46 24.80 -19.94
N GLY A 68 35.68 25.88 -19.96
CA GLY A 68 35.75 26.88 -20.99
C GLY A 68 34.69 26.76 -22.07
N VAL A 69 34.05 25.61 -22.22
CA VAL A 69 33.00 25.44 -23.21
C VAL A 69 31.68 25.84 -22.58
N LYS A 70 30.82 26.50 -23.38
CA LYS A 70 29.49 26.87 -22.92
C LYS A 70 28.52 25.69 -22.94
N GLU A 71 28.92 24.55 -23.47
CA GLU A 71 28.07 23.39 -23.64
C GLU A 71 28.59 22.22 -22.81
N ASP A 72 27.67 21.39 -22.32
CA ASP A 72 28.04 20.18 -21.61
C ASP A 72 28.69 19.20 -22.58
N VAL A 73 29.14 18.06 -22.05
CA VAL A 73 29.60 16.99 -22.92
C VAL A 73 28.41 16.35 -23.62
N THR A 74 27.29 16.17 -22.91
CA THR A 74 26.10 15.61 -23.56
C THR A 74 25.59 16.54 -24.65
N GLU A 75 25.62 17.85 -24.41
CA GLU A 75 25.22 18.79 -25.45
C GLU A 75 26.17 18.74 -26.63
N ILE A 76 27.47 18.54 -26.38
CA ILE A 76 28.42 18.34 -27.46
C ILE A 76 28.06 17.10 -28.27
N ILE A 77 27.67 16.03 -27.58
CA ILE A 77 27.27 14.80 -28.26
C ILE A 77 26.07 15.07 -29.16
N LEU A 78 25.07 15.79 -28.65
CA LEU A 78 23.91 16.11 -29.46
C LEU A 78 24.30 16.96 -30.66
N ASN A 79 25.16 17.96 -30.46
CA ASN A 79 25.59 18.79 -31.57
C ASN A 79 26.34 17.99 -32.62
N LEU A 80 27.09 16.97 -32.20
CA LEU A 80 27.79 16.11 -33.14
C LEU A 80 26.86 15.11 -33.80
N LYS A 81 25.72 14.80 -33.19
CA LYS A 81 24.77 13.89 -33.80
C LYS A 81 24.27 14.43 -35.13
N SER A 82 24.17 15.75 -35.25
CA SER A 82 23.73 16.40 -36.47
C SER A 82 24.85 16.57 -37.50
N LEU A 83 25.92 15.80 -37.37
CA LEU A 83 27.04 15.88 -38.31
C LEU A 83 26.87 14.82 -39.39
N VAL A 84 26.97 15.25 -40.65
CA VAL A 84 26.85 14.37 -41.80
C VAL A 84 28.23 14.20 -42.42
N VAL A 85 28.69 12.96 -42.50
CA VAL A 85 30.00 12.61 -43.04
C VAL A 85 29.84 11.40 -43.97
N SER A 86 30.63 11.39 -45.03
CA SER A 86 30.66 10.27 -45.98
C SER A 86 32.07 9.70 -45.98
N SER A 87 32.19 8.42 -45.66
CA SER A 87 33.46 7.72 -45.68
C SER A 87 33.52 6.79 -46.88
N GLU A 88 34.74 6.46 -47.30
CA GLU A 88 34.97 5.62 -48.47
C GLU A 88 35.64 4.30 -48.15
N GLU A 89 35.94 4.01 -46.89
CA GLU A 89 36.55 2.75 -46.50
C GLU A 89 35.87 2.21 -45.26
N ASP A 90 35.62 0.89 -45.27
CA ASP A 90 34.82 0.26 -44.23
C ASP A 90 35.50 0.34 -42.87
N GLU A 91 36.83 0.26 -42.83
CA GLU A 91 37.53 0.16 -41.56
C GLU A 91 37.34 1.45 -40.75
N PRO A 92 37.39 1.36 -39.42
CA PRO A 92 37.23 2.58 -38.62
C PRO A 92 38.30 3.61 -38.95
N VAL A 93 37.87 4.87 -39.03
CA VAL A 93 38.74 6.00 -39.28
C VAL A 93 38.61 6.94 -38.09
N THR A 94 39.67 7.68 -37.79
CA THR A 94 39.69 8.65 -36.71
C THR A 94 40.00 10.03 -37.25
N MET A 95 39.17 11.00 -36.89
CA MET A 95 39.44 12.40 -37.18
C MET A 95 39.55 13.18 -35.88
N TYR A 96 40.10 14.38 -35.97
CA TYR A 96 40.39 15.19 -34.79
C TYR A 96 39.77 16.56 -34.93
N LEU A 97 39.44 17.15 -33.78
CA LEU A 97 38.88 18.50 -33.72
C LEU A 97 39.59 19.21 -32.58
N ARG A 98 40.44 20.18 -32.93
CA ARG A 98 41.20 20.97 -31.97
C ARG A 98 40.85 22.43 -32.15
N LYS A 99 40.46 23.08 -31.06
CA LYS A 99 40.29 24.52 -31.03
C LYS A 99 40.73 25.04 -29.67
N GLN A 100 41.20 26.29 -29.66
CA GLN A 100 41.66 26.94 -28.45
C GLN A 100 41.25 28.40 -28.49
N GLY A 101 41.05 28.98 -27.31
CA GLY A 101 40.71 30.37 -27.19
C GLY A 101 39.27 30.62 -27.60
N PRO A 102 38.85 31.88 -27.59
CA PRO A 102 37.47 32.18 -27.97
C PRO A 102 37.21 31.82 -29.42
N GLY A 103 36.00 31.38 -29.71
CA GLY A 103 35.63 31.10 -31.07
C GLY A 103 34.50 30.09 -31.14
N GLU A 104 33.96 29.96 -32.35
CA GLU A 104 32.82 29.09 -32.62
C GLU A 104 33.37 27.81 -33.24
N VAL A 105 33.46 26.75 -32.44
CA VAL A 105 33.94 25.45 -32.91
C VAL A 105 32.86 24.82 -33.78
N THR A 106 33.08 24.83 -35.09
CA THR A 106 32.16 24.26 -36.05
C THR A 106 32.70 22.94 -36.59
N ALA A 107 31.95 22.32 -37.48
CA ALA A 107 32.41 21.09 -38.13
C ALA A 107 33.60 21.38 -39.02
N GLY A 108 33.61 22.53 -39.70
CA GLY A 108 34.71 22.86 -40.60
C GLY A 108 36.05 22.90 -39.90
N ASP A 109 36.06 23.10 -38.59
CA ASP A 109 37.30 23.03 -37.83
C ASP A 109 37.88 21.62 -37.88
N ILE A 110 37.02 20.59 -37.85
CA ILE A 110 37.46 19.21 -37.87
C ILE A 110 38.40 19.01 -39.06
N VAL A 111 39.43 18.19 -38.89
CA VAL A 111 40.34 17.87 -39.99
C VAL A 111 40.07 16.44 -40.43
N PRO A 112 39.41 16.21 -41.55
CA PRO A 112 39.12 14.84 -41.98
C PRO A 112 40.31 14.25 -42.72
N PRO A 113 40.67 12.99 -42.44
CA PRO A 113 41.68 12.33 -43.27
C PRO A 113 41.18 12.05 -44.68
N ALA A 114 42.00 11.39 -45.50
CA ALA A 114 41.60 11.11 -46.87
C ALA A 114 40.40 10.15 -46.89
N GLY A 115 39.50 10.37 -47.84
CA GLY A 115 38.32 9.54 -47.99
C GLY A 115 37.12 10.10 -47.25
N VAL A 116 37.26 10.31 -45.95
CA VAL A 116 36.18 10.88 -45.15
C VAL A 116 36.10 12.39 -45.37
N THR A 117 34.89 12.92 -45.41
CA THR A 117 34.66 14.33 -45.65
C THR A 117 33.45 14.83 -44.88
N VAL A 118 33.56 16.05 -44.36
CA VAL A 118 32.49 16.70 -43.63
C VAL A 118 31.74 17.61 -44.60
N HIS A 119 30.47 17.32 -44.82
CA HIS A 119 29.68 18.00 -45.83
C HIS A 119 28.87 19.15 -45.25
N ASN A 120 28.98 19.44 -43.96
CA ASN A 120 28.38 20.63 -43.35
C ASN A 120 29.39 21.28 -42.44
N PRO A 121 30.46 21.84 -43.00
CA PRO A 121 31.47 22.50 -42.15
C PRO A 121 30.91 23.61 -41.28
N GLY A 122 29.85 24.29 -41.72
CA GLY A 122 29.29 25.38 -40.95
C GLY A 122 28.53 24.95 -39.72
N MET A 123 28.27 23.65 -39.56
CA MET A 123 27.50 23.18 -38.41
C MET A 123 28.24 23.50 -37.12
N HIS A 124 27.48 23.86 -36.10
CA HIS A 124 28.01 24.26 -34.80
C HIS A 124 28.23 23.03 -33.92
N ILE A 125 29.41 22.95 -33.31
CA ILE A 125 29.73 21.91 -32.34
C ILE A 125 29.83 22.47 -30.93
N ALA A 126 30.45 23.63 -30.76
CA ALA A 126 30.55 24.24 -29.44
C ALA A 126 30.96 25.70 -29.60
N THR A 127 30.88 26.44 -28.49
CA THR A 127 31.37 27.81 -28.43
C THR A 127 32.32 27.93 -27.25
N LEU A 128 33.49 28.50 -27.48
CA LEU A 128 34.55 28.57 -26.49
C LEU A 128 34.72 30.00 -25.99
N ASN A 129 35.47 30.14 -24.91
CA ASN A 129 35.85 31.45 -24.40
C ASN A 129 37.36 31.53 -24.23
N ASP A 130 37.85 32.61 -23.64
CA ASP A 130 39.30 32.83 -23.56
C ASP A 130 40.01 31.70 -22.83
N LYS A 131 39.32 31.02 -21.93
CA LYS A 131 39.93 30.00 -21.07
C LYS A 131 39.70 28.59 -21.57
N GLY A 132 39.06 28.40 -22.72
CA GLY A 132 38.64 27.10 -23.19
C GLY A 132 39.56 26.49 -24.22
N LYS A 133 39.64 25.16 -24.20
CA LYS A 133 40.36 24.40 -25.22
C LYS A 133 39.61 23.09 -25.41
N LEU A 134 39.25 22.78 -26.65
CA LEU A 134 38.47 21.59 -26.96
C LEU A 134 39.27 20.74 -27.94
N GLU A 135 39.69 19.56 -27.49
CA GLU A 135 40.41 18.59 -28.32
C GLU A 135 39.65 17.28 -28.21
N VAL A 136 38.93 16.91 -29.27
CA VAL A 136 38.11 15.71 -29.28
C VAL A 136 38.45 14.91 -30.53
N GLU A 137 38.62 13.60 -30.37
CA GLU A 137 38.86 12.71 -31.50
C GLU A 137 37.62 11.85 -31.72
N LEU A 138 37.15 11.83 -32.96
CA LEU A 138 35.93 11.13 -33.35
C LEU A 138 36.29 9.92 -34.20
N VAL A 139 35.48 8.87 -34.10
CA VAL A 139 35.64 7.66 -34.91
C VAL A 139 34.44 7.54 -35.83
N VAL A 140 34.71 7.27 -37.10
CA VAL A 140 33.67 7.05 -38.10
C VAL A 140 33.86 5.67 -38.71
N GLU A 141 32.75 4.96 -38.91
CA GLU A 141 32.75 3.66 -39.57
C GLU A 141 31.54 3.59 -40.49
N ARG A 142 31.52 2.55 -41.32
CA ARG A 142 30.42 2.33 -42.25
C ARG A 142 29.45 1.30 -41.70
N GLY A 143 28.20 1.47 -42.06
CA GLY A 143 27.16 0.57 -41.59
C GLY A 143 25.84 0.94 -42.21
N ARG A 144 24.76 0.45 -41.61
CA ARG A 144 23.42 0.75 -42.12
C ARG A 144 22.45 0.84 -40.96
N GLY A 145 21.40 1.62 -41.16
CA GLY A 145 20.39 1.74 -40.14
C GLY A 145 20.94 2.36 -38.87
N TYR A 146 20.18 2.18 -37.79
CA TYR A 146 20.55 2.69 -36.48
C TYR A 146 21.07 1.55 -35.62
N VAL A 147 22.22 1.78 -34.99
CA VAL A 147 22.85 0.79 -34.13
C VAL A 147 23.09 1.45 -32.78
N PRO A 148 22.58 0.90 -31.67
CA PRO A 148 22.77 1.57 -30.38
C PRO A 148 24.23 1.63 -29.99
N ALA A 149 24.58 2.65 -29.21
CA ALA A 149 25.96 2.87 -28.80
C ALA A 149 26.53 1.62 -28.15
N VAL A 150 27.59 1.08 -28.75
CA VAL A 150 28.22 -0.12 -28.23
C VAL A 150 28.82 0.19 -26.86
N GLN A 151 28.61 -0.70 -25.91
CA GLN A 151 29.06 -0.48 -24.56
C GLN A 151 30.59 -0.54 -24.49
N ASN A 152 31.13 0.16 -23.49
CA ASN A 152 32.57 0.32 -23.38
C ASN A 152 33.25 -0.99 -23.00
N ARG A 153 32.70 -1.71 -22.02
CA ARG A 153 33.35 -2.91 -21.51
C ARG A 153 33.44 -3.98 -22.60
N ALA A 154 32.33 -4.22 -23.31
CA ALA A 154 32.24 -5.30 -24.28
C ALA A 154 33.43 -5.33 -25.23
N SER A 155 33.59 -4.25 -26.01
CA SER A 155 34.74 -4.11 -26.89
C SER A 155 35.87 -3.49 -26.08
N GLY A 156 37.04 -4.12 -26.10
CA GLY A 156 38.18 -3.67 -25.33
C GLY A 156 38.41 -2.18 -25.43
N ALA A 157 38.25 -1.48 -24.32
CA ALA A 157 38.27 -0.03 -24.33
C ALA A 157 38.70 0.47 -22.95
N GLU A 158 39.22 1.70 -22.94
CA GLU A 158 39.69 2.33 -21.72
C GLU A 158 38.52 3.07 -21.07
N ILE A 159 38.80 3.89 -20.07
CA ILE A 159 37.78 4.58 -19.29
C ILE A 159 37.58 5.97 -19.89
N GLY A 160 38.08 6.18 -21.09
CA GLY A 160 37.97 7.47 -21.76
C GLY A 160 36.99 7.49 -22.91
N ARG A 161 36.79 6.35 -23.58
CA ARG A 161 35.87 6.31 -24.72
C ARG A 161 34.47 6.66 -24.27
N ILE A 162 33.75 7.39 -25.12
CA ILE A 162 32.38 7.80 -24.85
C ILE A 162 31.52 7.33 -26.01
N PRO A 163 31.05 6.09 -26.02
CA PRO A 163 30.26 5.60 -27.16
C PRO A 163 29.06 6.46 -27.47
N VAL A 164 28.82 6.70 -28.75
CA VAL A 164 27.70 7.50 -29.24
C VAL A 164 26.83 6.62 -30.12
N ASP A 165 25.52 6.79 -30.03
CA ASP A 165 24.63 6.11 -30.95
C ASP A 165 24.95 6.53 -32.38
N SER A 166 24.93 5.55 -33.28
CA SER A 166 25.31 5.77 -34.68
C SER A 166 24.07 5.58 -35.55
N ILE A 167 23.74 6.61 -36.33
CA ILE A 167 22.66 6.57 -37.31
C ILE A 167 23.32 6.64 -38.67
N TYR A 168 23.48 5.49 -39.33
CA TYR A 168 24.27 5.43 -40.54
C TYR A 168 23.48 5.83 -41.79
N SER A 169 22.16 5.69 -41.75
CA SER A 169 21.37 5.85 -42.96
C SER A 169 21.42 7.30 -43.44
N PRO A 170 21.87 7.57 -44.68
CA PRO A 170 21.90 8.95 -45.18
C PRO A 170 20.67 9.35 -45.98
N VAL A 171 19.47 9.20 -45.43
CA VAL A 171 18.24 9.59 -46.13
C VAL A 171 17.36 10.35 -45.15
N LEU A 172 16.81 11.47 -45.61
CA LEU A 172 15.95 12.30 -44.77
C LEU A 172 14.47 11.95 -44.94
N LYS A 173 13.95 12.12 -46.15
CA LYS A 173 12.50 12.07 -46.35
C LYS A 173 12.18 11.46 -47.70
N VAL A 174 11.36 10.42 -47.71
CA VAL A 174 10.94 9.77 -48.94
C VAL A 174 9.42 9.69 -48.94
N THR A 175 8.80 10.15 -50.01
CA THR A 175 7.37 10.00 -50.22
C THR A 175 7.15 9.53 -51.65
N TYR A 176 5.88 9.34 -52.01
CA TYR A 176 5.55 8.86 -53.34
C TYR A 176 4.10 9.19 -53.64
N LYS A 177 3.84 9.57 -54.89
CA LYS A 177 2.49 9.86 -55.36
C LYS A 177 2.28 9.16 -56.69
N VAL A 178 1.37 8.20 -56.73
CA VAL A 178 1.03 7.53 -57.97
C VAL A 178 -0.08 8.30 -58.66
N ASP A 179 0.01 8.40 -59.99
CA ASP A 179 -0.98 9.12 -60.80
C ASP A 179 -1.60 8.11 -61.77
N ALA A 180 -2.65 7.45 -61.30
CA ALA A 180 -3.36 6.49 -62.14
C ALA A 180 -4.12 7.21 -63.25
N THR A 181 -4.29 6.52 -64.37
CA THR A 181 -4.98 7.09 -65.53
C THR A 181 -6.47 6.74 -65.53
N ARG A 182 -6.79 5.44 -65.50
CA ARG A 182 -8.15 4.98 -65.29
C ARG A 182 -9.12 5.48 -66.36
N VAL A 183 -8.95 5.01 -67.61
CA VAL A 183 -9.86 5.35 -68.70
C VAL A 183 -10.90 4.24 -68.85
N GLU A 184 -12.10 4.63 -69.29
CA GLU A 184 -13.21 3.68 -69.38
C GLU A 184 -12.96 2.57 -70.38
N GLN A 185 -12.12 2.81 -71.39
CA GLN A 185 -11.72 1.76 -72.31
C GLN A 185 -10.77 0.75 -71.66
N ARG A 186 -10.37 0.97 -70.41
CA ARG A 186 -9.63 -0.01 -69.62
C ARG A 186 -8.25 -0.29 -70.23
N THR A 187 -7.52 0.78 -70.53
CA THR A 187 -6.12 0.69 -70.90
C THR A 187 -5.32 1.46 -69.88
N ASP A 188 -5.63 1.23 -68.60
CA ASP A 188 -5.12 2.01 -67.50
C ASP A 188 -3.67 1.62 -67.17
N PHE A 189 -3.00 2.50 -66.44
CA PHE A 189 -1.65 2.24 -65.95
C PHE A 189 -1.39 3.16 -64.77
N ASP A 190 -0.24 2.96 -64.14
CA ASP A 190 0.18 3.74 -63.00
C ASP A 190 1.52 4.41 -63.28
N LYS A 191 1.73 5.58 -62.68
CA LYS A 191 2.97 6.32 -62.77
C LYS A 191 3.39 6.73 -61.37
N LEU A 192 4.53 6.22 -60.90
CA LEU A 192 5.01 6.51 -59.56
C LEU A 192 6.02 7.65 -59.61
N ILE A 193 5.79 8.67 -58.79
CA ILE A 193 6.71 9.79 -58.65
C ILE A 193 7.28 9.73 -57.23
N LEU A 194 8.47 9.15 -57.11
CA LEU A 194 9.15 8.98 -55.82
C LEU A 194 9.97 10.22 -55.54
N ASP A 195 9.47 11.05 -54.62
CA ASP A 195 10.29 12.11 -54.07
C ASP A 195 11.25 11.52 -53.04
N VAL A 196 12.54 11.79 -53.22
CA VAL A 196 13.56 11.31 -52.28
C VAL A 196 14.44 12.50 -51.93
N GLU A 197 14.67 12.70 -50.63
CA GLU A 197 15.49 13.79 -50.12
C GLU A 197 16.49 13.19 -49.16
N THR A 198 17.77 13.25 -49.52
CA THR A 198 18.88 12.76 -48.71
C THR A 198 19.64 13.93 -48.12
N LYS A 199 20.45 13.64 -47.11
CA LYS A 199 21.09 14.70 -46.31
C LYS A 199 22.49 15.04 -46.81
N ASN A 200 22.61 15.33 -48.09
CA ASN A 200 23.81 15.95 -48.69
C ASN A 200 24.97 14.96 -48.71
N SER A 201 24.85 13.79 -48.07
CA SER A 201 25.92 12.80 -48.09
C SER A 201 25.97 12.06 -49.42
N ILE A 202 24.82 11.81 -50.04
CA ILE A 202 24.76 11.16 -51.33
C ILE A 202 23.55 11.73 -52.08
N SER A 203 23.68 11.85 -53.39
CA SER A 203 22.56 12.36 -54.16
C SER A 203 21.40 11.36 -54.11
N PRO A 204 20.17 11.83 -54.28
CA PRO A 204 19.03 10.90 -54.24
C PRO A 204 19.16 9.75 -55.23
N ARG A 205 19.78 10.01 -56.38
CA ARG A 205 19.97 8.99 -57.41
C ARG A 205 20.71 7.77 -56.87
N ASP A 206 21.80 8.02 -56.13
CA ASP A 206 22.61 6.92 -55.63
C ASP A 206 21.86 6.12 -54.57
N ALA A 207 21.10 6.80 -53.71
CA ALA A 207 20.31 6.10 -52.71
C ALA A 207 19.28 5.18 -53.37
N LEU A 208 18.58 5.70 -54.39
CA LEU A 208 17.61 4.86 -55.10
C LEU A 208 18.31 3.68 -55.74
N ALA A 209 19.52 3.89 -56.30
CA ALA A 209 20.23 2.79 -56.94
C ALA A 209 20.63 1.72 -55.93
N SER A 210 21.06 2.12 -54.75
CA SER A 210 21.43 1.16 -53.72
C SER A 210 20.22 0.36 -53.25
N ALA A 211 19.09 1.04 -53.08
CA ALA A 211 17.86 0.33 -52.76
C ALA A 211 17.52 -0.69 -53.84
N GLY A 212 17.68 -0.29 -55.10
CA GLY A 212 17.49 -1.23 -56.19
C GLY A 212 18.38 -2.45 -56.06
N LYS A 213 19.66 -2.22 -55.72
CA LYS A 213 20.58 -3.34 -55.54
C LYS A 213 20.05 -4.33 -54.51
N THR A 214 19.73 -3.83 -53.32
CA THR A 214 19.28 -4.73 -52.25
C THR A 214 18.02 -5.49 -52.67
N LEU A 215 17.04 -4.78 -53.21
CA LEU A 215 15.78 -5.43 -53.53
C LEU A 215 15.95 -6.44 -54.66
N VAL A 216 16.81 -6.14 -55.63
CA VAL A 216 17.08 -7.10 -56.70
C VAL A 216 17.69 -8.36 -56.13
N GLU A 217 18.66 -8.21 -55.23
CA GLU A 217 19.26 -9.38 -54.60
C GLU A 217 18.19 -10.23 -53.95
N LEU A 218 17.32 -9.60 -53.16
CA LEU A 218 16.31 -10.39 -52.43
C LEU A 218 15.34 -11.09 -53.39
N PHE A 219 14.75 -10.34 -54.32
CA PHE A 219 13.78 -10.93 -55.23
C PHE A 219 14.40 -11.99 -56.13
N GLY A 220 15.74 -11.95 -56.31
CA GLY A 220 16.39 -13.03 -57.02
C GLY A 220 16.17 -14.38 -56.36
N LEU A 221 16.04 -14.40 -55.03
CA LEU A 221 15.72 -15.65 -54.34
C LEU A 221 14.34 -16.16 -54.73
N ALA A 222 13.33 -15.28 -54.68
CA ALA A 222 12.01 -15.68 -55.13
C ALA A 222 12.01 -16.13 -56.57
N ARG A 223 12.97 -15.67 -57.37
CA ARG A 223 13.11 -16.16 -58.74
C ARG A 223 13.85 -17.49 -58.84
N GLU A 224 14.77 -17.79 -57.93
CA GLU A 224 15.63 -18.96 -58.11
C GLU A 224 14.90 -20.26 -57.79
N LEU A 225 13.73 -20.18 -57.14
CA LEU A 225 12.98 -21.40 -56.83
C LEU A 225 12.63 -22.16 -58.11
N ASN A 226 12.13 -21.44 -59.11
CA ASN A 226 11.70 -21.97 -60.42
C ASN A 226 11.62 -23.50 -60.53
N MET B 1 27.05 -4.37 -47.62
CA MET B 1 27.45 -4.65 -46.22
C MET B 1 27.25 -6.14 -45.87
N LEU B 2 26.87 -6.96 -46.86
CA LEU B 2 26.89 -8.41 -46.67
C LEU B 2 25.97 -8.87 -45.54
N ILE B 3 24.67 -8.94 -45.80
CA ILE B 3 23.72 -9.54 -44.87
C ILE B 3 24.34 -10.78 -44.24
N SER B 4 24.15 -10.92 -42.93
CA SER B 4 24.71 -12.04 -42.17
C SER B 4 23.82 -13.27 -42.16
N GLN B 5 22.60 -13.18 -42.67
CA GLN B 5 21.67 -14.30 -42.73
C GLN B 5 21.15 -14.44 -44.15
N ARG B 6 21.12 -15.67 -44.65
CA ARG B 6 20.68 -15.93 -46.02
C ARG B 6 19.19 -16.27 -46.02
N PRO B 7 18.34 -15.51 -46.68
CA PRO B 7 16.94 -15.93 -46.82
C PRO B 7 16.83 -17.26 -47.56
N THR B 8 15.85 -18.06 -47.14
CA THR B 8 15.59 -19.38 -47.70
C THR B 8 14.11 -19.46 -48.02
N LEU B 9 13.78 -19.92 -49.23
CA LEU B 9 12.41 -20.04 -49.68
C LEU B 9 12.06 -21.51 -49.86
N SER B 10 11.08 -21.99 -49.11
CA SER B 10 10.56 -23.34 -49.23
C SER B 10 9.06 -23.29 -49.48
N GLU B 11 8.46 -24.45 -49.72
CA GLU B 11 7.04 -24.50 -50.03
C GLU B 11 6.40 -25.75 -49.46
N ASP B 12 5.16 -25.59 -49.00
CA ASP B 12 4.27 -26.69 -48.66
C ASP B 12 3.15 -26.73 -49.67
N VAL B 13 2.73 -27.93 -50.07
CA VAL B 13 1.70 -28.11 -51.09
C VAL B 13 0.45 -28.63 -50.40
N LEU B 14 -0.68 -27.93 -50.58
CA LEU B 14 -1.92 -28.32 -49.91
C LEU B 14 -2.88 -29.05 -50.85
N THR B 15 -3.07 -28.53 -52.06
CA THR B 15 -3.94 -29.18 -53.04
C THR B 15 -3.28 -29.17 -54.41
N ASP B 16 -4.05 -29.51 -55.46
CA ASP B 16 -3.49 -29.59 -56.80
C ASP B 16 -2.85 -28.27 -57.21
N ASN B 17 -3.59 -27.17 -57.07
CA ASN B 17 -3.06 -25.82 -57.32
C ASN B 17 -3.36 -25.00 -56.08
N ARG B 18 -2.51 -25.15 -55.06
CA ARG B 18 -2.60 -24.32 -53.86
C ARG B 18 -1.43 -24.66 -52.96
N SER B 19 -0.75 -23.63 -52.47
CA SER B 19 0.53 -23.83 -51.80
C SER B 19 0.74 -22.75 -50.76
N GLN B 20 1.74 -22.99 -49.91
CA GLN B 20 2.13 -22.07 -48.86
C GLN B 20 3.65 -21.96 -48.94
N PHE B 21 4.14 -20.92 -49.60
CA PHE B 21 5.56 -20.63 -49.62
C PHE B 21 5.96 -19.91 -48.34
N VAL B 22 7.19 -20.14 -47.90
CA VAL B 22 7.72 -19.49 -46.71
C VAL B 22 9.13 -19.02 -47.01
N ILE B 23 9.40 -17.74 -46.77
CA ILE B 23 10.71 -17.14 -46.97
C ILE B 23 11.20 -16.66 -45.61
N GLU B 24 12.37 -17.14 -45.19
CA GLU B 24 12.88 -16.83 -43.86
C GLU B 24 14.36 -17.17 -43.82
N PRO B 25 15.14 -16.49 -42.96
CA PRO B 25 14.80 -15.37 -42.07
C PRO B 25 15.10 -14.04 -42.73
N LEU B 26 14.10 -13.23 -43.04
CA LEU B 26 14.34 -11.94 -43.66
C LEU B 26 14.82 -10.94 -42.62
N GLU B 27 15.59 -9.96 -43.08
CA GLU B 27 16.16 -8.95 -42.19
C GLU B 27 15.05 -8.28 -41.40
N PRO B 28 15.37 -7.57 -40.32
CA PRO B 28 14.30 -7.11 -39.42
C PRO B 28 13.42 -6.05 -40.07
N GLY B 29 12.53 -6.50 -40.95
CA GLY B 29 11.53 -5.62 -41.54
C GLY B 29 11.33 -5.80 -43.03
N PHE B 30 11.97 -6.79 -43.64
CA PHE B 30 11.81 -7.07 -45.06
C PHE B 30 10.65 -8.01 -45.34
N GLY B 31 9.92 -8.44 -44.31
CA GLY B 31 8.74 -9.24 -44.56
C GLY B 31 7.72 -8.50 -45.41
N TYR B 32 7.27 -7.34 -44.93
CA TYR B 32 6.17 -6.63 -45.59
C TYR B 32 6.62 -6.00 -46.92
N THR B 33 7.82 -5.42 -46.94
CA THR B 33 8.34 -4.76 -48.13
C THR B 33 8.07 -5.58 -49.36
N LEU B 34 8.41 -6.87 -49.31
CA LEU B 34 8.26 -7.74 -50.46
C LEU B 34 7.04 -8.64 -50.36
N GLY B 35 6.43 -8.78 -49.19
CA GLY B 35 5.18 -9.51 -49.11
C GLY B 35 4.07 -8.82 -49.88
N ASN B 36 3.93 -7.51 -49.68
CA ASN B 36 2.90 -6.79 -50.43
C ASN B 36 3.27 -6.72 -51.90
N SER B 37 4.58 -6.59 -52.19
CA SER B 37 5.02 -6.59 -53.58
C SER B 37 4.66 -7.89 -54.27
N LEU B 38 4.94 -9.02 -53.62
CA LEU B 38 4.64 -10.32 -54.22
C LEU B 38 3.15 -10.54 -54.32
N ARG B 39 2.36 -10.10 -53.34
CA ARG B 39 0.93 -10.23 -53.48
C ARG B 39 0.44 -9.45 -54.69
N ARG B 40 0.69 -8.15 -54.72
CA ARG B 40 0.15 -7.34 -55.82
C ARG B 40 0.77 -7.70 -57.17
N THR B 41 1.90 -8.40 -57.18
CA THR B 41 2.53 -8.78 -58.44
C THR B 41 2.00 -10.13 -58.94
N LEU B 42 2.05 -11.15 -58.08
CA LEU B 42 1.53 -12.46 -58.43
C LEU B 42 0.11 -12.36 -58.96
N LEU B 43 -0.70 -11.49 -58.37
CA LEU B 43 -2.07 -11.29 -58.81
C LEU B 43 -2.19 -10.41 -60.03
N SER B 44 -1.30 -9.42 -60.23
CA SER B 44 -1.28 -8.71 -61.52
C SER B 44 0.16 -8.54 -62.01
N SER B 45 0.78 -9.62 -62.49
CA SER B 45 1.88 -9.49 -63.44
C SER B 45 1.95 -10.66 -64.41
N ILE B 46 1.46 -11.82 -63.98
CA ILE B 46 1.70 -13.08 -64.69
C ILE B 46 0.82 -13.06 -65.92
N PRO B 47 1.37 -13.11 -67.14
CA PRO B 47 0.51 -13.03 -68.33
C PRO B 47 -0.42 -14.24 -68.40
N GLY B 48 -1.72 -13.96 -68.51
CA GLY B 48 -2.72 -15.00 -68.61
C GLY B 48 -3.71 -14.68 -69.71
N ALA B 49 -4.69 -15.57 -69.86
CA ALA B 49 -5.73 -15.43 -70.86
C ALA B 49 -7.09 -15.69 -70.22
N ALA B 50 -8.12 -15.04 -70.78
CA ALA B 50 -9.45 -15.14 -70.22
C ALA B 50 -10.46 -14.69 -71.27
N VAL B 51 -11.69 -15.15 -71.10
CA VAL B 51 -12.79 -14.72 -71.97
C VAL B 51 -13.16 -13.30 -71.61
N THR B 52 -13.22 -12.43 -72.62
CA THR B 52 -13.51 -11.02 -72.41
C THR B 52 -14.90 -10.60 -72.88
N SER B 53 -15.58 -11.43 -73.67
CA SER B 53 -16.93 -11.12 -74.09
C SER B 53 -17.59 -12.41 -74.55
N ILE B 54 -18.92 -12.44 -74.45
CA ILE B 54 -19.72 -13.58 -74.91
C ILE B 54 -20.91 -13.06 -75.70
N ARG B 55 -21.40 -13.90 -76.58
CA ARG B 55 -22.57 -13.62 -77.41
C ARG B 55 -23.49 -14.84 -77.31
N ILE B 56 -24.62 -14.66 -76.63
CA ILE B 56 -25.62 -15.73 -76.49
C ILE B 56 -26.71 -15.47 -77.52
N ASP B 57 -26.90 -16.41 -78.44
CA ASP B 57 -27.96 -16.26 -79.44
C ASP B 57 -29.31 -16.21 -78.74
N GLY B 58 -30.17 -15.30 -79.22
CA GLY B 58 -31.45 -15.07 -78.61
C GLY B 58 -31.42 -14.13 -77.41
N VAL B 59 -30.26 -13.58 -77.07
CA VAL B 59 -30.14 -12.60 -75.99
C VAL B 59 -29.59 -11.32 -76.58
N LEU B 60 -30.47 -10.44 -77.02
CA LEU B 60 -30.08 -9.22 -77.70
C LEU B 60 -30.60 -7.97 -77.00
N HIS B 61 -31.81 -8.00 -76.49
CA HIS B 61 -32.40 -6.86 -75.78
C HIS B 61 -32.68 -7.16 -74.31
N GLU B 62 -33.37 -8.25 -74.03
CA GLU B 62 -33.57 -8.70 -72.65
C GLU B 62 -32.46 -9.68 -72.29
N PHE B 63 -31.74 -9.39 -71.21
CA PHE B 63 -30.61 -10.19 -70.77
C PHE B 63 -30.95 -10.94 -69.48
N THR B 64 -32.19 -11.44 -69.41
CA THR B 64 -32.69 -12.12 -68.21
C THR B 64 -32.57 -13.63 -68.32
N THR B 65 -33.15 -14.23 -69.36
CA THR B 65 -33.16 -15.68 -69.53
C THR B 65 -32.88 -16.03 -70.98
N VAL B 66 -32.49 -17.28 -71.21
CA VAL B 66 -32.23 -17.80 -72.55
C VAL B 66 -33.22 -18.94 -72.78
N PRO B 67 -33.89 -19.01 -73.93
CA PRO B 67 -34.62 -20.23 -74.26
C PRO B 67 -33.67 -21.36 -74.63
N GLY B 68 -33.95 -22.55 -74.11
CA GLY B 68 -33.15 -23.72 -74.39
C GLY B 68 -32.13 -24.08 -73.33
N VAL B 69 -32.13 -23.41 -72.18
CA VAL B 69 -31.21 -23.69 -71.09
C VAL B 69 -31.95 -23.45 -69.80
N LYS B 70 -31.50 -24.13 -68.74
CA LYS B 70 -32.05 -23.90 -67.41
C LYS B 70 -31.46 -22.64 -66.77
N GLU B 71 -30.13 -22.55 -66.74
CA GLU B 71 -29.47 -21.40 -66.14
C GLU B 71 -29.76 -20.14 -66.96
N ASP B 72 -29.86 -19.01 -66.27
CA ASP B 72 -30.09 -17.73 -66.93
C ASP B 72 -28.76 -17.14 -67.39
N VAL B 73 -28.78 -15.89 -67.85
CA VAL B 73 -27.59 -15.27 -68.42
C VAL B 73 -26.49 -15.17 -67.38
N THR B 74 -26.85 -14.79 -66.15
CA THR B 74 -25.84 -14.55 -65.13
C THR B 74 -25.05 -15.82 -64.83
N GLU B 75 -25.71 -16.97 -64.78
CA GLU B 75 -25.01 -18.20 -64.41
C GLU B 75 -24.12 -18.69 -65.54
N ILE B 76 -24.56 -18.55 -66.79
CA ILE B 76 -23.68 -18.85 -67.91
C ILE B 76 -22.46 -17.94 -67.86
N ILE B 77 -22.68 -16.66 -67.57
CA ILE B 77 -21.57 -15.72 -67.47
C ILE B 77 -20.58 -16.17 -66.40
N LEU B 78 -21.09 -16.49 -65.21
CA LEU B 78 -20.22 -16.85 -64.10
C LEU B 78 -19.48 -18.14 -64.37
N ASN B 79 -20.17 -19.15 -64.91
CA ASN B 79 -19.50 -20.39 -65.25
C ASN B 79 -18.42 -20.18 -66.30
N LEU B 80 -18.70 -19.36 -67.31
CA LEU B 80 -17.71 -19.05 -68.32
C LEU B 80 -16.57 -18.22 -67.74
N LYS B 81 -16.91 -17.26 -66.87
CA LYS B 81 -15.90 -16.38 -66.29
C LYS B 81 -14.89 -17.13 -65.42
N SER B 82 -15.19 -18.37 -65.06
CA SER B 82 -14.31 -19.20 -64.23
C SER B 82 -13.65 -20.29 -65.08
N LEU B 83 -13.60 -20.08 -66.40
CA LEU B 83 -13.05 -21.05 -67.32
C LEU B 83 -11.56 -20.77 -67.51
N VAL B 84 -10.72 -21.71 -67.12
CA VAL B 84 -9.27 -21.53 -67.25
C VAL B 84 -8.91 -21.75 -68.71
N VAL B 85 -8.26 -20.76 -69.31
CA VAL B 85 -7.94 -20.76 -70.73
C VAL B 85 -6.54 -20.20 -70.90
N SER B 86 -5.75 -20.84 -71.77
CA SER B 86 -4.40 -20.37 -72.08
C SER B 86 -4.34 -20.07 -73.58
N SER B 87 -4.14 -18.80 -73.92
CA SER B 87 -4.07 -18.35 -75.31
C SER B 87 -2.64 -17.92 -75.59
N GLU B 88 -1.96 -18.63 -76.49
CA GLU B 88 -0.65 -18.25 -76.96
C GLU B 88 -0.73 -17.35 -78.20
N GLU B 89 -1.91 -16.86 -78.53
CA GLU B 89 -2.09 -15.97 -79.67
C GLU B 89 -1.63 -14.56 -79.31
N ASP B 90 -1.88 -13.60 -80.20
CA ASP B 90 -1.50 -12.21 -80.00
C ASP B 90 -2.73 -11.33 -79.78
N GLU B 91 -3.71 -11.43 -80.67
CA GLU B 91 -4.91 -10.61 -80.65
C GLU B 91 -6.12 -11.46 -80.29
N PRO B 92 -7.27 -10.84 -79.98
CA PRO B 92 -8.44 -11.63 -79.59
C PRO B 92 -8.77 -12.73 -80.60
N VAL B 93 -9.09 -13.91 -80.07
CA VAL B 93 -9.52 -15.05 -80.87
C VAL B 93 -10.91 -15.45 -80.38
N THR B 94 -11.83 -15.63 -81.32
CA THR B 94 -13.17 -16.05 -80.95
C THR B 94 -13.26 -17.57 -80.88
N MET B 95 -14.30 -18.04 -80.20
CA MET B 95 -14.54 -19.45 -79.96
C MET B 95 -16.04 -19.69 -80.06
N TYR B 96 -16.41 -20.93 -80.39
CA TYR B 96 -17.81 -21.28 -80.60
C TYR B 96 -18.18 -22.48 -79.76
N LEU B 97 -19.26 -22.35 -79.01
CA LEU B 97 -19.79 -23.40 -78.14
C LEU B 97 -21.21 -23.68 -78.62
N ARG B 98 -21.37 -24.74 -79.40
CA ARG B 98 -22.66 -25.10 -79.98
C ARG B 98 -23.06 -26.49 -79.51
N LYS B 99 -24.27 -26.59 -78.94
CA LYS B 99 -24.80 -27.88 -78.52
C LYS B 99 -26.32 -27.84 -78.63
N GLN B 100 -26.87 -28.80 -79.37
CA GLN B 100 -28.31 -28.97 -79.51
C GLN B 100 -28.68 -30.39 -79.11
N GLY B 101 -29.62 -30.52 -78.18
CA GLY B 101 -30.01 -31.81 -77.66
C GLY B 101 -30.03 -31.80 -76.15
N PRO B 102 -30.98 -32.50 -75.53
CA PRO B 102 -31.01 -32.55 -74.06
C PRO B 102 -29.69 -33.06 -73.50
N GLY B 103 -29.13 -32.31 -72.56
CA GLY B 103 -27.89 -32.69 -71.92
C GLY B 103 -27.18 -31.49 -71.34
N GLU B 104 -26.07 -31.78 -70.68
CA GLU B 104 -25.31 -30.76 -69.99
C GLU B 104 -24.15 -30.29 -70.86
N VAL B 105 -24.06 -28.97 -71.06
CA VAL B 105 -22.98 -28.37 -71.81
C VAL B 105 -21.81 -28.09 -70.88
N THR B 106 -20.70 -28.77 -71.14
CA THR B 106 -19.44 -28.62 -70.42
C THR B 106 -18.42 -27.90 -71.28
N ALA B 107 -17.30 -27.54 -70.66
CA ALA B 107 -16.25 -26.82 -71.38
C ALA B 107 -15.70 -27.64 -72.54
N GLY B 108 -15.53 -28.94 -72.33
CA GLY B 108 -15.02 -29.78 -73.39
C GLY B 108 -15.85 -29.76 -74.65
N ASP B 109 -17.12 -29.36 -74.55
CA ASP B 109 -17.99 -29.25 -75.71
C ASP B 109 -17.71 -28.01 -76.55
N ILE B 110 -16.73 -27.19 -76.16
CA ILE B 110 -16.33 -26.04 -76.96
C ILE B 110 -15.27 -26.52 -77.95
N VAL B 111 -15.13 -25.79 -79.06
CA VAL B 111 -14.11 -26.10 -80.06
C VAL B 111 -13.01 -25.05 -79.94
N PRO B 112 -11.87 -25.36 -79.33
CA PRO B 112 -10.80 -24.37 -79.21
C PRO B 112 -10.04 -24.26 -80.52
N PRO B 113 -9.96 -23.07 -81.13
CA PRO B 113 -9.09 -22.90 -82.29
C PRO B 113 -7.63 -23.05 -81.90
N ALA B 114 -6.78 -23.12 -82.91
CA ALA B 114 -5.35 -23.26 -82.65
C ALA B 114 -4.84 -22.05 -81.88
N GLY B 115 -4.01 -22.30 -80.87
CA GLY B 115 -3.44 -21.27 -80.03
C GLY B 115 -4.04 -21.18 -78.66
N VAL B 116 -5.21 -21.78 -78.44
CA VAL B 116 -5.91 -21.71 -77.16
C VAL B 116 -6.15 -23.12 -76.64
N THR B 117 -5.95 -23.32 -75.34
CA THR B 117 -6.21 -24.58 -74.68
C THR B 117 -7.07 -24.35 -73.45
N VAL B 118 -8.07 -25.20 -73.25
CA VAL B 118 -8.98 -25.12 -72.12
C VAL B 118 -8.54 -26.17 -71.11
N HIS B 119 -7.89 -25.73 -70.03
CA HIS B 119 -7.37 -26.69 -69.05
C HIS B 119 -8.43 -27.14 -68.07
N ASN B 120 -9.64 -26.58 -68.14
CA ASN B 120 -10.77 -27.07 -67.37
C ASN B 120 -11.75 -27.74 -68.33
N PRO B 121 -11.54 -29.00 -68.71
CA PRO B 121 -12.36 -29.60 -69.76
C PRO B 121 -13.58 -30.33 -69.22
N GLY B 122 -13.85 -30.19 -67.91
CA GLY B 122 -14.92 -30.92 -67.29
C GLY B 122 -15.87 -30.07 -66.47
N MET B 123 -15.76 -28.74 -66.57
CA MET B 123 -16.64 -27.87 -65.81
C MET B 123 -18.01 -27.81 -66.46
N HIS B 124 -19.01 -27.51 -65.62
CA HIS B 124 -20.38 -27.32 -66.07
C HIS B 124 -20.59 -25.87 -66.47
N ILE B 125 -20.94 -25.64 -67.73
CA ILE B 125 -21.32 -24.30 -68.16
C ILE B 125 -22.84 -24.13 -68.15
N ALA B 126 -23.59 -25.12 -68.65
CA ALA B 126 -25.04 -24.96 -68.67
C ALA B 126 -25.70 -26.32 -68.82
N THR B 127 -27.03 -26.33 -68.76
CA THR B 127 -27.83 -27.52 -69.00
C THR B 127 -28.93 -27.16 -69.98
N LEU B 128 -28.89 -27.77 -71.16
CA LEU B 128 -29.94 -27.53 -72.15
C LEU B 128 -31.25 -28.15 -71.69
N ASN B 129 -32.35 -27.56 -72.15
CA ASN B 129 -33.68 -28.07 -71.83
C ASN B 129 -34.61 -27.86 -73.01
N ASP B 130 -35.62 -28.72 -73.09
CA ASP B 130 -36.67 -28.63 -74.11
C ASP B 130 -36.08 -28.63 -75.52
N LYS B 131 -35.24 -29.63 -75.79
CA LYS B 131 -34.60 -29.79 -77.09
C LYS B 131 -33.97 -28.49 -77.57
N GLY B 132 -33.48 -27.67 -76.63
CA GLY B 132 -32.94 -26.39 -76.98
C GLY B 132 -31.55 -26.47 -77.57
N LYS B 133 -31.10 -25.35 -78.11
CA LYS B 133 -29.77 -25.24 -78.70
C LYS B 133 -29.08 -24.03 -78.10
N LEU B 134 -27.87 -24.24 -77.60
CA LEU B 134 -27.02 -23.17 -77.08
C LEU B 134 -25.88 -22.96 -78.06
N GLU B 135 -25.81 -21.76 -78.65
CA GLU B 135 -24.79 -21.38 -79.61
C GLU B 135 -24.16 -20.08 -79.13
N VAL B 136 -23.12 -20.20 -78.32
CA VAL B 136 -22.46 -19.06 -77.69
C VAL B 136 -21.14 -18.80 -78.39
N GLU B 137 -20.83 -17.53 -78.63
CA GLU B 137 -19.55 -17.12 -79.18
C GLU B 137 -18.76 -16.44 -78.07
N LEU B 138 -17.64 -17.03 -77.69
CA LEU B 138 -16.72 -16.45 -76.71
C LEU B 138 -15.63 -15.67 -77.43
N VAL B 139 -15.01 -14.74 -76.70
CA VAL B 139 -13.87 -13.98 -77.20
C VAL B 139 -12.79 -14.06 -76.14
N VAL B 140 -11.67 -14.71 -76.46
CA VAL B 140 -10.55 -14.87 -75.54
C VAL B 140 -9.44 -13.93 -75.97
N GLU B 141 -8.96 -13.13 -75.04
CA GLU B 141 -7.77 -12.31 -75.19
C GLU B 141 -6.73 -12.79 -74.17
N ARG B 142 -5.64 -12.06 -74.05
CA ARG B 142 -4.69 -12.29 -72.97
C ARG B 142 -4.26 -10.97 -72.37
N GLY B 143 -4.17 -10.94 -71.06
CA GLY B 143 -3.86 -9.73 -70.32
C GLY B 143 -3.21 -10.06 -69.00
N ARG B 144 -3.43 -9.20 -68.01
CA ARG B 144 -2.82 -9.38 -66.70
C ARG B 144 -3.66 -8.61 -65.68
N GLY B 145 -4.26 -9.35 -64.74
CA GLY B 145 -5.03 -8.73 -63.68
C GLY B 145 -6.52 -8.95 -63.82
N TYR B 146 -7.31 -8.37 -62.92
CA TYR B 146 -8.77 -8.43 -63.02
C TYR B 146 -9.28 -7.15 -63.68
N VAL B 147 -9.10 -7.09 -64.99
CA VAL B 147 -9.65 -5.99 -65.77
C VAL B 147 -11.17 -6.07 -65.64
N PRO B 148 -11.84 -5.08 -65.05
CA PRO B 148 -13.30 -5.13 -65.01
C PRO B 148 -13.87 -4.98 -66.42
N ALA B 149 -15.12 -5.42 -66.56
CA ALA B 149 -15.75 -5.43 -67.87
C ALA B 149 -15.72 -4.04 -68.51
N VAL B 150 -15.33 -3.99 -69.77
CA VAL B 150 -15.27 -2.75 -70.53
C VAL B 150 -16.61 -2.55 -71.22
N GLN B 151 -17.21 -1.38 -71.02
CA GLN B 151 -18.51 -1.11 -71.61
C GLN B 151 -18.40 -0.95 -73.12
N ASN B 152 -19.36 -1.53 -73.83
CA ASN B 152 -19.38 -1.43 -75.29
C ASN B 152 -19.75 -0.02 -75.72
N ARG B 153 -18.75 0.82 -75.98
CA ARG B 153 -19.03 2.20 -76.34
C ARG B 153 -19.88 2.29 -77.60
N ALA B 154 -19.50 1.57 -78.65
CA ALA B 154 -20.26 1.59 -79.89
C ALA B 154 -21.62 0.94 -79.67
N SER B 155 -22.68 1.67 -80.04
CA SER B 155 -24.03 1.13 -79.87
C SER B 155 -24.30 0.01 -80.86
N GLY B 156 -23.96 0.21 -82.12
CA GLY B 156 -24.26 -0.79 -83.13
C GLY B 156 -23.29 -1.96 -83.10
N ALA B 157 -22.21 -1.84 -82.32
CA ALA B 157 -21.12 -2.81 -82.33
C ALA B 157 -21.62 -4.25 -82.29
N GLU B 158 -22.20 -4.65 -81.15
CA GLU B 158 -22.94 -5.90 -81.07
C GLU B 158 -23.83 -5.79 -79.85
N ILE B 159 -25.12 -5.50 -80.07
CA ILE B 159 -26.04 -5.38 -78.95
C ILE B 159 -26.08 -6.71 -78.19
N GLY B 160 -25.89 -7.82 -78.91
CA GLY B 160 -25.81 -9.11 -78.24
C GLY B 160 -24.56 -9.26 -77.41
N ARG B 161 -23.42 -8.80 -77.94
CA ARG B 161 -22.14 -9.00 -77.27
C ARG B 161 -22.18 -8.50 -75.84
N ILE B 162 -22.05 -9.41 -74.89
CA ILE B 162 -22.10 -9.10 -73.46
C ILE B 162 -20.67 -8.93 -72.97
N PRO B 163 -20.22 -7.73 -72.63
CA PRO B 163 -18.89 -7.62 -72.02
C PRO B 163 -18.87 -8.29 -70.65
N VAL B 164 -17.85 -9.11 -70.42
CA VAL B 164 -17.73 -9.89 -69.21
C VAL B 164 -16.43 -9.50 -68.52
N ASP B 165 -16.48 -9.42 -67.18
CA ASP B 165 -15.27 -9.16 -66.42
C ASP B 165 -14.23 -10.23 -66.73
N SER B 166 -12.99 -9.79 -66.91
CA SER B 166 -11.91 -10.64 -67.38
C SER B 166 -10.93 -10.89 -66.24
N ILE B 167 -10.92 -12.11 -65.72
CA ILE B 167 -9.88 -12.50 -64.77
C ILE B 167 -8.72 -13.03 -65.59
N TYR B 168 -7.91 -12.12 -66.14
CA TYR B 168 -6.73 -12.55 -66.88
C TYR B 168 -5.72 -13.21 -65.97
N SER B 169 -5.58 -12.70 -64.76
CA SER B 169 -4.51 -13.15 -63.88
C SER B 169 -4.62 -14.65 -63.63
N PRO B 170 -3.55 -15.41 -63.82
CA PRO B 170 -3.63 -16.86 -63.55
C PRO B 170 -3.71 -17.20 -62.07
N VAL B 171 -3.29 -16.30 -61.19
CA VAL B 171 -3.42 -16.52 -59.75
C VAL B 171 -4.76 -15.96 -59.30
N LEU B 172 -5.44 -16.71 -58.44
CA LEU B 172 -6.77 -16.34 -57.99
C LEU B 172 -6.77 -15.60 -56.66
N LYS B 173 -6.07 -16.12 -55.65
CA LYS B 173 -6.09 -15.51 -54.34
C LYS B 173 -4.75 -15.74 -53.65
N VAL B 174 -4.09 -14.65 -53.25
CA VAL B 174 -2.85 -14.73 -52.49
C VAL B 174 -3.01 -13.93 -51.21
N THR B 175 -2.50 -14.49 -50.11
CA THR B 175 -2.53 -13.80 -48.83
C THR B 175 -1.20 -14.03 -48.13
N TYR B 176 -0.58 -12.96 -47.66
CA TYR B 176 0.72 -13.06 -46.99
C TYR B 176 0.56 -12.79 -45.50
N LYS B 177 1.47 -13.39 -44.73
CA LYS B 177 1.47 -13.25 -43.28
C LYS B 177 2.92 -13.20 -42.84
N VAL B 178 3.33 -12.09 -42.25
CA VAL B 178 4.72 -11.89 -41.81
C VAL B 178 4.75 -12.16 -40.30
N ASP B 179 5.19 -13.35 -39.93
CA ASP B 179 5.47 -13.66 -38.54
C ASP B 179 6.91 -13.26 -38.22
N ALA B 180 7.21 -13.20 -36.92
CA ALA B 180 8.53 -12.79 -36.45
C ALA B 180 9.21 -13.97 -35.77
N THR B 181 10.36 -14.38 -36.31
CA THR B 181 11.18 -15.42 -35.75
C THR B 181 12.37 -14.80 -35.01
N ARG B 182 12.75 -15.43 -33.91
CA ARG B 182 14.00 -15.15 -33.22
C ARG B 182 14.11 -13.70 -32.77
N VAL B 183 13.28 -13.34 -31.78
CA VAL B 183 13.31 -11.99 -31.23
C VAL B 183 14.71 -11.65 -30.74
N GLU B 184 15.36 -12.57 -30.01
CA GLU B 184 16.57 -12.25 -29.27
C GLU B 184 17.85 -12.58 -30.05
N GLN B 185 18.05 -13.85 -30.37
CA GLN B 185 19.31 -14.27 -31.00
C GLN B 185 19.53 -13.57 -32.33
N ARG B 186 18.46 -13.13 -33.00
CA ARG B 186 18.56 -12.47 -34.28
C ARG B 186 18.10 -11.02 -34.25
N THR B 187 17.54 -10.54 -33.14
CA THR B 187 16.94 -9.21 -33.06
C THR B 187 15.63 -9.14 -33.85
N ASP B 188 14.79 -10.17 -33.70
CA ASP B 188 13.44 -10.17 -34.24
C ASP B 188 13.43 -10.09 -35.76
N PHE B 189 14.00 -11.12 -36.38
CA PHE B 189 13.88 -11.23 -37.82
C PHE B 189 12.46 -11.68 -38.17
N ASP B 190 12.09 -11.54 -39.43
CA ASP B 190 10.74 -11.86 -39.85
C ASP B 190 10.75 -12.88 -40.99
N LYS B 191 9.79 -13.79 -40.93
CA LYS B 191 9.52 -14.75 -41.98
C LYS B 191 8.17 -14.44 -42.59
N LEU B 192 8.09 -14.50 -43.91
CA LEU B 192 6.83 -14.26 -44.60
C LEU B 192 6.29 -15.57 -45.18
N ILE B 193 4.98 -15.72 -45.12
CA ILE B 193 4.27 -16.91 -45.56
C ILE B 193 3.24 -16.47 -46.59
N LEU B 194 3.40 -16.94 -47.83
CA LEU B 194 2.50 -16.63 -48.93
C LEU B 194 1.61 -17.84 -49.18
N ASP B 195 0.32 -17.71 -48.86
CA ASP B 195 -0.68 -18.68 -49.25
C ASP B 195 -1.15 -18.30 -50.64
N VAL B 196 -0.92 -19.20 -51.61
CA VAL B 196 -1.20 -18.94 -53.02
C VAL B 196 -2.24 -19.96 -53.49
N GLU B 197 -3.28 -19.46 -54.16
CA GLU B 197 -4.26 -20.28 -54.85
C GLU B 197 -4.39 -19.76 -56.26
N THR B 198 -4.17 -20.65 -57.24
CA THR B 198 -4.21 -20.28 -58.65
C THR B 198 -5.08 -21.27 -59.40
N LYS B 199 -5.76 -20.77 -60.43
CA LYS B 199 -6.53 -21.63 -61.30
C LYS B 199 -5.60 -22.61 -62.02
N ASN B 200 -6.19 -23.58 -62.71
CA ASN B 200 -5.42 -24.65 -63.33
C ASN B 200 -4.55 -24.18 -64.48
N SER B 201 -4.61 -22.90 -64.86
CA SER B 201 -3.81 -22.43 -65.99
C SER B 201 -2.32 -22.62 -65.74
N ILE B 202 -1.85 -22.32 -64.54
CA ILE B 202 -0.43 -22.37 -64.22
C ILE B 202 -0.29 -22.77 -62.76
N SER B 203 0.76 -23.53 -62.46
CA SER B 203 1.02 -23.94 -61.09
C SER B 203 1.45 -22.74 -60.25
N PRO B 204 1.19 -22.78 -58.94
CA PRO B 204 1.51 -21.60 -58.11
C PRO B 204 2.99 -21.23 -58.14
N ARG B 205 3.87 -22.24 -58.16
CA ARG B 205 5.30 -21.97 -58.09
C ARG B 205 5.78 -21.23 -59.33
N ASP B 206 5.29 -21.61 -60.51
CA ASP B 206 5.66 -20.89 -61.72
C ASP B 206 5.14 -19.46 -61.71
N ALA B 207 3.94 -19.25 -61.18
CA ALA B 207 3.45 -17.89 -60.98
C ALA B 207 4.42 -17.10 -60.13
N LEU B 208 4.88 -17.70 -59.02
CA LEU B 208 5.82 -17.00 -58.15
C LEU B 208 7.13 -16.70 -58.85
N ALA B 209 7.61 -17.64 -59.67
CA ALA B 209 8.87 -17.44 -60.37
C ALA B 209 8.77 -16.30 -61.36
N SER B 210 7.68 -16.25 -62.13
CA SER B 210 7.47 -15.13 -63.03
C SER B 210 7.34 -13.82 -62.25
N ALA B 211 6.70 -13.86 -61.08
CA ALA B 211 6.66 -12.69 -60.22
C ALA B 211 8.07 -12.20 -59.90
N GLY B 212 8.88 -13.07 -59.31
CA GLY B 212 10.27 -12.78 -59.03
C GLY B 212 10.98 -12.13 -60.19
N LYS B 213 10.79 -12.68 -61.39
CA LYS B 213 11.42 -12.08 -62.57
C LYS B 213 10.97 -10.64 -62.77
N THR B 214 9.65 -10.42 -62.78
CA THR B 214 9.18 -9.08 -63.12
C THR B 214 9.56 -8.06 -62.06
N LEU B 215 9.70 -8.50 -60.80
CA LEU B 215 10.16 -7.60 -59.75
C LEU B 215 11.65 -7.30 -59.89
N VAL B 216 12.42 -8.31 -60.28
CA VAL B 216 13.82 -8.10 -60.61
C VAL B 216 13.95 -7.01 -61.65
N GLU B 217 13.05 -6.99 -62.64
CA GLU B 217 13.18 -5.98 -63.70
C GLU B 217 13.13 -4.56 -63.14
N LEU B 218 12.11 -4.25 -62.34
CA LEU B 218 11.95 -2.90 -61.82
C LEU B 218 13.12 -2.50 -60.94
N PHE B 219 13.42 -3.34 -59.94
CA PHE B 219 14.50 -2.94 -59.05
C PHE B 219 15.84 -3.01 -59.76
N GLY B 220 15.91 -3.69 -60.90
CA GLY B 220 17.11 -3.63 -61.71
C GLY B 220 17.24 -2.32 -62.45
N LEU B 221 16.12 -1.73 -62.86
CA LEU B 221 16.18 -0.34 -63.35
C LEU B 221 16.78 0.56 -62.27
N ALA B 222 16.24 0.45 -61.06
CA ALA B 222 16.77 1.22 -59.94
C ALA B 222 18.27 1.01 -59.83
N ARG B 223 18.72 -0.24 -59.86
CA ARG B 223 20.16 -0.54 -59.77
C ARG B 223 20.92 0.08 -60.94
N GLU B 224 20.39 -0.05 -62.16
CA GLU B 224 21.01 0.48 -63.37
C GLU B 224 21.42 1.92 -63.17
N LEU B 225 20.60 2.67 -62.41
CA LEU B 225 20.99 4.05 -62.12
C LEU B 225 22.47 4.16 -61.75
N ASN B 226 22.92 3.41 -60.74
CA ASN B 226 24.33 3.32 -60.37
C ASN B 226 24.66 1.84 -60.18
N VAL B 227 25.29 1.25 -61.21
CA VAL B 227 25.57 -0.18 -61.17
C VAL B 227 26.51 -0.51 -60.01
N GLU B 228 27.53 0.31 -59.80
CA GLU B 228 28.53 0.07 -58.75
C GLU B 228 28.19 0.98 -57.58
N ALA B 229 27.44 0.44 -56.63
CA ALA B 229 27.08 1.16 -55.41
C ALA B 229 26.85 0.14 -54.31
N GLU B 230 27.27 0.49 -53.09
CA GLU B 230 27.14 -0.43 -51.97
C GLU B 230 25.69 -0.85 -51.80
N GLY B 231 25.49 -2.16 -51.66
CA GLY B 231 24.17 -2.72 -51.48
C GLY B 231 24.23 -4.00 -50.67
N ILE B 232 23.27 -4.19 -49.78
CA ILE B 232 23.30 -5.33 -48.87
C ILE B 232 23.11 -6.59 -49.72
N GLU B 233 24.17 -7.37 -49.86
CA GLU B 233 24.20 -8.50 -50.79
C GLU B 233 24.13 -9.82 -50.04
N ILE B 234 23.21 -10.68 -50.48
CA ILE B 234 23.08 -12.00 -49.87
C ILE B 234 24.32 -12.86 -50.08
N GLY B 235 25.13 -12.56 -51.09
CA GLY B 235 26.37 -13.28 -51.31
C GLY B 235 26.15 -14.68 -51.86
N SER C 30 6.52 41.10 -18.33
CA SER C 30 6.53 40.91 -16.89
C SER C 30 7.91 40.48 -16.43
N VAL C 31 8.25 39.22 -16.71
CA VAL C 31 9.62 38.75 -16.50
C VAL C 31 10.52 39.37 -17.57
N PRO C 32 11.72 39.89 -17.19
CA PRO C 32 12.51 40.67 -18.15
C PRO C 32 12.75 39.96 -19.47
N GLY C 33 13.36 38.79 -19.45
CA GLY C 33 13.64 38.05 -20.66
C GLY C 33 12.89 36.75 -20.72
N ALA C 34 11.89 36.68 -21.60
CA ALA C 34 11.00 35.53 -21.67
C ALA C 34 10.68 35.20 -23.12
N PRO C 35 10.38 33.94 -23.42
CA PRO C 35 9.90 33.60 -24.76
C PRO C 35 8.58 34.32 -25.03
N ASN C 36 8.41 34.75 -26.29
CA ASN C 36 7.23 35.50 -26.67
C ASN C 36 6.13 34.52 -27.04
N ARG C 37 5.43 34.04 -26.01
CA ARG C 37 4.30 33.14 -26.18
C ARG C 37 3.03 33.98 -26.33
N VAL C 38 2.48 34.00 -27.54
CA VAL C 38 1.27 34.78 -27.79
C VAL C 38 0.06 34.03 -27.25
N SER C 39 -0.90 34.79 -26.70
CA SER C 39 -2.03 34.23 -25.98
C SER C 39 -3.34 34.49 -26.72
N PHE C 40 -4.26 33.53 -26.60
CA PHE C 40 -5.63 33.67 -27.07
C PHE C 40 -6.53 34.27 -26.00
N ALA C 41 -5.95 35.01 -25.04
CA ALA C 41 -6.70 35.49 -23.88
C ALA C 41 -7.47 36.75 -24.24
N LYS C 42 -8.77 36.75 -23.95
CA LYS C 42 -9.65 37.89 -24.22
C LYS C 42 -9.91 38.73 -22.99
N LEU C 43 -9.34 38.39 -21.84
CA LEU C 43 -9.58 39.10 -20.59
C LEU C 43 -8.25 39.54 -20.00
N ARG C 44 -8.15 40.82 -19.67
CA ARG C 44 -6.98 41.33 -18.97
C ARG C 44 -7.04 40.94 -17.50
N GLU C 45 -5.86 40.67 -16.93
CA GLU C 45 -5.77 40.23 -15.55
C GLU C 45 -5.43 41.39 -14.64
N PRO C 46 -6.28 41.75 -13.67
CA PRO C 46 -5.92 42.85 -12.76
C PRO C 46 -4.69 42.55 -11.93
N LEU C 47 -4.69 41.41 -11.25
CA LEU C 47 -3.63 41.04 -10.31
C LEU C 47 -2.64 40.11 -11.00
N GLU C 48 -1.35 40.45 -10.89
CA GLU C 48 -0.32 39.50 -11.29
C GLU C 48 -0.30 38.33 -10.32
N VAL C 49 0.06 37.16 -10.83
CA VAL C 49 0.11 35.95 -10.02
C VAL C 49 1.03 36.23 -8.84
N PRO C 50 0.70 35.82 -7.61
CA PRO C 50 1.53 36.19 -6.47
C PRO C 50 2.83 35.40 -6.42
N GLY C 51 3.57 35.54 -5.33
CA GLY C 51 4.82 34.85 -5.14
C GLY C 51 4.57 33.41 -4.72
N LEU C 52 4.28 32.55 -5.69
CA LEU C 52 3.70 31.23 -5.48
C LEU C 52 4.29 30.48 -4.28
N LEU C 53 5.55 30.73 -3.95
CA LEU C 53 6.18 30.10 -2.81
C LEU C 53 5.97 30.89 -1.51
N ASP C 54 5.18 31.96 -1.54
CA ASP C 54 5.00 32.78 -0.35
C ASP C 54 4.44 31.97 0.81
N VAL C 55 3.66 30.91 0.51
CA VAL C 55 2.97 30.17 1.56
C VAL C 55 3.95 29.70 2.62
N GLN C 56 5.15 29.31 2.20
CA GLN C 56 6.16 28.80 3.11
C GLN C 56 7.07 29.90 3.64
N THR C 57 7.64 30.70 2.74
CA THR C 57 8.65 31.67 3.14
C THR C 57 8.06 32.75 4.04
N ASP C 58 6.85 33.23 3.72
CA ASP C 58 6.26 34.27 4.56
C ASP C 58 5.96 33.75 5.95
N SER C 59 5.45 32.53 6.05
CA SER C 59 5.19 31.94 7.37
C SER C 59 6.47 31.77 8.17
N PHE C 60 7.53 31.29 7.52
CA PHE C 60 8.79 31.12 8.24
C PHE C 60 9.39 32.45 8.65
N GLU C 61 9.26 33.47 7.79
CA GLU C 61 9.73 34.80 8.17
C GLU C 61 8.96 35.33 9.36
N TRP C 62 7.66 35.09 9.42
CA TRP C 62 6.89 35.44 10.60
C TRP C 62 7.42 34.72 11.83
N LEU C 63 7.69 33.42 11.70
CA LEU C 63 8.21 32.66 12.82
C LEU C 63 9.52 33.26 13.33
N ILE C 64 10.46 33.51 12.42
CA ILE C 64 11.73 34.09 12.82
C ILE C 64 11.53 35.50 13.36
N GLY C 65 10.73 36.30 12.68
CA GLY C 65 10.56 37.70 13.04
C GLY C 65 11.53 38.57 12.25
N SER C 66 11.72 38.24 10.98
CA SER C 66 12.69 38.95 10.17
C SER C 66 12.22 40.38 9.90
N PRO C 67 13.14 41.27 9.55
CA PRO C 67 12.73 42.65 9.24
C PRO C 67 11.73 42.72 8.10
N ARG C 68 11.84 41.84 7.11
CA ARG C 68 10.89 41.85 6.01
C ARG C 68 9.47 41.57 6.51
N TRP C 69 9.32 40.55 7.35
CA TRP C 69 8.01 40.29 7.94
C TRP C 69 7.56 41.44 8.83
N ARG C 70 8.51 42.04 9.56
CA ARG C 70 8.16 43.17 10.40
C ARG C 70 7.52 44.28 9.56
N GLU C 71 8.15 44.62 8.44
CA GLU C 71 7.61 45.67 7.59
C GLU C 71 6.27 45.26 6.99
N SER C 72 6.16 44.02 6.53
CA SER C 72 4.91 43.56 5.91
C SER C 72 3.76 43.62 6.91
N ALA C 73 4.01 43.21 8.15
CA ALA C 73 2.97 43.26 9.18
C ALA C 73 2.66 44.69 9.58
N ALA C 74 3.69 45.54 9.71
CA ALA C 74 3.45 46.93 10.09
C ALA C 74 2.62 47.65 9.05
N GLU C 75 2.78 47.29 7.78
CA GLU C 75 1.91 47.85 6.74
C GLU C 75 0.44 47.56 7.04
N ARG C 76 0.15 46.46 7.74
CA ARG C 76 -1.19 45.91 7.83
C ARG C 76 -1.51 45.50 9.28
N GLY C 77 -1.33 46.41 10.23
CA GLY C 77 -1.57 46.06 11.63
C GLY C 77 -0.39 46.24 12.56
N ASP C 78 0.36 47.32 12.39
CA ASP C 78 1.58 47.58 13.17
C ASP C 78 1.33 47.71 14.68
N VAL C 79 0.09 47.54 15.14
CA VAL C 79 -0.20 47.63 16.57
C VAL C 79 0.65 46.63 17.36
N ASN C 80 0.66 45.37 16.95
CA ASN C 80 1.34 44.30 17.69
C ASN C 80 2.04 43.33 16.75
N PRO C 81 3.12 43.78 16.07
CA PRO C 81 3.98 42.81 15.37
C PRO C 81 4.81 41.99 16.34
N VAL C 82 4.47 40.71 16.50
CA VAL C 82 5.23 39.79 17.33
C VAL C 82 5.43 38.50 16.54
N GLY C 83 6.68 38.03 16.48
CA GLY C 83 6.99 36.81 15.76
C GLY C 83 6.57 35.58 16.52
N GLY C 84 6.70 34.43 15.87
CA GLY C 84 6.33 33.18 16.51
C GLY C 84 7.20 32.87 17.71
N LEU C 85 8.51 33.00 17.56
CA LEU C 85 9.42 32.76 18.69
C LEU C 85 9.22 33.81 19.78
N GLU C 86 9.04 35.07 19.39
CA GLU C 86 8.74 36.10 20.37
C GLU C 86 7.45 35.80 21.10
N GLU C 87 6.45 35.30 20.36
CA GLU C 87 5.18 34.95 21.01
C GLU C 87 5.39 33.82 22.02
N VAL C 88 6.14 32.78 21.64
CA VAL C 88 6.35 31.66 22.56
C VAL C 88 7.07 32.14 23.81
N LEU C 89 8.12 32.94 23.63
CA LEU C 89 8.88 33.42 24.77
C LEU C 89 8.01 34.30 25.67
N TYR C 90 7.21 35.18 25.08
CA TYR C 90 6.36 36.07 25.87
C TYR C 90 5.33 35.27 26.65
N GLU C 91 4.71 34.26 26.03
CA GLU C 91 3.76 33.44 26.77
C GLU C 91 4.45 32.68 27.88
N LEU C 92 5.66 32.16 27.63
CA LEU C 92 6.37 31.42 28.65
C LEU C 92 6.78 32.31 29.82
N SER C 93 7.40 33.45 29.52
CA SER C 93 7.86 34.35 30.56
C SER C 93 6.72 35.21 31.09
N PRO C 94 6.78 35.64 32.36
CA PRO C 94 7.74 35.26 33.40
C PRO C 94 7.33 33.95 34.08
N ILE C 95 8.27 33.20 34.62
CA ILE C 95 7.97 32.00 35.39
C ILE C 95 8.46 32.21 36.81
N GLU C 96 7.76 31.58 37.75
CA GLU C 96 8.11 31.63 39.17
C GLU C 96 7.89 30.26 39.77
N ASP C 97 8.50 30.02 40.92
CA ASP C 97 8.30 28.77 41.65
C ASP C 97 6.98 28.81 42.41
N PHE C 98 6.73 27.73 43.16
CA PHE C 98 5.51 27.67 43.95
C PHE C 98 5.45 28.80 44.95
N SER C 99 6.56 29.06 45.64
CA SER C 99 6.59 30.14 46.61
C SER C 99 6.65 31.50 45.94
N GLY C 100 7.19 31.58 44.73
CA GLY C 100 7.33 32.89 44.14
C GLY C 100 8.42 33.74 44.76
N SER C 101 9.45 33.10 45.35
CA SER C 101 10.60 33.84 45.82
C SER C 101 11.48 34.35 44.68
N MET C 102 11.48 33.66 43.54
CA MET C 102 12.28 34.05 42.40
C MET C 102 11.56 33.69 41.11
N SER C 103 11.99 34.31 40.02
CA SER C 103 11.34 34.16 38.73
C SER C 103 12.39 34.18 37.63
N LEU C 104 12.01 33.60 36.49
CA LEU C 104 12.87 33.58 35.30
C LEU C 104 12.05 34.07 34.10
N SER C 105 12.73 34.73 33.18
CA SER C 105 12.09 35.32 32.02
C SER C 105 13.00 35.21 30.80
N PHE C 106 12.38 35.27 29.63
CA PHE C 106 13.08 35.19 28.35
C PHE C 106 12.71 36.41 27.50
N SER C 107 13.66 36.83 26.66
CA SER C 107 13.42 38.01 25.84
C SER C 107 14.41 38.05 24.69
N ASP C 108 14.10 38.88 23.70
CA ASP C 108 15.02 39.22 22.63
C ASP C 108 15.61 38.00 21.93
N PRO C 109 14.78 37.15 21.32
CA PRO C 109 15.33 36.07 20.49
C PRO C 109 16.10 36.65 19.31
N ARG C 110 17.24 36.02 19.01
CA ARG C 110 18.12 36.51 17.95
C ARG C 110 18.86 35.34 17.36
N PHE C 111 18.97 35.34 16.03
CA PHE C 111 19.61 34.26 15.28
C PHE C 111 20.98 34.70 14.79
N ASP C 112 21.95 33.78 14.88
CA ASP C 112 23.27 34.02 14.35
C ASP C 112 23.31 33.57 12.89
N ASP C 113 24.43 33.84 12.22
CA ASP C 113 24.56 33.43 10.83
C ASP C 113 24.57 31.92 10.71
N VAL C 114 24.02 31.42 9.60
CA VAL C 114 23.93 29.98 9.41
C VAL C 114 25.32 29.35 9.51
N LYS C 115 25.35 28.09 9.95
CA LYS C 115 26.62 27.43 10.21
C LYS C 115 27.42 27.24 8.92
N ALA C 116 26.78 26.73 7.88
CA ALA C 116 27.46 26.46 6.61
C ALA C 116 26.53 26.82 5.46
N PRO C 117 27.09 27.13 4.28
CA PRO C 117 26.24 27.48 3.14
C PRO C 117 25.34 26.32 2.73
N VAL C 118 24.38 26.62 1.87
CA VAL C 118 23.31 25.66 1.55
C VAL C 118 23.89 24.44 0.85
N ASP C 119 24.68 24.66 -0.21
CA ASP C 119 25.19 23.54 -0.98
C ASP C 119 26.10 22.65 -0.14
N GLU C 120 26.98 23.26 0.65
CA GLU C 120 27.88 22.49 1.51
C GLU C 120 27.10 21.68 2.54
N CYS C 121 26.05 22.28 3.11
CA CYS C 121 25.20 21.54 4.04
C CYS C 121 24.55 20.35 3.35
N LYS C 122 24.04 20.56 2.14
CA LYS C 122 23.43 19.47 1.38
C LYS C 122 24.44 18.41 1.00
N ASP C 123 25.72 18.77 0.91
CA ASP C 123 26.78 17.86 0.49
C ASP C 123 27.27 16.97 1.63
N LYS C 124 27.62 17.56 2.77
CA LYS C 124 28.26 16.81 3.85
C LYS C 124 27.28 16.27 4.88
N ASP C 125 25.97 16.33 4.60
CA ASP C 125 24.93 15.73 5.42
C ASP C 125 24.73 16.43 6.76
N MET C 126 25.09 17.71 6.87
CA MET C 126 24.81 18.48 8.06
C MET C 126 23.61 19.37 7.83
N THR C 127 22.76 19.50 8.85
CA THR C 127 21.55 20.29 8.73
C THR C 127 21.89 21.75 8.46
N TYR C 128 21.07 22.40 7.63
CA TYR C 128 21.19 23.83 7.35
C TYR C 128 20.45 24.56 8.46
N ALA C 129 21.19 24.96 9.49
CA ALA C 129 20.59 25.57 10.68
C ALA C 129 21.44 26.77 11.10
N ALA C 130 20.85 27.58 11.97
CA ALA C 130 21.52 28.74 12.54
C ALA C 130 21.38 28.70 14.06
N PRO C 131 22.39 29.16 14.79
CA PRO C 131 22.25 29.23 16.25
C PRO C 131 21.15 30.20 16.66
N LEU C 132 20.48 29.87 17.76
CA LEU C 132 19.41 30.68 18.32
C LEU C 132 19.81 31.13 19.72
N PHE C 133 19.80 32.44 19.94
CA PHE C 133 20.17 33.03 21.22
C PHE C 133 18.97 33.78 21.78
N VAL C 134 18.73 33.60 23.08
CA VAL C 134 17.65 34.27 23.78
C VAL C 134 18.21 34.81 25.09
N THR C 135 17.94 36.08 25.39
CA THR C 135 18.41 36.70 26.61
C THR C 135 17.51 36.29 27.76
N ALA C 136 18.06 35.55 28.71
CA ALA C 136 17.32 35.18 29.91
C ALA C 136 17.48 36.25 30.97
N GLU C 137 16.67 36.14 32.03
CA GLU C 137 16.71 37.10 33.12
C GLU C 137 16.15 36.45 34.37
N PHE C 138 16.98 36.27 35.39
CA PHE C 138 16.60 35.64 36.64
C PHE C 138 16.52 36.70 37.74
N ILE C 139 15.35 36.82 38.37
CA ILE C 139 15.12 37.81 39.41
C ILE C 139 14.75 37.10 40.69
N ASN C 140 15.59 37.24 41.71
CA ASN C 140 15.26 36.72 43.05
C ASN C 140 14.39 37.77 43.72
N ASN C 141 13.09 37.51 43.69
CA ASN C 141 12.06 38.46 44.10
C ASN C 141 12.31 39.00 45.50
N ASN C 142 12.80 38.17 46.41
CA ASN C 142 13.04 38.63 47.78
C ASN C 142 14.37 39.38 47.90
N THR C 143 15.48 38.73 47.55
CA THR C 143 16.78 39.38 47.71
C THR C 143 16.93 40.56 46.76
N GLY C 144 16.46 40.42 45.53
CA GLY C 144 16.44 41.52 44.58
C GLY C 144 17.66 41.61 43.68
N GLU C 145 17.96 40.53 42.97
CA GLU C 145 19.06 40.48 42.01
C GLU C 145 18.52 40.08 40.64
N ILE C 146 19.04 40.71 39.59
CA ILE C 146 18.71 40.34 38.21
C ILE C 146 19.98 39.84 37.54
N LYS C 147 19.89 38.69 36.88
CA LYS C 147 21.02 38.07 36.19
C LYS C 147 20.56 37.67 34.80
N SER C 148 21.19 38.25 33.77
CA SER C 148 20.80 38.05 32.38
C SER C 148 22.00 37.61 31.57
N GLN C 149 21.76 36.71 30.60
CA GLN C 149 22.81 36.25 29.70
C GLN C 149 22.20 35.39 28.61
N THR C 150 22.77 35.47 27.41
CA THR C 150 22.28 34.67 26.29
C THR C 150 22.48 33.19 26.60
N VAL C 151 21.55 32.36 26.12
CA VAL C 151 21.43 30.99 26.58
C VAL C 151 21.60 29.95 25.47
N PHE C 152 21.59 30.34 24.20
CA PHE C 152 21.83 29.39 23.10
C PHE C 152 20.80 28.26 23.11
N MET C 153 19.55 28.63 22.79
CA MET C 153 18.48 27.65 22.80
C MET C 153 18.75 26.46 21.88
N GLY C 154 19.55 26.64 20.84
CA GLY C 154 20.00 25.52 20.04
C GLY C 154 20.14 25.90 18.57
N ASP C 155 20.44 24.88 17.77
CA ASP C 155 20.64 25.06 16.33
C ASP C 155 19.28 24.95 15.64
N PHE C 156 18.65 26.08 15.39
CA PHE C 156 17.35 26.12 14.76
C PHE C 156 17.49 25.86 13.27
N PRO C 157 16.87 24.82 12.71
CA PRO C 157 16.92 24.65 11.25
C PRO C 157 16.29 25.84 10.55
N MET C 158 16.92 26.25 9.45
CA MET C 158 16.49 27.41 8.68
C MET C 158 15.95 26.99 7.33
N MET C 159 15.12 27.84 6.75
CA MET C 159 14.48 27.57 5.47
C MET C 159 15.31 28.21 4.36
N THR C 160 15.66 27.41 3.37
CA THR C 160 16.35 27.94 2.21
C THR C 160 15.43 28.87 1.42
N GLU C 161 16.05 29.85 0.76
CA GLU C 161 15.31 30.82 -0.05
C GLU C 161 14.31 30.17 -0.99
N LYS C 162 14.45 28.89 -1.31
CA LYS C 162 13.50 28.18 -2.15
C LYS C 162 12.31 27.63 -1.38
N GLY C 163 12.17 27.98 -0.11
CA GLY C 163 11.02 27.55 0.66
C GLY C 163 11.07 26.12 1.14
N THR C 164 12.24 25.64 1.55
CA THR C 164 12.40 24.24 1.91
C THR C 164 13.57 24.10 2.87
N PHE C 165 13.50 23.07 3.72
CA PHE C 165 14.52 22.82 4.72
C PHE C 165 15.51 21.77 4.25
N ILE C 166 16.71 21.83 4.82
CA ILE C 166 17.75 20.84 4.58
C ILE C 166 18.06 20.19 5.91
N ILE C 167 17.74 18.91 6.04
CA ILE C 167 17.87 18.16 7.28
C ILE C 167 18.69 16.91 6.98
N ASN C 168 19.83 16.76 7.67
CA ASN C 168 20.72 15.62 7.48
C ASN C 168 21.11 15.48 6.02
N GLY C 169 21.30 16.60 5.35
CA GLY C 169 21.67 16.60 3.94
C GLY C 169 20.48 16.45 3.02
N THR C 170 19.43 15.79 3.48
CA THR C 170 18.26 15.59 2.65
C THR C 170 17.45 16.88 2.55
N GLU C 171 16.62 16.95 1.52
CA GLU C 171 15.77 18.11 1.26
C GLU C 171 14.36 17.77 1.70
N ARG C 172 13.81 18.56 2.61
CA ARG C 172 12.51 18.29 3.21
C ARG C 172 11.62 19.51 3.06
N VAL C 173 10.31 19.26 3.04
CA VAL C 173 9.32 20.32 2.93
C VAL C 173 8.28 20.12 4.04
N VAL C 174 7.94 21.21 4.72
CA VAL C 174 6.87 21.19 5.71
C VAL C 174 5.59 21.62 4.99
N VAL C 175 4.66 20.69 4.82
CA VAL C 175 3.42 20.94 4.10
C VAL C 175 2.39 21.48 5.08
N SER C 176 1.73 22.57 4.68
CA SER C 176 0.68 23.16 5.52
C SER C 176 -0.37 22.12 5.84
N GLN C 177 -0.96 22.24 7.02
CA GLN C 177 -1.99 21.31 7.49
C GLN C 177 -3.33 22.03 7.57
N LEU C 178 -4.40 21.32 7.22
CA LEU C 178 -5.75 21.83 7.34
C LEU C 178 -6.36 21.27 8.61
N VAL C 179 -6.80 22.16 9.51
CA VAL C 179 -7.31 21.73 10.80
C VAL C 179 -8.61 22.47 11.09
N ARG C 180 -9.38 21.89 12.01
CA ARG C 180 -10.60 22.53 12.48
C ARG C 180 -10.24 23.73 13.35
N SER C 181 -10.77 24.89 13.02
CA SER C 181 -10.44 26.10 13.77
C SER C 181 -11.06 26.01 15.16
N PRO C 182 -10.29 26.23 16.23
CA PRO C 182 -10.90 26.27 17.57
C PRO C 182 -11.96 27.35 17.65
N GLY C 183 -13.01 27.07 18.41
CA GLY C 183 -14.09 28.01 18.58
C GLY C 183 -15.36 27.28 18.96
N VAL C 184 -16.47 28.00 18.83
CA VAL C 184 -17.79 27.48 19.18
C VAL C 184 -18.50 27.12 17.88
N TYR C 185 -18.97 25.87 17.80
CA TYR C 185 -19.66 25.37 16.62
C TYR C 185 -21.04 24.88 16.99
N PHE C 186 -22.06 25.40 16.32
CA PHE C 186 -23.44 25.05 16.58
C PHE C 186 -23.96 24.14 15.49
N ASP C 187 -24.59 23.04 15.87
CA ASP C 187 -25.12 22.04 14.95
C ASP C 187 -26.57 21.76 15.30
N GLU C 188 -27.32 21.27 14.32
CA GLU C 188 -28.69 20.85 14.53
C GLU C 188 -28.94 19.54 13.81
N THR C 189 -29.69 18.64 14.46
CA THR C 189 -30.00 17.33 13.92
C THR C 189 -31.45 17.02 14.21
N ILE C 190 -31.90 15.86 13.73
CA ILE C 190 -33.28 15.41 13.89
C ILE C 190 -33.25 14.00 14.49
N ASP C 191 -34.06 13.79 15.53
CA ASP C 191 -34.11 12.51 16.23
C ASP C 191 -35.24 11.66 15.67
N LYS C 192 -34.92 10.39 15.37
CA LYS C 192 -35.93 9.50 14.81
C LYS C 192 -37.06 9.23 15.80
N SER C 193 -36.73 8.98 17.06
CA SER C 193 -37.73 8.58 18.04
C SER C 193 -38.77 9.66 18.29
N THR C 194 -38.46 10.92 17.96
CA THR C 194 -39.40 12.02 18.13
C THR C 194 -39.58 12.88 16.89
N ASP C 195 -38.62 12.88 15.96
CA ASP C 195 -38.67 13.74 14.78
C ASP C 195 -38.75 15.21 15.19
N LYS C 196 -37.85 15.61 16.07
CA LYS C 196 -37.76 16.98 16.55
C LYS C 196 -36.36 17.51 16.31
N THR C 197 -36.27 18.78 15.90
CA THR C 197 -34.98 19.41 15.66
C THR C 197 -34.31 19.71 16.99
N LEU C 198 -33.21 19.02 17.27
CA LEU C 198 -32.43 19.25 18.48
C LEU C 198 -31.06 19.79 18.11
N HIS C 199 -30.65 20.85 18.79
CA HIS C 199 -29.41 21.53 18.47
C HIS C 199 -28.30 21.10 19.42
N SER C 200 -27.14 21.69 19.27
CA SER C 200 -25.95 21.28 20.01
C SER C 200 -24.86 22.32 19.78
N VAL C 201 -23.93 22.39 20.72
CA VAL C 201 -22.78 23.28 20.62
C VAL C 201 -21.56 22.52 21.11
N LYS C 202 -20.39 22.91 20.59
CA LYS C 202 -19.14 22.26 20.97
C LYS C 202 -18.05 23.34 20.99
N VAL C 203 -17.81 23.90 22.17
CA VAL C 203 -16.67 24.80 22.34
C VAL C 203 -15.41 23.95 22.25
N ILE C 204 -14.69 24.07 21.14
CA ILE C 204 -13.52 23.23 20.86
C ILE C 204 -12.27 24.05 21.14
N PRO C 205 -11.54 23.77 22.21
CA PRO C 205 -10.34 24.56 22.51
C PRO C 205 -9.08 23.97 21.90
N SER C 206 -7.95 24.59 22.20
CA SER C 206 -6.64 23.96 22.02
C SER C 206 -6.22 23.39 23.37
N ARG C 207 -6.04 22.07 23.42
CA ARG C 207 -5.65 21.35 24.64
C ARG C 207 -6.48 21.79 25.84
N GLY C 208 -7.79 21.63 25.72
CA GLY C 208 -8.70 21.92 26.81
C GLY C 208 -9.57 20.75 27.18
N ALA C 209 -10.76 21.02 27.71
CA ALA C 209 -11.76 20.01 28.01
C ALA C 209 -13.05 20.39 27.32
N TRP C 210 -13.60 19.47 26.53
CA TRP C 210 -14.77 19.78 25.72
C TRP C 210 -16.00 20.00 26.60
N LEU C 211 -16.77 21.04 26.28
CA LEU C 211 -18.04 21.32 26.94
C LEU C 211 -19.11 21.38 25.84
N GLU C 212 -19.95 20.35 25.78
CA GLU C 212 -20.94 20.22 24.71
C GLU C 212 -22.32 20.46 25.32
N PHE C 213 -22.78 21.70 25.23
CA PHE C 213 -24.12 22.00 25.72
C PHE C 213 -25.13 21.43 24.74
N ASP C 214 -25.43 20.14 24.88
CA ASP C 214 -26.35 19.46 23.98
C ASP C 214 -27.78 19.62 24.47
N VAL C 215 -28.73 19.62 23.53
CA VAL C 215 -30.15 19.67 23.83
C VAL C 215 -30.76 18.34 23.39
N ASP C 216 -31.40 17.64 24.33
CA ASP C 216 -31.97 16.34 24.05
C ASP C 216 -33.40 16.47 23.54
N LYS C 217 -34.02 15.34 23.20
CA LYS C 217 -35.40 15.36 22.76
C LYS C 217 -36.32 15.91 23.84
N ARG C 218 -36.09 15.51 25.09
CA ARG C 218 -36.79 16.12 26.20
C ARG C 218 -36.42 17.60 26.27
N ASP C 219 -37.42 18.44 26.51
CA ASP C 219 -37.20 19.87 26.48
C ASP C 219 -36.40 20.31 27.69
N THR C 220 -35.09 20.02 27.69
CA THR C 220 -34.21 20.46 28.76
C THR C 220 -32.79 20.52 28.21
N VAL C 221 -32.20 21.71 28.22
CA VAL C 221 -30.81 21.87 27.83
C VAL C 221 -29.93 21.20 28.88
N GLY C 222 -28.77 20.72 28.44
CA GLY C 222 -27.86 20.07 29.37
C GLY C 222 -26.40 20.08 28.96
N VAL C 223 -25.53 20.35 29.93
CA VAL C 223 -24.09 20.42 29.71
C VAL C 223 -23.54 19.00 29.70
N ARG C 224 -22.36 18.81 29.11
CA ARG C 224 -21.62 17.56 29.23
C ARG C 224 -20.14 17.94 29.35
N ILE C 225 -19.68 18.06 30.60
CA ILE C 225 -18.34 18.57 30.88
C ILE C 225 -17.34 17.44 30.70
N ASP C 226 -16.34 17.64 29.85
CA ASP C 226 -15.25 16.69 29.66
C ASP C 226 -15.79 15.30 29.32
N ARG C 227 -16.95 15.24 28.67
CA ARG C 227 -17.55 13.98 28.25
C ARG C 227 -17.92 13.11 29.46
N LYS C 228 -18.63 13.71 30.43
CA LYS C 228 -18.92 13.05 31.70
C LYS C 228 -20.42 13.13 32.01
N ARG C 229 -21.18 12.19 31.46
CA ARG C 229 -22.50 11.80 31.98
C ARG C 229 -23.46 12.97 32.13
N ARG C 230 -23.36 13.99 31.26
CA ARG C 230 -24.37 15.03 31.16
C ARG C 230 -24.58 15.81 32.46
N GLN C 231 -25.31 16.91 32.36
CA GLN C 231 -25.71 17.73 33.50
C GLN C 231 -26.85 18.62 33.04
N PRO C 232 -27.71 19.06 33.96
CA PRO C 232 -28.55 20.24 33.67
C PRO C 232 -27.72 21.50 33.71
N VAL C 233 -27.97 22.41 32.76
CA VAL C 233 -27.14 23.60 32.64
C VAL C 233 -27.26 24.46 33.89
N THR C 234 -28.44 24.50 34.49
CA THR C 234 -28.64 25.29 35.69
C THR C 234 -27.67 24.86 36.80
N VAL C 235 -27.27 23.59 36.79
CA VAL C 235 -26.29 23.12 37.77
C VAL C 235 -24.97 23.86 37.57
N LEU C 236 -24.51 23.96 36.32
CA LEU C 236 -23.27 24.69 36.06
C LEU C 236 -23.45 26.17 36.38
N LEU C 237 -24.61 26.74 36.06
CA LEU C 237 -24.82 28.16 36.32
C LEU C 237 -24.74 28.45 37.82
N LYS C 238 -25.41 27.63 38.62
CA LYS C 238 -25.26 27.73 40.08
C LYS C 238 -23.85 27.41 40.52
N ALA C 239 -23.11 26.63 39.74
CA ALA C 239 -21.69 26.42 40.00
C ALA C 239 -20.88 27.66 39.67
N LEU C 240 -21.28 28.40 38.65
CA LEU C 240 -20.73 29.73 38.39
C LEU C 240 -21.30 30.78 39.35
N GLY C 241 -22.19 30.38 40.26
CA GLY C 241 -22.70 31.28 41.27
C GLY C 241 -23.90 32.08 40.86
N TRP C 242 -24.64 31.64 39.85
CA TRP C 242 -25.87 32.31 39.46
C TRP C 242 -26.99 31.92 40.41
N THR C 243 -27.92 32.85 40.61
CA THR C 243 -29.13 32.58 41.36
C THR C 243 -30.26 32.29 40.37
N SER C 244 -31.20 31.45 40.80
CA SER C 244 -32.30 31.08 39.92
C SER C 244 -33.02 32.33 39.40
N GLU C 245 -33.07 33.37 40.21
CA GLU C 245 -33.64 34.63 39.75
C GLU C 245 -32.79 35.21 38.62
N GLN C 246 -31.46 35.18 38.78
CA GLN C 246 -30.58 35.64 37.70
C GLN C 246 -30.70 34.74 36.48
N ILE C 247 -30.82 33.42 36.71
CA ILE C 247 -30.87 32.49 35.58
C ILE C 247 -32.13 32.76 34.74
N VAL C 248 -33.27 32.99 35.40
CA VAL C 248 -34.46 33.35 34.65
C VAL C 248 -34.36 34.77 34.11
N GLU C 249 -33.55 35.62 34.73
CA GLU C 249 -33.36 36.97 34.21
C GLU C 249 -32.64 36.95 32.87
N ARG C 250 -31.66 36.06 32.72
CA ARG C 250 -30.92 35.97 31.45
C ARG C 250 -31.49 34.91 30.52
N PHE C 251 -31.43 33.63 30.91
CA PHE C 251 -32.01 32.57 30.07
C PHE C 251 -33.43 32.28 30.54
N GLY C 252 -34.30 33.28 30.36
CA GLY C 252 -35.67 33.16 30.80
C GLY C 252 -36.71 33.14 29.70
N PHE C 253 -36.33 33.61 28.51
CA PHE C 253 -37.32 33.78 27.44
C PHE C 253 -37.81 32.43 26.92
N SER C 254 -36.95 31.41 26.89
CA SER C 254 -37.34 30.13 26.36
C SER C 254 -38.05 29.28 27.42
N GLU C 255 -38.93 28.40 26.95
CA GLU C 255 -39.57 27.44 27.84
C GLU C 255 -38.62 26.31 28.23
N ILE C 256 -37.64 26.00 27.35
CA ILE C 256 -36.70 24.93 27.66
C ILE C 256 -35.91 25.28 28.92
N MET C 257 -35.49 26.54 29.04
CA MET C 257 -34.73 26.95 30.21
C MET C 257 -35.57 26.87 31.48
N ARG C 258 -36.78 27.42 31.45
CA ARG C 258 -37.65 27.35 32.62
C ARG C 258 -37.89 25.91 33.01
N SER C 259 -38.14 25.05 32.02
CA SER C 259 -38.29 23.63 32.28
C SER C 259 -37.07 23.05 32.96
N THR C 260 -35.88 23.44 32.51
CA THR C 260 -34.65 22.93 33.12
C THR C 260 -34.54 23.38 34.56
N LEU C 261 -34.82 24.66 34.83
CA LEU C 261 -34.75 25.15 36.20
C LEU C 261 -35.73 24.41 37.09
N GLU C 262 -36.93 24.14 36.58
CA GLU C 262 -37.93 23.47 37.39
C GLU C 262 -37.55 22.01 37.66
N LYS C 263 -37.10 21.28 36.63
CA LYS C 263 -36.77 19.88 36.78
C LYS C 263 -35.35 19.63 37.27
N ASP C 264 -34.58 20.69 37.53
CA ASP C 264 -33.18 20.54 37.88
C ASP C 264 -33.04 19.95 39.29
N ASN C 265 -33.84 20.44 40.23
CA ASN C 265 -33.92 19.95 41.61
C ASN C 265 -32.71 20.35 42.44
N THR C 266 -31.66 20.90 41.81
CA THR C 266 -30.50 21.35 42.56
C THR C 266 -30.75 22.73 43.14
N VAL C 267 -30.82 22.80 44.47
CA VAL C 267 -31.13 24.04 45.18
C VAL C 267 -29.87 24.48 45.91
N GLY C 268 -29.27 25.57 45.44
CA GLY C 268 -28.12 26.17 46.08
C GLY C 268 -26.86 26.15 45.23
N THR C 269 -26.01 27.16 45.40
CA THR C 269 -24.74 27.17 44.69
C THR C 269 -23.84 26.05 45.17
N ASP C 270 -23.75 25.87 46.49
CA ASP C 270 -22.86 24.84 47.03
C ASP C 270 -23.34 23.46 46.65
N GLU C 271 -24.66 23.25 46.58
CA GLU C 271 -25.18 21.96 46.12
C GLU C 271 -24.70 21.66 44.70
N ALA C 272 -24.79 22.65 43.82
CA ALA C 272 -24.35 22.46 42.45
C ALA C 272 -22.86 22.18 42.39
N LEU C 273 -22.08 22.93 43.14
CA LEU C 273 -20.63 22.73 43.14
C LEU C 273 -20.28 21.34 43.67
N LEU C 274 -20.97 20.91 44.72
CA LEU C 274 -20.75 19.59 45.29
C LEU C 274 -21.05 18.50 44.27
N ASP C 275 -22.20 18.61 43.61
CA ASP C 275 -22.57 17.61 42.61
C ASP C 275 -21.58 17.60 41.45
N ILE C 276 -21.16 18.78 41.00
CA ILE C 276 -20.22 18.89 39.90
C ILE C 276 -18.91 18.22 40.27
N TYR C 277 -18.40 18.48 41.47
CA TYR C 277 -17.15 17.87 41.90
C TYR C 277 -17.31 16.35 42.03
N ARG C 278 -18.44 15.90 42.60
CA ARG C 278 -18.67 14.48 42.75
C ARG C 278 -18.74 13.78 41.41
N LYS C 279 -19.15 14.49 40.35
CA LYS C 279 -19.23 13.90 39.02
C LYS C 279 -17.93 14.01 38.23
N LEU C 280 -17.18 15.09 38.39
CA LEU C 280 -16.01 15.33 37.55
C LEU C 280 -14.81 14.50 37.99
N ARG C 281 -14.52 14.50 39.30
CA ARG C 281 -13.35 13.81 39.85
C ARG C 281 -13.83 12.92 40.99
N PRO C 282 -14.45 11.78 40.70
CA PRO C 282 -14.88 10.87 41.76
C PRO C 282 -13.71 10.08 42.33
N GLY C 283 -13.94 9.55 43.53
CA GLY C 283 -12.94 8.76 44.22
C GLY C 283 -12.12 9.51 45.24
N GLU C 284 -12.10 10.84 45.17
CA GLU C 284 -11.40 11.66 46.16
C GLU C 284 -12.41 12.40 47.03
N PRO C 285 -12.06 12.73 48.27
CA PRO C 285 -13.05 13.27 49.21
C PRO C 285 -13.53 14.64 48.76
N PRO C 286 -14.82 14.79 48.45
CA PRO C 286 -15.31 16.12 48.04
C PRO C 286 -15.08 17.15 49.13
N THR C 287 -14.82 18.38 48.70
CA THR C 287 -14.55 19.49 49.61
C THR C 287 -15.26 20.72 49.07
N LYS C 288 -14.94 21.88 49.63
CA LYS C 288 -15.33 23.14 49.03
C LYS C 288 -14.20 23.76 48.22
N GLU C 289 -12.94 23.62 48.66
CA GLU C 289 -11.83 24.21 47.92
C GLU C 289 -11.70 23.58 46.54
N SER C 290 -11.64 22.25 46.51
CA SER C 290 -11.45 21.49 45.27
C SER C 290 -12.73 21.35 44.47
N ALA C 291 -13.83 21.94 44.94
CA ALA C 291 -15.03 22.08 44.13
C ALA C 291 -15.03 23.35 43.30
N GLN C 292 -14.56 24.47 43.86
CA GLN C 292 -14.50 25.75 43.16
C GLN C 292 -13.28 25.82 42.25
N THR C 293 -12.10 25.62 42.85
CA THR C 293 -10.89 25.80 42.07
C THR C 293 -10.84 24.73 40.98
N LEU C 294 -11.57 23.63 41.17
CA LEU C 294 -11.72 22.63 40.11
C LEU C 294 -12.17 23.28 38.81
N LEU C 295 -13.36 23.86 38.81
CA LEU C 295 -13.87 24.50 37.60
C LEU C 295 -12.99 25.68 37.18
N GLU C 296 -12.55 26.49 38.15
CA GLU C 296 -11.77 27.67 37.80
C GLU C 296 -10.50 27.28 37.05
N ASN C 297 -9.86 26.18 37.45
CA ASN C 297 -8.69 25.69 36.75
C ASN C 297 -9.06 24.98 35.46
N LEU C 298 -10.21 24.31 35.42
CA LEU C 298 -10.57 23.54 34.24
C LEU C 298 -10.82 24.45 33.04
N PHE C 299 -11.43 25.62 33.26
CA PHE C 299 -11.82 26.46 32.14
C PHE C 299 -11.15 27.82 32.13
N PHE C 300 -11.13 28.54 33.25
CA PHE C 300 -10.78 29.94 33.27
C PHE C 300 -9.34 30.20 33.71
N LYS C 301 -8.49 29.18 33.68
CA LYS C 301 -7.07 29.32 33.90
C LYS C 301 -6.32 28.91 32.64
N GLU C 302 -5.38 29.75 32.21
CA GLU C 302 -4.63 29.47 30.99
C GLU C 302 -3.77 28.23 31.09
N LYS C 303 -3.56 27.70 32.30
CA LYS C 303 -2.72 26.52 32.47
C LYS C 303 -3.24 25.35 31.65
N ARG C 304 -4.56 25.19 31.56
CA ARG C 304 -5.16 23.99 31.01
C ARG C 304 -6.18 24.22 29.91
N TYR C 305 -6.57 25.46 29.63
CA TYR C 305 -7.62 25.72 28.64
C TYR C 305 -7.23 26.87 27.72
N ASP C 306 -6.04 26.79 27.13
CA ASP C 306 -5.62 27.80 26.16
C ASP C 306 -6.46 27.66 24.89
N LEU C 307 -7.23 28.70 24.56
CA LEU C 307 -7.98 28.72 23.31
C LEU C 307 -7.13 29.12 22.12
N ALA C 308 -5.94 29.68 22.34
CA ALA C 308 -5.13 30.25 21.28
C ALA C 308 -5.79 31.50 20.71
N ARG C 309 -4.99 32.33 20.03
CA ARG C 309 -5.49 33.58 19.52
C ARG C 309 -6.63 33.36 18.53
N VAL C 310 -6.46 32.40 17.62
CA VAL C 310 -7.51 32.14 16.64
C VAL C 310 -8.78 31.68 17.33
N GLY C 311 -8.65 30.82 18.33
CA GLY C 311 -9.85 30.32 19.01
C GLY C 311 -10.61 31.43 19.71
N ARG C 312 -9.90 32.27 20.47
CA ARG C 312 -10.58 33.35 21.17
C ARG C 312 -11.17 34.35 20.19
N TYR C 313 -10.45 34.66 19.10
CA TYR C 313 -10.97 35.59 18.10
C TYR C 313 -12.23 35.03 17.46
N LYS C 314 -12.24 33.73 17.16
CA LYS C 314 -13.44 33.12 16.57
C LYS C 314 -14.61 33.16 17.53
N VAL C 315 -14.38 32.86 18.81
CA VAL C 315 -15.47 32.92 19.78
C VAL C 315 -16.02 34.34 19.87
N ASN C 316 -15.13 35.33 19.94
CA ASN C 316 -15.58 36.71 20.04
C ASN C 316 -16.38 37.13 18.83
N LYS C 317 -15.89 36.78 17.63
CA LYS C 317 -16.60 37.17 16.40
C LYS C 317 -17.95 36.47 16.32
N LYS C 318 -18.00 35.18 16.66
CA LYS C 318 -19.26 34.45 16.56
C LYS C 318 -20.29 34.99 17.53
N LEU C 319 -19.87 35.28 18.77
CA LEU C 319 -20.79 35.77 19.78
C LEU C 319 -20.83 37.30 19.86
N GLY C 320 -19.91 37.99 19.19
CA GLY C 320 -19.91 39.44 19.21
C GLY C 320 -19.70 40.02 20.59
N LEU C 321 -18.72 39.51 21.32
CA LEU C 321 -18.48 39.93 22.70
C LEU C 321 -17.49 41.10 22.76
N HIS C 322 -16.28 40.90 22.26
CA HIS C 322 -15.22 41.88 22.39
C HIS C 322 -14.67 42.26 21.02
N VAL C 323 -15.59 42.58 20.10
CA VAL C 323 -15.19 42.83 18.70
C VAL C 323 -14.13 43.93 18.65
N GLY C 324 -14.35 45.03 19.37
CA GLY C 324 -13.45 46.16 19.27
C GLY C 324 -12.08 45.92 19.87
N GLU C 325 -12.03 45.30 21.04
CA GLU C 325 -10.79 45.21 21.78
C GLU C 325 -9.79 44.28 21.08
N PRO C 326 -8.49 44.52 21.23
CA PRO C 326 -7.50 43.53 20.78
C PRO C 326 -7.67 42.23 21.53
N ILE C 327 -6.87 41.23 21.13
CA ILE C 327 -6.97 39.88 21.68
C ILE C 327 -5.80 39.65 22.63
N THR C 328 -6.12 39.10 23.80
CA THR C 328 -5.13 38.69 24.78
C THR C 328 -5.85 37.87 25.83
N SER C 329 -5.09 37.02 26.54
CA SER C 329 -5.64 36.14 27.56
C SER C 329 -6.73 35.23 26.96
N SER C 330 -6.26 34.35 26.07
CA SER C 330 -7.16 33.46 25.34
C SER C 330 -8.09 32.66 26.24
N THR C 331 -7.75 32.51 27.52
CA THR C 331 -8.61 31.79 28.46
C THR C 331 -10.03 32.35 28.44
N LEU C 332 -10.98 31.55 28.88
CA LEU C 332 -12.39 31.91 28.79
C LEU C 332 -12.81 32.82 29.94
N THR C 333 -14.05 33.29 29.87
CA THR C 333 -14.72 33.93 30.99
C THR C 333 -16.12 33.34 31.09
N GLU C 334 -16.69 33.39 32.30
CA GLU C 334 -18.04 32.88 32.48
C GLU C 334 -19.02 33.56 31.53
N GLU C 335 -18.73 34.81 31.15
CA GLU C 335 -19.54 35.50 30.16
C GLU C 335 -19.60 34.71 28.86
N ASP C 336 -18.48 34.13 28.44
CA ASP C 336 -18.46 33.38 27.18
C ASP C 336 -19.38 32.17 27.25
N VAL C 337 -19.31 31.41 28.34
CA VAL C 337 -20.16 30.23 28.47
C VAL C 337 -21.63 30.63 28.55
N VAL C 338 -21.93 31.69 29.31
CA VAL C 338 -23.30 32.16 29.42
C VAL C 338 -23.82 32.57 28.04
N ALA C 339 -23.02 33.30 27.27
CA ALA C 339 -23.43 33.71 25.94
C ALA C 339 -23.61 32.51 25.03
N THR C 340 -22.76 31.49 25.16
CA THR C 340 -22.92 30.28 24.36
C THR C 340 -24.25 29.59 24.67
N ILE C 341 -24.59 29.48 25.95
CA ILE C 341 -25.86 28.86 26.33
C ILE C 341 -27.03 29.67 25.79
N GLU C 342 -26.96 31.00 25.94
CA GLU C 342 -28.03 31.86 25.44
C GLU C 342 -28.18 31.71 23.94
N TYR C 343 -27.06 31.64 23.21
CA TYR C 343 -27.11 31.48 21.77
C TYR C 343 -27.75 30.15 21.39
N LEU C 344 -27.35 29.07 22.06
CA LEU C 344 -27.93 27.77 21.75
C LEU C 344 -29.43 27.79 21.97
N VAL C 345 -29.87 28.38 23.08
CA VAL C 345 -31.29 28.38 23.39
C VAL C 345 -32.05 29.26 22.40
N ARG C 346 -31.49 30.41 22.05
CA ARG C 346 -32.14 31.27 21.06
C ARG C 346 -32.25 30.55 19.72
N LEU C 347 -31.20 29.82 19.33
CA LEU C 347 -31.26 29.05 18.10
C LEU C 347 -32.35 27.99 18.16
N HIS C 348 -32.47 27.31 19.29
CA HIS C 348 -33.53 26.31 19.43
C HIS C 348 -34.91 26.95 19.33
N GLU C 349 -35.08 28.13 19.94
CA GLU C 349 -36.35 28.84 19.83
C GLU C 349 -36.64 29.21 18.39
N GLY C 350 -35.63 29.64 17.65
CA GLY C 350 -35.78 30.01 16.25
C GLY C 350 -35.52 31.48 15.99
N GLN C 351 -34.77 32.12 16.88
CA GLN C 351 -34.47 33.52 16.72
C GLN C 351 -33.48 33.72 15.58
N THR C 352 -33.31 34.99 15.18
CA THR C 352 -32.44 35.36 14.07
C THR C 352 -31.21 36.16 14.51
N THR C 353 -31.32 36.94 15.58
CA THR C 353 -30.21 37.74 16.07
C THR C 353 -30.35 37.93 17.57
N MET C 354 -29.21 38.01 18.25
CA MET C 354 -29.16 38.29 19.68
C MET C 354 -28.14 39.38 19.93
N THR C 355 -28.39 40.17 20.97
CA THR C 355 -27.50 41.27 21.35
C THR C 355 -27.07 41.04 22.80
N VAL C 356 -25.88 40.46 22.98
CA VAL C 356 -25.37 40.27 24.34
C VAL C 356 -25.16 41.64 24.98
N PRO C 357 -25.45 41.82 26.27
CA PRO C 357 -25.17 43.13 26.89
C PRO C 357 -23.70 43.49 26.75
N GLY C 358 -23.45 44.65 26.16
CA GLY C 358 -22.10 45.07 25.88
C GLY C 358 -21.45 44.36 24.70
N GLY C 359 -22.25 43.75 23.83
CA GLY C 359 -21.73 43.07 22.66
C GLY C 359 -22.55 43.34 21.42
N VAL C 360 -21.88 43.44 20.26
CA VAL C 360 -22.58 43.70 19.01
C VAL C 360 -23.44 42.50 18.65
N GLU C 361 -24.62 42.77 18.08
CA GLU C 361 -25.55 41.71 17.75
C GLU C 361 -24.99 40.85 16.61
N VAL C 362 -25.26 39.55 16.68
CA VAL C 362 -24.78 38.61 15.68
C VAL C 362 -25.93 37.71 15.27
N PRO C 363 -25.87 37.14 14.07
CA PRO C 363 -26.98 36.31 13.60
C PRO C 363 -26.93 34.90 14.17
N VAL C 364 -28.08 34.39 14.57
CA VAL C 364 -28.18 33.05 15.14
C VAL C 364 -28.34 32.05 14.01
N GLU C 365 -27.37 31.16 13.86
CA GLU C 365 -27.39 30.17 12.79
C GLU C 365 -26.39 29.08 13.11
N THR C 366 -26.63 27.90 12.55
CA THR C 366 -25.75 26.76 12.76
C THR C 366 -24.45 26.95 11.98
N ASP C 367 -23.39 26.30 12.47
CA ASP C 367 -22.07 26.37 11.86
C ASP C 367 -21.80 25.12 11.04
N ASP C 368 -20.96 25.29 10.01
CA ASP C 368 -20.53 24.20 9.15
C ASP C 368 -19.05 23.95 9.40
N ILE C 369 -18.71 22.71 9.76
CA ILE C 369 -17.34 22.41 10.17
C ILE C 369 -16.38 22.47 8.98
N ASP C 370 -16.85 22.14 7.77
CA ASP C 370 -15.99 22.11 6.60
C ASP C 370 -15.86 23.45 5.91
N HIS C 371 -16.66 24.44 6.29
CA HIS C 371 -16.54 25.77 5.69
C HIS C 371 -15.14 26.32 5.94
N PHE C 372 -14.57 26.97 4.92
CA PHE C 372 -13.22 27.50 5.05
C PHE C 372 -13.14 28.73 5.94
N GLY C 373 -14.26 29.14 6.55
CA GLY C 373 -14.23 30.00 7.70
C GLY C 373 -14.01 29.26 8.99
N ASN C 374 -13.95 27.92 8.92
CA ASN C 374 -13.71 27.07 10.07
C ASN C 374 -12.54 26.11 9.87
N ARG C 375 -12.06 25.93 8.65
CA ARG C 375 -10.85 25.16 8.37
C ARG C 375 -9.69 26.15 8.26
N ARG C 376 -8.77 26.09 9.20
CA ARG C 376 -7.62 26.98 9.23
C ARG C 376 -6.36 26.21 8.86
N LEU C 377 -5.37 26.95 8.35
CA LEU C 377 -4.11 26.38 7.90
C LEU C 377 -3.06 26.56 8.98
N ARG C 378 -2.53 25.44 9.46
CA ARG C 378 -1.29 25.43 10.25
C ARG C 378 -0.16 25.37 9.24
N THR C 379 0.39 26.54 8.90
CA THR C 379 1.50 26.61 7.98
C THR C 379 2.77 26.09 8.65
N VAL C 380 3.87 26.13 7.91
CA VAL C 380 5.14 25.67 8.47
C VAL C 380 5.46 26.42 9.75
N GLY C 381 5.25 27.73 9.77
CA GLY C 381 5.52 28.50 10.96
C GLY C 381 4.71 28.02 12.15
N GLU C 382 3.42 27.75 11.94
CA GLU C 382 2.57 27.30 13.04
C GLU C 382 3.04 25.96 13.59
N LEU C 383 3.36 25.01 12.71
CA LEU C 383 3.80 23.69 13.16
C LEU C 383 5.12 23.79 13.93
N ILE C 384 6.08 24.53 13.38
CA ILE C 384 7.36 24.67 14.07
C ILE C 384 7.17 25.38 15.40
N GLN C 385 6.30 26.38 15.44
CA GLN C 385 6.05 27.08 16.70
C GLN C 385 5.41 26.16 17.73
N ASN C 386 4.49 25.31 17.30
CA ASN C 386 3.87 24.38 18.24
C ASN C 386 4.89 23.40 18.79
N GLN C 387 5.81 22.92 17.94
CA GLN C 387 6.86 22.04 18.44
C GLN C 387 7.81 22.76 19.38
N ILE C 388 8.16 24.01 19.05
CA ILE C 388 8.95 24.82 19.97
C ILE C 388 8.21 24.98 21.30
N ARG C 389 6.90 25.14 21.24
CA ARG C 389 6.10 25.31 22.44
C ARG C 389 6.12 24.06 23.30
N VAL C 390 6.00 22.88 22.68
CA VAL C 390 6.07 21.64 23.44
C VAL C 390 7.45 21.50 24.09
N GLY C 391 8.51 21.75 23.31
CA GLY C 391 9.84 21.67 23.86
C GLY C 391 10.07 22.66 24.99
N MET C 392 9.53 23.88 24.84
CA MET C 392 9.68 24.88 25.88
C MET C 392 8.87 24.52 27.11
N SER C 393 7.72 23.88 26.95
CA SER C 393 6.99 23.38 28.11
C SER C 393 7.80 22.33 28.87
N ARG C 394 8.44 21.42 28.13
CA ARG C 394 9.29 20.42 28.78
C ARG C 394 10.46 21.08 29.52
N MET C 395 11.13 22.03 28.85
CA MET C 395 12.22 22.75 29.49
C MET C 395 11.73 23.51 30.71
N GLU C 396 10.54 24.08 30.61
CA GLU C 396 9.93 24.80 31.72
C GLU C 396 9.72 23.88 32.91
N ARG C 397 9.23 22.67 32.64
CA ARG C 397 8.97 21.71 33.69
C ARG C 397 10.26 21.26 34.36
N VAL C 398 11.30 21.00 33.58
CA VAL C 398 12.56 20.59 34.20
C VAL C 398 13.16 21.74 35.00
N VAL C 399 13.00 22.98 34.50
CA VAL C 399 13.47 24.15 35.24
C VAL C 399 12.78 24.22 36.60
N ARG C 400 11.45 24.10 36.59
CA ARG C 400 10.71 24.17 37.85
C ARG C 400 11.10 23.04 38.79
N GLU C 401 11.24 21.83 38.25
CA GLU C 401 11.58 20.69 39.08
C GLU C 401 12.94 20.88 39.75
N ARG C 402 13.93 21.37 39.00
CA ARG C 402 15.26 21.55 39.58
C ARG C 402 15.30 22.75 40.51
N MET C 403 14.43 23.74 40.28
CA MET C 403 14.50 24.98 41.07
C MET C 403 14.40 24.71 42.56
N THR C 404 13.65 23.69 42.98
CA THR C 404 13.58 23.35 44.40
C THR C 404 14.96 22.95 44.92
N THR C 405 15.70 22.16 44.16
CA THR C 405 17.02 21.70 44.55
C THR C 405 18.14 22.64 44.08
N GLN C 406 17.83 23.91 43.86
CA GLN C 406 18.80 24.90 43.43
C GLN C 406 19.22 25.74 44.62
N ASP C 407 20.52 25.81 44.87
CA ASP C 407 21.04 26.65 45.95
C ASP C 407 20.85 28.11 45.60
N VAL C 408 20.17 28.84 46.49
CA VAL C 408 19.88 30.25 46.22
C VAL C 408 21.17 31.04 46.11
N GLU C 409 21.19 32.00 45.17
CA GLU C 409 22.31 32.86 44.87
C GLU C 409 23.47 32.13 44.20
N ALA C 410 23.39 30.82 44.02
CA ALA C 410 24.41 30.04 43.33
C ALA C 410 23.99 29.70 41.90
N ILE C 411 22.87 30.24 41.43
CA ILE C 411 22.26 29.83 40.17
C ILE C 411 22.19 31.02 39.22
N THR C 412 22.47 30.75 37.95
CA THR C 412 22.36 31.69 36.85
C THR C 412 21.55 31.04 35.75
N PRO C 413 20.89 31.83 34.90
CA PRO C 413 20.06 31.22 33.85
C PRO C 413 20.78 30.21 32.99
N GLN C 414 22.06 30.44 32.69
CA GLN C 414 22.82 29.49 31.87
C GLN C 414 22.87 28.12 32.53
N THR C 415 23.11 28.08 33.85
CA THR C 415 23.13 26.82 34.59
C THR C 415 21.75 26.44 35.10
N LEU C 416 20.72 27.22 34.79
CA LEU C 416 19.35 26.90 35.16
C LEU C 416 18.51 26.41 33.98
N ILE C 417 18.97 26.64 32.75
CA ILE C 417 18.23 26.31 31.55
C ILE C 417 18.87 25.07 30.92
N ASN C 418 18.04 24.11 30.53
CA ASN C 418 18.49 22.93 29.81
C ASN C 418 17.84 22.94 28.43
N ILE C 419 18.66 23.14 27.39
CA ILE C 419 18.12 23.29 26.04
C ILE C 419 17.81 21.96 25.37
N ARG C 420 18.28 20.86 25.95
CA ARG C 420 18.13 19.54 25.31
C ARG C 420 16.69 19.21 24.93
N PRO C 421 15.68 19.42 25.77
CA PRO C 421 14.32 19.11 25.33
C PRO C 421 13.88 19.88 24.10
N VAL C 422 14.27 21.16 23.99
CA VAL C 422 13.83 21.97 22.86
C VAL C 422 14.45 21.45 21.57
N VAL C 423 15.77 21.24 21.57
CA VAL C 423 16.44 20.76 20.37
C VAL C 423 15.95 19.36 20.03
N ALA C 424 15.69 18.54 21.04
CA ALA C 424 15.17 17.20 20.78
C ALA C 424 13.81 17.26 20.12
N ALA C 425 12.92 18.14 20.59
CA ALA C 425 11.62 18.28 19.97
C ALA C 425 11.73 18.76 18.53
N ILE C 426 12.59 19.75 18.28
CA ILE C 426 12.75 20.26 16.92
C ILE C 426 13.28 19.17 16.00
N LYS C 427 14.30 18.44 16.46
CA LYS C 427 14.90 17.40 15.64
C LYS C 427 13.92 16.27 15.38
N GLU C 428 13.13 15.87 16.39
CA GLU C 428 12.15 14.82 16.17
C GLU C 428 10.98 15.30 15.34
N PHE C 429 10.77 16.61 15.24
CA PHE C 429 9.77 17.11 14.30
C PHE C 429 10.29 17.07 12.88
N PHE C 430 11.39 17.76 12.61
CA PHE C 430 11.87 17.85 11.23
C PHE C 430 12.22 16.49 10.65
N GLY C 431 12.43 15.49 11.49
CA GLY C 431 12.56 14.12 11.04
C GLY C 431 11.57 13.21 11.75
N THR C 432 10.84 12.40 11.00
CA THR C 432 9.83 11.45 11.46
C THR C 432 8.49 12.11 11.79
N SER C 433 8.36 13.43 11.71
CA SER C 433 7.03 14.03 11.72
C SER C 433 6.42 13.89 10.33
N GLN C 434 5.13 13.61 10.31
CA GLN C 434 4.51 13.28 9.03
C GLN C 434 4.32 14.50 8.15
N LEU C 435 4.21 15.69 8.75
CA LEU C 435 4.09 16.92 7.97
C LEU C 435 5.44 17.46 7.52
N SER C 436 6.53 16.84 7.94
CA SER C 436 7.87 17.16 7.43
C SER C 436 8.21 16.06 6.42
N GLN C 437 7.78 16.26 5.18
CA GLN C 437 7.83 15.22 4.17
C GLN C 437 9.09 15.33 3.32
N PHE C 438 9.52 14.17 2.82
CA PHE C 438 10.65 14.11 1.91
C PHE C 438 10.32 14.89 0.65
N MET C 439 11.15 15.89 0.34
CA MET C 439 10.89 16.76 -0.80
C MET C 439 10.72 15.92 -2.07
N ASP C 440 9.67 16.21 -2.81
CA ASP C 440 9.31 15.47 -4.01
C ASP C 440 9.83 16.26 -5.22
N GLN C 441 11.04 15.92 -5.67
CA GLN C 441 11.64 16.56 -6.82
C GLN C 441 11.83 15.50 -7.92
N ASN C 442 10.75 15.28 -8.67
CA ASN C 442 10.87 14.66 -9.99
C ASN C 442 11.22 15.72 -11.02
N ASN C 443 10.66 16.91 -10.84
CA ASN C 443 10.87 18.04 -11.75
C ASN C 443 10.53 19.31 -10.97
N PRO C 444 10.82 20.49 -11.52
CA PRO C 444 10.51 21.71 -10.79
C PRO C 444 9.05 21.83 -10.37
N LEU C 445 8.12 21.36 -11.22
CA LEU C 445 6.71 21.46 -10.88
C LEU C 445 6.37 20.57 -9.70
N SER C 446 6.96 19.37 -9.62
CA SER C 446 6.67 18.49 -8.50
C SER C 446 7.10 19.12 -7.19
N GLY C 447 8.28 19.73 -7.15
CA GLY C 447 8.71 20.42 -5.95
C GLY C 447 7.83 21.61 -5.62
N LEU C 448 7.48 22.40 -6.64
CA LEU C 448 6.63 23.57 -6.40
C LEU C 448 5.29 23.18 -5.83
N THR C 449 4.69 22.10 -6.35
CA THR C 449 3.39 21.66 -5.87
C THR C 449 3.46 20.83 -4.59
N HIS C 450 4.64 20.33 -4.22
CA HIS C 450 4.78 19.78 -2.87
C HIS C 450 4.67 20.89 -1.84
N LYS C 451 5.28 22.05 -2.11
CA LYS C 451 4.85 23.28 -1.48
C LYS C 451 3.47 23.65 -2.01
N ARG C 452 2.80 24.55 -1.30
CA ARG C 452 1.42 24.91 -1.64
C ARG C 452 0.48 23.72 -1.52
N ARG C 453 0.87 22.70 -0.77
CA ARG C 453 0.04 21.52 -0.55
C ARG C 453 -0.56 21.58 0.83
N LEU C 454 -1.88 21.42 0.91
CA LEU C 454 -2.62 21.45 2.16
C LEU C 454 -3.13 20.05 2.44
N SER C 455 -2.56 19.40 3.44
CA SER C 455 -2.93 18.04 3.80
C SER C 455 -3.81 18.06 5.04
N ALA C 456 -4.98 17.43 4.94
CA ALA C 456 -5.95 17.40 6.03
C ALA C 456 -5.70 16.28 7.01
N LEU C 457 -4.46 15.78 7.10
CA LEU C 457 -4.13 14.67 7.97
C LEU C 457 -2.73 14.85 8.53
N GLY C 458 -2.50 14.27 9.70
CA GLY C 458 -1.24 14.42 10.40
C GLY C 458 -1.46 14.51 11.90
N PRO C 459 -0.48 15.06 12.62
CA PRO C 459 -0.66 15.23 14.07
C PRO C 459 -1.78 16.22 14.36
N GLY C 460 -2.78 15.77 15.11
CA GLY C 460 -3.93 16.60 15.39
C GLY C 460 -4.83 16.86 14.20
N GLY C 461 -4.80 15.96 13.21
CA GLY C 461 -5.64 16.10 12.04
C GLY C 461 -6.33 14.79 11.71
N LEU C 462 -7.29 14.88 10.80
CA LEU C 462 -8.05 13.70 10.42
C LEU C 462 -7.14 12.60 9.90
N SER C 463 -7.40 11.37 10.31
CA SER C 463 -6.70 10.22 9.76
C SER C 463 -7.57 9.56 8.70
N ARG C 464 -6.91 8.94 7.71
CA ARG C 464 -7.62 8.37 6.58
C ARG C 464 -8.75 7.46 7.02
N GLU C 465 -8.52 6.65 8.05
CA GLU C 465 -9.55 5.74 8.53
C GLU C 465 -10.64 6.50 9.27
N ARG C 466 -10.27 7.34 10.24
CA ARG C 466 -11.25 8.09 11.00
C ARG C 466 -11.87 9.23 10.19
N ALA C 467 -11.25 9.63 9.09
CA ALA C 467 -11.82 10.68 8.25
C ALA C 467 -13.05 10.17 7.53
N GLY C 468 -14.18 10.86 7.70
CA GLY C 468 -15.41 10.44 7.09
C GLY C 468 -15.41 10.62 5.59
N LEU C 469 -16.60 10.67 4.99
CA LEU C 469 -16.76 10.90 3.56
C LEU C 469 -17.21 12.31 3.24
N GLU C 470 -17.56 13.12 4.24
CA GLU C 470 -18.02 14.48 4.01
C GLU C 470 -16.89 15.50 3.98
N VAL C 471 -15.71 15.13 4.48
CA VAL C 471 -14.58 16.06 4.45
C VAL C 471 -13.85 15.96 3.11
N ARG C 472 -13.96 14.82 2.42
CA ARG C 472 -13.28 14.64 1.14
C ARG C 472 -13.98 15.38 0.01
N ASP C 473 -15.24 15.74 0.16
CA ASP C 473 -15.98 16.36 -0.92
C ASP C 473 -15.52 17.81 -1.12
N VAL C 474 -16.00 18.41 -2.20
CA VAL C 474 -15.71 19.80 -2.51
C VAL C 474 -16.80 20.67 -1.94
N HIS C 475 -16.39 21.74 -1.27
CA HIS C 475 -17.30 22.69 -0.65
C HIS C 475 -17.35 23.99 -1.46
N PRO C 476 -18.49 24.69 -1.49
CA PRO C 476 -18.51 25.96 -2.22
C PRO C 476 -17.47 26.96 -1.74
N SER C 477 -17.04 26.87 -0.49
CA SER C 477 -16.04 27.79 0.03
C SER C 477 -14.64 27.53 -0.52
N HIS C 478 -14.44 26.40 -1.21
CA HIS C 478 -13.11 26.10 -1.76
C HIS C 478 -12.76 26.99 -2.94
N TYR C 479 -13.76 27.61 -3.57
CA TYR C 479 -13.51 28.40 -4.77
C TYR C 479 -12.52 29.51 -4.51
N GLY C 480 -11.34 29.44 -5.13
CA GLY C 480 -10.32 30.44 -4.96
C GLY C 480 -9.38 30.20 -3.80
N ARG C 481 -9.71 29.27 -2.91
CA ARG C 481 -8.87 28.97 -1.75
C ARG C 481 -8.22 27.60 -1.82
N MET C 482 -8.76 26.68 -2.61
CA MET C 482 -8.19 25.34 -2.73
C MET C 482 -8.66 24.73 -4.03
N CYS C 483 -7.75 24.06 -4.72
CA CYS C 483 -8.06 23.53 -6.03
C CYS C 483 -9.07 22.40 -5.92
N PRO C 484 -10.19 22.43 -6.65
CA PRO C 484 -11.10 21.29 -6.66
C PRO C 484 -10.64 20.14 -7.55
N ILE C 485 -9.63 20.36 -8.39
CA ILE C 485 -9.21 19.36 -9.37
C ILE C 485 -7.99 18.61 -8.84
N GLU C 486 -6.88 19.32 -8.61
CA GLU C 486 -5.65 18.66 -8.22
C GLU C 486 -5.82 18.00 -6.86
N THR C 487 -5.65 16.69 -6.83
CA THR C 487 -5.88 15.91 -5.63
C THR C 487 -5.42 14.47 -5.86
N PRO C 488 -4.86 13.78 -4.87
CA PRO C 488 -4.49 12.38 -5.09
C PRO C 488 -5.70 11.53 -5.46
N GLU C 489 -5.47 10.54 -6.32
CA GLU C 489 -6.53 9.67 -6.80
C GLU C 489 -6.58 8.34 -6.06
N GLY C 490 -5.68 8.11 -5.11
CA GLY C 490 -5.68 6.88 -4.35
C GLY C 490 -6.60 6.96 -3.15
N PRO C 491 -6.18 6.36 -2.01
CA PRO C 491 -6.97 6.51 -0.79
C PRO C 491 -6.61 7.78 -0.04
N ASN C 492 -6.47 8.88 -0.78
CA ASN C 492 -6.19 10.18 -0.19
C ASN C 492 -7.00 11.29 -0.86
N ILE C 493 -7.92 10.94 -1.75
CA ILE C 493 -8.69 11.95 -2.47
C ILE C 493 -9.46 12.78 -1.46
N GLY C 494 -9.25 14.10 -1.50
CA GLY C 494 -9.94 15.04 -0.67
C GLY C 494 -9.18 15.43 0.58
N LEU C 495 -8.37 14.53 1.13
CA LEU C 495 -7.59 14.84 2.31
C LEU C 495 -6.39 15.72 1.99
N ILE C 496 -5.87 15.62 0.77
CA ILE C 496 -4.74 16.43 0.32
C ILE C 496 -5.18 17.23 -0.89
N GLY C 497 -4.95 18.55 -0.84
CA GLY C 497 -5.26 19.42 -1.95
C GLY C 497 -4.12 20.40 -2.18
N SER C 498 -4.31 21.26 -3.17
CA SER C 498 -3.31 22.24 -3.54
C SER C 498 -3.89 23.64 -3.46
N LEU C 499 -3.12 24.55 -2.87
CA LEU C 499 -3.55 25.94 -2.76
C LEU C 499 -3.68 26.57 -4.15
N SER C 500 -4.74 27.35 -4.33
CA SER C 500 -4.98 28.00 -5.61
C SER C 500 -3.87 29.00 -5.90
N VAL C 501 -3.89 29.54 -7.13
CA VAL C 501 -2.78 30.38 -7.57
C VAL C 501 -2.75 31.69 -6.79
N TYR C 502 -3.89 32.35 -6.66
CA TYR C 502 -3.97 33.67 -6.05
C TYR C 502 -4.25 33.61 -4.55
N ALA C 503 -4.42 32.43 -3.98
CA ALA C 503 -4.81 32.33 -2.58
C ALA C 503 -3.70 32.84 -1.67
N ARG C 504 -4.10 33.39 -0.53
CA ARG C 504 -3.20 33.94 0.47
C ARG C 504 -3.70 33.48 1.83
N VAL C 505 -2.79 33.47 2.80
CA VAL C 505 -3.10 32.96 4.13
C VAL C 505 -3.24 34.15 5.08
N ASN C 506 -4.40 34.21 5.75
CA ASN C 506 -4.65 35.22 6.76
C ASN C 506 -3.62 35.07 7.89
N PRO C 507 -3.24 36.17 8.54
CA PRO C 507 -2.42 36.03 9.75
C PRO C 507 -2.97 35.03 10.76
N PHE C 508 -4.28 34.84 10.79
CA PHE C 508 -4.89 33.89 11.72
C PHE C 508 -4.89 32.46 11.20
N GLY C 509 -4.44 32.22 9.97
CA GLY C 509 -4.37 30.89 9.40
C GLY C 509 -5.43 30.59 8.36
N PHE C 510 -6.44 31.45 8.20
CA PHE C 510 -7.44 31.22 7.17
C PHE C 510 -6.89 31.64 5.82
N ILE C 511 -7.55 31.17 4.76
CA ILE C 511 -7.09 31.38 3.40
C ILE C 511 -7.93 32.48 2.76
N GLU C 512 -7.27 33.55 2.32
CA GLU C 512 -7.91 34.67 1.65
C GLU C 512 -7.75 34.55 0.14
N THR C 513 -8.64 35.21 -0.58
CA THR C 513 -8.63 35.20 -2.03
C THR C 513 -8.96 36.61 -2.52
N PRO C 514 -8.33 37.08 -3.59
CA PRO C 514 -8.57 38.44 -4.06
C PRO C 514 -9.85 38.58 -4.86
N TYR C 515 -10.43 39.78 -4.79
CA TYR C 515 -11.65 40.13 -5.51
C TYR C 515 -11.60 41.60 -5.85
N ARG C 516 -12.18 41.94 -6.99
CA ARG C 516 -12.25 43.33 -7.42
C ARG C 516 -13.51 43.97 -6.85
N LYS C 517 -13.34 45.02 -6.05
CA LYS C 517 -14.48 45.72 -5.47
C LYS C 517 -15.23 46.44 -6.57
N VAL C 518 -16.46 46.03 -6.84
CA VAL C 518 -17.29 46.66 -7.86
C VAL C 518 -18.30 47.53 -7.12
N VAL C 519 -18.32 48.82 -7.43
CA VAL C 519 -19.05 49.82 -6.65
C VAL C 519 -20.08 50.48 -7.55
N ASP C 520 -21.35 50.43 -7.15
CA ASP C 520 -22.43 51.03 -7.92
C ASP C 520 -22.49 50.43 -9.33
N GLY C 521 -22.31 49.11 -9.40
CA GLY C 521 -22.29 48.42 -10.67
C GLY C 521 -21.02 48.68 -11.47
N VAL C 522 -20.09 49.44 -10.89
CA VAL C 522 -18.88 49.85 -11.58
C VAL C 522 -17.72 49.00 -11.06
N VAL C 523 -17.21 48.11 -11.91
CA VAL C 523 -16.04 47.33 -11.56
C VAL C 523 -14.85 48.25 -11.37
N SER C 524 -13.95 47.90 -10.46
CA SER C 524 -12.81 48.72 -10.12
C SER C 524 -11.55 47.88 -10.24
N ASP C 525 -10.44 48.43 -9.74
CA ASP C 525 -9.19 47.69 -9.62
C ASP C 525 -8.83 47.35 -8.18
N GLU C 526 -9.43 48.03 -7.20
CA GLU C 526 -9.15 47.76 -5.80
C GLU C 526 -9.36 46.29 -5.51
N ILE C 527 -8.28 45.59 -5.18
CA ILE C 527 -8.33 44.15 -4.93
C ILE C 527 -8.37 43.95 -3.42
N VAL C 528 -9.52 43.50 -2.93
CA VAL C 528 -9.70 43.17 -1.52
C VAL C 528 -9.52 41.67 -1.38
N TYR C 529 -8.74 41.27 -0.37
CA TYR C 529 -8.53 39.86 -0.08
C TYR C 529 -9.56 39.44 0.97
N LEU C 530 -10.53 38.63 0.56
CA LEU C 530 -11.61 38.19 1.43
C LEU C 530 -11.39 36.74 1.81
N THR C 531 -11.66 36.43 3.08
CA THR C 531 -11.75 35.04 3.52
C THR C 531 -13.14 34.50 3.22
N ALA C 532 -13.33 33.21 3.48
CA ALA C 532 -14.59 32.56 3.11
C ALA C 532 -15.79 33.24 3.78
N ASP C 533 -15.67 33.54 5.07
CA ASP C 533 -16.76 34.17 5.79
C ASP C 533 -17.18 35.47 5.12
N GLU C 534 -16.23 36.36 4.84
CA GLU C 534 -16.58 37.64 4.25
C GLU C 534 -17.18 37.46 2.87
N GLU C 535 -16.70 36.45 2.12
CA GLU C 535 -17.28 36.20 0.80
C GLU C 535 -18.74 35.81 0.91
N ASP C 536 -19.08 34.99 1.91
CA ASP C 536 -20.48 34.58 2.05
C ASP C 536 -21.40 35.77 2.26
N ARG C 537 -20.95 36.77 3.01
CA ARG C 537 -21.78 37.94 3.27
C ARG C 537 -21.88 38.88 2.08
N HIS C 538 -21.14 38.62 0.99
CA HIS C 538 -21.14 39.48 -0.17
C HIS C 538 -21.55 38.69 -1.40
N VAL C 539 -22.23 39.38 -2.31
CA VAL C 539 -22.84 38.76 -3.48
C VAL C 539 -21.81 38.86 -4.61
N VAL C 540 -20.90 37.88 -4.65
CA VAL C 540 -19.68 38.00 -5.46
C VAL C 540 -19.97 37.57 -6.89
N ALA C 541 -19.52 38.38 -7.84
CA ALA C 541 -19.76 38.14 -9.27
C ALA C 541 -18.72 37.16 -9.81
N GLN C 542 -18.68 37.03 -11.14
CA GLN C 542 -17.77 36.12 -11.82
C GLN C 542 -16.81 36.91 -12.71
N ALA C 543 -15.65 36.31 -12.98
CA ALA C 543 -14.58 37.02 -13.66
C ALA C 543 -14.95 37.39 -15.09
N ASN C 544 -15.50 36.44 -15.85
CA ASN C 544 -15.77 36.70 -17.26
C ASN C 544 -17.11 37.41 -17.49
N SER C 545 -17.40 38.42 -16.68
CA SER C 545 -18.60 39.21 -16.86
C SER C 545 -18.24 40.42 -17.73
N PRO C 546 -18.78 40.54 -18.93
CA PRO C 546 -18.33 41.62 -19.82
C PRO C 546 -18.50 42.99 -19.17
N ILE C 547 -17.48 43.83 -19.34
CA ILE C 547 -17.47 45.18 -18.79
C ILE C 547 -17.55 46.15 -19.96
N ASP C 548 -18.35 47.19 -19.79
CA ASP C 548 -18.60 48.17 -20.86
C ASP C 548 -17.39 49.07 -21.15
N ALA C 549 -16.25 48.85 -20.53
CA ALA C 549 -15.02 49.65 -20.65
C ALA C 549 -15.13 50.96 -19.87
N ASP C 550 -16.29 51.26 -19.29
CA ASP C 550 -16.44 52.37 -18.36
C ASP C 550 -16.33 51.93 -16.92
N GLY C 551 -15.96 50.67 -16.69
CA GLY C 551 -15.98 50.09 -15.36
C GLY C 551 -17.29 49.46 -14.97
N ARG C 552 -18.34 49.62 -15.78
CA ARG C 552 -19.68 49.18 -15.44
C ARG C 552 -20.05 47.97 -16.29
N PHE C 553 -20.95 47.15 -15.76
CA PHE C 553 -21.39 45.96 -16.49
C PHE C 553 -22.21 46.38 -17.69
N VAL C 554 -21.88 45.82 -18.86
CA VAL C 554 -22.57 46.18 -20.10
C VAL C 554 -23.89 45.45 -20.27
N GLU C 555 -24.28 44.60 -19.32
CA GLU C 555 -25.53 43.87 -19.40
C GLU C 555 -26.15 43.75 -18.01
N PRO C 556 -27.48 43.71 -17.92
CA PRO C 556 -28.11 43.18 -16.71
C PRO C 556 -27.93 41.67 -16.63
N ARG C 557 -28.37 41.05 -15.55
CA ARG C 557 -28.24 39.60 -15.36
C ARG C 557 -26.76 39.18 -15.44
N VAL C 558 -26.01 39.63 -14.43
CA VAL C 558 -24.61 39.27 -14.29
C VAL C 558 -24.50 38.08 -13.34
N LEU C 559 -23.79 37.04 -13.77
CA LEU C 559 -23.69 35.82 -12.98
C LEU C 559 -22.97 36.10 -11.66
N VAL C 560 -23.40 35.41 -10.60
CA VAL C 560 -23.04 35.73 -9.23
C VAL C 560 -23.10 34.47 -8.38
N ARG C 561 -22.44 34.52 -7.21
CA ARG C 561 -22.57 33.51 -6.16
C ARG C 561 -23.07 34.18 -4.88
N ARG C 562 -23.68 33.38 -4.00
CA ARG C 562 -24.22 33.91 -2.75
C ARG C 562 -23.75 33.13 -1.52
N LYS C 563 -24.28 33.49 -0.35
CA LYS C 563 -23.73 33.01 0.92
C LYS C 563 -23.79 31.50 1.03
N ALA C 564 -24.93 30.90 0.70
CA ALA C 564 -25.09 29.47 0.89
C ALA C 564 -24.29 28.64 -0.10
N GLY C 565 -23.44 29.23 -0.93
CA GLY C 565 -22.74 28.48 -1.94
C GLY C 565 -23.56 28.11 -3.15
N GLU C 566 -24.80 28.61 -3.23
CA GLU C 566 -25.69 28.28 -4.31
C GLU C 566 -25.46 29.24 -5.47
N VAL C 567 -25.16 28.70 -6.65
CA VAL C 567 -25.06 29.48 -7.87
C VAL C 567 -26.43 29.45 -8.54
N GLU C 568 -27.04 30.64 -8.68
CA GLU C 568 -28.41 30.72 -9.14
C GLU C 568 -28.60 32.04 -9.88
N TYR C 569 -29.86 32.41 -10.10
CA TYR C 569 -30.16 33.67 -10.76
C TYR C 569 -29.63 34.83 -9.92
N VAL C 570 -29.66 36.02 -10.51
CA VAL C 570 -28.83 37.12 -10.05
C VAL C 570 -29.65 38.38 -9.87
N PRO C 571 -29.42 39.18 -8.82
CA PRO C 571 -29.96 40.55 -8.77
C PRO C 571 -29.07 41.49 -9.55
N SER C 572 -29.56 41.96 -10.69
CA SER C 572 -28.77 42.85 -11.53
C SER C 572 -28.39 44.11 -10.75
N SER C 573 -27.15 44.56 -10.95
CA SER C 573 -26.61 45.72 -10.25
C SER C 573 -26.52 45.45 -8.75
N GLU C 574 -25.77 46.28 -8.03
CA GLU C 574 -25.58 46.14 -6.60
C GLU C 574 -25.07 44.75 -6.24
N VAL C 575 -24.04 44.31 -6.97
CA VAL C 575 -23.23 43.17 -6.57
C VAL C 575 -21.94 43.74 -5.99
N ASP C 576 -21.52 43.23 -4.83
CA ASP C 576 -20.49 43.93 -4.07
C ASP C 576 -19.08 43.55 -4.47
N TYR C 577 -18.88 42.41 -5.14
CA TYR C 577 -17.52 41.97 -5.45
C TYR C 577 -17.53 41.14 -6.71
N MET C 578 -16.35 41.00 -7.30
CA MET C 578 -16.18 40.30 -8.57
C MET C 578 -14.85 39.55 -8.54
N ASP C 579 -14.81 38.42 -9.24
CA ASP C 579 -13.60 37.62 -9.29
C ASP C 579 -12.47 38.40 -9.95
N VAL C 580 -11.25 38.21 -9.46
CA VAL C 580 -10.12 38.95 -10.00
C VAL C 580 -9.86 38.56 -11.44
N SER C 581 -9.85 37.25 -11.73
CA SER C 581 -9.59 36.76 -13.07
C SER C 581 -10.02 35.31 -13.13
N PRO C 582 -10.16 34.75 -14.33
CA PRO C 582 -10.42 33.31 -14.44
C PRO C 582 -9.25 32.54 -13.84
N ARG C 583 -9.39 31.22 -13.78
CA ARG C 583 -8.39 30.33 -13.22
C ARG C 583 -8.07 30.64 -11.75
N GLN C 584 -8.87 31.49 -11.10
CA GLN C 584 -8.65 31.76 -9.69
C GLN C 584 -8.83 30.50 -8.86
N MET C 585 -9.66 29.58 -9.31
CA MET C 585 -9.99 28.38 -8.54
C MET C 585 -9.02 27.22 -8.76
N VAL C 586 -8.16 27.29 -9.78
CA VAL C 586 -7.26 26.20 -10.09
C VAL C 586 -5.92 26.46 -9.44
N SER C 587 -5.13 25.41 -9.26
CA SER C 587 -3.79 25.51 -8.68
C SER C 587 -2.76 25.70 -9.78
N VAL C 588 -1.49 25.66 -9.42
CA VAL C 588 -0.43 25.88 -10.41
C VAL C 588 -0.34 24.70 -11.37
N ALA C 589 -0.46 23.47 -10.86
CA ALA C 589 -0.38 22.31 -11.73
C ALA C 589 -1.56 22.25 -12.69
N THR C 590 -2.77 22.53 -12.20
CA THR C 590 -3.95 22.50 -13.04
C THR C 590 -4.02 23.70 -13.99
N ALA C 591 -3.30 24.77 -13.68
CA ALA C 591 -3.28 25.93 -14.55
C ALA C 591 -2.38 25.74 -15.76
N MET C 592 -1.70 24.60 -15.87
CA MET C 592 -0.82 24.30 -17.00
C MET C 592 -1.42 23.27 -17.95
N ILE C 593 -2.72 23.01 -17.83
CA ILE C 593 -3.42 22.12 -18.75
C ILE C 593 -4.19 22.98 -19.74
N PRO C 594 -3.75 23.12 -20.98
CA PRO C 594 -4.55 23.89 -21.95
C PRO C 594 -5.87 23.19 -22.21
N PHE C 595 -6.89 23.98 -22.53
CA PHE C 595 -8.22 23.44 -22.80
C PHE C 595 -8.72 22.62 -21.61
N LEU C 596 -8.53 23.15 -20.40
CA LEU C 596 -9.01 22.46 -19.21
C LEU C 596 -10.53 22.37 -19.20
N GLU C 597 -11.20 23.43 -19.68
CA GLU C 597 -12.66 23.47 -19.65
C GLU C 597 -13.30 22.40 -20.53
N HIS C 598 -12.54 21.78 -21.42
CA HIS C 598 -13.04 20.72 -22.29
C HIS C 598 -12.75 19.33 -21.75
N ASP C 599 -12.27 19.23 -20.51
CA ASP C 599 -11.91 17.96 -19.90
C ASP C 599 -12.80 17.71 -18.69
N ASP C 600 -13.25 16.47 -18.53
CA ASP C 600 -14.00 16.12 -17.34
C ASP C 600 -13.10 16.18 -16.11
N ALA C 601 -13.72 16.41 -14.95
CA ALA C 601 -12.95 16.62 -13.74
C ALA C 601 -12.02 15.46 -13.44
N ASN C 602 -12.43 14.22 -13.78
CA ASN C 602 -11.58 13.07 -13.54
C ASN C 602 -10.30 13.14 -14.38
N ARG C 603 -10.46 13.42 -15.67
CA ARG C 603 -9.29 13.46 -16.55
C ARG C 603 -8.41 14.66 -16.26
N ALA C 604 -9.02 15.80 -15.92
CA ALA C 604 -8.23 16.95 -15.50
C ALA C 604 -7.45 16.64 -14.22
N LEU C 605 -8.10 15.98 -13.27
CA LEU C 605 -7.42 15.59 -12.04
C LEU C 605 -6.23 14.69 -12.34
N MET C 606 -6.42 13.71 -13.21
CA MET C 606 -5.32 12.80 -13.53
C MET C 606 -4.20 13.51 -14.27
N GLY C 607 -4.55 14.43 -15.18
CA GLY C 607 -3.52 15.19 -15.86
C GLY C 607 -2.73 16.05 -14.90
N ALA C 608 -3.40 16.68 -13.94
CA ALA C 608 -2.70 17.48 -12.94
C ALA C 608 -1.77 16.60 -12.10
N ASN C 609 -2.25 15.44 -11.67
CA ASN C 609 -1.43 14.56 -10.86
C ASN C 609 -0.31 13.90 -11.66
N MET C 610 -0.43 13.87 -12.99
CA MET C 610 0.55 13.22 -13.84
C MET C 610 1.59 14.18 -14.40
N GLN C 611 1.29 15.49 -14.44
CA GLN C 611 2.32 16.46 -14.79
C GLN C 611 3.47 16.43 -13.78
N ARG C 612 3.17 16.08 -12.53
CA ARG C 612 4.18 16.05 -11.48
C ARG C 612 5.02 14.79 -11.50
N GLN C 613 4.71 13.82 -12.36
CA GLN C 613 5.46 12.58 -12.48
C GLN C 613 6.38 12.56 -13.69
N ALA C 614 6.32 13.57 -14.56
CA ALA C 614 7.17 13.58 -15.74
C ALA C 614 8.64 13.63 -15.34
N VAL C 615 9.45 12.80 -15.96
CA VAL C 615 10.88 12.76 -15.70
C VAL C 615 11.54 13.89 -16.46
N PRO C 616 12.67 14.42 -15.99
CA PRO C 616 13.41 15.42 -16.79
C PRO C 616 14.12 14.75 -17.96
N LEU C 617 13.74 15.16 -19.18
CA LEU C 617 14.40 14.67 -20.37
C LEU C 617 15.74 15.37 -20.55
N VAL C 618 16.54 14.87 -21.50
CA VAL C 618 17.85 15.46 -21.74
C VAL C 618 17.71 16.86 -22.33
N ARG C 619 16.76 17.06 -23.25
CA ARG C 619 16.65 18.31 -23.98
C ARG C 619 15.58 19.23 -23.41
N SER C 620 14.34 18.76 -23.34
CA SER C 620 13.20 19.59 -22.91
C SER C 620 12.86 20.61 -23.98
N GLU C 621 11.59 20.65 -24.38
CA GLU C 621 11.09 21.61 -25.36
C GLU C 621 9.87 22.30 -24.78
N ALA C 622 9.83 23.62 -24.88
CA ALA C 622 8.66 24.35 -24.44
C ALA C 622 7.47 23.95 -25.32
N PRO C 623 6.29 23.69 -24.73
CA PRO C 623 5.16 23.25 -25.54
C PRO C 623 4.76 24.30 -26.58
N LEU C 624 4.33 23.81 -27.75
CA LEU C 624 3.72 24.70 -28.73
C LEU C 624 2.44 25.31 -28.17
N VAL C 625 1.61 24.49 -27.52
CA VAL C 625 0.39 24.94 -26.86
C VAL C 625 0.63 24.87 -25.37
N GLY C 626 0.57 26.02 -24.70
CA GLY C 626 0.76 26.07 -23.26
C GLY C 626 -0.19 27.04 -22.61
N THR C 627 0.26 27.69 -21.55
CA THR C 627 -0.55 28.66 -20.83
C THR C 627 0.37 29.76 -20.33
N GLY C 628 -0.21 30.73 -19.62
CA GLY C 628 0.60 31.76 -18.98
C GLY C 628 1.31 31.30 -17.73
N MET C 629 0.96 30.12 -17.20
CA MET C 629 1.57 29.63 -15.97
C MET C 629 2.90 28.93 -16.19
N GLU C 630 3.30 28.67 -17.43
CA GLU C 630 4.53 27.93 -17.66
C GLU C 630 5.73 28.70 -17.14
N LEU C 631 5.86 29.96 -17.57
CA LEU C 631 7.01 30.78 -17.21
C LEU C 631 7.06 31.06 -15.71
N ARG C 632 5.92 31.47 -15.14
CA ARG C 632 5.89 31.78 -13.72
C ARG C 632 6.15 30.53 -12.88
N ALA C 633 5.60 29.39 -13.28
CA ALA C 633 5.86 28.15 -12.56
C ALA C 633 7.34 27.82 -12.57
N ALA C 634 7.98 27.92 -13.74
CA ALA C 634 9.41 27.63 -13.80
C ALA C 634 10.21 28.61 -12.93
N ILE C 635 9.88 29.90 -12.99
CA ILE C 635 10.63 30.90 -12.25
C ILE C 635 10.50 30.65 -10.75
N ASP C 636 9.28 30.47 -10.28
CA ASP C 636 9.04 30.35 -8.86
C ASP C 636 9.37 28.98 -8.30
N ALA C 637 9.54 27.97 -9.15
CA ALA C 637 9.91 26.65 -8.65
C ALA C 637 11.27 26.68 -7.98
N GLY C 638 12.15 27.59 -8.38
CA GLY C 638 13.45 27.75 -7.77
C GLY C 638 14.55 26.89 -8.36
N ASP C 639 14.25 26.06 -9.36
CA ASP C 639 15.25 25.23 -10.01
C ASP C 639 15.80 25.88 -11.28
N VAL C 640 15.51 27.15 -11.49
CA VAL C 640 15.97 27.89 -12.66
C VAL C 640 16.67 29.14 -12.17
N VAL C 641 17.90 29.36 -12.66
CA VAL C 641 18.71 30.46 -12.15
C VAL C 641 18.21 31.78 -12.70
N VAL C 642 18.06 32.77 -11.82
CA VAL C 642 17.60 34.10 -12.19
C VAL C 642 18.62 35.11 -11.70
N ALA C 643 18.99 36.06 -12.55
CA ALA C 643 19.91 37.11 -12.15
C ALA C 643 19.34 37.91 -10.99
N GLU C 644 20.16 38.12 -9.96
CA GLU C 644 19.69 38.87 -8.80
C GLU C 644 19.56 40.35 -9.11
N GLU C 645 20.55 40.92 -9.82
CA GLU C 645 20.54 42.33 -10.16
C GLU C 645 20.95 42.50 -11.62
N SER C 646 20.54 43.61 -12.21
CA SER C 646 20.86 43.89 -13.59
C SER C 646 22.37 43.93 -13.79
N GLY C 647 22.78 43.73 -15.02
CA GLY C 647 24.20 43.74 -15.35
C GLY C 647 24.44 43.11 -16.70
N VAL C 648 25.71 43.16 -17.11
CA VAL C 648 26.14 42.63 -18.40
C VAL C 648 26.91 41.34 -18.15
N ILE C 649 26.51 40.28 -18.84
CA ILE C 649 27.19 38.99 -18.68
C ILE C 649 28.65 39.17 -19.04
N GLU C 650 29.54 38.95 -18.07
CA GLU C 650 30.96 39.13 -18.34
C GLU C 650 31.56 37.89 -18.98
N GLU C 651 31.28 36.71 -18.44
CA GLU C 651 31.85 35.47 -18.97
C GLU C 651 30.93 34.30 -18.65
N VAL C 652 30.50 33.58 -19.68
CA VAL C 652 29.61 32.44 -19.54
C VAL C 652 30.34 31.19 -19.98
N SER C 653 30.23 30.13 -19.19
CA SER C 653 30.74 28.82 -19.55
C SER C 653 29.75 27.78 -19.04
N ALA C 654 30.01 26.52 -19.39
CA ALA C 654 29.08 25.44 -19.03
C ALA C 654 29.05 25.14 -17.56
N ASP C 655 29.76 25.87 -16.70
CA ASP C 655 29.79 25.58 -15.28
C ASP C 655 29.51 26.80 -14.40
N TYR C 656 29.58 28.01 -14.92
CA TYR C 656 29.29 29.20 -14.14
C TYR C 656 29.14 30.38 -15.07
N ILE C 657 28.49 31.43 -14.56
CA ILE C 657 28.27 32.68 -15.28
C ILE C 657 28.71 33.82 -14.37
N THR C 658 29.68 34.61 -14.83
CA THR C 658 30.13 35.78 -14.11
C THR C 658 29.53 37.01 -14.79
N VAL C 659 28.84 37.83 -14.02
CA VAL C 659 28.11 39.00 -14.53
C VAL C 659 28.63 40.24 -13.83
N MET C 660 28.93 41.27 -14.61
CA MET C 660 29.37 42.55 -14.08
C MET C 660 28.14 43.44 -13.86
N HIS C 661 27.94 43.87 -12.61
CA HIS C 661 26.79 44.71 -12.31
C HIS C 661 27.02 46.14 -12.81
N ASP C 662 25.96 46.93 -12.77
CA ASP C 662 26.04 48.30 -13.28
C ASP C 662 27.00 49.16 -12.48
N ASN C 663 27.34 48.77 -11.25
CA ASN C 663 28.22 49.55 -10.38
C ASN C 663 29.34 48.66 -9.84
N GLY C 664 30.40 48.51 -10.64
CA GLY C 664 31.64 47.94 -10.14
C GLY C 664 31.60 46.48 -9.81
N THR C 665 30.76 46.10 -8.84
CA THR C 665 30.78 44.74 -8.32
C THR C 665 30.38 43.73 -9.38
N ARG C 666 30.88 42.52 -9.24
CA ARG C 666 30.57 41.41 -10.13
C ARG C 666 30.19 40.19 -9.30
N ARG C 667 29.32 39.34 -9.86
CA ARG C 667 28.78 38.19 -9.15
C ARG C 667 28.82 36.97 -10.05
N THR C 668 29.13 35.81 -9.46
CA THR C 668 29.28 34.57 -10.20
C THR C 668 28.23 33.57 -9.73
N TYR C 669 27.32 33.20 -10.62
CA TYR C 669 26.37 32.12 -10.38
C TYR C 669 26.99 30.82 -10.84
N ARG C 670 26.99 29.81 -9.98
CA ARG C 670 27.59 28.52 -10.27
C ARG C 670 26.49 27.50 -10.53
N MET C 671 26.52 26.90 -11.73
CA MET C 671 25.50 25.95 -12.12
C MET C 671 25.68 24.64 -11.36
N ARG C 672 24.61 23.85 -11.33
CA ARG C 672 24.58 22.56 -10.64
C ARG C 672 24.50 21.48 -11.72
N LYS C 673 25.66 20.93 -12.06
CA LYS C 673 25.78 20.05 -13.22
C LYS C 673 25.59 18.59 -12.80
N PHE C 674 24.62 17.93 -13.43
CA PHE C 674 24.42 16.48 -13.29
C PHE C 674 24.32 16.07 -11.83
N ALA C 675 23.59 16.85 -11.05
CA ALA C 675 23.30 16.51 -9.66
C ALA C 675 22.10 15.59 -9.58
N ARG C 676 22.06 14.76 -8.54
CA ARG C 676 21.01 13.77 -8.36
C ARG C 676 19.92 14.34 -7.45
N SER C 677 18.68 14.23 -7.89
CA SER C 677 17.54 14.65 -7.09
C SER C 677 17.10 13.54 -6.15
N ASN C 678 16.19 13.88 -5.24
CA ASN C 678 15.73 12.91 -4.26
C ASN C 678 15.20 11.64 -4.90
N HIS C 679 14.60 11.75 -6.09
CA HIS C 679 13.93 10.64 -6.75
C HIS C 679 14.78 10.00 -7.83
N GLY C 680 16.08 10.32 -7.88
CA GLY C 680 16.99 9.67 -8.80
C GLY C 680 17.12 10.34 -10.16
N THR C 681 16.35 11.38 -10.43
CA THR C 681 16.43 12.06 -11.72
C THR C 681 17.68 12.94 -11.77
N CYS C 682 17.86 13.61 -12.90
CA CYS C 682 18.99 14.50 -13.11
C CYS C 682 18.57 15.94 -12.84
N ALA C 683 19.52 16.73 -12.35
CA ALA C 683 19.29 18.12 -11.99
C ALA C 683 20.28 19.04 -12.71
N ASN C 684 20.48 18.80 -13.99
CA ASN C 684 21.45 19.57 -14.76
C ASN C 684 20.93 20.99 -15.00
N GLN C 685 21.84 21.97 -14.91
CA GLN C 685 21.55 23.36 -15.21
C GLN C 685 22.56 23.84 -16.25
N CYS C 686 22.05 24.50 -17.30
CA CYS C 686 22.93 25.03 -18.33
C CYS C 686 22.57 26.48 -18.64
N PRO C 687 23.55 27.34 -18.91
CA PRO C 687 23.24 28.75 -19.16
C PRO C 687 22.50 28.94 -20.48
N ILE C 688 21.76 30.04 -20.55
CA ILE C 688 21.00 30.39 -21.74
C ILE C 688 21.31 31.82 -22.16
N VAL C 689 22.48 32.33 -21.78
CA VAL C 689 22.89 33.68 -22.09
C VAL C 689 24.27 33.66 -22.74
N ASP C 690 24.50 34.63 -23.62
CA ASP C 690 25.76 34.74 -24.35
C ASP C 690 26.79 35.42 -23.45
N ALA C 691 27.93 35.82 -24.04
CA ALA C 691 29.03 36.41 -23.30
C ALA C 691 29.02 37.93 -23.32
N GLY C 692 27.98 38.55 -23.88
CA GLY C 692 27.90 40.00 -23.93
C GLY C 692 26.52 40.56 -23.61
N ASP C 693 25.55 39.68 -23.43
CA ASP C 693 24.17 40.12 -23.26
C ASP C 693 24.00 40.92 -21.97
N ARG C 694 23.23 42.00 -22.05
CA ARG C 694 22.80 42.73 -20.87
C ARG C 694 21.53 42.09 -20.32
N VAL C 695 21.55 41.75 -19.05
CA VAL C 695 20.45 41.03 -18.40
C VAL C 695 19.96 41.87 -17.23
N GLU C 696 18.64 42.02 -17.13
CA GLU C 696 18.03 42.80 -16.07
C GLU C 696 17.76 41.92 -14.85
N ALA C 697 17.47 42.57 -13.73
CA ALA C 697 17.24 41.86 -12.48
C ALA C 697 16.02 40.95 -12.61
N GLY C 698 16.14 39.74 -12.06
CA GLY C 698 15.07 38.78 -12.13
C GLY C 698 14.96 38.04 -13.45
N GLN C 699 15.93 38.20 -14.35
CA GLN C 699 15.91 37.53 -15.64
C GLN C 699 16.52 36.15 -15.52
N VAL C 700 15.87 35.17 -16.14
CA VAL C 700 16.43 33.83 -16.20
C VAL C 700 17.71 33.85 -17.01
N ILE C 701 18.76 33.21 -16.48
CA ILE C 701 20.06 33.20 -17.14
C ILE C 701 20.60 31.78 -17.26
N ALA C 702 19.90 30.80 -16.70
CA ALA C 702 20.31 29.40 -16.85
C ALA C 702 19.12 28.51 -16.55
N ASP C 703 18.63 27.81 -17.58
CA ASP C 703 17.45 26.97 -17.42
C ASP C 703 17.77 25.73 -16.59
N GLY C 704 16.74 25.16 -16.00
CA GLY C 704 16.90 24.05 -15.09
C GLY C 704 16.65 22.71 -15.76
N PRO C 705 16.23 21.71 -14.98
CA PRO C 705 16.01 20.38 -15.56
C PRO C 705 14.93 20.34 -16.63
N CYS C 706 13.72 20.78 -16.32
CA CYS C 706 12.58 20.68 -17.21
C CYS C 706 12.18 22.05 -17.77
N THR C 707 13.16 22.89 -18.07
CA THR C 707 12.92 24.26 -18.49
C THR C 707 13.59 24.53 -19.83
N ASP C 708 12.92 25.34 -20.64
CA ASP C 708 13.40 25.70 -21.98
C ASP C 708 13.26 27.21 -22.11
N ASP C 709 14.38 27.92 -22.12
CA ASP C 709 14.39 29.38 -22.22
C ASP C 709 13.65 30.03 -21.05
N GLY C 710 13.63 29.34 -19.91
CA GLY C 710 13.04 29.88 -18.70
C GLY C 710 11.63 29.41 -18.42
N GLU C 711 10.92 28.89 -19.42
CA GLU C 711 9.56 28.41 -19.24
C GLU C 711 9.56 26.90 -19.07
N MET C 712 8.65 26.41 -18.24
CA MET C 712 8.62 24.99 -17.91
C MET C 712 8.40 24.14 -19.16
N ALA C 713 9.07 22.99 -19.21
CA ALA C 713 8.99 22.07 -20.34
C ALA C 713 9.12 20.66 -19.79
N LEU C 714 7.99 19.96 -19.65
CA LEU C 714 7.96 18.66 -19.01
C LEU C 714 8.05 17.48 -19.99
N GLY C 715 7.87 17.72 -21.28
CA GLY C 715 7.80 16.65 -22.26
C GLY C 715 8.23 17.14 -23.61
N LYS C 716 7.71 16.50 -24.66
CA LYS C 716 8.09 16.82 -26.03
C LYS C 716 6.85 16.89 -26.90
N ASN C 717 6.91 17.73 -27.93
CA ASN C 717 5.85 17.81 -28.93
C ASN C 717 6.08 16.74 -29.98
N LEU C 718 5.11 15.84 -30.13
CA LEU C 718 5.23 14.71 -31.04
C LEU C 718 4.09 14.74 -32.05
N LEU C 719 4.42 14.41 -33.30
CA LEU C 719 3.42 14.29 -34.34
C LEU C 719 2.58 13.05 -34.09
N VAL C 720 1.29 13.25 -33.89
CA VAL C 720 0.38 12.23 -33.39
C VAL C 720 -0.73 12.00 -34.40
N ALA C 721 -1.09 10.73 -34.58
CA ALA C 721 -2.29 10.33 -35.29
C ALA C 721 -3.25 9.67 -34.30
N ILE C 722 -4.55 9.88 -34.51
CA ILE C 722 -5.56 9.47 -33.54
C ILE C 722 -6.38 8.31 -34.11
N MET C 723 -5.75 7.47 -34.91
CA MET C 723 -6.41 6.31 -35.47
C MET C 723 -6.10 5.05 -34.67
N PRO C 724 -6.90 4.00 -34.83
CA PRO C 724 -6.49 2.69 -34.30
C PRO C 724 -5.59 1.99 -35.29
N TRP C 725 -4.49 1.42 -34.80
CA TRP C 725 -3.44 0.88 -35.67
C TRP C 725 -3.10 -0.55 -35.27
N GLU C 726 -3.69 -1.50 -35.97
CA GLU C 726 -3.29 -2.91 -35.94
C GLU C 726 -3.35 -3.52 -34.55
N GLY C 727 -4.10 -2.92 -33.63
CA GLY C 727 -4.27 -3.48 -32.32
C GLY C 727 -3.06 -3.39 -31.42
N HIS C 728 -2.04 -2.63 -31.79
CA HIS C 728 -0.90 -2.42 -30.92
C HIS C 728 -1.13 -1.27 -29.94
N ASN C 729 -1.90 -0.26 -30.34
CA ASN C 729 -2.36 0.78 -29.42
C ASN C 729 -3.76 0.43 -28.91
N TYR C 730 -3.83 -0.73 -28.27
CA TYR C 730 -5.09 -1.30 -27.80
C TYR C 730 -5.24 -1.04 -26.31
N GLU C 731 -6.36 -0.44 -25.91
CA GLU C 731 -6.66 -0.16 -24.51
C GLU C 731 -5.60 0.72 -23.87
N ASP C 732 -5.52 1.96 -24.37
CA ASP C 732 -4.66 2.99 -23.78
C ASP C 732 -3.18 2.63 -23.90
N ALA C 733 -2.82 1.81 -24.88
CA ALA C 733 -1.42 1.57 -25.20
C ALA C 733 -1.00 2.50 -26.33
N ILE C 734 0.30 2.75 -26.41
CA ILE C 734 0.87 3.75 -27.28
C ILE C 734 1.94 3.10 -28.15
N ILE C 735 1.96 3.44 -29.44
CA ILE C 735 2.98 2.95 -30.35
C ILE C 735 3.76 4.15 -30.85
N LEU C 736 5.08 4.13 -30.64
CA LEU C 736 5.96 5.24 -30.94
C LEU C 736 6.86 4.90 -32.12
N SER C 737 7.14 5.89 -32.95
CA SER C 737 8.13 5.72 -34.00
C SER C 737 9.50 5.45 -33.38
N ASN C 738 10.39 4.86 -34.18
CA ASN C 738 11.75 4.66 -33.73
C ASN C 738 12.58 5.94 -33.81
N ARG C 739 12.09 6.95 -34.53
CA ARG C 739 12.75 8.25 -34.54
C ARG C 739 12.93 8.77 -33.11
N LEU C 740 11.92 8.54 -32.27
CA LEU C 740 11.98 9.03 -30.89
C LEU C 740 13.09 8.37 -30.09
N VAL C 741 13.62 7.25 -30.57
CA VAL C 741 14.73 6.56 -29.91
C VAL C 741 16.02 6.86 -30.65
N GLU C 742 15.92 7.09 -31.95
CA GLU C 742 17.11 7.44 -32.74
C GLU C 742 17.57 8.85 -32.43
N GLU C 743 16.72 9.84 -32.68
CA GLU C 743 17.03 11.22 -32.35
C GLU C 743 17.12 11.46 -30.85
N ASP C 744 16.68 10.49 -30.03
CA ASP C 744 16.87 10.54 -28.58
C ASP C 744 16.11 11.72 -27.96
N VAL C 745 14.80 11.75 -28.20
CA VAL C 745 13.97 12.87 -27.74
C VAL C 745 13.25 12.52 -26.46
N LEU C 746 12.87 11.25 -26.29
CA LEU C 746 12.33 10.75 -25.03
C LEU C 746 13.41 9.88 -24.39
N THR C 747 14.31 10.54 -23.67
CA THR C 747 15.42 9.87 -23.01
C THR C 747 15.73 10.66 -21.75
N SER C 748 16.00 9.95 -20.67
CA SER C 748 16.19 10.57 -19.36
C SER C 748 17.43 10.02 -18.69
N ILE C 749 18.22 10.90 -18.09
CA ILE C 749 19.39 10.51 -17.32
C ILE C 749 18.92 10.19 -15.91
N HIS C 750 19.24 8.99 -15.44
CA HIS C 750 18.87 8.55 -14.09
C HIS C 750 20.14 8.25 -13.31
N ILE C 751 20.30 8.93 -12.18
CA ILE C 751 21.47 8.81 -11.33
C ILE C 751 21.04 8.10 -10.05
N GLU C 752 21.76 7.03 -9.71
CA GLU C 752 21.45 6.21 -8.54
C GLU C 752 22.69 6.17 -7.65
N GLU C 753 22.48 6.41 -6.35
CA GLU C 753 23.56 6.49 -5.39
C GLU C 753 23.58 5.23 -4.54
N HIS C 754 24.75 4.59 -4.44
CA HIS C 754 24.95 3.43 -3.58
C HIS C 754 25.91 3.80 -2.47
N GLU C 755 25.54 3.48 -1.23
CA GLU C 755 26.28 3.85 -0.04
C GLU C 755 26.79 2.60 0.66
N ILE C 756 28.03 2.65 1.14
CA ILE C 756 28.59 1.56 1.93
C ILE C 756 29.59 2.15 2.92
N ASP C 757 29.52 1.71 4.18
CA ASP C 757 30.32 2.27 5.25
C ASP C 757 31.07 1.16 5.97
N ALA C 758 32.39 1.25 5.97
CA ALA C 758 33.20 0.34 6.77
C ALA C 758 33.07 0.71 8.24
N ARG C 759 32.73 -0.26 9.07
CA ARG C 759 32.38 -0.03 10.46
C ARG C 759 33.40 -0.68 11.38
N ASP C 760 33.15 -0.58 12.68
CA ASP C 760 33.98 -1.20 13.71
C ASP C 760 33.19 -2.34 14.32
N THR C 761 33.68 -3.56 14.14
CA THR C 761 33.02 -4.77 14.61
C THR C 761 33.85 -5.43 15.71
N LYS C 762 33.28 -6.47 16.32
CA LYS C 762 33.95 -7.13 17.43
C LYS C 762 35.29 -7.69 16.99
N LEU C 763 35.32 -8.42 15.87
CA LEU C 763 36.54 -9.02 15.38
C LEU C 763 37.58 -7.99 14.96
N GLY C 764 37.17 -6.74 14.78
CA GLY C 764 38.09 -5.70 14.37
C GLY C 764 37.39 -4.60 13.59
N ALA C 765 37.91 -4.27 12.42
CA ALA C 765 37.35 -3.23 11.57
C ALA C 765 37.29 -3.73 10.13
N GLU C 766 36.37 -3.15 9.37
CA GLU C 766 36.25 -3.46 7.95
C GLU C 766 37.20 -2.56 7.15
N GLU C 767 37.86 -3.15 6.17
CA GLU C 767 38.76 -2.43 5.29
C GLU C 767 38.13 -2.28 3.91
N ILE C 768 38.44 -1.17 3.24
CA ILE C 768 38.01 -0.93 1.88
C ILE C 768 39.27 -0.99 1.02
N THR C 769 39.49 -2.11 0.35
CA THR C 769 40.67 -2.29 -0.48
C THR C 769 40.39 -3.33 -1.55
N ARG C 770 41.31 -3.44 -2.50
CA ARG C 770 41.18 -4.38 -3.61
C ARG C 770 41.82 -5.72 -3.28
N ASP C 771 41.44 -6.28 -2.13
CA ASP C 771 41.96 -7.56 -1.67
C ASP C 771 40.81 -8.46 -1.24
N ILE C 772 39.72 -8.45 -1.98
CA ILE C 772 38.51 -9.17 -1.60
C ILE C 772 38.81 -10.67 -1.60
N PRO C 773 38.41 -11.41 -0.56
CA PRO C 773 38.83 -12.83 -0.47
C PRO C 773 38.22 -13.68 -1.56
N ASN C 774 39.05 -14.54 -2.16
CA ASN C 774 38.66 -15.64 -3.04
C ASN C 774 38.17 -15.17 -4.40
N ILE C 775 38.00 -13.85 -4.59
CA ILE C 775 37.46 -13.37 -5.86
C ILE C 775 38.63 -13.00 -6.76
N SER C 776 38.50 -13.30 -8.04
CA SER C 776 39.62 -13.31 -8.98
C SER C 776 40.14 -11.89 -9.26
N ASP C 777 41.13 -11.80 -10.15
CA ASP C 777 41.73 -10.54 -10.55
C ASP C 777 41.04 -9.92 -11.77
N GLU C 778 39.90 -10.47 -12.18
CA GLU C 778 39.07 -9.89 -13.23
C GLU C 778 38.00 -8.97 -12.66
N VAL C 779 37.29 -9.44 -11.65
CA VAL C 779 36.24 -8.64 -11.02
C VAL C 779 36.86 -7.71 -9.99
N LEU C 780 38.19 -7.73 -9.85
CA LEU C 780 38.94 -6.72 -9.11
C LEU C 780 39.70 -5.83 -10.07
N ALA C 781 39.20 -5.70 -11.29
CA ALA C 781 39.93 -4.98 -12.34
C ALA C 781 39.76 -3.47 -12.23
N ASP C 782 38.50 -3.00 -12.27
CA ASP C 782 38.26 -1.57 -12.31
C ASP C 782 38.59 -0.91 -10.97
N LEU C 783 38.49 -1.67 -9.87
CA LEU C 783 38.65 -1.10 -8.54
C LEU C 783 39.99 -0.38 -8.42
N ASP C 784 39.93 0.85 -7.90
CA ASP C 784 41.12 1.68 -7.82
C ASP C 784 42.15 1.05 -6.89
N GLU C 785 43.31 1.72 -6.79
CA GLU C 785 44.35 1.26 -5.87
C GLU C 785 43.86 1.24 -4.43
N ARG C 786 42.80 1.97 -4.12
CA ARG C 786 42.31 2.16 -2.75
C ARG C 786 40.97 1.46 -2.54
N GLY C 787 40.58 0.57 -3.46
CA GLY C 787 39.25 -0.01 -3.40
C GLY C 787 38.26 0.58 -4.39
N ILE C 788 37.48 1.57 -3.92
CA ILE C 788 36.32 2.06 -4.65
C ILE C 788 36.60 2.19 -6.13
N VAL C 789 35.60 1.85 -6.95
CA VAL C 789 35.75 1.84 -8.40
C VAL C 789 36.12 3.24 -8.91
N ARG C 790 36.70 3.27 -10.11
CA ARG C 790 37.12 4.53 -10.72
C ARG C 790 35.94 5.26 -11.34
N ILE C 791 36.10 6.57 -11.50
CA ILE C 791 35.11 7.38 -12.20
C ILE C 791 35.11 6.98 -13.67
N GLY C 792 33.92 6.98 -14.27
CA GLY C 792 33.79 6.67 -15.68
C GLY C 792 33.89 5.20 -16.03
N ALA C 793 33.86 4.32 -15.04
CA ALA C 793 33.97 2.89 -15.28
C ALA C 793 32.57 2.30 -15.41
N GLU C 794 32.24 1.82 -16.61
CA GLU C 794 30.94 1.22 -16.84
C GLU C 794 30.80 -0.03 -15.99
N VAL C 795 29.68 -0.15 -15.29
CA VAL C 795 29.41 -1.27 -14.39
C VAL C 795 28.01 -1.81 -14.70
N ARG C 796 27.90 -3.13 -14.79
CA ARG C 796 26.64 -3.81 -14.99
C ARG C 796 26.27 -4.55 -13.71
N ASP C 797 24.98 -4.88 -13.59
CA ASP C 797 24.46 -5.54 -12.40
C ASP C 797 25.36 -6.71 -11.98
N GLY C 798 25.78 -6.68 -10.71
CA GLY C 798 26.65 -7.69 -10.15
C GLY C 798 28.11 -7.26 -10.03
N ASP C 799 28.53 -6.23 -10.75
CA ASP C 799 29.89 -5.75 -10.64
C ASP C 799 30.14 -5.20 -9.24
N ILE C 800 31.42 -5.06 -8.89
CA ILE C 800 31.82 -4.56 -7.59
C ILE C 800 32.06 -3.07 -7.71
N LEU C 801 31.45 -2.30 -6.81
CA LEU C 801 31.67 -0.86 -6.73
C LEU C 801 32.71 -0.52 -5.67
N VAL C 802 32.50 -0.98 -4.45
CA VAL C 802 33.38 -0.73 -3.32
C VAL C 802 33.85 -2.06 -2.78
N GLY C 803 35.16 -2.29 -2.81
CA GLY C 803 35.71 -3.52 -2.30
C GLY C 803 35.91 -3.49 -0.80
N LYS C 804 35.00 -4.14 -0.06
CA LYS C 804 35.05 -4.15 1.39
C LYS C 804 35.26 -5.58 1.89
N VAL C 805 35.90 -5.69 3.04
CA VAL C 805 36.27 -6.99 3.59
C VAL C 805 36.10 -6.95 5.11
N THR C 806 35.06 -7.67 5.64
CA THR C 806 34.83 -7.68 7.08
C THR C 806 35.37 -8.96 7.70
N PRO C 807 35.85 -8.93 8.94
CA PRO C 807 36.40 -10.14 9.54
C PRO C 807 35.32 -11.18 9.82
N LYS C 808 35.74 -12.45 9.78
CA LYS C 808 34.84 -13.58 9.94
C LYS C 808 34.91 -14.22 11.32
N GLY C 809 36.09 -14.25 11.94
CA GLY C 809 36.26 -14.96 13.19
C GLY C 809 36.39 -16.45 12.92
N GLU C 810 37.08 -17.17 13.81
CA GLU C 810 37.28 -18.59 13.58
C GLU C 810 35.95 -19.32 13.48
N THR C 811 35.83 -20.18 12.47
CA THR C 811 34.67 -21.03 12.26
C THR C 811 35.17 -22.43 11.92
N GLU C 812 34.29 -23.30 11.45
CA GLU C 812 34.64 -24.70 11.26
C GLU C 812 34.47 -25.06 9.79
N LEU C 813 35.57 -24.97 9.03
CA LEU C 813 35.56 -25.43 7.65
C LEU C 813 35.22 -26.92 7.61
N THR C 814 34.37 -27.30 6.66
CA THR C 814 33.96 -28.68 6.56
C THR C 814 35.13 -29.54 6.11
N PRO C 815 35.11 -30.85 6.42
CA PRO C 815 36.20 -31.72 5.94
C PRO C 815 36.40 -31.64 4.44
N GLU C 816 35.32 -31.58 3.67
CA GLU C 816 35.42 -31.50 2.23
C GLU C 816 36.17 -30.25 1.82
N GLU C 817 35.83 -29.11 2.42
CA GLU C 817 36.46 -27.86 2.02
C GLU C 817 37.91 -27.80 2.46
N ARG C 818 38.24 -28.35 3.64
CA ARG C 818 39.64 -28.41 4.04
C ARG C 818 40.46 -29.25 3.06
N LEU C 819 39.92 -30.41 2.66
CA LEU C 819 40.61 -31.22 1.67
C LEU C 819 40.79 -30.46 0.38
N LEU C 820 39.75 -29.75 -0.07
CA LEU C 820 39.84 -29.01 -1.31
C LEU C 820 40.85 -27.88 -1.21
N ARG C 821 40.91 -27.19 -0.08
CA ARG C 821 41.89 -26.13 0.12
C ARG C 821 43.31 -26.69 0.07
N ALA C 822 43.53 -27.85 0.69
CA ALA C 822 44.84 -28.48 0.61
C ALA C 822 45.18 -28.85 -0.82
N ILE C 823 44.21 -29.41 -1.54
CA ILE C 823 44.44 -29.80 -2.94
C ILE C 823 44.77 -28.58 -3.78
N PHE C 824 44.03 -27.50 -3.59
CA PHE C 824 44.22 -26.27 -4.33
C PHE C 824 45.04 -25.24 -3.56
N GLY C 825 45.60 -25.62 -2.41
CA GLY C 825 46.59 -24.82 -1.71
C GLY C 825 46.18 -23.39 -1.43
N GLU C 826 45.23 -23.20 -0.51
CA GLU C 826 44.77 -21.87 -0.14
C GLU C 826 44.64 -21.80 1.38
N LYS C 827 44.18 -20.65 1.87
CA LYS C 827 43.96 -20.41 3.28
C LYS C 827 42.60 -19.76 3.46
N ALA C 828 42.03 -19.93 4.66
CA ALA C 828 40.68 -19.44 4.93
C ALA C 828 40.57 -17.93 4.85
N ARG C 829 41.67 -17.20 5.06
CA ARG C 829 41.76 -15.74 5.03
C ARG C 829 41.13 -15.06 6.22
N GLU C 830 40.27 -15.77 6.96
CA GLU C 830 39.62 -15.37 8.21
C GLU C 830 38.82 -14.07 8.05
N VAL C 831 38.74 -13.48 6.85
CA VAL C 831 37.99 -12.26 6.63
C VAL C 831 37.01 -12.52 5.50
N ARG C 832 35.74 -12.25 5.76
CA ARG C 832 34.70 -12.43 4.76
C ARG C 832 34.64 -11.18 3.89
N ASP C 833 33.89 -11.27 2.80
CA ASP C 833 33.63 -10.12 1.95
C ASP C 833 32.21 -9.62 2.23
N THR C 834 32.07 -8.30 2.24
CA THR C 834 30.79 -7.62 2.30
C THR C 834 30.79 -6.48 1.30
N SER C 835 31.47 -6.69 0.19
CA SER C 835 31.65 -5.65 -0.81
C SER C 835 30.30 -5.12 -1.27
N LEU C 836 30.31 -3.85 -1.69
CA LEU C 836 29.16 -3.26 -2.34
C LEU C 836 29.19 -3.61 -3.81
N LYS C 837 28.05 -4.04 -4.34
CA LYS C 837 27.94 -4.43 -5.73
C LYS C 837 26.75 -3.75 -6.36
N VAL C 838 26.83 -3.54 -7.67
CA VAL C 838 25.72 -2.96 -8.41
C VAL C 838 24.53 -3.88 -8.20
N PRO C 839 23.50 -3.46 -7.46
CA PRO C 839 22.34 -4.35 -7.26
C PRO C 839 21.78 -4.89 -8.55
N HIS C 840 20.96 -5.94 -8.46
CA HIS C 840 20.50 -6.66 -9.66
C HIS C 840 19.67 -5.75 -10.55
N GLY C 841 19.89 -5.87 -11.86
CA GLY C 841 19.11 -5.15 -12.84
C GLY C 841 19.57 -3.74 -13.13
N GLU C 842 20.66 -3.29 -12.53
CA GLU C 842 21.15 -1.93 -12.73
C GLU C 842 22.48 -1.93 -13.49
N SER C 843 22.82 -0.75 -13.99
CA SER C 843 23.93 -0.57 -14.90
C SER C 843 24.31 0.91 -14.88
N GLY C 844 25.21 1.30 -15.78
CA GLY C 844 25.53 2.71 -15.95
C GLY C 844 26.98 3.05 -15.72
N LYS C 845 27.35 4.29 -16.02
CA LYS C 845 28.69 4.79 -15.77
C LYS C 845 28.82 5.08 -14.27
N VAL C 846 29.91 5.72 -13.88
CA VAL C 846 30.14 6.09 -12.49
C VAL C 846 30.53 7.57 -12.47
N ILE C 847 29.57 8.44 -12.16
CA ILE C 847 29.82 9.88 -12.22
C ILE C 847 30.95 10.26 -11.27
N GLY C 848 30.73 10.04 -9.98
CA GLY C 848 31.69 10.48 -8.98
C GLY C 848 31.55 9.69 -7.71
N ILE C 849 32.63 9.71 -6.93
CA ILE C 849 32.71 9.04 -5.65
C ILE C 849 32.85 10.09 -4.57
N ARG C 850 32.05 9.97 -3.51
CA ARG C 850 32.17 10.84 -2.34
C ARG C 850 32.59 9.96 -1.16
N VAL C 851 33.76 10.23 -0.61
CA VAL C 851 34.35 9.42 0.44
C VAL C 851 34.47 10.27 1.69
N PHE C 852 33.80 9.86 2.76
CA PHE C 852 33.95 10.44 4.09
C PHE C 852 34.77 9.47 4.92
N SER C 853 35.66 10.00 5.76
CA SER C 853 36.52 9.14 6.56
C SER C 853 36.80 9.78 7.91
N ARG C 854 36.83 8.94 8.95
CA ARG C 854 37.20 9.41 10.28
C ARG C 854 38.66 9.84 10.32
N GLU C 855 39.55 9.09 9.67
CA GLU C 855 40.97 9.39 9.72
C GLU C 855 41.25 10.80 9.23
N ASP C 856 40.49 11.26 8.24
CA ASP C 856 40.57 12.64 7.78
C ASP C 856 39.62 13.56 8.56
N GLU C 857 39.12 13.08 9.71
CA GLU C 857 38.27 13.86 10.60
C GLU C 857 37.08 14.48 9.86
N ASP C 858 36.23 13.60 9.35
CA ASP C 858 34.94 13.96 8.80
C ASP C 858 33.85 13.37 9.68
N GLU C 859 32.84 14.16 10.00
CA GLU C 859 31.78 13.68 10.88
C GLU C 859 31.11 12.46 10.26
N LEU C 860 31.10 11.37 11.01
CA LEU C 860 30.47 10.13 10.62
C LEU C 860 29.78 9.55 11.84
N PRO C 861 28.78 8.68 11.65
CA PRO C 861 28.12 8.07 12.82
C PRO C 861 29.12 7.39 13.74
N ALA C 862 28.69 7.03 14.94
CA ALA C 862 29.61 6.42 15.89
C ALA C 862 29.93 4.99 15.48
N GLY C 863 31.21 4.65 15.49
CA GLY C 863 31.63 3.31 15.16
C GLY C 863 31.76 3.01 13.69
N VAL C 864 31.94 4.02 12.84
CA VAL C 864 32.20 3.82 11.43
C VAL C 864 33.46 4.60 11.06
N ASN C 865 34.34 3.96 10.29
CA ASN C 865 35.61 4.57 9.91
C ASN C 865 35.53 5.28 8.56
N GLU C 866 34.84 4.69 7.59
CA GLU C 866 34.69 5.27 6.27
C GLU C 866 33.27 5.09 5.79
N LEU C 867 32.85 5.98 4.89
CA LEU C 867 31.55 5.90 4.24
C LEU C 867 31.73 6.40 2.82
N VAL C 868 31.57 5.53 1.84
CA VAL C 868 31.79 5.85 0.44
C VAL C 868 30.47 5.72 -0.30
N ARG C 869 30.17 6.73 -1.12
CA ARG C 869 28.99 6.75 -1.96
C ARG C 869 29.43 6.83 -3.41
N VAL C 870 28.91 5.93 -4.24
CA VAL C 870 29.20 5.90 -5.66
C VAL C 870 27.94 6.26 -6.42
N TYR C 871 28.06 7.18 -7.37
CA TYR C 871 26.95 7.63 -8.19
C TYR C 871 27.05 6.97 -9.55
N VAL C 872 26.00 6.24 -9.94
CA VAL C 872 25.96 5.48 -11.18
C VAL C 872 24.84 6.08 -12.04
N ALA C 873 25.21 6.58 -13.22
CA ALA C 873 24.26 7.22 -14.12
C ALA C 873 24.02 6.35 -15.33
N GLN C 874 22.74 6.21 -15.71
CA GLN C 874 22.36 5.51 -16.91
C GLN C 874 21.42 6.38 -17.73
N LYS C 875 21.62 6.38 -19.05
CA LYS C 875 20.79 7.14 -19.97
C LYS C 875 19.68 6.21 -20.45
N ARG C 876 18.51 6.30 -19.81
CA ARG C 876 17.38 5.46 -20.17
C ARG C 876 16.74 5.98 -21.45
N LYS C 877 16.53 5.08 -22.40
CA LYS C 877 15.81 5.36 -23.62
C LYS C 877 14.40 4.80 -23.52
N ILE C 878 13.45 5.50 -24.16
CA ILE C 878 12.06 5.06 -24.07
C ILE C 878 11.94 3.68 -24.70
N SER C 879 11.25 2.77 -23.99
CA SER C 879 11.08 1.41 -24.45
C SER C 879 9.73 0.90 -23.96
N ASP C 880 9.22 -0.12 -24.63
CA ASP C 880 7.89 -0.62 -24.33
C ASP C 880 7.79 -1.03 -22.87
N GLY C 881 6.67 -0.66 -22.23
CA GLY C 881 6.49 -0.77 -20.81
C GLY C 881 6.61 0.55 -20.08
N ASP C 882 7.28 1.53 -20.66
CA ASP C 882 7.36 2.85 -20.07
C ASP C 882 6.02 3.57 -20.21
N LYS C 883 5.72 4.42 -19.23
CA LYS C 883 4.44 5.11 -19.16
C LYS C 883 4.58 6.52 -19.72
N LEU C 884 3.67 6.90 -20.61
CA LEU C 884 3.63 8.21 -21.21
C LEU C 884 2.27 8.82 -20.95
N ALA C 885 2.17 10.13 -21.16
CA ALA C 885 0.91 10.83 -20.95
C ALA C 885 1.01 12.23 -21.52
N GLY C 886 -0.12 12.72 -22.00
CA GLY C 886 -0.28 14.14 -22.26
C GLY C 886 -0.67 14.87 -20.98
N ARG C 887 -1.13 16.09 -21.15
CA ARG C 887 -1.56 16.90 -20.03
C ARG C 887 -3.05 16.77 -19.72
N HIS C 888 -3.76 15.92 -20.47
CA HIS C 888 -5.21 15.79 -20.33
C HIS C 888 -5.61 14.41 -19.80
N GLY C 889 -4.76 13.80 -18.99
CA GLY C 889 -5.09 12.51 -18.42
C GLY C 889 -5.09 11.36 -19.41
N ASN C 890 -4.47 11.55 -20.58
CA ASN C 890 -4.43 10.50 -21.60
C ASN C 890 -3.15 9.68 -21.46
N LYS C 891 -3.11 8.91 -20.38
CA LYS C 891 -1.95 8.10 -20.03
C LYS C 891 -1.93 6.81 -20.85
N GLY C 892 -0.79 6.11 -20.78
CA GLY C 892 -0.69 4.82 -21.42
C GLY C 892 0.73 4.28 -21.47
N VAL C 893 0.89 2.97 -21.38
CA VAL C 893 2.21 2.36 -21.53
C VAL C 893 2.47 2.15 -23.01
N ILE C 894 3.74 2.00 -23.36
CA ILE C 894 4.15 1.86 -24.75
C ILE C 894 4.08 0.38 -25.11
N GLY C 895 3.16 0.04 -26.01
CA GLY C 895 3.04 -1.34 -26.45
C GLY C 895 4.10 -1.75 -27.44
N LYS C 896 4.49 -0.84 -28.33
CA LYS C 896 5.43 -1.17 -29.39
C LYS C 896 6.18 0.09 -29.81
N ILE C 897 7.37 -0.13 -30.37
CA ILE C 897 8.18 0.94 -30.96
C ILE C 897 8.45 0.52 -32.39
N LEU C 898 7.72 1.10 -33.33
CA LEU C 898 7.80 0.73 -34.73
C LEU C 898 9.03 1.35 -35.38
N PRO C 899 9.60 0.69 -36.39
CA PRO C 899 10.57 1.39 -37.24
C PRO C 899 9.90 2.55 -37.97
N VAL C 900 10.70 3.57 -38.28
CA VAL C 900 10.16 4.76 -38.92
C VAL C 900 9.54 4.42 -40.27
N GLU C 901 9.99 3.34 -40.91
CA GLU C 901 9.53 3.05 -42.28
C GLU C 901 8.12 2.48 -42.30
N ASP C 902 7.74 1.65 -41.35
CA ASP C 902 6.36 1.19 -41.21
C ASP C 902 5.59 2.06 -40.24
N MET C 903 5.66 3.36 -40.48
CA MET C 903 5.00 4.37 -39.66
C MET C 903 4.16 5.22 -40.61
N PRO C 904 2.88 5.47 -40.30
CA PRO C 904 2.08 6.31 -41.20
C PRO C 904 2.75 7.66 -41.41
N PHE C 905 2.79 8.08 -42.68
CA PHE C 905 3.45 9.33 -43.04
C PHE C 905 2.51 10.18 -43.87
N LEU C 906 2.50 11.49 -43.60
CA LEU C 906 1.65 12.40 -44.36
C LEU C 906 2.04 12.35 -45.83
N ALA C 907 1.19 12.96 -46.66
CA ALA C 907 1.46 12.99 -48.09
C ALA C 907 2.82 13.60 -48.39
N ASP C 908 3.26 14.53 -47.55
CA ASP C 908 4.58 15.13 -47.68
C ASP C 908 5.69 14.09 -47.51
N GLY C 909 5.47 13.08 -46.67
CA GLY C 909 6.47 12.08 -46.37
C GLY C 909 6.93 12.09 -44.93
N THR C 910 6.39 12.97 -44.09
CA THR C 910 6.81 13.05 -42.70
C THR C 910 6.14 11.95 -41.90
N PRO C 911 6.90 11.01 -41.33
CA PRO C 911 6.26 9.98 -40.50
C PRO C 911 5.67 10.57 -39.22
N VAL C 912 4.61 9.94 -38.74
CA VAL C 912 4.03 10.32 -37.46
C VAL C 912 4.84 9.68 -36.35
N ASP C 913 4.94 10.37 -35.21
CA ASP C 913 5.79 9.92 -34.12
C ASP C 913 5.06 9.02 -33.14
N ILE C 914 3.79 9.31 -32.86
CA ILE C 914 3.00 8.56 -31.89
C ILE C 914 1.64 8.30 -32.51
N ILE C 915 0.98 7.24 -32.05
CA ILE C 915 -0.37 6.90 -32.49
C ILE C 915 -1.19 6.58 -31.25
N LEU C 916 -2.13 7.44 -30.91
CA LEU C 916 -3.10 7.16 -29.87
C LEU C 916 -4.34 6.52 -30.48
N ASN C 917 -5.20 6.00 -29.61
CA ASN C 917 -6.41 5.30 -30.03
C ASN C 917 -7.61 6.23 -29.95
N THR C 918 -8.47 6.17 -30.97
CA THR C 918 -9.68 6.99 -30.97
C THR C 918 -10.72 6.47 -30.00
N HIS C 919 -10.58 5.24 -29.51
CA HIS C 919 -11.59 4.66 -28.62
C HIS C 919 -11.49 5.20 -27.20
N GLY C 920 -10.46 5.95 -26.87
CA GLY C 920 -10.30 6.47 -25.53
C GLY C 920 -10.77 7.90 -25.35
N VAL C 921 -10.98 8.63 -26.44
CA VAL C 921 -11.35 10.04 -26.35
C VAL C 921 -12.82 10.19 -25.98
N PRO C 922 -13.77 9.64 -26.76
CA PRO C 922 -15.17 10.03 -26.57
C PRO C 922 -15.74 9.71 -25.19
N ARG C 923 -15.34 8.59 -24.59
CA ARG C 923 -16.00 8.15 -23.36
C ARG C 923 -15.31 8.65 -22.10
N ARG C 924 -14.01 8.89 -22.15
CA ARG C 924 -13.32 9.48 -21.00
C ARG C 924 -13.56 10.97 -20.90
N MET C 925 -14.18 11.57 -21.90
CA MET C 925 -14.60 12.97 -21.86
C MET C 925 -13.41 13.90 -21.59
N ASN C 926 -12.34 13.69 -22.37
CA ASN C 926 -11.22 14.61 -22.35
C ASN C 926 -10.94 15.10 -23.77
N ILE C 927 -11.99 15.52 -24.48
CA ILE C 927 -11.86 16.01 -25.84
C ILE C 927 -10.84 17.14 -25.94
N GLY C 928 -10.48 17.78 -24.82
CA GLY C 928 -9.48 18.83 -24.86
C GLY C 928 -8.22 18.42 -25.58
N GLN C 929 -7.75 17.19 -25.37
CA GLN C 929 -6.54 16.75 -26.05
C GLN C 929 -6.67 16.94 -27.56
N ILE C 930 -7.79 16.51 -28.13
CA ILE C 930 -8.00 16.71 -29.57
C ILE C 930 -7.87 18.19 -29.91
N LEU C 931 -8.56 19.05 -29.16
CA LEU C 931 -8.41 20.48 -29.37
C LEU C 931 -6.94 20.85 -29.37
N GLU C 932 -6.22 20.46 -28.32
CA GLU C 932 -4.80 20.75 -28.25
C GLU C 932 -4.10 20.28 -29.51
N THR C 933 -4.34 19.02 -29.90
CA THR C 933 -3.73 18.49 -31.10
C THR C 933 -3.91 19.46 -32.25
N HIS C 934 -5.16 19.82 -32.55
CA HIS C 934 -5.42 20.71 -33.67
C HIS C 934 -4.61 21.99 -33.50
N LEU C 935 -4.73 22.64 -32.35
CA LEU C 935 -4.01 23.88 -32.14
C LEU C 935 -2.52 23.66 -32.30
N GLY C 936 -2.00 22.58 -31.72
CA GLY C 936 -0.59 22.30 -31.88
C GLY C 936 -0.18 22.30 -33.33
N TRP C 937 -0.92 21.57 -34.16
CA TRP C 937 -0.58 21.55 -35.58
C TRP C 937 -0.57 22.95 -36.15
N CYS C 938 -1.59 23.75 -35.86
CA CYS C 938 -1.61 25.12 -36.35
C CYS C 938 -0.36 25.86 -35.88
N ALA C 939 -0.04 25.76 -34.59
CA ALA C 939 1.14 26.44 -34.08
C ALA C 939 2.39 25.95 -34.79
N HIS C 940 2.43 24.66 -35.15
CA HIS C 940 3.59 24.13 -35.83
C HIS C 940 3.68 24.67 -37.26
N SER C 941 2.54 24.89 -37.91
CA SER C 941 2.55 25.27 -39.31
C SER C 941 2.58 26.78 -39.50
N GLY C 942 1.95 27.52 -38.59
CA GLY C 942 1.77 28.94 -38.81
C GLY C 942 0.54 29.21 -39.67
N TRP C 943 -0.01 30.41 -39.52
CA TRP C 943 -1.27 30.74 -40.16
C TRP C 943 -1.27 32.21 -40.58
N LYS C 944 -2.23 32.53 -41.45
CA LYS C 944 -2.48 33.92 -41.86
C LYS C 944 -3.97 34.07 -42.11
N VAL C 945 -4.64 34.79 -41.22
CA VAL C 945 -6.06 35.10 -41.46
C VAL C 945 -6.15 36.11 -42.58
N ASP C 946 -6.94 35.78 -43.60
CA ASP C 946 -7.04 36.62 -44.80
C ASP C 946 -7.95 37.80 -44.49
N ALA C 947 -7.36 38.87 -43.96
CA ALA C 947 -8.10 40.09 -43.65
C ALA C 947 -8.08 41.06 -44.83
N ALA C 948 -8.45 40.56 -46.01
CA ALA C 948 -8.50 41.42 -47.19
C ALA C 948 -9.65 42.41 -47.10
N LYS C 949 -10.84 41.93 -46.74
CA LYS C 949 -12.03 42.76 -46.55
C LYS C 949 -12.41 42.67 -45.08
N GLY C 950 -11.78 43.51 -44.27
CA GLY C 950 -12.04 43.48 -42.85
C GLY C 950 -11.53 42.19 -42.22
N VAL C 951 -11.92 41.99 -40.97
CA VAL C 951 -11.56 40.78 -40.23
C VAL C 951 -12.72 39.81 -40.33
N PRO C 952 -12.46 38.50 -40.47
CA PRO C 952 -13.58 37.55 -40.49
C PRO C 952 -14.38 37.61 -39.19
N ASP C 953 -15.69 37.38 -39.31
CA ASP C 953 -16.57 37.50 -38.15
C ASP C 953 -16.10 36.62 -37.00
N TRP C 954 -15.51 35.47 -37.29
CA TRP C 954 -15.01 34.59 -36.23
C TRP C 954 -13.69 35.09 -35.64
N ALA C 955 -13.03 36.06 -36.27
CA ALA C 955 -11.78 36.61 -35.77
C ALA C 955 -11.93 38.03 -35.25
N ALA C 956 -13.17 38.53 -35.14
CA ALA C 956 -13.36 39.90 -34.67
C ALA C 956 -12.84 40.07 -33.26
N ARG C 957 -13.10 39.12 -32.38
CA ARG C 957 -12.69 39.19 -30.99
C ARG C 957 -11.32 38.56 -30.73
N LEU C 958 -10.64 38.07 -31.77
CA LEU C 958 -9.29 37.57 -31.59
C LEU C 958 -8.37 38.72 -31.19
N PRO C 959 -7.47 38.53 -30.24
CA PRO C 959 -6.49 39.59 -29.94
C PRO C 959 -5.67 39.92 -31.19
N ASP C 960 -5.37 41.21 -31.34
CA ASP C 960 -4.53 41.65 -32.45
C ASP C 960 -3.23 40.87 -32.46
N GLU C 961 -2.58 40.79 -33.62
CA GLU C 961 -1.29 40.17 -33.86
C GLU C 961 -1.38 38.64 -33.83
N LEU C 962 -2.50 38.04 -33.43
CA LEU C 962 -2.71 36.61 -33.60
C LEU C 962 -3.24 36.27 -34.98
N LEU C 963 -3.57 37.27 -35.79
CA LEU C 963 -4.02 37.04 -37.16
C LEU C 963 -2.91 36.49 -38.05
N GLU C 964 -1.66 36.51 -37.58
CA GLU C 964 -0.53 36.05 -38.38
C GLU C 964 0.52 35.48 -37.44
N ALA C 965 0.86 34.21 -37.64
CA ALA C 965 1.85 33.53 -36.80
C ALA C 965 2.80 32.75 -37.68
N GLN C 966 4.10 32.96 -37.47
CA GLN C 966 5.12 32.28 -38.25
C GLN C 966 5.20 30.82 -37.84
N PRO C 967 5.72 29.96 -38.72
CA PRO C 967 5.72 28.52 -38.42
C PRO C 967 6.47 28.20 -37.13
N ASN C 968 5.93 27.24 -36.39
CA ASN C 968 6.53 26.81 -35.12
C ASN C 968 6.41 27.88 -34.04
N ALA C 969 5.29 28.61 -34.05
CA ALA C 969 5.07 29.70 -33.13
C ALA C 969 4.42 29.18 -31.84
N ILE C 970 5.13 29.32 -30.72
CA ILE C 970 4.56 28.96 -29.43
C ILE C 970 3.36 29.85 -29.14
N VAL C 971 2.31 29.25 -28.58
CA VAL C 971 1.08 29.96 -28.24
C VAL C 971 0.63 29.51 -26.86
N SER C 972 -0.26 30.30 -26.26
CA SER C 972 -0.85 29.99 -24.96
C SER C 972 -2.36 30.13 -25.03
N THR C 973 -3.04 29.18 -24.37
CA THR C 973 -4.48 29.22 -24.17
C THR C 973 -4.73 29.14 -22.68
N PRO C 974 -4.85 30.28 -21.97
CA PRO C 974 -5.06 30.23 -20.51
C PRO C 974 -6.22 29.32 -20.13
N VAL C 975 -6.34 29.02 -18.84
CA VAL C 975 -7.16 27.87 -18.42
C VAL C 975 -8.59 28.02 -18.91
N PHE C 976 -9.29 29.05 -18.45
CA PHE C 976 -10.71 29.18 -18.71
C PHE C 976 -11.06 30.35 -19.63
N ASP C 977 -10.07 31.12 -20.07
CA ASP C 977 -10.20 31.94 -21.27
C ASP C 977 -9.10 31.48 -22.21
N GLY C 978 -9.47 31.13 -23.43
CA GLY C 978 -8.54 30.52 -24.35
C GLY C 978 -8.97 30.64 -25.78
N ALA C 979 -8.67 29.63 -26.60
CA ALA C 979 -9.05 29.63 -28.00
C ALA C 979 -10.41 28.96 -28.13
N GLN C 980 -11.45 29.76 -28.37
CA GLN C 980 -12.77 29.19 -28.58
C GLN C 980 -12.78 28.30 -29.81
N GLU C 981 -13.75 27.41 -29.87
CA GLU C 981 -13.80 26.43 -30.94
C GLU C 981 -13.93 27.09 -32.31
N ALA C 982 -14.68 28.19 -32.39
CA ALA C 982 -14.81 28.90 -33.67
C ALA C 982 -13.47 29.47 -34.11
N GLU C 983 -12.73 30.06 -33.17
CA GLU C 983 -11.41 30.59 -33.51
C GLU C 983 -10.48 29.48 -33.95
N LEU C 984 -10.58 28.31 -33.32
CA LEU C 984 -9.74 27.18 -33.72
C LEU C 984 -10.10 26.70 -35.12
N GLN C 985 -11.41 26.60 -35.41
CA GLN C 985 -11.84 26.27 -36.77
C GLN C 985 -11.23 27.23 -37.77
N GLY C 986 -11.35 28.53 -37.50
CA GLY C 986 -10.82 29.52 -38.40
C GLY C 986 -9.32 29.41 -38.61
N LEU C 987 -8.57 29.31 -37.51
CA LEU C 987 -7.12 29.20 -37.63
C LEU C 987 -6.72 27.91 -38.33
N LEU C 988 -7.54 26.87 -38.21
CA LEU C 988 -7.26 25.62 -38.91
C LEU C 988 -7.51 25.76 -40.40
N SER C 989 -8.49 26.57 -40.79
CA SER C 989 -8.75 26.80 -42.21
C SER C 989 -7.54 27.47 -42.88
N CYS C 990 -6.98 28.49 -42.24
CA CYS C 990 -5.82 29.22 -42.76
C CYS C 990 -4.58 28.69 -42.04
N THR C 991 -3.82 27.84 -42.75
CA THR C 991 -2.73 27.09 -42.15
C THR C 991 -1.50 27.10 -43.08
N LEU C 992 -1.05 28.32 -43.43
CA LEU C 992 -0.19 28.60 -44.58
C LEU C 992 0.79 27.47 -44.91
N PRO C 993 0.98 27.16 -46.18
CA PRO C 993 1.46 25.83 -46.57
C PRO C 993 2.87 25.55 -46.09
N ASN C 994 3.17 24.25 -45.98
CA ASN C 994 4.42 23.82 -45.38
C ASN C 994 5.64 24.30 -46.16
N ARG C 995 5.83 23.79 -47.38
CA ARG C 995 6.98 24.18 -48.20
C ARG C 995 6.59 24.50 -49.63
N ASP C 996 5.67 23.73 -50.21
CA ASP C 996 5.05 24.02 -51.50
C ASP C 996 3.59 24.38 -51.25
N GLY C 997 2.83 24.56 -52.32
CA GLY C 997 1.43 24.88 -52.11
C GLY C 997 0.68 23.59 -51.88
N ASP C 998 0.53 23.23 -50.60
CA ASP C 998 -0.08 21.95 -50.23
C ASP C 998 -0.45 22.04 -48.76
N VAL C 999 -1.75 22.08 -48.47
CA VAL C 999 -2.24 22.06 -47.10
C VAL C 999 -2.47 20.60 -46.72
N LEU C 1000 -1.66 20.09 -45.80
CA LEU C 1000 -1.75 18.69 -45.41
C LEU C 1000 -2.93 18.39 -44.50
N VAL C 1001 -3.57 19.41 -43.94
CA VAL C 1001 -4.69 19.23 -43.01
C VAL C 1001 -5.85 20.10 -43.48
N ASP C 1002 -6.96 19.47 -43.84
CA ASP C 1002 -8.13 20.20 -44.29
C ASP C 1002 -8.73 20.99 -43.13
N ALA C 1003 -9.79 21.74 -43.43
CA ALA C 1003 -10.46 22.53 -42.40
C ALA C 1003 -10.96 21.64 -41.26
N ASP C 1004 -11.28 20.38 -41.56
CA ASP C 1004 -11.76 19.47 -40.53
C ASP C 1004 -10.66 19.04 -39.56
N GLY C 1005 -9.39 19.30 -39.87
CA GLY C 1005 -8.31 18.95 -38.99
C GLY C 1005 -7.73 17.58 -39.20
N LYS C 1006 -8.13 16.87 -40.25
CA LYS C 1006 -7.74 15.49 -40.50
C LYS C 1006 -6.90 15.41 -41.76
N ALA C 1007 -5.84 14.60 -41.71
CA ALA C 1007 -4.91 14.47 -42.81
C ALA C 1007 -5.01 13.07 -43.41
N MET C 1008 -4.75 13.00 -44.72
CA MET C 1008 -4.80 11.74 -45.46
C MET C 1008 -3.44 11.06 -45.33
N LEU C 1009 -3.40 9.96 -44.59
CA LEU C 1009 -2.15 9.28 -44.24
C LEU C 1009 -1.90 8.09 -45.15
N PHE C 1010 -0.63 7.80 -45.39
CA PHE C 1010 -0.21 6.65 -46.17
C PHE C 1010 0.22 5.53 -45.24
N ASP C 1011 -0.19 4.30 -45.56
CA ASP C 1011 0.15 3.17 -44.70
C ASP C 1011 1.63 2.83 -44.85
N GLY C 1012 2.31 2.69 -43.72
CA GLY C 1012 3.74 2.42 -43.76
C GLY C 1012 4.06 1.05 -44.34
N ARG C 1013 3.24 0.04 -44.02
CA ARG C 1013 3.51 -1.33 -44.42
C ARG C 1013 2.91 -1.65 -45.79
N SER C 1014 1.59 -1.50 -45.92
CA SER C 1014 0.94 -1.86 -47.18
C SER C 1014 1.37 -0.92 -48.30
N GLY C 1015 1.38 0.38 -48.04
CA GLY C 1015 1.75 1.40 -49.00
C GLY C 1015 0.57 2.17 -49.55
N GLU C 1016 -0.63 1.59 -49.50
CA GLU C 1016 -1.81 2.30 -49.97
C GLU C 1016 -2.21 3.37 -48.96
N PRO C 1017 -2.82 4.47 -49.43
CA PRO C 1017 -3.38 5.43 -48.48
C PRO C 1017 -4.51 4.82 -47.68
N PHE C 1018 -4.64 5.24 -46.44
CA PHE C 1018 -5.78 4.81 -45.65
C PHE C 1018 -7.05 5.38 -46.29
N PRO C 1019 -8.15 4.61 -46.32
CA PRO C 1019 -9.31 5.06 -47.11
C PRO C 1019 -9.89 6.38 -46.66
N TYR C 1020 -9.70 6.78 -45.41
CA TYR C 1020 -10.31 7.99 -44.88
C TYR C 1020 -9.26 8.84 -44.17
N PRO C 1021 -9.43 10.18 -44.17
CA PRO C 1021 -8.48 11.03 -43.44
C PRO C 1021 -8.35 10.65 -41.97
N VAL C 1022 -7.26 11.08 -41.34
CA VAL C 1022 -6.95 10.75 -39.96
C VAL C 1022 -6.60 12.04 -39.23
N THR C 1023 -7.11 12.20 -38.02
CA THR C 1023 -6.82 13.38 -37.21
C THR C 1023 -5.34 13.36 -36.85
N VAL C 1024 -4.57 14.27 -37.44
CA VAL C 1024 -3.13 14.35 -37.22
C VAL C 1024 -2.81 15.72 -36.65
N GLY C 1025 -1.90 15.76 -35.69
CA GLY C 1025 -1.45 17.02 -35.17
C GLY C 1025 -0.20 16.87 -34.35
N TYR C 1026 0.02 17.84 -33.45
CA TYR C 1026 1.18 17.82 -32.57
C TYR C 1026 0.69 17.85 -31.13
N MET C 1027 0.90 16.74 -30.42
CA MET C 1027 0.53 16.64 -29.02
C MET C 1027 1.77 16.70 -28.15
N TYR C 1028 1.68 17.46 -27.07
CA TYR C 1028 2.79 17.61 -26.13
C TYR C 1028 2.63 16.53 -25.07
N ILE C 1029 3.46 15.49 -25.16
CA ILE C 1029 3.35 14.32 -24.29
C ILE C 1029 4.59 14.25 -23.40
N MET C 1030 4.38 13.80 -22.17
CA MET C 1030 5.43 13.71 -21.16
C MET C 1030 5.78 12.25 -20.92
N LYS C 1031 7.00 12.02 -20.46
CA LYS C 1031 7.47 10.68 -20.14
C LYS C 1031 7.39 10.50 -18.63
N LEU C 1032 6.38 9.78 -18.17
CA LEU C 1032 6.14 9.64 -16.74
C LEU C 1032 7.20 8.76 -16.10
N HIS C 1033 7.37 8.92 -14.79
CA HIS C 1033 8.42 8.24 -14.04
C HIS C 1033 7.93 6.90 -13.53
N HIS C 1034 7.39 6.07 -14.43
CA HIS C 1034 6.95 4.73 -14.10
C HIS C 1034 7.61 3.77 -15.07
N LEU C 1035 8.92 3.92 -15.23
CA LEU C 1035 9.66 3.21 -16.26
C LEU C 1035 9.72 1.72 -15.96
N VAL C 1036 9.64 0.90 -17.02
CA VAL C 1036 9.56 -0.53 -16.85
C VAL C 1036 10.84 -1.09 -16.23
N ASP C 1037 11.96 -0.38 -16.38
CA ASP C 1037 13.21 -0.88 -15.81
C ASP C 1037 13.14 -0.97 -14.29
N ASP C 1038 12.39 -0.07 -13.66
CA ASP C 1038 12.19 -0.11 -12.22
C ASP C 1038 11.02 -1.01 -11.82
N LYS C 1039 10.21 -1.46 -12.76
CA LYS C 1039 9.04 -2.28 -12.47
C LYS C 1039 9.28 -3.77 -12.67
N ILE C 1040 10.16 -4.16 -13.59
CA ILE C 1040 10.43 -5.56 -13.83
C ILE C 1040 11.05 -6.18 -12.58
N HIS C 1041 10.65 -7.41 -12.28
CA HIS C 1041 11.26 -8.15 -11.18
C HIS C 1041 10.95 -9.63 -11.36
N ALA C 1042 11.89 -10.46 -10.90
CA ALA C 1042 11.74 -11.91 -10.98
C ALA C 1042 12.49 -12.55 -9.82
N ARG C 1043 12.14 -13.79 -9.53
CA ARG C 1043 12.75 -14.49 -8.40
C ARG C 1043 12.60 -15.99 -8.60
N SER C 1044 13.66 -16.72 -8.29
CA SER C 1044 13.61 -18.17 -8.14
C SER C 1044 13.97 -18.65 -6.75
N THR C 1045 14.84 -17.93 -6.05
CA THR C 1045 15.20 -18.22 -4.66
C THR C 1045 16.05 -17.07 -4.15
N GLY C 1046 15.93 -16.80 -2.85
CA GLY C 1046 16.63 -15.69 -2.26
C GLY C 1046 16.44 -15.61 -0.76
N PRO C 1047 16.46 -14.40 -0.19
CA PRO C 1047 16.32 -14.26 1.26
C PRO C 1047 14.96 -14.75 1.74
N TYR C 1048 14.93 -15.24 2.98
CA TYR C 1048 13.72 -15.67 3.64
C TYR C 1048 13.56 -14.92 4.94
N SER C 1049 12.32 -14.55 5.26
CA SER C 1049 12.06 -13.71 6.43
C SER C 1049 12.52 -14.41 7.71
N MET C 1050 12.51 -13.64 8.79
CA MET C 1050 13.19 -14.06 10.02
C MET C 1050 12.35 -15.04 10.83
N ILE C 1051 11.20 -14.59 11.34
CA ILE C 1051 10.38 -15.45 12.17
C ILE C 1051 9.73 -16.54 11.34
N THR C 1052 9.22 -16.17 10.17
CA THR C 1052 8.66 -17.12 9.22
C THR C 1052 9.50 -17.14 7.95
N GLN C 1053 9.35 -18.22 7.21
CA GLN C 1053 9.80 -18.33 5.83
C GLN C 1053 8.72 -17.62 5.02
N GLN C 1054 8.48 -18.00 3.75
CA GLN C 1054 7.67 -17.17 2.87
C GLN C 1054 8.48 -15.94 2.50
N PRO C 1055 9.37 -16.06 1.51
CA PRO C 1055 10.48 -15.11 1.37
C PRO C 1055 10.10 -13.65 1.44
N LEU C 1056 11.09 -12.81 1.75
CA LEU C 1056 10.87 -11.39 1.87
C LEU C 1056 10.15 -10.88 0.62
N GLY C 1057 9.32 -9.86 0.82
CA GLY C 1057 8.65 -9.22 -0.30
C GLY C 1057 9.37 -7.95 -0.71
N GLY C 1058 9.30 -7.64 -2.00
CA GLY C 1058 9.85 -6.40 -2.50
C GLY C 1058 10.94 -6.57 -3.53
N LYS C 1059 10.88 -5.77 -4.60
CA LYS C 1059 11.96 -5.76 -5.59
C LYS C 1059 13.27 -5.31 -4.97
N ALA C 1060 13.21 -4.49 -3.91
CA ALA C 1060 14.44 -4.02 -3.27
C ALA C 1060 15.24 -5.20 -2.74
N GLN C 1061 14.57 -6.11 -2.04
CA GLN C 1061 15.15 -7.41 -1.72
C GLN C 1061 15.01 -8.28 -2.96
N PHE C 1062 15.23 -9.58 -2.82
CA PHE C 1062 14.94 -10.53 -3.90
C PHE C 1062 13.58 -11.14 -3.54
N GLY C 1063 12.52 -10.42 -3.89
CA GLY C 1063 11.22 -10.65 -3.31
C GLY C 1063 10.30 -11.55 -4.12
N GLY C 1064 9.60 -12.42 -3.41
CA GLY C 1064 8.58 -13.25 -4.01
C GLY C 1064 7.27 -12.50 -4.09
N GLN C 1065 6.47 -12.87 -5.09
CA GLN C 1065 5.20 -12.18 -5.32
C GLN C 1065 4.13 -12.75 -4.41
N ARG C 1066 3.46 -11.86 -3.69
CA ARG C 1066 2.45 -12.28 -2.71
C ARG C 1066 1.34 -13.06 -3.41
N PHE C 1067 1.06 -14.25 -2.89
CA PHE C 1067 -0.06 -15.06 -3.35
C PHE C 1067 -1.10 -15.04 -2.24
N GLY C 1068 -2.01 -14.07 -2.32
CA GLY C 1068 -2.94 -13.79 -1.24
C GLY C 1068 -4.07 -14.79 -1.14
N GLU C 1069 -5.09 -14.42 -0.39
CA GLU C 1069 -6.26 -15.28 -0.22
C GLU C 1069 -7.20 -15.24 -1.40
N MET C 1070 -7.35 -14.09 -2.07
CA MET C 1070 -8.19 -14.02 -3.25
C MET C 1070 -7.66 -14.91 -4.36
N GLU C 1071 -6.34 -14.89 -4.57
CA GLU C 1071 -5.71 -15.74 -5.56
C GLU C 1071 -5.88 -17.21 -5.21
N CYS C 1072 -5.75 -17.55 -3.93
CA CYS C 1072 -5.97 -18.91 -3.48
C CYS C 1072 -7.42 -19.35 -3.66
N TRP C 1073 -8.39 -18.46 -3.44
CA TRP C 1073 -9.77 -18.80 -3.77
C TRP C 1073 -9.94 -19.04 -5.26
N ALA C 1074 -9.31 -18.21 -6.09
CA ALA C 1074 -9.39 -18.42 -7.53
C ALA C 1074 -8.84 -19.79 -7.90
N MET C 1075 -7.74 -20.20 -7.26
CA MET C 1075 -7.18 -21.51 -7.53
C MET C 1075 -8.11 -22.63 -7.04
N GLN C 1076 -8.74 -22.44 -5.87
CA GLN C 1076 -9.70 -23.43 -5.39
C GLN C 1076 -10.87 -23.57 -6.32
N ALA C 1077 -11.37 -22.46 -6.86
CA ALA C 1077 -12.48 -22.51 -7.81
C ALA C 1077 -12.11 -23.29 -9.05
N TYR C 1078 -10.86 -23.11 -9.52
CA TYR C 1078 -10.39 -23.88 -10.67
C TYR C 1078 -10.35 -25.37 -10.37
N GLY C 1079 -10.37 -25.76 -9.10
CA GLY C 1079 -10.23 -27.14 -8.72
C GLY C 1079 -8.81 -27.64 -8.66
N ALA C 1080 -7.83 -26.77 -8.89
CA ALA C 1080 -6.43 -27.16 -8.97
C ALA C 1080 -5.87 -27.23 -7.56
N ALA C 1081 -6.02 -28.40 -6.93
CA ALA C 1081 -5.53 -28.60 -5.58
C ALA C 1081 -4.01 -28.74 -5.51
N TYR C 1082 -3.40 -29.43 -6.47
CA TYR C 1082 -1.97 -29.69 -6.42
C TYR C 1082 -1.13 -28.43 -6.59
N THR C 1083 -1.49 -27.56 -7.54
CA THR C 1083 -0.73 -26.32 -7.71
C THR C 1083 -0.86 -25.44 -6.48
N LEU C 1084 -2.04 -25.38 -5.86
CA LEU C 1084 -2.22 -24.58 -4.66
C LEU C 1084 -1.38 -25.13 -3.51
N GLN C 1085 -1.40 -26.44 -3.31
CA GLN C 1085 -0.58 -27.04 -2.26
C GLN C 1085 0.90 -26.77 -2.53
N GLU C 1086 1.33 -26.94 -3.78
CA GLU C 1086 2.71 -26.69 -4.16
C GLU C 1086 3.11 -25.26 -3.79
N LEU C 1087 2.30 -24.28 -4.24
CA LEU C 1087 2.55 -22.88 -3.95
C LEU C 1087 2.69 -22.64 -2.46
N LEU C 1088 1.67 -23.04 -1.69
CA LEU C 1088 1.64 -22.66 -0.29
C LEU C 1088 2.55 -23.50 0.58
N THR C 1089 3.17 -24.56 0.06
CA THR C 1089 4.03 -25.40 0.87
C THR C 1089 5.50 -25.31 0.46
N ILE C 1090 5.86 -25.61 -0.79
CA ILE C 1090 7.28 -25.76 -1.13
C ILE C 1090 7.81 -24.48 -1.76
N LYS C 1091 6.95 -23.79 -2.52
CA LYS C 1091 7.37 -22.52 -3.09
C LYS C 1091 7.55 -21.44 -2.02
N SER C 1092 6.86 -21.54 -0.90
CA SER C 1092 6.81 -20.46 0.08
C SER C 1092 7.44 -20.83 1.41
N ASP C 1093 6.95 -21.86 2.10
CA ASP C 1093 7.17 -21.97 3.54
C ASP C 1093 7.92 -23.22 3.97
N ASP C 1094 7.53 -24.39 3.47
CA ASP C 1094 8.15 -25.64 3.89
C ASP C 1094 9.66 -25.56 3.71
N THR C 1095 10.40 -25.59 4.82
CA THR C 1095 11.84 -25.35 4.77
C THR C 1095 12.65 -26.59 4.42
N VAL C 1096 12.02 -27.76 4.40
CA VAL C 1096 12.71 -29.00 4.06
C VAL C 1096 12.41 -29.41 2.62
N GLY C 1097 11.17 -29.26 2.18
CA GLY C 1097 10.81 -29.52 0.81
C GLY C 1097 11.30 -28.48 -0.18
N ARG C 1098 11.84 -27.36 0.32
CA ARG C 1098 12.34 -26.27 -0.52
C ARG C 1098 13.68 -26.63 -1.15
N VAL C 1099 14.67 -26.95 -0.31
CA VAL C 1099 15.95 -27.41 -0.84
C VAL C 1099 15.76 -28.71 -1.59
N LYS C 1100 14.79 -29.52 -1.17
CA LYS C 1100 14.51 -30.76 -1.88
C LYS C 1100 13.97 -30.50 -3.29
N VAL C 1101 13.06 -29.54 -3.44
CA VAL C 1101 12.57 -29.24 -4.78
C VAL C 1101 13.68 -28.62 -5.62
N TYR C 1102 14.56 -27.82 -5.00
CA TYR C 1102 15.69 -27.30 -5.76
C TYR C 1102 16.58 -28.43 -6.26
N GLU C 1103 16.89 -29.41 -5.39
CA GLU C 1103 17.70 -30.54 -5.81
C GLU C 1103 17.00 -31.32 -6.92
N ALA C 1104 15.70 -31.57 -6.78
CA ALA C 1104 14.98 -32.33 -7.78
C ALA C 1104 15.01 -31.61 -9.13
N ILE C 1105 14.81 -30.30 -9.12
CA ILE C 1105 14.83 -29.54 -10.37
C ILE C 1105 16.21 -29.58 -11.00
N VAL C 1106 17.25 -29.38 -10.19
CA VAL C 1106 18.61 -29.30 -10.74
C VAL C 1106 19.11 -30.65 -11.21
N LYS C 1107 18.60 -31.75 -10.65
CA LYS C 1107 19.07 -33.08 -10.99
C LYS C 1107 18.12 -33.86 -11.89
N GLY C 1108 16.99 -33.27 -12.28
CA GLY C 1108 16.05 -33.92 -13.16
C GLY C 1108 15.13 -34.92 -12.52
N GLU C 1109 15.12 -35.01 -11.19
CA GLU C 1109 14.24 -35.93 -10.50
C GLU C 1109 12.85 -35.32 -10.37
N ASN C 1110 11.91 -36.13 -9.88
CA ASN C 1110 10.56 -35.66 -9.67
C ASN C 1110 10.50 -34.71 -8.48
N ILE C 1111 9.66 -33.69 -8.58
CA ILE C 1111 9.48 -32.78 -7.45
C ILE C 1111 8.90 -33.55 -6.28
N PRO C 1112 9.42 -33.40 -5.06
CA PRO C 1112 9.05 -34.32 -3.97
C PRO C 1112 7.72 -33.94 -3.34
N GLU C 1113 7.26 -34.82 -2.46
CA GLU C 1113 6.02 -34.57 -1.73
C GLU C 1113 6.21 -33.38 -0.78
N PRO C 1114 5.24 -32.47 -0.71
CA PRO C 1114 5.37 -31.35 0.22
C PRO C 1114 5.00 -31.74 1.65
N GLY C 1115 5.58 -31.01 2.59
CA GLY C 1115 5.42 -31.26 4.01
C GLY C 1115 4.50 -30.27 4.68
N ILE C 1116 4.71 -30.06 5.98
CA ILE C 1116 3.92 -29.12 6.76
C ILE C 1116 4.53 -27.73 6.58
N PRO C 1117 3.76 -26.72 6.19
CA PRO C 1117 4.33 -25.36 6.14
C PRO C 1117 4.79 -24.91 7.52
N GLU C 1118 5.90 -24.18 7.54
CA GLU C 1118 6.48 -23.74 8.79
C GLU C 1118 5.56 -22.78 9.55
N SER C 1119 4.79 -21.98 8.82
CA SER C 1119 3.88 -21.05 9.46
C SER C 1119 2.82 -21.74 10.31
N PHE C 1120 2.39 -22.95 9.94
CA PHE C 1120 1.43 -23.66 10.76
C PHE C 1120 2.02 -24.04 12.12
N LYS C 1121 3.27 -24.51 12.14
CA LYS C 1121 3.89 -24.82 13.43
C LYS C 1121 4.14 -23.56 14.23
N VAL C 1122 4.49 -22.45 13.57
CA VAL C 1122 4.56 -21.17 14.28
C VAL C 1122 3.22 -20.85 14.93
N LEU C 1123 2.12 -21.06 14.20
CA LEU C 1123 0.80 -20.81 14.76
C LEU C 1123 0.53 -21.72 15.95
N LEU C 1124 0.90 -22.99 15.84
CA LEU C 1124 0.65 -23.91 16.95
C LEU C 1124 1.39 -23.45 18.20
N LYS C 1125 2.65 -23.02 18.03
CA LYS C 1125 3.40 -22.54 19.20
C LYS C 1125 2.79 -21.25 19.75
N GLU C 1126 2.32 -20.35 18.89
CA GLU C 1126 1.67 -19.14 19.37
C GLU C 1126 0.41 -19.48 20.17
N LEU C 1127 -0.38 -20.42 19.67
CA LEU C 1127 -1.59 -20.82 20.38
C LEU C 1127 -1.25 -21.46 21.72
N GLN C 1128 -0.27 -22.35 21.74
CA GLN C 1128 0.13 -22.99 22.99
C GLN C 1128 0.63 -21.95 24.00
N SER C 1129 1.41 -20.99 23.54
CA SER C 1129 1.92 -19.95 24.44
C SER C 1129 0.81 -19.05 24.94
N LEU C 1130 -0.38 -19.10 24.34
CA LEU C 1130 -1.57 -18.46 24.88
C LEU C 1130 -2.32 -19.36 25.85
N CYS C 1131 -1.65 -20.40 26.38
CA CYS C 1131 -2.26 -21.35 27.31
C CYS C 1131 -3.46 -22.05 26.68
N LEU C 1132 -3.34 -22.38 25.40
CA LEU C 1132 -4.36 -23.12 24.68
C LEU C 1132 -3.76 -24.45 24.25
N ASN C 1133 -4.19 -25.54 24.89
CA ASN C 1133 -3.64 -26.85 24.59
C ASN C 1133 -4.13 -27.35 23.24
N VAL C 1134 -3.36 -27.06 22.19
CA VAL C 1134 -3.66 -27.53 20.84
C VAL C 1134 -2.78 -28.72 20.54
N GLU C 1135 -3.40 -29.84 20.17
CA GLU C 1135 -2.67 -31.06 19.86
C GLU C 1135 -3.22 -31.64 18.57
N VAL C 1136 -2.31 -32.17 17.74
CA VAL C 1136 -2.68 -32.71 16.42
C VAL C 1136 -2.85 -34.22 16.62
N LEU C 1137 -4.09 -34.63 16.85
CA LEU C 1137 -4.37 -36.05 17.04
C LEU C 1137 -4.12 -36.82 15.75
N SER C 1138 -3.40 -37.94 15.86
CA SER C 1138 -3.10 -38.74 14.68
C SER C 1138 -4.38 -39.29 14.06
N SER C 1139 -5.27 -39.84 14.88
CA SER C 1139 -6.52 -40.41 14.39
C SER C 1139 -7.32 -41.03 15.54
N LEU D 11 4.62 -34.16 11.48
CA LEU D 11 5.27 -35.27 10.79
C LEU D 11 4.85 -35.32 9.32
N ASP D 12 3.66 -35.89 9.07
CA ASP D 12 3.13 -36.04 7.72
C ASP D 12 1.69 -35.56 7.69
N VAL D 13 1.30 -34.95 6.58
CA VAL D 13 -0.02 -34.32 6.47
C VAL D 13 -1.10 -35.37 6.25
N ASN D 14 -0.72 -36.64 6.14
CA ASN D 14 -1.70 -37.72 6.10
C ASN D 14 -2.06 -38.24 7.50
N PHE D 15 -1.11 -38.19 8.43
CA PHE D 15 -1.39 -38.47 9.84
C PHE D 15 -1.69 -37.18 10.60
N PHE D 16 -2.65 -36.43 10.07
CA PHE D 16 -3.10 -35.15 10.61
C PHE D 16 -4.64 -35.15 10.66
N ASP D 17 -5.20 -36.23 11.19
CA ASP D 17 -6.64 -36.42 11.05
C ASP D 17 -7.44 -35.36 11.80
N GLU D 18 -6.99 -34.96 12.98
CA GLU D 18 -7.74 -34.02 13.80
C GLU D 18 -6.82 -32.99 14.43
N LEU D 19 -7.41 -31.90 14.89
CA LEU D 19 -6.68 -30.80 15.55
C LEU D 19 -7.57 -30.29 16.69
N ARG D 20 -7.34 -30.82 17.89
CA ARG D 20 -8.14 -30.47 19.06
C ARG D 20 -7.57 -29.25 19.76
N ILE D 21 -8.47 -28.41 20.27
CA ILE D 21 -8.09 -27.25 21.09
C ILE D 21 -8.81 -27.36 22.43
N GLY D 22 -8.09 -27.07 23.51
CA GLY D 22 -8.69 -27.05 24.83
C GLY D 22 -7.84 -26.26 25.79
N LEU D 23 -8.37 -26.08 26.99
CA LEU D 23 -7.62 -25.39 28.03
C LEU D 23 -6.37 -26.17 28.38
N ALA D 24 -5.29 -25.44 28.62
CA ALA D 24 -4.02 -26.03 29.03
C ALA D 24 -3.85 -25.80 30.53
N THR D 25 -4.03 -26.86 31.31
CA THR D 25 -3.84 -26.74 32.74
C THR D 25 -2.37 -26.51 33.07
N ALA D 26 -2.12 -26.03 34.29
CA ALA D 26 -0.75 -25.77 34.71
C ALA D 26 0.13 -26.99 34.53
N GLU D 27 -0.42 -28.18 34.76
CA GLU D 27 0.35 -29.40 34.55
C GLU D 27 0.76 -29.55 33.09
N ASP D 28 -0.16 -29.28 32.16
CA ASP D 28 0.20 -29.32 30.74
C ASP D 28 1.25 -28.28 30.41
N ILE D 29 1.11 -27.08 30.98
CA ILE D 29 2.04 -26.00 30.69
C ILE D 29 3.45 -26.39 31.14
N ARG D 30 3.57 -26.98 32.32
CA ARG D 30 4.88 -27.39 32.81
C ARG D 30 5.32 -28.75 32.27
N GLN D 31 4.45 -29.45 31.53
CA GLN D 31 4.88 -30.63 30.80
C GLN D 31 5.45 -30.28 29.43
N TRP D 32 4.89 -29.26 28.78
CA TRP D 32 5.51 -28.76 27.54
C TRP D 32 6.91 -28.26 27.81
N SER D 33 7.08 -27.54 28.92
CA SER D 33 8.33 -26.81 29.16
C SER D 33 9.51 -27.76 29.26
N TYR D 34 10.64 -27.33 28.70
CA TYR D 34 11.92 -28.00 28.88
C TYR D 34 12.73 -27.40 30.01
N GLY D 35 12.19 -26.43 30.72
CA GLY D 35 12.87 -25.78 31.81
C GLY D 35 11.98 -24.72 32.43
N GLU D 36 12.59 -23.74 33.10
CA GLU D 36 11.85 -22.61 33.64
C GLU D 36 12.71 -21.37 33.49
N VAL D 37 12.21 -20.37 32.78
CA VAL D 37 12.92 -19.10 32.72
C VAL D 37 12.77 -18.44 34.09
N LYS D 38 13.89 -18.31 34.80
CA LYS D 38 13.88 -17.79 36.15
C LYS D 38 14.50 -16.41 36.28
N LYS D 39 15.24 -15.95 35.27
CA LYS D 39 15.91 -14.68 35.31
C LYS D 39 15.52 -13.86 34.08
N PRO D 40 15.26 -12.55 34.22
CA PRO D 40 14.74 -11.74 33.11
C PRO D 40 15.82 -11.22 32.17
N GLU D 41 16.69 -12.11 31.71
CA GLU D 41 17.85 -11.74 30.92
C GLU D 41 17.77 -12.38 29.54
N THR D 42 18.41 -11.71 28.58
CA THR D 42 18.38 -12.18 27.18
C THR D 42 19.74 -12.61 26.68
N ILE D 43 20.73 -11.70 26.70
CA ILE D 43 22.07 -11.98 26.22
C ILE D 43 23.05 -11.11 26.97
N ASN D 44 24.33 -11.47 26.85
CA ASN D 44 25.39 -10.66 27.45
C ASN D 44 25.62 -9.39 26.64
N TYR D 45 25.79 -8.28 27.34
CA TYR D 45 26.02 -7.00 26.67
C TYR D 45 27.31 -7.04 25.85
N ARG D 46 28.36 -7.66 26.38
CA ARG D 46 29.67 -7.63 25.73
C ARG D 46 29.93 -8.81 24.82
N THR D 47 29.75 -10.05 25.31
CA THR D 47 30.01 -11.21 24.46
C THR D 47 28.81 -11.59 23.59
N LEU D 48 27.65 -10.96 23.80
CA LEU D 48 26.49 -11.13 22.93
C LEU D 48 26.13 -12.60 22.76
N LYS D 49 26.06 -13.31 23.89
CA LYS D 49 25.73 -14.72 23.90
C LYS D 49 24.56 -14.96 24.85
N PRO D 50 23.76 -15.99 24.63
CA PRO D 50 22.61 -16.23 25.51
C PRO D 50 23.03 -16.40 26.95
N GLU D 51 22.23 -15.84 27.85
CA GLU D 51 22.55 -15.85 29.26
C GLU D 51 21.84 -16.99 29.97
N LYS D 52 22.41 -17.40 31.10
CA LYS D 52 21.92 -18.57 31.82
C LYS D 52 20.54 -18.30 32.41
N ASP D 53 19.63 -19.25 32.24
CA ASP D 53 18.28 -19.20 32.79
C ASP D 53 17.47 -18.02 32.27
N GLY D 54 17.96 -17.33 31.24
CA GLY D 54 17.29 -16.17 30.71
C GLY D 54 16.19 -16.55 29.74
N LEU D 55 15.63 -15.53 29.09
CA LEU D 55 14.57 -15.76 28.13
C LEU D 55 15.07 -16.52 26.92
N PHE D 56 16.33 -16.33 26.55
CA PHE D 56 16.93 -16.99 25.40
C PHE D 56 17.90 -18.09 25.86
N CYS D 57 17.67 -18.64 27.04
CA CYS D 57 18.63 -19.56 27.63
C CYS D 57 18.91 -20.72 26.70
N GLU D 58 20.20 -21.01 26.50
CA GLU D 58 20.58 -22.13 25.67
C GLU D 58 20.34 -23.46 26.38
N LYS D 59 20.34 -23.45 27.71
CA LYS D 59 20.15 -24.68 28.47
C LYS D 59 18.73 -25.20 28.40
N ILE D 60 17.76 -24.34 28.08
CA ILE D 60 16.35 -24.71 28.04
C ILE D 60 15.89 -24.95 26.61
N PHE D 61 16.08 -23.96 25.74
CA PHE D 61 15.53 -23.99 24.39
C PHE D 61 16.49 -24.57 23.37
N GLY D 62 17.71 -24.95 23.76
CA GLY D 62 18.64 -25.57 22.84
C GLY D 62 19.76 -24.64 22.43
N PRO D 63 20.70 -25.14 21.63
CA PRO D 63 21.88 -24.35 21.29
C PRO D 63 21.63 -23.42 20.11
N THR D 64 22.29 -22.25 20.17
CA THR D 64 22.20 -21.29 19.08
C THR D 64 22.93 -21.75 17.83
N ARG D 65 23.93 -22.62 17.98
CA ARG D 65 24.70 -23.18 16.89
C ARG D 65 24.48 -24.68 16.86
N ASP D 66 24.35 -25.24 15.66
CA ASP D 66 24.09 -26.67 15.54
C ASP D 66 25.20 -27.47 16.23
N TRP D 67 24.79 -28.38 17.11
CA TRP D 67 25.72 -29.33 17.72
C TRP D 67 26.84 -28.65 18.48
N GLU D 68 26.52 -27.97 19.57
CA GLU D 68 27.53 -27.56 20.53
C GLU D 68 26.91 -27.28 21.89
N CYS D 69 27.64 -27.62 22.94
CA CYS D 69 27.32 -27.10 24.26
C CYS D 69 27.75 -25.64 24.37
N TYR D 70 27.32 -24.99 25.45
CA TYR D 70 27.57 -23.56 25.60
C TYR D 70 29.06 -23.24 25.73
N CYS D 71 29.84 -24.11 26.37
CA CYS D 71 31.27 -23.84 26.52
C CYS D 71 32.06 -24.37 25.32
N GLY D 72 31.73 -25.56 24.85
CA GLY D 72 32.36 -26.10 23.65
C GLY D 72 32.90 -27.50 23.80
N LYS D 73 32.68 -28.10 24.97
CA LYS D 73 33.27 -29.40 25.26
C LYS D 73 32.80 -30.47 24.28
N TYR D 74 31.49 -30.61 24.11
CA TYR D 74 30.91 -31.60 23.21
C TYR D 74 30.49 -30.92 21.92
N LYS D 75 30.79 -31.55 20.79
CA LYS D 75 30.47 -30.95 19.50
C LYS D 75 30.33 -32.04 18.44
N ARG D 76 29.74 -31.64 17.31
CA ARG D 76 29.63 -32.46 16.12
C ARG D 76 28.58 -33.55 16.28
N VAL D 77 28.07 -34.06 15.16
CA VAL D 77 26.94 -35.00 15.19
C VAL D 77 27.27 -36.23 16.02
N ARG D 78 28.56 -36.59 16.09
CA ARG D 78 28.95 -37.81 16.80
C ARG D 78 28.49 -37.81 18.24
N PHE D 79 28.30 -36.63 18.84
CA PHE D 79 27.78 -36.52 20.20
C PHE D 79 26.31 -36.13 20.21
N LYS D 80 25.53 -36.62 19.24
CA LYS D 80 24.12 -36.25 19.14
C LYS D 80 23.35 -36.78 20.34
N GLY D 81 22.51 -35.91 20.92
CA GLY D 81 21.65 -36.31 22.02
C GLY D 81 22.28 -36.27 23.39
N ILE D 82 23.44 -35.65 23.54
CA ILE D 82 24.14 -35.61 24.80
C ILE D 82 23.96 -34.22 25.42
N ILE D 83 24.24 -34.12 26.71
CA ILE D 83 24.19 -32.86 27.44
C ILE D 83 25.53 -32.65 28.13
N CYS D 84 26.21 -31.56 27.80
CA CYS D 84 27.46 -31.22 28.48
C CYS D 84 27.18 -31.01 29.97
N GLU D 85 28.03 -31.59 30.81
CA GLU D 85 27.79 -31.52 32.24
C GLU D 85 28.20 -30.18 32.84
N ARG D 86 28.94 -29.36 32.09
CA ARG D 86 29.38 -28.06 32.60
C ARG D 86 28.27 -27.02 32.47
N CYS D 87 27.80 -26.79 31.24
CA CYS D 87 26.79 -25.77 30.99
C CYS D 87 25.39 -26.33 30.91
N GLY D 88 25.23 -27.62 30.64
CA GLY D 88 23.93 -28.26 30.62
C GLY D 88 23.20 -28.17 29.31
N VAL D 89 23.79 -27.55 28.28
CA VAL D 89 23.14 -27.44 26.99
C VAL D 89 23.13 -28.81 26.32
N GLU D 90 22.00 -29.17 25.74
CA GLU D 90 21.93 -30.38 24.94
C GLU D 90 22.50 -30.11 23.55
N VAL D 91 23.36 -30.99 23.08
CA VAL D 91 24.08 -30.81 21.82
C VAL D 91 23.20 -31.42 20.72
N THR D 92 22.50 -30.56 19.99
CA THR D 92 21.62 -31.00 18.91
C THR D 92 21.46 -29.84 17.92
N ARG D 93 20.51 -29.99 17.00
CA ARG D 93 20.27 -28.97 16.00
C ARG D 93 19.76 -27.69 16.66
N ALA D 94 20.19 -26.54 16.14
CA ALA D 94 19.76 -25.26 16.69
C ALA D 94 18.33 -24.93 16.33
N LYS D 95 17.78 -25.52 15.27
CA LYS D 95 16.41 -25.19 14.87
C LYS D 95 15.39 -25.63 15.91
N VAL D 96 15.78 -26.49 16.85
CA VAL D 96 14.88 -26.85 17.94
C VAL D 96 14.54 -25.63 18.77
N ARG D 97 15.34 -24.56 18.69
CA ARG D 97 14.99 -23.33 19.37
C ARG D 97 13.67 -22.76 18.87
N ARG D 98 13.23 -23.16 17.69
CA ARG D 98 11.90 -22.76 17.20
C ARG D 98 10.79 -23.67 17.71
N GLU D 99 11.12 -24.67 18.53
CA GLU D 99 10.15 -25.71 18.88
C GLU D 99 9.97 -25.89 20.37
N ARG D 100 11.03 -25.69 21.16
CA ARG D 100 10.99 -25.94 22.59
C ARG D 100 10.47 -24.72 23.33
N MET D 101 9.60 -24.95 24.30
CA MET D 101 9.02 -23.90 25.13
C MET D 101 9.54 -23.99 26.55
N GLY D 102 9.42 -22.87 27.27
CA GLY D 102 9.68 -22.83 28.69
C GLY D 102 8.42 -22.55 29.47
N HIS D 103 8.60 -22.20 30.74
CA HIS D 103 7.45 -21.81 31.55
C HIS D 103 7.92 -21.05 32.78
N ILE D 104 7.21 -19.98 33.10
CA ILE D 104 7.46 -19.19 34.30
C ILE D 104 6.51 -19.70 35.39
N GLU D 105 7.07 -20.00 36.56
CA GLU D 105 6.27 -20.45 37.71
C GLU D 105 5.86 -19.22 38.51
N LEU D 106 4.62 -18.80 38.33
CA LEU D 106 4.13 -17.60 39.00
C LEU D 106 4.14 -17.81 40.51
N ALA D 107 4.63 -16.82 41.25
CA ALA D 107 4.62 -16.90 42.70
C ALA D 107 3.20 -16.90 43.25
N ALA D 108 2.26 -16.28 42.54
CA ALA D 108 0.86 -16.28 42.90
C ALA D 108 0.02 -16.56 41.66
N PRO D 109 -1.15 -17.17 41.81
CA PRO D 109 -1.99 -17.45 40.63
C PRO D 109 -2.47 -16.18 39.97
N VAL D 110 -2.72 -16.28 38.66
CA VAL D 110 -3.33 -15.22 37.87
C VAL D 110 -4.43 -15.84 37.02
N THR D 111 -5.32 -15.00 36.53
CA THR D 111 -6.43 -15.44 35.69
C THR D 111 -6.14 -15.13 34.24
N HIS D 112 -6.43 -16.09 33.37
CA HIS D 112 -6.34 -15.85 31.94
C HIS D 112 -7.30 -14.74 31.55
N ILE D 113 -6.79 -13.74 30.82
CA ILE D 113 -7.62 -12.58 30.50
C ILE D 113 -8.72 -12.95 29.52
N TRP D 114 -8.48 -13.93 28.65
CA TRP D 114 -9.46 -14.26 27.63
C TRP D 114 -10.77 -14.74 28.24
N TYR D 115 -10.71 -15.40 29.40
CA TYR D 115 -11.90 -15.94 30.05
C TYR D 115 -12.46 -15.02 31.11
N PHE D 116 -11.91 -13.81 31.24
CA PHE D 116 -12.42 -12.82 32.18
C PHE D 116 -12.99 -11.61 31.46
N LYS D 117 -12.21 -10.95 30.60
CA LYS D 117 -12.64 -9.70 29.98
C LYS D 117 -13.48 -9.92 28.74
N GLY D 118 -13.23 -10.98 27.98
CA GLY D 118 -13.99 -11.21 26.77
C GLY D 118 -15.48 -11.34 27.04
N VAL D 119 -16.25 -10.33 26.65
CA VAL D 119 -17.69 -10.35 26.90
C VAL D 119 -18.33 -11.43 26.03
N PRO D 120 -19.16 -12.33 26.60
CA PRO D 120 -19.56 -12.45 28.00
C PRO D 120 -18.45 -13.03 28.88
N SER D 121 -18.28 -12.54 30.09
CA SER D 121 -17.24 -13.03 30.97
C SER D 121 -17.52 -14.48 31.34
N ARG D 122 -16.77 -15.40 30.74
CA ARG D 122 -17.03 -16.82 30.98
C ARG D 122 -16.78 -17.19 32.43
N LEU D 123 -15.77 -16.59 33.05
CA LEU D 123 -15.57 -16.80 34.49
C LEU D 123 -16.79 -16.32 35.27
N GLY D 124 -17.32 -15.16 34.91
CA GLY D 124 -18.51 -14.66 35.61
C GLY D 124 -19.71 -15.56 35.43
N TYR D 125 -19.96 -16.01 34.20
CA TYR D 125 -21.08 -16.90 33.95
C TYR D 125 -20.92 -18.21 34.70
N LEU D 126 -19.71 -18.76 34.73
CA LEU D 126 -19.47 -20.00 35.47
C LEU D 126 -19.72 -19.80 36.96
N LEU D 127 -19.15 -18.75 37.54
CA LEU D 127 -19.28 -18.50 38.97
C LEU D 127 -20.49 -17.65 39.33
N ASP D 128 -21.23 -17.13 38.34
CA ASP D 128 -22.34 -16.22 38.59
C ASP D 128 -21.87 -15.02 39.39
N LEU D 129 -20.76 -14.43 38.96
CA LEU D 129 -20.24 -13.19 39.53
C LEU D 129 -20.36 -12.11 38.47
N ALA D 130 -20.90 -10.95 38.86
CA ALA D 130 -21.05 -9.87 37.92
C ALA D 130 -19.68 -9.45 37.40
N PRO D 131 -19.56 -9.05 36.13
CA PRO D 131 -18.24 -8.65 35.61
C PRO D 131 -17.55 -7.61 36.47
N LYS D 132 -18.30 -6.64 37.02
CA LYS D 132 -17.69 -5.67 37.92
C LYS D 132 -17.15 -6.36 39.17
N ASP D 133 -17.91 -7.29 39.72
CA ASP D 133 -17.45 -7.98 40.92
C ASP D 133 -16.21 -8.82 40.62
N LEU D 134 -16.21 -9.53 39.50
CA LEU D 134 -15.03 -10.32 39.14
C LEU D 134 -13.81 -9.42 38.95
N GLU D 135 -14.01 -8.27 38.30
CA GLU D 135 -12.89 -7.34 38.13
C GLU D 135 -12.40 -6.78 39.45
N LYS D 136 -13.31 -6.57 40.41
CA LYS D 136 -12.89 -6.09 41.72
C LYS D 136 -12.08 -7.14 42.46
N ILE D 137 -12.57 -8.39 42.47
CA ILE D 137 -11.86 -9.45 43.18
C ILE D 137 -10.50 -9.69 42.56
N ILE D 138 -10.46 -9.83 41.22
CA ILE D 138 -9.23 -10.26 40.57
C ILE D 138 -8.15 -9.19 40.69
N TYR D 139 -8.54 -7.91 40.68
CA TYR D 139 -7.59 -6.80 40.75
C TYR D 139 -7.52 -6.18 42.14
N PHE D 140 -7.83 -6.97 43.17
CA PHE D 140 -7.62 -6.59 44.56
C PHE D 140 -8.27 -5.24 44.87
N ALA D 141 -9.55 -5.15 44.57
CA ALA D 141 -10.37 -4.00 44.94
C ALA D 141 -11.51 -4.34 45.88
N ALA D 142 -11.76 -5.62 46.15
CA ALA D 142 -12.82 -6.02 47.05
C ALA D 142 -12.65 -7.50 47.40
N TYR D 143 -12.83 -7.82 48.68
CA TYR D 143 -12.69 -9.18 49.14
C TYR D 143 -13.92 -10.01 48.74
N VAL D 144 -13.79 -11.33 48.88
CA VAL D 144 -14.89 -12.22 48.57
C VAL D 144 -14.81 -13.44 49.47
N ILE D 145 -15.97 -13.95 49.85
CA ILE D 145 -16.04 -15.08 50.77
C ILE D 145 -16.09 -16.36 49.95
N THR D 146 -15.22 -17.31 50.30
CA THR D 146 -15.10 -18.56 49.58
C THR D 146 -15.62 -19.77 50.35
N SER D 147 -15.82 -19.64 51.67
CA SER D 147 -16.34 -20.75 52.46
C SER D 147 -17.03 -20.18 53.69
N VAL D 148 -18.08 -20.87 54.12
CA VAL D 148 -18.86 -20.46 55.29
C VAL D 148 -19.39 -21.72 55.97
N ASP D 149 -19.03 -21.89 57.25
CA ASP D 149 -19.50 -23.04 58.01
C ASP D 149 -20.92 -22.76 58.49
N GLU D 150 -21.89 -23.13 57.65
CA GLU D 150 -23.30 -22.91 57.97
C GLU D 150 -23.67 -23.57 59.27
N GLU D 151 -23.04 -24.71 59.58
CA GLU D 151 -23.33 -25.39 60.84
C GLU D 151 -22.96 -24.51 62.02
N MET D 152 -21.74 -24.00 62.01
CA MET D 152 -21.23 -23.25 63.14
C MET D 152 -21.86 -21.87 63.18
N ARG D 153 -22.18 -21.32 62.01
CA ARG D 153 -23.03 -20.14 61.91
C ARG D 153 -24.36 -20.36 62.64
N HIS D 154 -25.04 -21.46 62.31
CA HIS D 154 -26.35 -21.75 62.88
C HIS D 154 -26.28 -21.93 64.39
N ASN D 155 -25.36 -22.78 64.85
CA ASN D 155 -25.33 -23.11 66.26
C ASN D 155 -24.85 -21.94 67.10
N GLU D 156 -23.87 -21.17 66.62
CA GLU D 156 -23.38 -20.02 67.36
C GLU D 156 -24.19 -18.77 67.09
N LEU D 157 -25.27 -18.86 66.31
CA LEU D 157 -26.13 -17.72 66.05
C LEU D 157 -26.81 -17.22 67.34
N SER D 158 -26.65 -17.97 68.44
CA SER D 158 -27.10 -17.54 69.76
C SER D 158 -25.97 -17.08 70.66
N THR D 159 -24.83 -17.78 70.65
CA THR D 159 -23.71 -17.37 71.51
C THR D 159 -23.12 -16.04 71.05
N LEU D 160 -22.83 -15.93 69.76
CA LEU D 160 -22.37 -14.64 69.24
C LEU D 160 -23.50 -13.62 69.27
N GLU D 161 -24.75 -14.07 69.23
CA GLU D 161 -25.85 -13.15 69.50
C GLU D 161 -25.77 -12.62 70.93
N ALA D 162 -25.42 -13.48 71.88
CA ALA D 162 -25.24 -13.03 73.25
C ALA D 162 -24.07 -12.04 73.35
N GLU D 163 -22.97 -12.33 72.67
CA GLU D 163 -21.82 -11.44 72.70
C GLU D 163 -22.16 -10.08 72.06
N MET D 164 -22.89 -10.11 70.96
CA MET D 164 -23.31 -8.86 70.32
C MET D 164 -24.31 -8.12 71.19
N ALA D 165 -25.17 -8.83 71.92
CA ALA D 165 -26.05 -8.17 72.88
C ALA D 165 -25.22 -7.47 73.97
N VAL D 166 -24.18 -8.15 74.45
CA VAL D 166 -23.32 -7.54 75.47
C VAL D 166 -22.65 -6.29 74.92
N GLU D 167 -22.12 -6.38 73.70
CA GLU D 167 -21.44 -5.22 73.11
C GLU D 167 -22.41 -4.08 72.84
N ARG D 168 -23.61 -4.40 72.35
CA ARG D 168 -24.61 -3.38 72.11
C ARG D 168 -25.02 -2.73 73.43
N LYS D 169 -25.14 -3.53 74.49
CA LYS D 169 -25.44 -2.96 75.80
C LYS D 169 -24.32 -2.03 76.26
N ALA D 170 -23.07 -2.42 76.03
CA ALA D 170 -21.95 -1.56 76.44
C ALA D 170 -21.94 -0.25 75.69
N VAL D 171 -22.16 -0.30 74.37
CA VAL D 171 -22.18 0.94 73.59
C VAL D 171 -23.36 1.80 74.01
N GLU D 172 -24.51 1.18 74.31
CA GLU D 172 -25.65 1.94 74.79
C GLU D 172 -25.39 2.53 76.18
N ASP D 173 -24.61 1.84 77.00
CA ASP D 173 -24.27 2.38 78.32
C ASP D 173 -23.36 3.60 78.19
N GLN D 174 -22.34 3.53 77.34
CA GLN D 174 -21.54 4.73 77.11
C GLN D 174 -22.39 5.83 76.48
N ARG D 175 -23.37 5.45 75.65
CA ARG D 175 -24.27 6.43 75.05
C ARG D 175 -25.08 7.17 76.13
N ASP D 176 -25.69 6.41 77.05
CA ASP D 176 -26.50 7.05 78.09
C ASP D 176 -25.62 7.81 79.08
N GLY D 177 -24.39 7.35 79.31
CA GLY D 177 -23.46 8.13 80.10
C GLY D 177 -23.11 9.45 79.46
N GLU D 178 -22.90 9.44 78.13
CA GLU D 178 -22.68 10.69 77.41
C GLU D 178 -23.91 11.59 77.50
N LEU D 179 -25.11 11.01 77.40
CA LEU D 179 -26.33 11.81 77.54
C LEU D 179 -26.43 12.42 78.92
N GLU D 180 -26.08 11.66 79.96
CA GLU D 180 -26.11 12.20 81.32
C GLU D 180 -25.06 13.30 81.51
N ALA D 181 -23.88 13.12 80.91
CA ALA D 181 -22.88 14.19 80.95
C ALA D 181 -23.40 15.43 80.25
N ARG D 182 -24.11 15.25 79.13
CA ARG D 182 -24.77 16.39 78.48
C ARG D 182 -25.76 17.04 79.42
N ALA D 183 -26.55 16.24 80.13
CA ALA D 183 -27.55 16.82 81.03
C ALA D 183 -26.88 17.63 82.12
N GLN D 184 -25.78 17.13 82.68
CA GLN D 184 -25.06 17.87 83.71
C GLN D 184 -24.47 19.16 83.16
N LYS D 185 -23.86 19.09 81.98
CA LYS D 185 -23.29 20.29 81.38
C LYS D 185 -24.38 21.29 81.00
N LEU D 186 -25.56 20.81 80.61
CA LEU D 186 -26.67 21.70 80.29
C LEU D 186 -27.24 22.34 81.54
N GLU D 187 -27.26 21.60 82.65
CA GLU D 187 -27.65 22.20 83.93
C GLU D 187 -26.67 23.29 84.33
N ALA D 188 -25.36 23.03 84.15
CA ALA D 188 -24.37 24.07 84.42
C ALA D 188 -24.58 25.28 83.51
N ASP D 189 -24.84 25.02 82.22
CA ASP D 189 -25.03 26.12 81.27
C ASP D 189 -26.24 26.96 81.62
N LEU D 190 -27.36 26.33 81.96
CA LEU D 190 -28.56 27.09 82.30
C LEU D 190 -28.38 27.82 83.62
N ALA D 191 -27.67 27.22 84.58
CA ALA D 191 -27.36 27.93 85.81
C ALA D 191 -26.55 29.18 85.53
N GLU D 192 -25.52 29.06 84.68
CA GLU D 192 -24.73 30.22 84.31
C GLU D 192 -25.59 31.28 83.60
N LEU D 193 -26.46 30.84 82.69
CA LEU D 193 -27.24 31.77 81.89
C LEU D 193 -28.24 32.54 82.74
N GLU D 194 -28.99 31.84 83.59
CA GLU D 194 -30.07 32.45 84.35
C GLU D 194 -29.65 32.91 85.74
N ALA D 195 -28.38 32.73 86.12
CA ALA D 195 -27.87 33.25 87.39
C ALA D 195 -27.12 34.55 87.23
N GLU D 196 -26.43 34.74 86.10
CA GLU D 196 -25.73 35.97 85.79
C GLU D 196 -26.49 36.76 84.74
N GLY D 197 -26.17 38.05 84.64
CA GLY D 197 -26.85 38.91 83.71
C GLY D 197 -26.32 38.77 82.29
N ALA D 198 -27.09 38.12 81.43
CA ALA D 198 -26.70 37.86 80.06
C ALA D 198 -27.82 38.29 79.12
N LYS D 199 -27.54 38.23 77.82
CA LYS D 199 -28.52 38.59 76.82
C LYS D 199 -29.70 37.61 76.83
N ALA D 200 -30.85 38.09 76.37
CA ALA D 200 -32.04 37.25 76.34
C ALA D 200 -31.84 36.04 75.46
N ASP D 201 -31.13 36.20 74.33
CA ASP D 201 -30.91 35.10 73.40
C ASP D 201 -29.61 34.34 73.68
N ALA D 202 -28.63 34.99 74.31
CA ALA D 202 -27.35 34.34 74.56
C ALA D 202 -27.54 33.07 75.38
N ARG D 203 -28.41 33.12 76.39
CA ARG D 203 -28.72 31.91 77.15
C ARG D 203 -29.29 30.83 76.24
N ARG D 204 -30.25 31.20 75.38
CA ARG D 204 -30.79 30.25 74.44
C ARG D 204 -29.76 29.86 73.39
N LYS D 205 -28.85 30.78 73.03
CA LYS D 205 -27.78 30.42 72.11
C LYS D 205 -26.93 29.29 72.67
N VAL D 206 -26.47 29.43 73.91
CA VAL D 206 -25.64 28.39 74.50
C VAL D 206 -26.43 27.11 74.75
N ARG D 207 -27.70 27.24 75.14
CA ARG D 207 -28.51 26.05 75.37
C ARG D 207 -28.73 25.27 74.07
N ASP D 208 -29.02 25.98 72.97
CA ASP D 208 -29.17 25.32 71.69
C ASP D 208 -27.83 24.75 71.22
N GLY D 209 -26.73 25.44 71.51
CA GLY D 209 -25.42 24.87 71.21
C GLY D 209 -25.22 23.54 71.91
N GLY D 210 -25.55 23.48 73.19
CA GLY D 210 -25.40 22.24 73.95
C GLY D 210 -26.31 21.13 73.45
N GLU D 211 -27.58 21.46 73.17
CA GLU D 211 -28.48 20.45 72.62
C GLU D 211 -28.02 20.00 71.25
N ARG D 212 -27.33 20.87 70.50
CA ARG D 212 -26.75 20.46 69.22
C ARG D 212 -25.55 19.54 69.44
N GLU D 213 -24.74 19.80 70.47
CA GLU D 213 -23.67 18.88 70.80
C GLU D 213 -24.24 17.51 71.14
N MET D 214 -25.36 17.49 71.86
CA MET D 214 -26.01 16.21 72.17
C MET D 214 -26.64 15.58 70.93
N ARG D 215 -27.14 16.39 70.00
CA ARG D 215 -27.61 15.85 68.73
C ARG D 215 -26.46 15.16 67.99
N GLN D 216 -25.28 15.78 68.01
CA GLN D 216 -24.11 15.16 67.40
C GLN D 216 -23.69 13.90 68.15
N ILE D 217 -23.83 13.91 69.48
CA ILE D 217 -23.51 12.71 70.26
C ILE D 217 -24.48 11.58 69.92
N ARG D 218 -25.77 11.89 69.76
CA ARG D 218 -26.72 10.89 69.34
C ARG D 218 -26.47 10.43 67.90
N ASP D 219 -25.97 11.33 67.05
CA ASP D 219 -25.57 10.92 65.70
C ASP D 219 -24.39 9.96 65.76
N ARG D 220 -23.43 10.21 66.66
CA ARG D 220 -22.36 9.25 66.88
C ARG D 220 -22.90 7.92 67.40
N ALA D 221 -23.90 7.99 68.28
CA ALA D 221 -24.54 6.77 68.76
C ALA D 221 -25.18 6.00 67.61
N GLN D 222 -25.84 6.70 66.70
CA GLN D 222 -26.40 6.05 65.52
C GLN D 222 -25.29 5.46 64.66
N ARG D 223 -24.16 6.16 64.55
CA ARG D 223 -23.02 5.63 63.83
C ARG D 223 -22.55 4.30 64.42
N GLU D 224 -22.45 4.25 65.75
CA GLU D 224 -22.06 2.99 66.40
C GLU D 224 -23.11 1.91 66.18
N LEU D 225 -24.39 2.26 66.35
CA LEU D 225 -25.45 1.28 66.12
C LEU D 225 -25.35 0.70 64.73
N ASP D 226 -25.09 1.55 63.73
CA ASP D 226 -24.85 1.06 62.37
C ASP D 226 -23.64 0.14 62.33
N ARG D 227 -22.51 0.61 62.87
CA ARG D 227 -21.27 -0.16 62.76
C ARG D 227 -21.41 -1.56 63.34
N LEU D 228 -22.21 -1.72 64.39
CA LEU D 228 -22.40 -3.05 64.96
C LEU D 228 -23.50 -3.85 64.25
N GLU D 229 -24.66 -3.23 64.01
CA GLU D 229 -25.80 -3.98 63.48
C GLU D 229 -25.61 -4.34 62.01
N ASP D 230 -25.03 -3.44 61.21
CA ASP D 230 -24.75 -3.76 59.82
C ASP D 230 -23.81 -4.96 59.75
N ILE D 231 -22.81 -5.00 60.63
CA ILE D 231 -21.87 -6.12 60.63
C ILE D 231 -22.57 -7.41 61.02
N TRP D 232 -23.42 -7.36 62.04
CA TRP D 232 -24.16 -8.56 62.42
C TRP D 232 -25.04 -9.03 61.27
N SER D 233 -25.72 -8.10 60.59
CA SER D 233 -26.55 -8.46 59.45
C SER D 233 -25.72 -9.07 58.33
N THR D 234 -24.55 -8.50 58.07
CA THR D 234 -23.65 -9.02 57.05
C THR D 234 -23.27 -10.46 57.37
N PHE D 235 -22.95 -10.74 58.64
CA PHE D 235 -22.65 -12.12 59.02
C PHE D 235 -23.87 -13.02 58.82
N THR D 236 -25.06 -12.56 59.22
CA THR D 236 -26.22 -13.43 59.21
C THR D 236 -26.56 -13.91 57.80
N LYS D 237 -26.25 -13.10 56.78
CA LYS D 237 -26.48 -13.47 55.40
C LYS D 237 -25.19 -13.81 54.67
N LEU D 238 -24.12 -14.11 55.41
CA LEU D 238 -22.82 -14.35 54.80
C LEU D 238 -22.84 -15.70 54.09
N ALA D 239 -22.61 -15.68 52.78
CA ALA D 239 -22.61 -16.88 51.96
C ALA D 239 -21.47 -16.78 50.96
N PRO D 240 -21.05 -17.91 50.38
CA PRO D 240 -19.94 -17.87 49.42
C PRO D 240 -20.28 -17.01 48.21
N LYS D 241 -19.23 -16.49 47.57
CA LYS D 241 -19.34 -15.68 46.36
C LYS D 241 -20.07 -14.36 46.62
N GLN D 242 -19.81 -13.78 47.79
CA GLN D 242 -20.36 -12.48 48.16
C GLN D 242 -19.23 -11.47 48.25
N LEU D 243 -19.37 -10.37 47.52
CA LEU D 243 -18.32 -9.36 47.44
C LEU D 243 -18.43 -8.38 48.60
N ILE D 244 -17.27 -7.96 49.11
CA ILE D 244 -17.18 -7.07 50.25
C ILE D 244 -16.26 -5.91 49.89
N VAL D 245 -16.84 -4.76 49.55
CA VAL D 245 -16.11 -3.50 49.40
C VAL D 245 -15.90 -2.92 50.79
N ASP D 246 -15.11 -1.84 50.88
CA ASP D 246 -14.88 -1.16 52.16
C ASP D 246 -14.17 -2.09 53.14
N GLU D 247 -12.92 -2.39 52.81
CA GLU D 247 -12.12 -3.34 53.58
C GLU D 247 -12.10 -3.05 55.08
N ASN D 248 -12.51 -1.86 55.51
CA ASN D 248 -12.65 -1.61 56.95
C ASN D 248 -13.66 -2.59 57.56
N LEU D 249 -14.82 -2.73 56.93
CA LEU D 249 -15.80 -3.69 57.41
C LEU D 249 -15.24 -5.11 57.39
N TYR D 250 -14.52 -5.47 56.31
CA TYR D 250 -13.94 -6.80 56.23
C TYR D 250 -12.99 -7.05 57.38
N ARG D 251 -12.07 -6.11 57.63
CA ARG D 251 -11.10 -6.28 58.70
C ARG D 251 -11.79 -6.40 60.05
N GLU D 252 -12.79 -5.55 60.31
CA GLU D 252 -13.51 -5.67 61.56
C GLU D 252 -14.15 -7.05 61.69
N LEU D 253 -14.73 -7.56 60.61
CA LEU D 253 -15.28 -8.91 60.62
C LEU D 253 -14.20 -9.94 60.96
N VAL D 254 -13.06 -9.87 60.28
CA VAL D 254 -12.04 -10.91 60.43
C VAL D 254 -11.52 -10.93 61.86
N ASP D 255 -11.26 -9.75 62.42
CA ASP D 255 -10.76 -9.73 63.79
C ASP D 255 -11.82 -10.21 64.77
N ARG D 256 -13.11 -10.04 64.46
CA ARG D 256 -14.16 -10.41 65.40
C ARG D 256 -14.75 -11.79 65.15
N TYR D 257 -15.48 -11.97 64.04
CA TYR D 257 -15.94 -13.29 63.62
C TYR D 257 -15.02 -13.84 62.53
N GLY D 258 -13.73 -13.91 62.84
CA GLY D 258 -12.77 -14.36 61.85
C GLY D 258 -13.04 -15.77 61.38
N GLU D 259 -13.24 -16.68 62.32
CA GLU D 259 -13.73 -17.99 61.96
C GLU D 259 -15.16 -17.82 61.46
N TYR D 260 -15.77 -18.91 61.00
CA TYR D 260 -17.14 -18.96 60.50
C TYR D 260 -17.18 -18.49 59.05
N PHE D 261 -16.06 -18.03 58.49
CA PHE D 261 -16.03 -17.53 57.12
C PHE D 261 -14.57 -17.34 56.72
N THR D 262 -14.26 -17.69 55.49
CA THR D 262 -12.95 -17.46 54.90
C THR D 262 -13.11 -16.51 53.72
N GLY D 263 -12.32 -15.45 53.71
CA GLY D 263 -12.36 -14.47 52.64
C GLY D 263 -10.99 -14.34 51.98
N ALA D 264 -11.00 -14.07 50.68
CA ALA D 264 -9.78 -13.94 49.91
C ALA D 264 -9.94 -12.80 48.92
N MET D 265 -8.88 -12.61 48.11
CA MET D 265 -8.76 -11.42 47.27
C MET D 265 -7.84 -11.79 46.12
N GLY D 266 -8.28 -11.57 44.89
CA GLY D 266 -7.45 -11.79 43.73
C GLY D 266 -7.72 -13.09 43.01
N ALA D 267 -6.80 -13.44 42.13
CA ALA D 267 -6.97 -14.63 41.28
C ALA D 267 -7.00 -15.90 42.12
N GLU D 268 -6.21 -15.94 43.20
CA GLU D 268 -6.22 -17.13 44.06
C GLU D 268 -7.57 -17.33 44.72
N SER D 269 -8.30 -16.24 45.00
CA SER D 269 -9.65 -16.37 45.52
C SER D 269 -10.58 -17.02 44.50
N ILE D 270 -10.48 -16.63 43.23
CA ILE D 270 -11.25 -17.28 42.18
C ILE D 270 -10.83 -18.74 42.06
N GLN D 271 -9.55 -19.02 42.24
CA GLN D 271 -9.06 -20.39 42.26
C GLN D 271 -9.76 -21.21 43.32
N LYS D 272 -9.85 -20.66 44.55
CA LYS D 272 -10.52 -21.36 45.63
C LYS D 272 -12.01 -21.53 45.33
N LEU D 273 -12.64 -20.51 44.74
CA LEU D 273 -14.05 -20.60 44.39
C LEU D 273 -14.30 -21.73 43.40
N ILE D 274 -13.49 -21.81 42.36
CA ILE D 274 -13.64 -22.88 41.38
C ILE D 274 -13.34 -24.23 42.00
N GLU D 275 -12.37 -24.28 42.92
CA GLU D 275 -12.08 -25.51 43.62
C GLU D 275 -13.31 -25.99 44.40
N ASN D 276 -13.96 -25.08 45.12
CA ASN D 276 -15.17 -25.39 45.88
C ASN D 276 -16.41 -25.10 45.02
N PHE D 277 -16.52 -25.83 43.92
CA PHE D 277 -17.58 -25.61 42.95
C PHE D 277 -17.85 -26.92 42.23
N ASP D 278 -18.94 -27.58 42.58
CA ASP D 278 -19.33 -28.83 41.93
C ASP D 278 -20.14 -28.49 40.68
N ILE D 279 -19.58 -28.81 39.52
CA ILE D 279 -20.22 -28.43 38.26
C ILE D 279 -21.53 -29.18 38.07
N ASP D 280 -21.60 -30.43 38.52
CA ASP D 280 -22.79 -31.24 38.28
C ASP D 280 -24.01 -30.64 38.97
N ALA D 281 -23.88 -30.30 40.25
CA ALA D 281 -25.01 -29.74 40.99
C ALA D 281 -25.43 -28.39 40.42
N GLU D 282 -24.47 -27.54 40.09
CA GLU D 282 -24.80 -26.24 39.51
C GLU D 282 -25.52 -26.39 38.19
N ALA D 283 -25.04 -27.30 37.34
CA ALA D 283 -25.68 -27.52 36.05
C ALA D 283 -27.10 -28.07 36.24
N GLU D 284 -27.28 -28.99 37.18
CA GLU D 284 -28.61 -29.54 37.42
C GLU D 284 -29.56 -28.46 37.93
N SER D 285 -29.11 -27.62 38.86
CA SER D 285 -29.95 -26.54 39.36
C SER D 285 -30.29 -25.58 38.23
N LEU D 286 -29.32 -25.26 37.37
CA LEU D 286 -29.58 -24.36 36.26
C LEU D 286 -30.59 -24.96 35.29
N ARG D 287 -30.47 -26.26 35.01
CA ARG D 287 -31.42 -26.92 34.13
C ARG D 287 -32.82 -26.89 34.72
N ASP D 288 -32.94 -27.15 36.03
CA ASP D 288 -34.24 -27.05 36.68
C ASP D 288 -34.81 -25.64 36.59
N VAL D 289 -33.96 -24.63 36.80
CA VAL D 289 -34.44 -23.25 36.77
C VAL D 289 -34.92 -22.86 35.39
N ILE D 290 -34.18 -23.25 34.34
CA ILE D 290 -34.59 -22.93 32.99
C ILE D 290 -35.87 -23.69 32.62
N ARG D 291 -36.00 -24.93 33.08
CA ARG D 291 -37.20 -25.70 32.75
C ARG D 291 -38.43 -25.16 33.44
N ASN D 292 -38.32 -24.79 34.72
CA ASN D 292 -39.48 -24.39 35.50
C ASN D 292 -39.72 -22.89 35.47
N GLY D 293 -38.67 -22.09 35.66
CA GLY D 293 -38.81 -20.65 35.66
C GLY D 293 -38.99 -20.09 34.26
N LYS D 294 -39.19 -18.78 34.19
CA LYS D 294 -39.39 -18.11 32.92
C LYS D 294 -39.05 -16.63 33.08
N GLY D 295 -38.81 -15.98 31.96
CA GLY D 295 -38.51 -14.57 31.92
C GLY D 295 -37.02 -14.28 31.78
N GLN D 296 -36.67 -13.01 32.07
CA GLN D 296 -35.27 -12.60 32.00
C GLN D 296 -34.40 -13.47 32.89
N LYS D 297 -34.93 -13.89 34.04
CA LYS D 297 -34.20 -14.83 34.89
C LYS D 297 -33.84 -16.09 34.11
N LYS D 298 -34.81 -16.63 33.38
CA LYS D 298 -34.52 -17.80 32.55
C LYS D 298 -33.53 -17.48 31.46
N LEU D 299 -33.54 -16.26 30.92
CA LEU D 299 -32.59 -15.91 29.87
C LEU D 299 -31.16 -15.93 30.39
N ARG D 300 -30.93 -15.24 31.51
CA ARG D 300 -29.59 -15.28 32.11
C ARG D 300 -29.22 -16.71 32.50
N ALA D 301 -30.20 -17.48 32.98
CA ALA D 301 -29.92 -18.87 33.32
C ALA D 301 -29.48 -19.65 32.10
N LEU D 302 -30.12 -19.40 30.96
CA LEU D 302 -29.81 -20.13 29.73
C LEU D 302 -28.44 -19.77 29.20
N LYS D 303 -28.10 -18.48 29.18
CA LYS D 303 -26.77 -18.10 28.71
C LYS D 303 -25.68 -18.74 29.57
N ARG D 304 -25.88 -18.76 30.88
CA ARG D 304 -24.92 -19.39 31.77
C ARG D 304 -24.78 -20.89 31.53
N LEU D 305 -25.80 -21.53 30.95
CA LEU D 305 -25.75 -22.96 30.67
C LEU D 305 -25.01 -23.28 29.38
N LYS D 306 -24.65 -22.26 28.60
CA LYS D 306 -23.77 -22.43 27.45
C LYS D 306 -22.30 -22.43 27.84
N VAL D 307 -21.97 -22.13 29.10
CA VAL D 307 -20.60 -22.20 29.58
C VAL D 307 -20.52 -23.23 30.72
N VAL D 308 -21.61 -23.39 31.46
CA VAL D 308 -21.63 -24.40 32.51
C VAL D 308 -21.85 -25.80 31.94
N ALA D 309 -22.48 -25.91 30.77
CA ALA D 309 -22.60 -27.20 30.10
C ALA D 309 -21.28 -27.61 29.46
N ALA D 310 -20.56 -26.65 28.88
CA ALA D 310 -19.33 -26.98 28.17
C ALA D 310 -18.31 -27.63 29.10
N PHE D 311 -18.20 -27.13 30.33
CA PHE D 311 -17.27 -27.70 31.29
C PHE D 311 -17.79 -29.00 31.90
N GLN D 312 -19.03 -29.38 31.59
CA GLN D 312 -19.59 -30.67 32.00
C GLN D 312 -19.52 -31.71 30.89
N GLN D 313 -19.98 -31.36 29.69
CA GLN D 313 -20.00 -32.33 28.58
C GLN D 313 -18.62 -32.90 28.34
N SER D 314 -17.61 -32.04 28.27
CA SER D 314 -16.23 -32.49 28.17
C SER D 314 -15.67 -32.72 29.57
N GLY D 315 -14.61 -33.51 29.64
CA GLY D 315 -13.91 -33.73 30.89
C GLY D 315 -12.87 -32.66 31.16
N ASN D 316 -13.19 -31.41 30.81
CA ASN D 316 -12.31 -30.28 31.04
C ASN D 316 -12.63 -29.68 32.41
N SER D 317 -11.60 -29.40 33.16
CA SER D 317 -11.80 -28.72 34.42
C SER D 317 -12.08 -27.23 34.15
N PRO D 318 -12.87 -26.57 35.00
CA PRO D 318 -13.00 -25.12 34.88
C PRO D 318 -11.79 -24.37 35.41
N MET D 319 -10.74 -25.11 35.77
CA MET D 319 -9.57 -24.57 36.44
C MET D 319 -8.57 -23.93 35.48
N GLY D 320 -8.55 -24.36 34.22
CA GLY D 320 -7.61 -23.82 33.25
C GLY D 320 -7.69 -22.31 33.11
N MET D 321 -8.78 -21.71 33.59
CA MET D 321 -8.89 -20.26 33.59
C MET D 321 -7.82 -19.63 34.47
N VAL D 322 -7.56 -20.21 35.63
CA VAL D 322 -6.60 -19.68 36.59
C VAL D 322 -5.26 -20.34 36.32
N LEU D 323 -4.23 -19.52 36.16
CA LEU D 323 -2.90 -19.99 35.78
C LEU D 323 -1.99 -20.04 37.00
N ASP D 324 -1.21 -21.12 37.09
CA ASP D 324 -0.09 -21.19 38.00
C ASP D 324 1.27 -21.13 37.30
N ALA D 325 1.31 -21.50 36.02
CA ALA D 325 2.50 -21.40 35.20
C ALA D 325 2.14 -20.75 33.87
N VAL D 326 3.02 -19.90 33.36
CA VAL D 326 2.82 -19.19 32.11
C VAL D 326 3.80 -19.77 31.09
N PRO D 327 3.34 -20.39 30.00
CA PRO D 327 4.28 -20.92 29.02
C PRO D 327 5.05 -19.80 28.32
N VAL D 328 6.28 -20.12 27.94
CA VAL D 328 7.18 -19.18 27.29
C VAL D 328 7.48 -19.69 25.89
N ILE D 329 7.16 -18.88 24.89
CA ILE D 329 7.24 -19.23 23.48
C ILE D 329 8.70 -19.45 23.11
N PRO D 330 9.03 -20.32 22.16
CA PRO D 330 10.43 -20.57 21.87
C PRO D 330 11.13 -19.31 21.39
N PRO D 331 12.43 -19.16 21.67
CA PRO D 331 13.07 -17.85 21.45
C PRO D 331 13.07 -17.40 20.01
N GLU D 332 13.21 -18.31 19.05
CA GLU D 332 13.31 -17.91 17.66
C GLU D 332 11.98 -17.47 17.06
N LEU D 333 10.87 -17.73 17.74
CA LEU D 333 9.61 -17.10 17.39
C LEU D 333 9.52 -15.68 17.92
N ARG D 334 10.46 -15.27 18.77
CA ARG D 334 10.60 -13.89 19.22
C ARG D 334 12.09 -13.53 19.12
N PRO D 335 12.62 -13.46 17.90
CA PRO D 335 14.07 -13.41 17.74
C PRO D 335 14.69 -12.12 18.25
N MET D 336 15.97 -12.21 18.59
CA MET D 336 16.82 -11.06 18.89
C MET D 336 17.95 -11.08 17.89
N VAL D 337 17.90 -10.19 16.89
CA VAL D 337 18.76 -10.26 15.72
C VAL D 337 19.71 -9.08 15.73
N GLN D 338 20.97 -9.34 15.35
CA GLN D 338 21.98 -8.30 15.22
C GLN D 338 21.88 -7.73 13.81
N LEU D 339 21.05 -6.70 13.66
CA LEU D 339 20.91 -6.04 12.37
C LEU D 339 22.23 -5.41 11.95
N ASP D 340 22.34 -5.09 10.67
CA ASP D 340 23.54 -4.45 10.16
C ASP D 340 23.80 -3.16 10.92
N GLY D 341 25.05 -2.99 11.34
CA GLY D 341 25.40 -1.92 12.25
C GLY D 341 25.47 -2.34 13.71
N GLY D 342 25.27 -3.63 14.01
CA GLY D 342 25.31 -4.11 15.38
C GLY D 342 24.04 -3.86 16.16
N ARG D 343 23.29 -2.82 15.79
CA ARG D 343 22.05 -2.47 16.45
C ARG D 343 21.17 -3.70 16.58
N PHE D 344 20.94 -4.14 17.82
CA PHE D 344 20.12 -5.32 18.04
C PHE D 344 18.63 -4.96 17.95
N ALA D 345 17.84 -5.92 17.50
CA ALA D 345 16.40 -5.73 17.35
C ALA D 345 15.68 -6.77 18.20
N THR D 346 14.98 -6.31 19.22
CA THR D 346 14.21 -7.19 20.09
C THR D 346 13.01 -7.70 19.30
N SER D 347 12.16 -8.47 19.97
CA SER D 347 10.97 -9.04 19.35
C SER D 347 9.67 -8.46 19.88
N ASP D 348 9.73 -7.53 20.84
CA ASP D 348 8.55 -6.87 21.38
C ASP D 348 7.77 -7.79 22.31
N LEU D 349 8.16 -9.07 22.36
CA LEU D 349 7.59 -10.02 23.31
C LEU D 349 8.55 -10.34 24.45
N ASN D 350 9.85 -10.15 24.24
CA ASN D 350 10.81 -10.25 25.33
C ASN D 350 10.60 -9.15 26.35
N ASP D 351 10.01 -8.02 25.96
CA ASP D 351 9.74 -6.95 26.92
C ASP D 351 8.60 -7.33 27.85
N LEU D 352 7.51 -7.87 27.30
CA LEU D 352 6.40 -8.32 28.13
C LEU D 352 6.80 -9.48 29.03
N TYR D 353 7.56 -10.43 28.48
CA TYR D 353 8.05 -11.53 29.30
C TYR D 353 9.00 -11.03 30.38
N ARG D 354 9.85 -10.05 30.05
CA ARG D 354 10.73 -9.48 31.06
C ARG D 354 9.94 -8.82 32.17
N ARG D 355 8.89 -8.07 31.81
CA ARG D 355 8.06 -7.45 32.83
C ARG D 355 7.41 -8.51 33.73
N VAL D 356 6.88 -9.57 33.12
CA VAL D 356 6.25 -10.64 33.89
C VAL D 356 7.26 -11.26 34.86
N ILE D 357 8.47 -11.54 34.36
CA ILE D 357 9.47 -12.22 35.20
C ILE D 357 9.96 -11.29 36.29
N ASN D 358 10.19 -10.02 35.98
CA ASN D 358 10.60 -9.07 37.01
C ASN D 358 9.57 -9.01 38.13
N ARG D 359 8.29 -8.87 37.76
CA ARG D 359 7.26 -8.72 38.78
C ARG D 359 7.07 -10.03 39.55
N ASN D 360 7.21 -11.17 38.90
CA ASN D 360 7.10 -12.44 39.60
C ASN D 360 8.24 -12.63 40.60
N ASN D 361 9.48 -12.33 40.18
CA ASN D 361 10.61 -12.46 41.08
C ASN D 361 10.50 -11.47 42.24
N ARG D 362 10.03 -10.26 41.96
CA ARG D 362 9.85 -9.27 43.03
C ARG D 362 8.77 -9.72 43.99
N LEU D 363 7.70 -10.35 43.49
CA LEU D 363 6.68 -10.91 44.37
C LEU D 363 7.28 -11.99 45.25
N LYS D 364 8.10 -12.86 44.66
CA LYS D 364 8.75 -13.91 45.45
C LYS D 364 9.58 -13.30 46.56
N ARG D 365 10.38 -12.29 46.24
CA ARG D 365 11.24 -11.66 47.25
C ARG D 365 10.42 -10.95 48.31
N LEU D 366 9.35 -10.26 47.91
CA LEU D 366 8.52 -9.56 48.88
C LEU D 366 7.85 -10.53 49.84
N ILE D 367 7.37 -11.67 49.33
CA ILE D 367 6.77 -12.67 50.20
C ILE D 367 7.84 -13.27 51.11
N ASP D 368 9.05 -13.50 50.58
CA ASP D 368 10.11 -14.09 51.38
C ASP D 368 10.50 -13.18 52.54
N LEU D 369 10.74 -11.90 52.25
CA LEU D 369 11.15 -10.97 53.30
C LEU D 369 10.08 -10.85 54.38
N GLY D 370 8.82 -10.76 53.97
CA GLY D 370 7.74 -10.46 54.88
C GLY D 370 7.40 -8.99 54.80
N ALA D 371 6.32 -8.67 54.10
CA ALA D 371 5.96 -7.30 53.76
C ALA D 371 4.52 -7.05 54.16
N PRO D 372 4.14 -5.79 54.38
CA PRO D 372 2.75 -5.52 54.77
C PRO D 372 1.83 -5.84 53.62
N GLU D 373 0.57 -6.14 53.94
CA GLU D 373 -0.33 -6.65 52.91
C GLU D 373 -0.52 -5.64 51.79
N ILE D 374 -0.32 -4.35 52.08
CA ILE D 374 -0.49 -3.33 51.04
C ILE D 374 0.49 -3.56 49.90
N ILE D 375 1.77 -3.71 50.23
CA ILE D 375 2.80 -3.80 49.20
C ILE D 375 2.67 -5.12 48.45
N VAL D 376 2.45 -6.23 49.16
CA VAL D 376 2.38 -7.52 48.50
C VAL D 376 1.13 -7.60 47.62
N ASN D 377 0.01 -7.05 48.07
CA ASN D 377 -1.19 -7.06 47.23
C ASN D 377 -0.99 -6.17 46.01
N ASN D 378 -0.33 -5.03 46.16
CA ASN D 378 -0.01 -4.21 44.99
C ASN D 378 0.85 -4.98 44.02
N GLU D 379 1.84 -5.72 44.53
CA GLU D 379 2.70 -6.51 43.67
C GLU D 379 1.91 -7.59 42.94
N LYS D 380 0.98 -8.24 43.64
CA LYS D 380 0.15 -9.26 43.00
C LYS D 380 -0.72 -8.65 41.91
N ARG D 381 -1.31 -7.49 42.17
CA ARG D 381 -2.09 -6.82 41.14
C ARG D 381 -1.24 -6.49 39.93
N MET D 382 -0.01 -6.02 40.18
CA MET D 382 0.89 -5.72 39.07
C MET D 382 1.22 -6.97 38.27
N LEU D 383 1.44 -8.09 38.96
CA LEU D 383 1.74 -9.34 38.25
C LEU D 383 0.56 -9.77 37.40
N GLN D 384 -0.65 -9.66 37.95
CA GLN D 384 -1.84 -9.97 37.16
C GLN D 384 -1.92 -9.08 35.93
N GLU D 385 -1.66 -7.78 36.10
CA GLU D 385 -1.70 -6.87 34.96
C GLU D 385 -0.62 -7.21 33.95
N SER D 386 0.54 -7.65 34.41
CA SER D 386 1.63 -8.00 33.49
C SER D 386 1.25 -9.21 32.65
N VAL D 387 0.67 -10.22 33.28
CA VAL D 387 0.24 -11.39 32.50
C VAL D 387 -0.87 -11.00 31.54
N ASP D 388 -1.80 -10.14 31.98
CA ASP D 388 -2.85 -9.66 31.08
C ASP D 388 -2.24 -8.96 29.87
N ALA D 389 -1.29 -8.06 30.11
CA ALA D 389 -0.63 -7.35 29.01
C ALA D 389 0.11 -8.31 28.09
N LEU D 390 0.70 -9.35 28.67
CA LEU D 390 1.38 -10.35 27.86
C LEU D 390 0.40 -11.04 26.93
N PHE D 391 -0.77 -11.42 27.43
CA PHE D 391 -1.73 -12.13 26.60
C PHE D 391 -2.56 -11.20 25.73
N ASP D 392 -2.85 -9.99 26.18
CA ASP D 392 -3.62 -9.05 25.38
C ASP D 392 -3.37 -7.64 25.89
N ASN D 393 -2.72 -6.81 25.07
CA ASN D 393 -2.46 -5.43 25.44
C ASN D 393 -3.67 -4.56 25.14
N GLY D 394 -3.98 -3.66 26.07
CA GLY D 394 -5.02 -2.68 25.86
C GLY D 394 -6.43 -3.18 26.07
N ARG D 395 -6.62 -4.46 26.37
CA ARG D 395 -7.97 -4.96 26.63
C ARG D 395 -8.53 -4.35 27.91
N ARG D 396 -7.70 -4.21 28.94
CA ARG D 396 -8.08 -3.56 30.18
C ARG D 396 -7.08 -2.44 30.47
N GLY D 397 -7.59 -1.23 30.62
CA GLY D 397 -6.74 -0.07 30.88
C GLY D 397 -5.99 0.35 29.63
N ARG D 398 -5.17 1.38 29.81
CA ARG D 398 -4.37 1.87 28.70
C ARG D 398 -3.36 0.80 28.29
N PRO D 399 -3.12 0.58 26.99
CA PRO D 399 -2.16 -0.45 26.59
C PRO D 399 -0.77 -0.15 27.11
N VAL D 400 -0.04 -1.21 27.44
CA VAL D 400 1.36 -1.05 27.83
C VAL D 400 2.14 -0.54 26.63
N THR D 401 2.76 0.62 26.79
CA THR D 401 3.45 1.29 25.70
C THR D 401 4.96 1.12 25.83
N GLY D 402 5.63 1.12 24.68
CA GLY D 402 7.07 1.02 24.62
C GLY D 402 7.69 2.35 24.23
N PRO D 403 8.91 2.33 23.69
CA PRO D 403 9.52 3.58 23.23
C PRO D 403 8.73 4.18 22.08
N GLY D 404 8.73 5.51 22.02
CA GLY D 404 7.94 6.22 21.03
C GLY D 404 6.47 6.35 21.37
N ASN D 405 6.06 5.90 22.55
CA ASN D 405 4.67 6.02 22.99
C ASN D 405 3.75 5.25 22.04
N ARG D 406 4.08 3.98 21.81
CA ARG D 406 3.28 3.08 21.01
C ARG D 406 2.99 1.81 21.80
N PRO D 407 1.84 1.18 21.59
CA PRO D 407 1.52 -0.03 22.35
C PRO D 407 2.48 -1.16 22.02
N LEU D 408 2.74 -2.00 23.02
CA LEU D 408 3.62 -3.15 22.83
C LEU D 408 2.84 -4.27 22.16
N LYS D 409 3.39 -4.82 21.09
CA LYS D 409 2.72 -5.88 20.33
C LYS D 409 2.63 -7.13 21.20
N SER D 410 1.44 -7.43 21.71
CA SER D 410 1.27 -8.49 22.70
C SER D 410 1.24 -9.85 22.02
N LEU D 411 0.91 -10.88 22.80
CA LEU D 411 0.92 -12.25 22.32
C LEU D 411 -0.35 -12.64 21.58
N SER D 412 -1.41 -11.85 21.68
CA SER D 412 -2.64 -12.10 20.95
C SER D 412 -2.76 -11.25 19.69
N ASP D 413 -2.11 -10.10 19.63
CA ASP D 413 -2.13 -9.28 18.42
C ASP D 413 -1.50 -10.00 17.25
N LEU D 414 -0.70 -11.04 17.50
CA LEU D 414 -0.10 -11.81 16.43
C LEU D 414 -1.12 -12.64 15.65
N LEU D 415 -2.33 -12.82 16.19
CA LEU D 415 -3.32 -13.71 15.60
C LEU D 415 -4.51 -13.00 14.98
N LYS D 416 -4.84 -11.79 15.45
CA LYS D 416 -6.08 -11.11 15.07
C LYS D 416 -5.79 -10.09 13.99
N GLY D 417 -6.68 -10.01 13.02
CA GLY D 417 -6.71 -8.92 12.07
C GLY D 417 -6.21 -9.34 10.69
N LYS D 418 -6.38 -8.40 9.77
CA LYS D 418 -5.91 -8.58 8.40
C LYS D 418 -4.39 -8.70 8.33
N GLN D 419 -3.68 -8.14 9.31
CA GLN D 419 -2.24 -8.30 9.45
C GLN D 419 -1.87 -9.34 10.48
N GLY D 420 -2.84 -10.12 10.96
CA GLY D 420 -2.56 -11.18 11.90
C GLY D 420 -1.97 -12.40 11.22
N ARG D 421 -1.72 -13.42 12.04
CA ARG D 421 -1.04 -14.62 11.52
C ARG D 421 -1.97 -15.47 10.68
N PHE D 422 -3.23 -15.61 11.10
CA PHE D 422 -4.16 -16.48 10.38
C PHE D 422 -4.43 -16.01 8.96
N ARG D 423 -4.25 -14.72 8.67
CA ARG D 423 -4.66 -14.14 7.40
C ARG D 423 -3.52 -13.57 6.58
N GLN D 424 -2.39 -13.22 7.18
CA GLN D 424 -1.27 -12.63 6.48
C GLN D 424 -0.14 -13.62 6.20
N ASN D 425 -0.13 -14.77 6.88
CA ASN D 425 0.98 -15.71 6.75
C ASN D 425 0.54 -17.16 6.59
N LEU D 426 -0.76 -17.47 6.62
CA LEU D 426 -1.23 -18.84 6.52
C LEU D 426 -2.09 -19.07 5.29
N LEU D 427 -3.14 -18.29 5.10
CA LEU D 427 -3.95 -18.42 3.89
C LEU D 427 -3.30 -17.71 2.71
N GLY D 428 -2.51 -16.68 2.96
CA GLY D 428 -1.78 -15.98 1.92
C GLY D 428 -0.30 -15.92 2.23
N LYS D 429 0.53 -16.31 1.27
CA LYS D 429 1.97 -16.38 1.45
C LYS D 429 2.68 -15.79 0.25
N ARG D 430 3.92 -15.35 0.46
CA ARG D 430 4.80 -15.02 -0.65
C ARG D 430 5.49 -16.28 -1.13
N VAL D 431 5.69 -16.37 -2.45
CA VAL D 431 6.12 -17.61 -3.08
C VAL D 431 7.37 -17.37 -3.90
N ASP D 432 8.17 -18.42 -4.07
CA ASP D 432 9.33 -18.39 -4.93
C ASP D 432 8.88 -18.54 -6.39
N TYR D 433 9.85 -18.50 -7.30
CA TYR D 433 9.59 -18.72 -8.72
C TYR D 433 8.45 -17.83 -9.21
N SER D 434 8.53 -16.54 -8.87
CA SER D 434 7.50 -15.59 -9.24
C SER D 434 8.14 -14.26 -9.61
N GLY D 435 7.49 -13.56 -10.54
CA GLY D 435 7.94 -12.25 -10.98
C GLY D 435 6.76 -11.32 -11.18
N ARG D 436 7.07 -10.07 -11.49
CA ARG D 436 6.05 -9.07 -11.77
C ARG D 436 6.57 -8.13 -12.84
N SER D 437 5.66 -7.62 -13.67
CA SER D 437 6.08 -6.66 -14.69
C SER D 437 4.86 -5.98 -15.28
N VAL D 438 5.10 -4.85 -15.95
CA VAL D 438 4.05 -4.13 -16.64
C VAL D 438 3.65 -4.90 -17.89
N ILE D 439 2.37 -4.88 -18.21
CA ILE D 439 1.84 -5.62 -19.36
C ILE D 439 1.65 -4.67 -20.52
N VAL D 440 1.96 -5.14 -21.71
CA VAL D 440 1.79 -4.41 -22.95
C VAL D 440 1.10 -5.33 -23.94
N VAL D 441 0.10 -4.80 -24.65
CA VAL D 441 -0.70 -5.66 -25.52
C VAL D 441 0.19 -6.29 -26.58
N GLY D 442 0.00 -7.59 -26.81
CA GLY D 442 0.55 -8.25 -27.96
C GLY D 442 -0.57 -8.84 -28.79
N PRO D 443 -0.85 -8.26 -29.96
CA PRO D 443 -1.92 -8.80 -30.81
C PRO D 443 -1.46 -9.91 -31.74
N GLN D 444 -0.16 -10.12 -31.87
CA GLN D 444 0.38 -11.21 -32.68
C GLN D 444 0.45 -12.53 -31.92
N LEU D 445 0.16 -12.52 -30.62
CA LEU D 445 0.14 -13.75 -29.84
C LEU D 445 -1.15 -14.52 -30.10
N LYS D 446 -1.14 -15.78 -29.70
CA LYS D 446 -2.33 -16.62 -29.73
C LYS D 446 -2.91 -16.73 -28.33
N LEU D 447 -4.18 -17.13 -28.27
CA LEU D 447 -4.92 -17.03 -27.02
C LEU D 447 -4.27 -17.82 -25.89
N HIS D 448 -3.46 -18.81 -26.21
CA HIS D 448 -2.78 -19.64 -25.22
C HIS D 448 -1.32 -19.27 -25.04
N GLN D 449 -0.95 -18.02 -25.34
CA GLN D 449 0.43 -17.58 -25.27
C GLN D 449 0.52 -16.24 -24.55
N CYS D 450 1.68 -16.00 -23.96
CA CYS D 450 1.99 -14.71 -23.35
C CYS D 450 3.48 -14.47 -23.51
N GLY D 451 3.83 -13.29 -24.01
CA GLY D 451 5.23 -12.92 -24.06
C GLY D 451 5.82 -12.83 -22.66
N LEU D 452 7.06 -13.27 -22.53
CA LEU D 452 7.71 -13.26 -21.23
C LEU D 452 9.11 -12.66 -21.40
N PRO D 453 9.42 -11.54 -20.73
CA PRO D 453 10.71 -10.89 -20.97
C PRO D 453 11.87 -11.83 -20.70
N LYS D 454 12.91 -11.71 -21.52
CA LYS D 454 14.05 -12.63 -21.44
C LYS D 454 14.66 -12.64 -20.05
N LEU D 455 14.87 -11.46 -19.47
CA LEU D 455 15.49 -11.40 -18.15
C LEU D 455 14.61 -12.07 -17.10
N MET D 456 13.31 -11.76 -17.13
CA MET D 456 12.38 -12.34 -16.16
C MET D 456 12.31 -13.86 -16.30
N ALA D 457 12.23 -14.36 -17.53
CA ALA D 457 12.18 -15.79 -17.74
C ALA D 457 13.48 -16.47 -17.29
N LEU D 458 14.61 -15.85 -17.61
CA LEU D 458 15.89 -16.43 -17.21
C LEU D 458 16.02 -16.50 -15.71
N GLU D 459 15.53 -15.48 -15.00
CA GLU D 459 15.59 -15.50 -13.54
C GLU D 459 14.61 -16.52 -12.97
N LEU D 460 13.40 -16.59 -13.52
CA LEU D 460 12.40 -17.53 -13.02
C LEU D 460 12.86 -18.97 -13.19
N PHE D 461 13.43 -19.29 -14.35
CA PHE D 461 13.74 -20.66 -14.72
C PHE D 461 15.17 -21.07 -14.40
N LYS D 462 15.96 -20.22 -13.74
CA LYS D 462 17.38 -20.49 -13.63
C LYS D 462 17.70 -21.84 -12.99
N PRO D 463 16.92 -22.39 -12.06
CA PRO D 463 17.17 -23.79 -11.67
C PRO D 463 17.15 -24.75 -12.85
N PHE D 464 16.22 -24.54 -13.79
CA PHE D 464 16.14 -25.42 -14.96
C PHE D 464 17.25 -25.13 -15.95
N VAL D 465 17.55 -23.85 -16.20
CA VAL D 465 18.55 -23.51 -17.19
C VAL D 465 19.93 -23.97 -16.74
N MET D 466 20.21 -23.92 -15.44
CA MET D 466 21.48 -24.41 -14.94
C MET D 466 21.63 -25.90 -15.26
N LYS D 467 20.59 -26.68 -14.97
CA LYS D 467 20.61 -28.10 -15.31
C LYS D 467 20.85 -28.30 -16.80
N ARG D 468 20.08 -27.59 -17.63
CA ARG D 468 20.14 -27.84 -19.06
C ARG D 468 21.51 -27.49 -19.63
N LEU D 469 22.08 -26.35 -19.23
CA LEU D 469 23.38 -25.96 -19.74
C LEU D 469 24.52 -26.68 -19.03
N VAL D 470 24.24 -27.45 -18.00
CA VAL D 470 25.22 -28.43 -17.54
C VAL D 470 25.13 -29.71 -18.36
N ASP D 471 23.93 -30.11 -18.75
CA ASP D 471 23.76 -31.33 -19.54
C ASP D 471 24.29 -31.14 -20.95
N LEU D 472 24.08 -29.96 -21.54
CA LEU D 472 24.61 -29.66 -22.86
C LEU D 472 26.12 -29.49 -22.85
N ASN D 473 26.74 -29.45 -21.68
CA ASN D 473 28.19 -29.32 -21.47
C ASN D 473 28.67 -27.90 -21.69
N HIS D 474 27.75 -26.93 -21.84
CA HIS D 474 28.17 -25.53 -21.83
C HIS D 474 28.78 -25.13 -20.49
N ALA D 475 28.46 -25.86 -19.42
CA ALA D 475 29.07 -25.67 -18.11
C ALA D 475 29.61 -27.00 -17.62
N GLN D 476 30.67 -26.93 -16.81
CA GLN D 476 31.28 -28.14 -16.30
C GLN D 476 30.48 -28.72 -15.14
N ASN D 477 29.97 -27.87 -14.24
CA ASN D 477 29.23 -28.33 -13.07
C ASN D 477 28.20 -27.27 -12.70
N ILE D 478 27.55 -27.48 -11.55
CA ILE D 478 26.40 -26.64 -11.20
C ILE D 478 26.83 -25.22 -10.84
N LYS D 479 27.94 -25.08 -10.11
CA LYS D 479 28.36 -23.74 -9.70
C LYS D 479 28.85 -22.91 -10.89
N SER D 480 29.59 -23.54 -11.80
CA SER D 480 29.98 -22.84 -13.02
C SER D 480 28.75 -22.40 -13.80
N ALA D 481 27.75 -23.29 -13.91
CA ALA D 481 26.52 -22.94 -14.61
C ALA D 481 25.82 -21.77 -13.95
N LYS D 482 25.76 -21.76 -12.62
CA LYS D 482 25.17 -20.64 -11.92
C LYS D 482 25.93 -19.36 -12.23
N ARG D 483 27.26 -19.44 -12.29
CA ARG D 483 28.04 -18.26 -12.64
C ARG D 483 27.67 -17.74 -14.03
N MET D 484 27.57 -18.65 -15.01
CA MET D 484 27.20 -18.20 -16.36
C MET D 484 25.82 -17.54 -16.33
N VAL D 485 24.88 -18.12 -15.59
CA VAL D 485 23.54 -17.54 -15.52
C VAL D 485 23.58 -16.15 -14.90
N GLU D 486 24.34 -15.99 -13.82
CA GLU D 486 24.45 -14.69 -13.17
C GLU D 486 25.10 -13.65 -14.05
N ARG D 487 25.98 -14.05 -14.97
CA ARG D 487 26.56 -13.11 -15.91
C ARG D 487 25.86 -13.11 -17.27
N GLN D 488 24.79 -13.89 -17.44
CA GLN D 488 24.01 -13.90 -18.67
C GLN D 488 24.90 -14.04 -19.90
N ARG D 489 25.70 -15.11 -19.90
CA ARG D 489 26.64 -15.31 -21.00
C ARG D 489 25.87 -15.47 -22.30
N PRO D 490 26.43 -15.04 -23.44
CA PRO D 490 25.64 -15.05 -24.68
C PRO D 490 25.06 -16.41 -25.03
N GLN D 491 25.71 -17.50 -24.62
CA GLN D 491 25.24 -18.82 -24.99
C GLN D 491 24.04 -19.28 -24.18
N VAL D 492 23.78 -18.67 -23.02
CA VAL D 492 22.57 -19.02 -22.28
C VAL D 492 21.45 -18.09 -22.72
N TRP D 493 20.95 -18.28 -23.94
CA TRP D 493 19.66 -17.76 -24.34
C TRP D 493 18.92 -18.81 -25.16
N ASP D 494 19.67 -19.53 -26.00
CA ASP D 494 19.11 -20.67 -26.72
C ASP D 494 18.71 -21.79 -25.75
N VAL D 495 19.55 -22.06 -24.76
CA VAL D 495 19.19 -23.03 -23.74
C VAL D 495 17.91 -22.60 -23.03
N LEU D 496 17.79 -21.31 -22.75
CA LEU D 496 16.56 -20.79 -22.16
C LEU D 496 15.36 -21.08 -23.05
N GLU D 497 15.47 -20.78 -24.34
CA GLU D 497 14.37 -21.08 -25.26
C GLU D 497 14.04 -22.56 -25.29
N GLU D 498 15.03 -23.43 -25.07
CA GLU D 498 14.78 -24.86 -25.02
C GLU D 498 14.11 -25.30 -23.72
N VAL D 499 14.38 -24.61 -22.61
CA VAL D 499 13.79 -24.98 -21.33
C VAL D 499 12.36 -24.49 -21.21
N ILE D 500 12.10 -23.26 -21.63
CA ILE D 500 10.82 -22.58 -21.45
C ILE D 500 9.73 -23.24 -22.29
N ALA D 501 10.11 -24.13 -23.20
CA ALA D 501 9.16 -24.69 -24.16
C ALA D 501 8.04 -25.44 -23.47
N GLU D 502 6.81 -25.18 -23.92
CA GLU D 502 5.58 -25.82 -23.43
C GLU D 502 5.65 -26.09 -21.93
N HIS D 503 5.97 -25.05 -21.17
CA HIS D 503 6.02 -25.10 -19.71
C HIS D 503 5.14 -23.95 -19.22
N PRO D 504 3.87 -24.20 -18.93
CA PRO D 504 2.94 -23.10 -18.70
C PRO D 504 3.33 -22.27 -17.48
N VAL D 505 2.97 -20.99 -17.54
CA VAL D 505 3.16 -20.07 -16.42
C VAL D 505 1.81 -19.43 -16.12
N LEU D 506 1.46 -19.35 -14.83
CA LEU D 506 0.24 -18.68 -14.43
C LEU D 506 0.46 -17.18 -14.39
N LEU D 507 -0.49 -16.44 -14.94
CA LEU D 507 -0.47 -14.99 -14.91
C LEU D 507 -1.64 -14.54 -14.04
N ASN D 508 -1.36 -13.61 -13.13
CA ASN D 508 -2.32 -13.11 -12.15
C ASN D 508 -2.28 -11.59 -12.13
N ARG D 509 -3.46 -10.98 -11.97
CA ARG D 509 -3.57 -9.54 -11.80
C ARG D 509 -4.42 -9.26 -10.57
N ALA D 510 -3.83 -8.63 -9.57
CA ALA D 510 -4.59 -8.28 -8.38
C ALA D 510 -5.46 -7.05 -8.67
N PRO D 511 -6.71 -7.03 -8.18
CA PRO D 511 -7.41 -8.04 -7.39
C PRO D 511 -7.92 -9.19 -8.25
N THR D 512 -8.00 -10.40 -7.71
CA THR D 512 -8.56 -11.54 -8.43
C THR D 512 -10.05 -11.61 -8.09
N LEU D 513 -10.82 -10.73 -8.72
CA LEU D 513 -12.24 -10.67 -8.41
C LEU D 513 -12.98 -11.95 -8.78
N HIS D 514 -12.42 -12.79 -9.64
CA HIS D 514 -13.05 -14.04 -10.01
C HIS D 514 -12.00 -15.04 -10.48
N ARG D 515 -12.47 -16.21 -10.88
CA ARG D 515 -11.58 -17.32 -11.20
C ARG D 515 -10.66 -17.01 -12.37
N LEU D 516 -11.19 -16.34 -13.38
CA LEU D 516 -10.45 -16.13 -14.62
C LEU D 516 -9.44 -14.99 -14.49
N GLY D 517 -9.13 -14.59 -13.25
CA GLY D 517 -8.07 -13.64 -13.00
C GLY D 517 -6.72 -14.29 -12.81
N ILE D 518 -6.69 -15.62 -12.76
CA ILE D 518 -5.45 -16.40 -12.83
C ILE D 518 -5.61 -17.30 -14.04
N GLN D 519 -4.71 -17.18 -15.02
CA GLN D 519 -4.79 -18.01 -16.20
C GLN D 519 -3.40 -18.44 -16.64
N ALA D 520 -3.30 -19.68 -17.11
CA ALA D 520 -2.03 -20.27 -17.50
C ALA D 520 -1.80 -20.07 -18.99
N PHE D 521 -0.63 -19.55 -19.34
CA PHE D 521 -0.26 -19.31 -20.72
C PHE D 521 1.03 -20.05 -21.04
N GLU D 522 1.20 -20.38 -22.32
CA GLU D 522 2.45 -20.96 -22.79
C GLU D 522 3.42 -19.81 -23.06
N PRO D 523 4.48 -19.64 -22.29
CA PRO D 523 5.25 -18.41 -22.37
C PRO D 523 6.16 -18.40 -23.60
N MET D 524 6.20 -17.25 -24.27
CA MET D 524 7.12 -16.98 -25.35
C MET D 524 8.07 -15.89 -24.91
N LEU D 525 9.33 -15.98 -25.34
CA LEU D 525 10.31 -14.96 -24.99
C LEU D 525 10.12 -13.72 -25.84
N VAL D 526 10.17 -12.56 -25.19
CA VAL D 526 10.08 -11.27 -25.86
C VAL D 526 11.31 -10.45 -25.50
N GLU D 527 11.52 -9.37 -26.24
CA GLU D 527 12.75 -8.60 -26.12
C GLU D 527 12.89 -7.95 -24.75
N GLY D 528 12.03 -7.00 -24.41
CA GLY D 528 12.30 -6.14 -23.27
C GLY D 528 11.26 -5.99 -22.19
N LYS D 529 11.56 -6.56 -21.02
CA LYS D 529 11.08 -6.07 -19.73
C LYS D 529 9.56 -5.96 -19.58
N ALA D 530 8.78 -6.44 -20.52
CA ALA D 530 7.33 -6.30 -20.45
C ALA D 530 6.67 -7.62 -20.83
N ILE D 531 5.60 -7.95 -20.12
CA ILE D 531 4.82 -9.16 -20.39
C ILE D 531 3.81 -8.83 -21.47
N GLN D 532 3.91 -9.50 -22.61
CA GLN D 532 2.98 -9.26 -23.71
C GLN D 532 1.73 -10.10 -23.50
N LEU D 533 0.64 -9.44 -23.12
CA LEU D 533 -0.63 -10.10 -22.86
C LEU D 533 -1.48 -10.13 -24.12
N HIS D 534 -2.25 -11.20 -24.26
CA HIS D 534 -3.20 -11.28 -25.37
C HIS D 534 -4.32 -10.26 -25.16
N PRO D 535 -4.73 -9.54 -26.20
CA PRO D 535 -5.82 -8.56 -25.99
C PRO D 535 -7.11 -9.17 -25.50
N LEU D 536 -7.40 -10.41 -25.89
CA LEU D 536 -8.71 -11.00 -25.58
C LEU D 536 -8.85 -11.31 -24.09
N VAL D 537 -7.79 -11.75 -23.44
CA VAL D 537 -7.88 -12.05 -22.00
C VAL D 537 -7.91 -10.80 -21.15
N CYS D 538 -7.88 -9.61 -21.76
CA CYS D 538 -7.91 -8.37 -21.00
C CYS D 538 -9.19 -8.23 -20.19
N GLU D 539 -10.33 -8.46 -20.83
CA GLU D 539 -11.60 -8.34 -20.13
C GLU D 539 -11.72 -9.39 -19.03
N ALA D 540 -11.11 -10.56 -19.22
CA ALA D 540 -11.08 -11.56 -18.16
C ALA D 540 -10.29 -11.05 -16.96
N PHE D 541 -9.12 -10.44 -17.21
CA PHE D 541 -8.32 -9.86 -16.15
C PHE D 541 -8.79 -8.47 -15.74
N ASN D 542 -9.63 -7.82 -16.54
CA ASN D 542 -9.95 -6.40 -16.34
C ASN D 542 -8.69 -5.56 -16.38
N ALA D 543 -7.81 -5.86 -17.34
CA ALA D 543 -6.48 -5.26 -17.43
C ALA D 543 -6.39 -4.41 -18.68
N ASP D 544 -6.31 -3.10 -18.51
CA ASP D 544 -5.96 -2.17 -19.57
C ASP D 544 -4.51 -1.77 -19.41
N PHE D 545 -3.92 -1.30 -20.52
CA PHE D 545 -2.49 -1.05 -20.57
C PHE D 545 -2.20 0.43 -20.32
N ASP D 546 -2.37 0.82 -19.06
CA ASP D 546 -1.92 2.11 -18.56
C ASP D 546 -1.13 1.91 -17.27
N GLY D 547 -0.24 0.94 -17.27
CA GLY D 547 0.58 0.63 -16.12
C GLY D 547 0.12 -0.56 -15.29
N ASP D 548 -0.79 -1.37 -15.81
CA ASP D 548 -1.38 -2.47 -15.05
C ASP D 548 -0.36 -3.59 -14.92
N GLN D 549 0.46 -3.55 -13.88
CA GLN D 549 1.41 -4.63 -13.68
C GLN D 549 0.67 -5.92 -13.37
N MET D 550 1.35 -7.05 -13.61
CA MET D 550 0.80 -8.33 -13.23
C MET D 550 1.94 -9.28 -12.91
N ALA D 551 1.59 -10.35 -12.19
CA ALA D 551 2.54 -11.29 -11.63
C ALA D 551 2.50 -12.61 -12.40
N VAL D 552 3.64 -13.29 -12.41
CA VAL D 552 3.83 -14.53 -13.14
C VAL D 552 4.38 -15.56 -12.17
N HIS D 553 3.63 -16.65 -11.99
CA HIS D 553 4.04 -17.77 -11.15
C HIS D 553 4.35 -18.97 -12.03
N LEU D 554 5.24 -19.83 -11.54
CA LEU D 554 5.78 -20.93 -12.34
C LEU D 554 5.44 -22.28 -11.71
N PRO D 555 4.45 -23.01 -12.22
CA PRO D 555 4.19 -24.35 -11.68
C PRO D 555 5.39 -25.27 -11.90
N LEU D 556 5.68 -26.10 -10.91
CA LEU D 556 6.90 -26.90 -10.88
C LEU D 556 6.63 -28.39 -11.04
N SER D 557 5.80 -28.98 -10.17
CA SER D 557 5.63 -30.41 -10.17
C SER D 557 4.79 -30.85 -11.37
N ALA D 558 4.76 -32.16 -11.61
CA ALA D 558 4.00 -32.70 -12.73
C ALA D 558 2.52 -32.38 -12.59
N GLU D 559 1.98 -32.53 -11.38
CA GLU D 559 0.58 -32.21 -11.16
C GLU D 559 0.30 -30.73 -11.39
N ALA D 560 1.20 -29.86 -10.92
CA ALA D 560 1.02 -28.42 -11.13
C ALA D 560 1.03 -28.07 -12.61
N GLN D 561 1.97 -28.63 -13.36
CA GLN D 561 2.03 -28.37 -14.79
C GLN D 561 0.78 -28.89 -15.49
N ALA D 562 0.33 -30.09 -15.12
CA ALA D 562 -0.87 -30.65 -15.73
C ALA D 562 -2.08 -29.79 -15.44
N GLU D 563 -2.23 -29.32 -14.21
CA GLU D 563 -3.35 -28.46 -13.86
C GLU D 563 -3.29 -27.15 -14.63
N ALA D 564 -2.12 -26.53 -14.70
CA ALA D 564 -1.99 -25.28 -15.43
C ALA D 564 -2.32 -25.46 -16.90
N ARG D 565 -1.89 -26.58 -17.48
CA ARG D 565 -2.07 -26.82 -18.91
C ARG D 565 -3.51 -27.20 -19.24
N ILE D 566 -4.21 -27.88 -18.35
CA ILE D 566 -5.53 -28.43 -18.67
C ILE D 566 -6.62 -27.56 -18.07
N LEU D 567 -6.55 -27.34 -16.75
CA LEU D 567 -7.63 -26.64 -16.07
C LEU D 567 -7.61 -25.14 -16.36
N MET D 568 -6.42 -24.53 -16.35
CA MET D 568 -6.30 -23.08 -16.35
C MET D 568 -5.89 -22.48 -17.68
N LEU D 569 -5.66 -23.30 -18.71
CA LEU D 569 -5.17 -22.74 -19.97
C LEU D 569 -6.13 -21.67 -20.47
N SER D 570 -5.56 -20.54 -20.90
CA SER D 570 -6.40 -19.39 -21.25
C SER D 570 -7.35 -19.71 -22.41
N SER D 571 -6.95 -20.62 -23.29
CA SER D 571 -7.82 -21.01 -24.40
C SER D 571 -8.89 -22.01 -23.98
N ASN D 572 -8.84 -22.52 -22.75
CA ASN D 572 -9.89 -23.37 -22.21
C ASN D 572 -10.95 -22.58 -21.45
N ASN D 573 -10.67 -21.32 -21.12
CA ASN D 573 -11.58 -20.50 -20.32
C ASN D 573 -12.04 -19.34 -21.19
N ILE D 574 -13.12 -19.56 -21.94
CA ILE D 574 -13.72 -18.55 -22.78
C ILE D 574 -14.98 -17.97 -22.14
N LEU D 575 -15.87 -18.84 -21.66
CA LEU D 575 -17.12 -18.40 -21.08
C LEU D 575 -16.94 -18.01 -19.62
N SER D 576 -17.67 -16.99 -19.20
CA SER D 576 -17.64 -16.57 -17.81
C SER D 576 -18.31 -17.63 -16.95
N PRO D 577 -17.70 -18.05 -15.83
CA PRO D 577 -18.40 -19.01 -14.95
C PRO D 577 -19.66 -18.43 -14.31
N ALA D 578 -19.79 -17.10 -14.28
CA ALA D 578 -20.96 -16.49 -13.64
C ALA D 578 -22.22 -16.73 -14.46
N SER D 579 -22.24 -16.24 -15.69
CA SER D 579 -23.43 -16.30 -16.53
C SER D 579 -23.25 -17.13 -17.80
N GLY D 580 -22.04 -17.53 -18.15
CA GLY D 580 -21.79 -18.30 -19.34
C GLY D 580 -21.60 -17.50 -20.61
N ARG D 581 -21.75 -16.18 -20.55
CA ARG D 581 -21.47 -15.35 -21.71
C ARG D 581 -19.97 -15.35 -22.00
N PRO D 582 -19.57 -15.33 -23.27
CA PRO D 582 -18.13 -15.39 -23.57
C PRO D 582 -17.41 -14.19 -22.99
N LEU D 583 -16.20 -14.43 -22.48
CA LEU D 583 -15.38 -13.37 -21.93
C LEU D 583 -14.16 -13.06 -22.80
N ALA D 584 -13.82 -13.94 -23.73
CA ALA D 584 -12.70 -13.73 -24.64
C ALA D 584 -13.15 -13.20 -26.00
N MET D 585 -14.42 -12.87 -26.16
CA MET D 585 -14.89 -12.37 -27.43
C MET D 585 -14.28 -10.99 -27.72
N PRO D 586 -14.21 -10.60 -28.99
CA PRO D 586 -13.62 -9.30 -29.33
C PRO D 586 -14.38 -8.14 -28.72
N ARG D 587 -13.63 -7.09 -28.37
CA ARG D 587 -14.20 -5.89 -27.78
C ARG D 587 -13.40 -4.67 -28.21
N LEU D 588 -14.02 -3.51 -28.11
CA LEU D 588 -13.39 -2.24 -28.42
C LEU D 588 -12.94 -2.17 -29.88
N ASP D 589 -11.64 -2.19 -30.14
CA ASP D 589 -11.15 -1.98 -31.50
C ASP D 589 -11.66 -3.07 -32.44
N MET D 590 -11.67 -4.31 -31.98
CA MET D 590 -12.04 -5.42 -32.85
C MET D 590 -13.52 -5.39 -33.19
N VAL D 591 -14.37 -5.02 -32.23
CA VAL D 591 -15.79 -4.88 -32.52
C VAL D 591 -16.02 -3.78 -33.55
N THR D 592 -15.30 -2.67 -33.42
CA THR D 592 -15.43 -1.60 -34.40
C THR D 592 -14.98 -2.08 -35.78
N GLY D 593 -13.87 -2.82 -35.83
CA GLY D 593 -13.40 -3.33 -37.12
C GLY D 593 -14.40 -4.26 -37.78
N LEU D 594 -14.95 -5.20 -37.01
CA LEU D 594 -15.90 -6.15 -37.57
C LEU D 594 -17.21 -5.48 -37.95
N TYR D 595 -17.67 -4.52 -37.14
CA TYR D 595 -18.88 -3.78 -37.47
C TYR D 595 -18.70 -2.98 -38.74
N TYR D 596 -17.54 -2.34 -38.91
CA TYR D 596 -17.27 -1.62 -40.14
C TYR D 596 -17.19 -2.57 -41.33
N LEU D 597 -16.55 -3.73 -41.14
CA LEU D 597 -16.39 -4.67 -42.24
C LEU D 597 -17.73 -5.22 -42.70
N THR D 598 -18.59 -5.62 -41.76
CA THR D 598 -19.82 -6.33 -42.10
C THR D 598 -21.02 -5.42 -42.31
N THR D 599 -20.90 -4.12 -42.03
CA THR D 599 -22.02 -3.23 -42.26
C THR D 599 -22.20 -2.98 -43.75
N GLU D 600 -23.44 -2.75 -44.14
CA GLU D 600 -23.81 -2.50 -45.53
C GLU D 600 -24.23 -1.04 -45.69
N VAL D 601 -23.74 -0.39 -46.73
CA VAL D 601 -24.09 1.00 -47.02
C VAL D 601 -24.74 1.06 -48.40
N PRO D 602 -26.03 1.38 -48.51
CA PRO D 602 -26.67 1.43 -49.83
C PRO D 602 -26.06 2.52 -50.70
N GLY D 603 -26.09 2.31 -52.01
CA GLY D 603 -25.55 3.26 -52.94
C GLY D 603 -24.04 3.27 -53.03
N ASP D 604 -23.38 2.23 -52.54
CA ASP D 604 -21.93 2.19 -52.54
C ASP D 604 -21.40 1.81 -53.92
N THR D 605 -20.11 2.04 -54.12
CA THR D 605 -19.48 1.65 -55.38
C THR D 605 -19.41 0.14 -55.49
N GLY D 606 -19.72 -0.37 -56.67
CA GLY D 606 -19.76 -1.80 -56.89
C GLY D 606 -21.04 -2.48 -56.45
N GLU D 607 -22.07 -1.70 -56.08
CA GLU D 607 -23.31 -2.29 -55.61
C GLU D 607 -23.97 -3.09 -56.73
N TYR D 608 -25.10 -3.71 -56.40
CA TYR D 608 -25.86 -4.52 -57.33
C TYR D 608 -27.07 -3.74 -57.82
N GLN D 609 -27.24 -3.69 -59.14
CA GLN D 609 -28.38 -3.03 -59.76
C GLN D 609 -28.99 -4.00 -60.77
N PRO D 610 -30.29 -4.31 -60.68
CA PRO D 610 -30.89 -5.26 -61.63
C PRO D 610 -31.38 -4.63 -62.93
N ALA D 611 -30.98 -3.41 -63.24
CA ALA D 611 -31.53 -2.70 -64.39
C ALA D 611 -31.31 -3.51 -65.67
N SER D 612 -32.33 -3.55 -66.52
CA SER D 612 -32.28 -4.28 -67.77
C SER D 612 -32.66 -3.37 -68.93
N GLY D 613 -32.82 -3.93 -70.12
CA GLY D 613 -33.12 -3.16 -71.31
C GLY D 613 -31.92 -2.52 -71.97
N ASP D 614 -30.83 -2.33 -71.24
CA ASP D 614 -29.60 -1.76 -71.79
C ASP D 614 -28.35 -2.54 -71.42
N HIS D 615 -28.36 -3.33 -70.35
CA HIS D 615 -27.18 -4.04 -69.89
C HIS D 615 -27.61 -5.01 -68.79
N PRO D 616 -26.79 -6.03 -68.49
CA PRO D 616 -27.12 -6.94 -67.37
C PRO D 616 -26.93 -6.28 -66.02
N GLU D 617 -27.08 -7.07 -64.94
CA GLU D 617 -27.04 -6.49 -63.60
C GLU D 617 -25.68 -5.92 -63.24
N THR D 618 -24.62 -6.33 -63.93
CA THR D 618 -23.26 -5.80 -63.76
C THR D 618 -22.90 -5.55 -62.30
N GLY D 619 -23.26 -6.47 -61.41
CA GLY D 619 -22.87 -6.39 -60.02
C GLY D 619 -22.48 -7.73 -59.41
N VAL D 620 -22.60 -8.79 -60.19
CA VAL D 620 -22.46 -10.16 -59.68
C VAL D 620 -21.02 -10.63 -59.90
N TYR D 621 -20.51 -11.39 -58.94
CA TYR D 621 -19.15 -11.89 -58.95
C TYR D 621 -19.14 -13.42 -58.86
N SER D 622 -18.19 -14.04 -59.56
CA SER D 622 -18.19 -15.49 -59.69
C SER D 622 -17.64 -16.20 -58.47
N SER D 623 -16.81 -15.55 -57.68
CA SER D 623 -16.25 -16.18 -56.49
C SER D 623 -15.70 -15.09 -55.58
N PRO D 624 -15.54 -15.38 -54.28
CA PRO D 624 -14.95 -14.38 -53.39
C PRO D 624 -13.55 -13.94 -53.81
N ALA D 625 -12.81 -14.81 -54.51
CA ALA D 625 -11.51 -14.39 -55.03
C ALA D 625 -11.66 -13.24 -56.02
N GLU D 626 -12.63 -13.34 -56.93
CA GLU D 626 -12.90 -12.24 -57.85
C GLU D 626 -13.39 -11.01 -57.10
N ALA D 627 -14.19 -11.21 -56.06
CA ALA D 627 -14.65 -10.08 -55.27
C ALA D 627 -13.48 -9.34 -54.63
N ILE D 628 -12.51 -10.08 -54.07
CA ILE D 628 -11.37 -9.44 -53.45
C ILE D 628 -10.48 -8.78 -54.51
N MET D 629 -10.36 -9.40 -55.68
CA MET D 629 -9.62 -8.78 -56.77
C MET D 629 -10.24 -7.44 -57.16
N ALA D 630 -11.57 -7.41 -57.27
CA ALA D 630 -12.25 -6.15 -57.55
C ALA D 630 -12.04 -5.15 -56.42
N ALA D 631 -12.05 -5.63 -55.17
CA ALA D 631 -11.81 -4.75 -54.04
C ALA D 631 -10.43 -4.12 -54.11
N ASP D 632 -9.44 -4.86 -54.60
CA ASP D 632 -8.12 -4.29 -54.77
C ASP D 632 -8.14 -3.11 -55.73
N ARG D 633 -8.87 -3.25 -56.83
CA ARG D 633 -9.13 -2.11 -57.69
C ARG D 633 -10.16 -1.19 -57.05
N GLY D 634 -10.15 0.08 -57.46
CA GLY D 634 -11.12 1.03 -56.95
C GLY D 634 -12.49 0.84 -57.59
N VAL D 635 -13.04 -0.37 -57.46
CA VAL D 635 -14.31 -0.70 -58.10
C VAL D 635 -15.34 -1.06 -57.05
N LEU D 636 -15.07 -2.12 -56.29
CA LEU D 636 -16.03 -2.68 -55.34
C LEU D 636 -15.58 -2.34 -53.93
N SER D 637 -16.42 -1.61 -53.21
CA SER D 637 -16.21 -1.42 -51.78
C SER D 637 -16.53 -2.70 -51.04
N VAL D 638 -15.96 -2.85 -49.84
CA VAL D 638 -16.15 -4.04 -49.04
C VAL D 638 -17.52 -4.01 -48.37
N ARG D 639 -18.23 -2.89 -48.50
CA ARG D 639 -19.50 -2.67 -47.81
C ARG D 639 -20.64 -2.43 -48.79
N ALA D 640 -20.58 -3.04 -49.97
CA ALA D 640 -21.56 -2.81 -51.03
C ALA D 640 -22.36 -4.08 -51.26
N LYS D 641 -23.68 -3.95 -51.28
CA LYS D 641 -24.53 -5.09 -51.59
C LYS D 641 -24.20 -5.63 -52.98
N ILE D 642 -23.91 -6.92 -53.04
CA ILE D 642 -23.63 -7.62 -54.29
C ILE D 642 -24.22 -9.00 -54.17
N LYS D 643 -24.18 -9.76 -55.26
CA LYS D 643 -24.52 -11.18 -55.23
C LYS D 643 -23.30 -11.94 -55.73
N VAL D 644 -22.87 -12.93 -54.95
CA VAL D 644 -21.65 -13.68 -55.23
C VAL D 644 -21.98 -15.16 -55.19
N ARG D 645 -21.19 -15.93 -55.94
CA ARG D 645 -21.34 -17.38 -55.99
C ARG D 645 -20.42 -17.99 -54.94
N LEU D 646 -21.01 -18.57 -53.90
CA LEU D 646 -20.28 -19.10 -52.76
C LEU D 646 -20.28 -20.62 -52.85
N THR D 647 -19.11 -21.22 -52.61
CA THR D 647 -18.96 -22.67 -52.71
C THR D 647 -18.18 -23.28 -51.55
N GLN D 648 -17.92 -22.52 -50.47
CA GLN D 648 -17.21 -23.06 -49.32
C GLN D 648 -17.80 -22.64 -47.99
N LEU D 649 -18.86 -21.83 -47.98
CA LEU D 649 -19.49 -21.37 -46.75
C LEU D 649 -20.94 -21.81 -46.74
N ARG D 650 -21.36 -22.44 -45.64
CA ARG D 650 -22.67 -23.04 -45.59
C ARG D 650 -23.75 -21.96 -45.58
N PRO D 651 -24.83 -22.13 -46.35
CA PRO D 651 -25.88 -21.11 -46.38
C PRO D 651 -26.79 -21.23 -45.18
N PRO D 652 -27.56 -20.18 -44.86
CA PRO D 652 -28.43 -20.25 -43.68
C PRO D 652 -29.52 -21.29 -43.82
N VAL D 653 -30.33 -21.47 -42.77
CA VAL D 653 -31.23 -22.62 -42.72
C VAL D 653 -32.31 -22.53 -43.79
N GLU D 654 -32.82 -21.32 -44.05
CA GLU D 654 -33.98 -21.22 -44.95
C GLU D 654 -33.60 -21.55 -46.38
N ILE D 655 -32.54 -20.91 -46.89
CA ILE D 655 -32.14 -21.15 -48.28
C ILE D 655 -31.60 -22.57 -48.44
N GLU D 656 -30.93 -23.09 -47.41
CA GLU D 656 -30.47 -24.47 -47.46
C GLU D 656 -31.65 -25.42 -47.57
N ALA D 657 -32.68 -25.21 -46.73
CA ALA D 657 -33.85 -26.08 -46.77
C ALA D 657 -34.62 -25.90 -48.07
N GLU D 658 -34.51 -24.74 -48.72
CA GLU D 658 -35.18 -24.59 -50.01
C GLU D 658 -34.41 -25.30 -51.12
N LEU D 659 -33.14 -24.94 -51.31
CA LEU D 659 -32.43 -25.42 -52.50
C LEU D 659 -31.91 -26.85 -52.30
N PHE D 660 -31.39 -27.16 -51.11
CA PHE D 660 -30.96 -28.52 -50.81
C PHE D 660 -32.07 -29.30 -50.13
N GLY D 661 -32.57 -28.80 -49.00
CA GLY D 661 -33.66 -29.43 -48.30
C GLY D 661 -33.24 -30.39 -47.20
N HIS D 662 -32.45 -31.41 -47.57
CA HIS D 662 -32.21 -32.55 -46.70
C HIS D 662 -30.76 -32.66 -46.25
N SER D 663 -29.82 -32.75 -47.19
CA SER D 663 -28.43 -33.09 -46.88
C SER D 663 -27.47 -32.23 -47.69
N GLY D 664 -27.72 -30.93 -47.73
CA GLY D 664 -26.88 -30.03 -48.49
C GLY D 664 -25.43 -30.07 -48.05
N TRP D 665 -24.56 -30.66 -48.87
CA TRP D 665 -23.14 -30.77 -48.56
C TRP D 665 -22.42 -29.59 -49.20
N GLN D 666 -22.20 -28.56 -48.40
CA GLN D 666 -21.69 -27.26 -48.83
C GLN D 666 -20.24 -27.23 -49.28
N PRO D 667 -19.34 -28.11 -48.80
CA PRO D 667 -17.93 -28.02 -49.20
C PRO D 667 -17.73 -28.03 -50.72
N GLY D 668 -18.68 -28.58 -51.47
CA GLY D 668 -18.57 -28.61 -52.91
C GLY D 668 -19.66 -27.83 -53.63
N ASP D 669 -20.86 -27.80 -53.06
CA ASP D 669 -21.99 -27.18 -53.74
C ASP D 669 -21.83 -25.66 -53.78
N ALA D 670 -22.50 -25.06 -54.77
CA ALA D 670 -22.45 -23.62 -54.97
C ALA D 670 -23.85 -23.03 -54.82
N TRP D 671 -23.89 -21.78 -54.36
CA TRP D 671 -25.16 -21.08 -54.19
C TRP D 671 -24.92 -19.59 -54.37
N MET D 672 -26.02 -18.84 -54.46
CA MET D 672 -25.98 -17.40 -54.66
C MET D 672 -26.23 -16.70 -53.33
N ALA D 673 -25.29 -15.87 -52.91
CA ALA D 673 -25.40 -15.11 -51.67
C ALA D 673 -25.51 -13.64 -52.04
N GLU D 674 -26.67 -13.05 -51.75
CA GLU D 674 -26.90 -11.62 -51.96
C GLU D 674 -26.49 -10.91 -50.67
N THR D 675 -25.20 -10.59 -50.57
CA THR D 675 -24.66 -9.96 -49.37
C THR D 675 -23.54 -9.03 -49.79
N THR D 676 -22.90 -8.41 -48.80
CA THR D 676 -21.70 -7.64 -49.03
C THR D 676 -20.49 -8.56 -49.06
N LEU D 677 -19.38 -8.04 -49.58
CA LEU D 677 -18.14 -8.82 -49.55
C LEU D 677 -17.60 -8.94 -48.14
N GLY D 678 -17.75 -7.89 -47.33
CA GLY D 678 -17.25 -7.94 -45.96
C GLY D 678 -17.88 -9.07 -45.16
N ARG D 679 -19.18 -9.29 -45.36
CA ARG D 679 -19.84 -10.38 -44.65
C ARG D 679 -19.31 -11.73 -45.10
N VAL D 680 -18.97 -11.86 -46.38
CA VAL D 680 -18.35 -13.09 -46.87
C VAL D 680 -16.99 -13.29 -46.21
N MET D 681 -16.17 -12.24 -46.16
CA MET D 681 -14.86 -12.34 -45.53
C MET D 681 -15.00 -12.73 -44.06
N PHE D 682 -15.96 -12.14 -43.36
CA PHE D 682 -16.17 -12.49 -41.96
C PHE D 682 -16.58 -13.96 -41.83
N ASN D 683 -17.59 -14.36 -42.60
CA ASN D 683 -18.09 -15.73 -42.51
C ASN D 683 -17.03 -16.75 -42.91
N GLU D 684 -15.95 -16.32 -43.57
CA GLU D 684 -14.82 -17.20 -43.79
C GLU D 684 -13.98 -17.42 -42.54
N LEU D 685 -14.10 -16.56 -41.53
CA LEU D 685 -13.37 -16.78 -40.28
C LEU D 685 -14.00 -17.86 -39.42
N LEU D 686 -15.32 -17.99 -39.47
CA LEU D 686 -16.01 -18.98 -38.66
C LEU D 686 -15.78 -20.38 -39.22
N PRO D 687 -15.99 -21.42 -38.42
CA PRO D 687 -15.75 -22.79 -38.90
C PRO D 687 -16.61 -23.10 -40.12
N LEU D 688 -16.26 -24.21 -40.78
CA LEU D 688 -16.93 -24.57 -42.02
C LEU D 688 -18.40 -24.87 -41.79
N GLY D 689 -18.72 -25.57 -40.71
CA GLY D 689 -20.09 -25.97 -40.47
C GLY D 689 -21.04 -24.83 -40.17
N TYR D 690 -20.52 -23.70 -39.69
CA TYR D 690 -21.40 -22.61 -39.28
C TYR D 690 -22.09 -22.03 -40.50
N PRO D 691 -23.42 -21.94 -40.53
CA PRO D 691 -24.09 -21.35 -41.69
C PRO D 691 -23.80 -19.87 -41.82
N PHE D 692 -24.05 -19.35 -43.01
CA PHE D 692 -23.87 -17.92 -43.26
C PHE D 692 -24.71 -17.11 -42.28
N VAL D 693 -24.12 -16.03 -41.76
CA VAL D 693 -24.82 -15.17 -40.81
C VAL D 693 -25.53 -14.07 -41.58
N ASN D 694 -24.75 -13.25 -42.31
CA ASN D 694 -25.31 -12.15 -43.09
C ASN D 694 -26.04 -11.14 -42.22
N LYS D 695 -25.35 -10.69 -41.18
CA LYS D 695 -25.88 -9.67 -40.28
C LYS D 695 -24.78 -8.68 -39.94
N GLN D 696 -25.17 -7.41 -39.81
CA GLN D 696 -24.26 -6.42 -39.24
C GLN D 696 -23.89 -6.84 -37.83
N MET D 697 -22.58 -6.80 -37.54
CA MET D 697 -22.05 -7.47 -36.36
C MET D 697 -21.91 -6.48 -35.22
N HIS D 698 -23.04 -6.15 -34.61
CA HIS D 698 -23.03 -5.44 -33.34
C HIS D 698 -22.38 -6.30 -32.27
N LYS D 699 -22.07 -5.68 -31.14
CA LYS D 699 -21.49 -6.42 -30.02
C LYS D 699 -22.39 -7.59 -29.63
N LYS D 700 -23.69 -7.34 -29.55
CA LYS D 700 -24.64 -8.39 -29.16
C LYS D 700 -24.61 -9.54 -30.15
N VAL D 701 -24.57 -9.24 -31.45
CA VAL D 701 -24.59 -10.30 -32.46
C VAL D 701 -23.30 -11.13 -32.38
N GLN D 702 -22.16 -10.49 -32.21
CA GLN D 702 -20.90 -11.23 -32.06
C GLN D 702 -20.95 -12.11 -30.81
N ALA D 703 -21.46 -11.58 -29.71
CA ALA D 703 -21.54 -12.36 -28.48
C ALA D 703 -22.45 -13.56 -28.67
N ALA D 704 -23.58 -13.38 -29.36
CA ALA D 704 -24.49 -14.49 -29.62
C ALA D 704 -23.83 -15.53 -30.51
N ILE D 705 -23.07 -15.08 -31.52
CA ILE D 705 -22.36 -16.01 -32.38
C ILE D 705 -21.38 -16.85 -31.58
N ILE D 706 -20.64 -16.21 -30.68
CA ILE D 706 -19.63 -16.93 -29.90
C ILE D 706 -20.31 -17.87 -28.90
N ASN D 707 -21.40 -17.43 -28.28
CA ASN D 707 -22.20 -18.33 -27.43
C ASN D 707 -22.60 -19.58 -28.20
N ASP D 708 -23.22 -19.40 -29.36
CA ASP D 708 -23.70 -20.54 -30.12
C ASP D 708 -22.54 -21.45 -30.53
N LEU D 709 -21.42 -20.84 -30.92
CA LEU D 709 -20.25 -21.61 -31.33
C LEU D 709 -19.71 -22.43 -30.17
N ALA D 710 -19.63 -21.85 -28.98
CA ALA D 710 -19.16 -22.61 -27.82
C ALA D 710 -20.12 -23.73 -27.48
N GLU D 711 -21.42 -23.46 -27.56
CA GLU D 711 -22.40 -24.50 -27.25
C GLU D 711 -22.30 -25.67 -28.20
N ARG D 712 -22.11 -25.41 -29.49
CA ARG D 712 -22.15 -26.49 -30.48
C ARG D 712 -20.78 -27.08 -30.78
N TYR D 713 -19.75 -26.26 -30.89
CA TYR D 713 -18.45 -26.70 -31.38
C TYR D 713 -17.48 -26.93 -30.23
N PRO D 714 -16.43 -27.72 -30.44
CA PRO D 714 -15.45 -27.92 -29.37
C PRO D 714 -14.68 -26.64 -29.06
N MET D 715 -14.14 -26.58 -27.85
CA MET D 715 -13.58 -25.31 -27.37
C MET D 715 -12.29 -24.95 -28.09
N ILE D 716 -11.59 -25.92 -28.69
CA ILE D 716 -10.45 -25.56 -29.52
C ILE D 716 -10.90 -24.79 -30.75
N VAL D 717 -11.97 -25.25 -31.41
CA VAL D 717 -12.52 -24.51 -32.54
C VAL D 717 -12.93 -23.12 -32.10
N VAL D 718 -13.52 -23.01 -30.91
CA VAL D 718 -13.91 -21.71 -30.39
C VAL D 718 -12.69 -20.81 -30.25
N ALA D 719 -11.60 -21.34 -29.70
CA ALA D 719 -10.40 -20.54 -29.50
C ALA D 719 -9.83 -20.06 -30.82
N GLN D 720 -9.71 -20.96 -31.80
CA GLN D 720 -9.15 -20.57 -33.09
C GLN D 720 -10.04 -19.56 -33.81
N THR D 721 -11.35 -19.79 -33.81
CA THR D 721 -12.27 -18.84 -34.43
C THR D 721 -12.19 -17.48 -33.77
N VAL D 722 -12.10 -17.46 -32.44
CA VAL D 722 -12.02 -16.21 -31.71
C VAL D 722 -10.73 -15.47 -32.06
N ASP D 723 -9.62 -16.21 -32.19
CA ASP D 723 -8.36 -15.57 -32.56
C ASP D 723 -8.42 -14.97 -33.96
N LYS D 724 -9.00 -15.71 -34.91
CA LYS D 724 -9.15 -15.17 -36.27
C LYS D 724 -10.03 -13.93 -36.27
N LEU D 725 -11.12 -13.96 -35.49
CA LEU D 725 -11.97 -12.80 -35.36
C LEU D 725 -11.18 -11.59 -34.82
N LYS D 726 -10.33 -11.83 -33.83
CA LYS D 726 -9.51 -10.74 -33.30
C LYS D 726 -8.62 -10.15 -34.38
N ASP D 727 -7.97 -11.00 -35.17
CA ASP D 727 -7.07 -10.51 -36.22
C ASP D 727 -7.84 -9.67 -37.23
N ALA D 728 -8.96 -10.20 -37.72
CA ALA D 728 -9.74 -9.47 -38.71
C ALA D 728 -10.26 -8.15 -38.13
N GLY D 729 -10.69 -8.19 -36.87
CA GLY D 729 -11.19 -6.97 -36.26
C GLY D 729 -10.12 -5.90 -36.15
N PHE D 730 -8.91 -6.27 -35.77
CA PHE D 730 -7.85 -5.27 -35.68
C PHE D 730 -7.51 -4.71 -37.05
N TYR D 731 -7.39 -5.58 -38.06
CA TYR D 731 -7.08 -5.10 -39.40
C TYR D 731 -8.12 -4.10 -39.89
N TRP D 732 -9.39 -4.47 -39.79
CA TRP D 732 -10.44 -3.61 -40.33
C TRP D 732 -10.80 -2.46 -39.40
N ALA D 733 -10.37 -2.49 -38.13
CA ALA D 733 -10.45 -1.30 -37.30
C ALA D 733 -9.40 -0.29 -37.73
N THR D 734 -8.22 -0.77 -38.13
CA THR D 734 -7.25 0.13 -38.75
C THR D 734 -7.81 0.72 -40.04
N ARG D 735 -8.50 -0.09 -40.84
CA ARG D 735 -9.04 0.42 -42.09
C ARG D 735 -10.35 1.19 -41.93
N SER D 736 -10.98 1.16 -40.75
CA SER D 736 -12.30 1.76 -40.61
C SER D 736 -12.25 3.28 -40.66
N GLY D 737 -11.14 3.87 -40.25
CA GLY D 737 -11.04 5.33 -40.21
C GLY D 737 -11.94 5.97 -39.18
N VAL D 738 -12.11 5.34 -38.02
CA VAL D 738 -12.78 5.99 -36.91
C VAL D 738 -11.77 6.89 -36.21
N THR D 739 -12.11 8.17 -36.09
CA THR D 739 -11.20 9.15 -35.51
C THR D 739 -12.04 10.32 -35.01
N VAL D 740 -11.43 11.12 -34.14
CA VAL D 740 -12.13 12.21 -33.48
C VAL D 740 -11.47 13.53 -33.84
N SER D 741 -12.29 14.53 -34.12
CA SER D 741 -11.84 15.90 -34.31
C SER D 741 -13.00 16.80 -33.93
N MET D 742 -12.68 18.08 -33.65
CA MET D 742 -13.75 19.00 -33.27
C MET D 742 -14.77 19.18 -34.39
N ALA D 743 -14.42 18.81 -35.63
CA ALA D 743 -15.35 18.80 -36.74
C ALA D 743 -16.20 17.54 -36.80
N ASP D 744 -15.84 16.50 -36.06
CA ASP D 744 -16.65 15.29 -35.96
C ASP D 744 -17.61 15.31 -34.78
N VAL D 745 -17.63 16.41 -34.02
CA VAL D 745 -18.56 16.59 -32.90
C VAL D 745 -19.50 17.72 -33.29
N LEU D 746 -20.74 17.37 -33.62
CA LEU D 746 -21.73 18.32 -34.10
C LEU D 746 -22.66 18.70 -32.96
N VAL D 747 -22.79 20.00 -32.72
CA VAL D 747 -23.76 20.51 -31.74
C VAL D 747 -25.13 20.50 -32.41
N PRO D 748 -26.22 20.37 -31.67
CA PRO D 748 -27.55 20.42 -32.29
C PRO D 748 -27.91 21.84 -32.67
N PRO D 749 -28.50 22.06 -33.86
CA PRO D 749 -28.75 23.43 -34.31
C PRO D 749 -29.90 24.12 -33.62
N ARG D 750 -30.78 23.39 -32.93
CA ARG D 750 -31.92 23.97 -32.24
C ARG D 750 -31.63 24.24 -30.77
N LYS D 751 -30.36 24.17 -30.35
CA LYS D 751 -30.07 24.20 -28.91
C LYS D 751 -30.52 25.49 -28.27
N LYS D 752 -30.23 26.64 -28.90
CA LYS D 752 -30.54 27.91 -28.25
C LYS D 752 -32.04 28.10 -28.10
N GLU D 753 -32.83 27.67 -29.09
CA GLU D 753 -34.28 27.79 -28.97
C GLU D 753 -34.81 26.96 -27.81
N ILE D 754 -34.28 25.73 -27.65
CA ILE D 754 -34.71 24.89 -26.54
C ILE D 754 -34.34 25.52 -25.21
N LEU D 755 -33.11 26.04 -25.12
CA LEU D 755 -32.66 26.67 -23.89
C LEU D 755 -33.54 27.87 -23.54
N ASP D 756 -33.90 28.68 -24.54
CA ASP D 756 -34.79 29.79 -24.28
C ASP D 756 -36.16 29.30 -23.82
N HIS D 757 -36.71 28.30 -24.50
CA HIS D 757 -38.04 27.82 -24.17
C HIS D 757 -38.11 27.29 -22.74
N TYR D 758 -37.02 26.68 -22.26
CA TYR D 758 -37.04 26.14 -20.90
C TYR D 758 -36.59 27.16 -19.86
N GLU D 759 -35.75 28.13 -20.23
CA GLU D 759 -35.46 29.22 -19.33
C GLU D 759 -36.70 30.07 -19.08
N GLU D 760 -37.61 30.15 -20.05
CA GLU D 760 -38.87 30.84 -19.79
C GLU D 760 -39.63 30.17 -18.65
N ARG D 761 -39.72 28.84 -18.69
CA ARG D 761 -40.41 28.13 -17.61
C ARG D 761 -39.66 28.29 -16.29
N ALA D 762 -38.32 28.26 -16.33
CA ALA D 762 -37.55 28.50 -15.13
C ALA D 762 -37.84 29.87 -14.54
N ASP D 763 -37.91 30.90 -15.40
CA ASP D 763 -38.23 32.24 -14.92
C ASP D 763 -39.63 32.30 -14.33
N LYS D 764 -40.57 31.59 -14.94
CA LYS D 764 -41.92 31.53 -14.37
C LYS D 764 -41.91 30.91 -12.99
N VAL D 765 -41.14 29.82 -12.82
CA VAL D 765 -41.03 29.19 -11.50
C VAL D 765 -40.40 30.15 -10.51
N GLU D 766 -39.38 30.89 -10.94
CA GLU D 766 -38.74 31.86 -10.04
C GLU D 766 -39.70 32.96 -9.64
N LYS D 767 -40.50 33.45 -10.58
CA LYS D 767 -41.51 34.43 -10.21
C LYS D 767 -42.43 33.84 -9.17
N GLN D 768 -42.94 32.62 -9.45
CA GLN D 768 -43.88 31.99 -8.52
C GLN D 768 -43.28 31.87 -7.14
N PHE D 769 -42.01 31.51 -7.05
CA PHE D 769 -41.34 31.46 -5.76
C PHE D 769 -41.27 32.84 -5.10
N GLN D 770 -40.96 33.87 -5.89
CA GLN D 770 -40.84 35.22 -5.35
C GLN D 770 -42.15 35.75 -4.78
N ARG D 771 -43.30 35.24 -5.26
CA ARG D 771 -44.60 35.65 -4.75
C ARG D 771 -45.10 34.74 -3.64
N GLY D 772 -44.23 33.94 -3.04
CA GLY D 772 -44.64 33.07 -1.95
C GLY D 772 -45.58 31.95 -2.35
N ALA D 773 -45.70 31.65 -3.64
CA ALA D 773 -46.65 30.63 -4.07
C ALA D 773 -46.26 29.25 -3.57
N LEU D 774 -44.96 28.96 -3.52
CA LEU D 774 -44.49 27.64 -3.15
C LEU D 774 -43.19 27.77 -2.37
N ASN D 775 -42.93 26.79 -1.51
CA ASN D 775 -41.77 26.81 -0.65
C ASN D 775 -40.51 26.49 -1.44
N HIS D 776 -39.37 26.52 -0.75
CA HIS D 776 -38.09 26.32 -1.42
C HIS D 776 -37.99 24.92 -2.02
N ASP D 777 -38.41 23.90 -1.28
CA ASP D 777 -38.29 22.53 -1.76
C ASP D 777 -39.13 22.30 -3.00
N GLU D 778 -40.37 22.79 -3.00
CA GLU D 778 -41.24 22.59 -4.16
C GLU D 778 -40.68 23.30 -5.39
N ARG D 779 -40.18 24.52 -5.22
CA ARG D 779 -39.57 25.23 -6.35
C ARG D 779 -38.35 24.49 -6.87
N ASN D 780 -37.52 23.97 -5.96
CA ASN D 780 -36.36 23.21 -6.37
C ASN D 780 -36.77 21.98 -7.18
N GLU D 781 -37.79 21.26 -6.71
CA GLU D 781 -38.25 20.07 -7.43
C GLU D 781 -38.80 20.44 -8.81
N ALA D 782 -39.58 21.51 -8.89
CA ALA D 782 -40.14 21.93 -10.17
C ALA D 782 -39.04 22.31 -11.15
N LEU D 783 -38.04 23.05 -10.68
CA LEU D 783 -36.93 23.42 -11.57
C LEU D 783 -36.14 22.20 -12.00
N VAL D 784 -35.93 21.25 -11.10
CA VAL D 784 -35.24 20.02 -11.45
C VAL D 784 -36.00 19.28 -12.55
N GLU D 785 -37.32 19.17 -12.41
CA GLU D 785 -38.12 18.51 -13.43
C GLU D 785 -38.01 19.23 -14.77
N ILE D 786 -38.09 20.57 -14.74
CA ILE D 786 -38.03 21.34 -15.97
C ILE D 786 -36.71 21.08 -16.69
N TRP D 787 -35.60 21.15 -15.96
CA TRP D 787 -34.30 21.03 -16.61
C TRP D 787 -34.01 19.58 -16.99
N LYS D 788 -34.57 18.61 -16.27
CA LYS D 788 -34.47 17.22 -16.69
C LYS D 788 -35.16 17.01 -18.03
N GLU D 789 -36.37 17.55 -18.17
CA GLU D 789 -37.07 17.47 -19.44
C GLU D 789 -36.28 18.17 -20.54
N ALA D 790 -35.66 19.31 -20.20
CA ALA D 790 -34.86 20.05 -21.18
C ALA D 790 -33.67 19.22 -21.66
N THR D 791 -32.98 18.57 -20.73
CA THR D 791 -31.84 17.72 -21.11
C THR D 791 -32.31 16.56 -21.98
N ASP D 792 -33.45 15.96 -21.64
CA ASP D 792 -33.98 14.90 -22.48
C ASP D 792 -34.23 15.40 -23.90
N GLU D 793 -34.88 16.56 -24.01
CA GLU D 793 -35.23 17.08 -25.34
C GLU D 793 -33.99 17.41 -26.16
N VAL D 794 -32.99 18.05 -25.54
CA VAL D 794 -31.78 18.38 -26.29
C VAL D 794 -31.03 17.12 -26.68
N GLY D 795 -31.07 16.09 -25.82
CA GLY D 795 -30.47 14.82 -26.19
C GLY D 795 -31.15 14.20 -27.39
N GLN D 796 -32.48 14.25 -27.43
CA GLN D 796 -33.20 13.72 -28.59
C GLN D 796 -32.84 14.49 -29.86
N ALA D 797 -32.77 15.81 -29.76
CA ALA D 797 -32.40 16.60 -30.93
C ALA D 797 -31.01 16.25 -31.42
N LEU D 798 -30.05 16.12 -30.50
CA LEU D 798 -28.70 15.73 -30.88
C LEU D 798 -28.69 14.34 -31.54
N ARG D 799 -29.41 13.39 -30.95
CA ARG D 799 -29.44 12.04 -31.49
C ARG D 799 -29.98 12.04 -32.91
N GLU D 800 -31.08 12.75 -33.15
CA GLU D 800 -31.67 12.76 -34.48
C GLU D 800 -30.85 13.58 -35.47
N HIS D 801 -30.03 14.52 -35.01
CA HIS D 801 -29.22 15.32 -35.93
C HIS D 801 -28.02 14.56 -36.47
N TYR D 802 -27.43 13.67 -35.67
CA TYR D 802 -26.18 13.06 -36.05
C TYR D 802 -26.37 12.16 -37.27
N PRO D 803 -25.40 12.13 -38.19
CA PRO D 803 -25.41 11.07 -39.21
C PRO D 803 -25.06 9.72 -38.60
N ASP D 804 -25.49 8.66 -39.27
CA ASP D 804 -25.20 7.32 -38.79
C ASP D 804 -23.77 6.87 -39.11
N ASP D 805 -22.97 7.72 -39.75
CA ASP D 805 -21.61 7.39 -40.12
C ASP D 805 -20.57 8.05 -39.21
N ASN D 806 -20.99 8.94 -38.32
CA ASN D 806 -20.01 9.68 -37.52
C ASN D 806 -19.22 8.73 -36.64
N PRO D 807 -17.91 8.92 -36.50
CA PRO D 807 -17.15 8.03 -35.61
C PRO D 807 -17.66 7.97 -34.19
N ILE D 808 -18.15 9.08 -33.64
CA ILE D 808 -18.69 9.07 -32.28
C ILE D 808 -19.88 8.11 -32.20
N ILE D 809 -20.93 8.42 -32.96
CA ILE D 809 -22.13 7.61 -32.91
C ILE D 809 -21.86 6.20 -33.43
N THR D 810 -20.92 6.06 -34.38
CA THR D 810 -20.58 4.72 -34.85
C THR D 810 -19.98 3.88 -33.73
N ILE D 811 -19.07 4.46 -32.94
CA ILE D 811 -18.48 3.72 -31.82
C ILE D 811 -19.54 3.40 -30.78
N VAL D 812 -20.40 4.37 -30.45
CA VAL D 812 -21.38 4.14 -29.39
C VAL D 812 -22.40 3.09 -29.80
N ASP D 813 -22.91 3.19 -31.03
CA ASP D 813 -24.03 2.37 -31.48
C ASP D 813 -23.59 1.08 -32.16
N SER D 814 -22.30 0.79 -32.21
CA SER D 814 -21.80 -0.51 -32.66
C SER D 814 -21.48 -1.44 -31.49
N GLY D 815 -21.82 -1.05 -30.27
CA GLY D 815 -21.51 -1.84 -29.10
C GLY D 815 -20.04 -1.88 -28.73
N ALA D 816 -19.20 -1.14 -29.44
CA ALA D 816 -17.76 -1.17 -29.14
C ALA D 816 -17.49 -0.66 -27.74
N THR D 817 -18.09 0.47 -27.38
CA THR D 817 -17.86 1.06 -26.07
C THR D 817 -18.71 2.32 -25.94
N GLY D 818 -18.89 2.76 -24.70
CA GLY D 818 -19.57 4.01 -24.42
C GLY D 818 -21.06 3.97 -24.65
N ASN D 819 -21.80 4.84 -23.96
CA ASN D 819 -23.23 5.00 -24.13
C ASN D 819 -23.53 6.38 -24.70
N PHE D 820 -24.80 6.61 -25.04
CA PHE D 820 -25.16 7.88 -25.65
C PHE D 820 -25.19 9.02 -24.64
N THR D 821 -25.28 8.73 -23.34
CA THR D 821 -25.21 9.80 -22.35
C THR D 821 -23.87 10.53 -22.45
N GLN D 822 -22.79 9.79 -22.68
CA GLN D 822 -21.48 10.42 -22.84
C GLN D 822 -21.44 11.28 -24.10
N THR D 823 -22.05 10.82 -25.18
CA THR D 823 -22.11 11.62 -26.39
C THR D 823 -22.90 12.91 -26.17
N ARG D 824 -24.01 12.81 -25.43
CA ARG D 824 -24.78 14.01 -25.10
C ARG D 824 -23.95 14.96 -24.24
N THR D 825 -23.21 14.41 -23.29
CA THR D 825 -22.34 15.24 -22.45
C THR D 825 -21.28 15.94 -23.30
N LEU D 826 -20.76 15.24 -24.31
CA LEU D 826 -19.74 15.82 -25.18
C LEU D 826 -20.32 16.91 -26.07
N ALA D 827 -21.49 16.68 -26.65
CA ALA D 827 -22.16 17.66 -27.48
C ALA D 827 -23.59 17.84 -26.98
N GLY D 828 -23.97 19.09 -26.72
CA GLY D 828 -25.29 19.38 -26.20
C GLY D 828 -25.28 19.92 -24.79
N MET D 829 -25.89 19.19 -23.87
CA MET D 829 -26.07 19.64 -22.49
C MET D 829 -25.64 18.53 -21.55
N LYS D 830 -24.72 18.84 -20.64
CA LYS D 830 -24.34 17.86 -19.64
C LYS D 830 -25.48 17.56 -18.68
N GLY D 831 -26.39 18.52 -18.49
CA GLY D 831 -27.55 18.29 -17.66
C GLY D 831 -27.34 18.76 -16.23
N LEU D 832 -28.20 18.24 -15.35
CA LEU D 832 -28.11 18.57 -13.94
C LEU D 832 -26.85 17.97 -13.33
N VAL D 833 -26.43 18.57 -12.22
CA VAL D 833 -25.24 18.13 -11.48
C VAL D 833 -25.64 17.91 -10.03
N THR D 834 -24.97 16.95 -9.39
CA THR D 834 -25.31 16.57 -8.04
C THR D 834 -24.65 17.49 -7.02
N ASN D 835 -25.41 17.87 -6.00
CA ASN D 835 -24.87 18.60 -4.87
C ASN D 835 -23.87 17.71 -4.14
N PRO D 836 -22.93 18.28 -3.40
CA PRO D 836 -22.02 17.43 -2.62
C PRO D 836 -22.76 16.55 -1.63
N LYS D 837 -23.89 17.03 -1.09
CA LYS D 837 -24.71 16.22 -0.20
C LYS D 837 -25.32 15.03 -0.95
N GLY D 838 -25.71 15.24 -2.21
CA GLY D 838 -26.34 14.18 -2.99
C GLY D 838 -27.47 14.68 -3.85
N GLU D 839 -28.09 15.80 -3.46
CA GLU D 839 -29.22 16.33 -4.18
C GLU D 839 -28.79 16.85 -5.54
N PHE D 840 -29.75 17.35 -6.30
CA PHE D 840 -29.50 17.89 -7.64
C PHE D 840 -29.45 19.41 -7.58
N ILE D 841 -28.37 19.99 -8.07
CA ILE D 841 -28.27 21.45 -8.15
C ILE D 841 -29.14 21.93 -9.32
N PRO D 842 -30.04 22.89 -9.11
CA PRO D 842 -31.00 23.23 -10.17
C PRO D 842 -30.50 24.28 -11.15
N ARG D 843 -29.18 24.52 -11.22
CA ARG D 843 -28.69 25.70 -11.93
C ARG D 843 -29.12 25.73 -13.39
N PRO D 844 -28.84 24.71 -14.22
CA PRO D 844 -27.87 23.61 -14.14
C PRO D 844 -26.62 23.92 -14.96
N VAL D 845 -25.77 22.92 -15.20
CA VAL D 845 -24.67 23.06 -16.15
C VAL D 845 -25.26 23.00 -17.56
N LYS D 846 -25.41 24.18 -18.18
CA LYS D 846 -26.16 24.34 -19.42
C LYS D 846 -25.26 24.40 -20.64
N SER D 847 -24.10 23.74 -20.60
CA SER D 847 -23.13 23.84 -21.67
C SER D 847 -22.47 22.49 -21.90
N SER D 848 -21.98 22.28 -23.11
CA SER D 848 -21.35 21.03 -23.51
C SER D 848 -19.85 21.08 -23.21
N PHE D 849 -19.21 19.91 -23.31
CA PHE D 849 -17.76 19.85 -23.15
C PHE D 849 -17.03 20.25 -24.42
N ARG D 850 -17.69 20.21 -25.58
CA ARG D 850 -17.10 20.79 -26.78
C ARG D 850 -17.18 22.31 -26.73
N GLU D 851 -18.30 22.86 -26.26
CA GLU D 851 -18.41 24.30 -26.09
C GLU D 851 -17.48 24.81 -25.02
N GLY D 852 -17.15 23.98 -24.03
CA GLY D 852 -16.31 24.40 -22.93
C GLY D 852 -17.13 24.96 -21.79
N LEU D 853 -16.98 24.38 -20.61
CA LEU D 853 -17.72 24.85 -19.45
C LEU D 853 -17.13 26.16 -18.93
N THR D 854 -18.01 27.02 -18.43
CA THR D 854 -17.56 28.22 -17.76
C THR D 854 -16.88 27.85 -16.44
N VAL D 855 -16.39 28.86 -15.73
CA VAL D 855 -15.69 28.60 -14.47
C VAL D 855 -16.64 28.00 -13.45
N LEU D 856 -17.80 28.64 -13.26
CA LEU D 856 -18.73 28.17 -12.25
C LEU D 856 -19.33 26.83 -12.61
N GLU D 857 -19.61 26.60 -13.90
CA GLU D 857 -20.12 25.30 -14.32
C GLU D 857 -19.10 24.21 -14.04
N TYR D 858 -17.82 24.47 -14.30
CA TYR D 858 -16.79 23.50 -13.99
C TYR D 858 -16.72 23.22 -12.49
N PHE D 859 -16.80 24.28 -11.68
CA PHE D 859 -16.76 24.08 -10.23
C PHE D 859 -17.93 23.23 -9.76
N ILE D 860 -19.13 23.53 -10.27
CA ILE D 860 -20.31 22.74 -9.89
C ILE D 860 -20.14 21.30 -10.35
N ASN D 861 -19.54 21.10 -11.53
CA ASN D 861 -19.33 19.75 -12.04
C ASN D 861 -18.40 18.95 -11.13
N THR D 862 -17.37 19.59 -10.59
CA THR D 862 -16.34 18.86 -9.87
C THR D 862 -16.87 18.14 -8.64
N HIS D 863 -17.97 18.64 -8.05
CA HIS D 863 -18.49 18.05 -6.83
C HIS D 863 -18.81 16.57 -7.03
N GLY D 864 -19.62 16.28 -8.05
CA GLY D 864 -20.04 14.91 -8.28
C GLY D 864 -18.89 14.00 -8.65
N ALA D 865 -17.91 14.53 -9.40
CA ALA D 865 -16.76 13.72 -9.80
C ALA D 865 -15.92 13.32 -8.59
N ARG D 866 -15.62 14.27 -7.70
CA ARG D 866 -14.88 13.92 -6.50
C ARG D 866 -15.69 12.96 -5.63
N LYS D 867 -16.99 13.19 -5.52
CA LYS D 867 -17.84 12.29 -4.75
C LYS D 867 -17.79 10.88 -5.30
N GLY D 868 -17.88 10.73 -6.62
CA GLY D 868 -17.77 9.44 -7.25
C GLY D 868 -16.43 8.77 -7.05
N LEU D 869 -15.35 9.53 -7.10
CA LEU D 869 -14.03 8.91 -6.91
C LEU D 869 -13.82 8.46 -5.47
N ALA D 870 -14.41 9.14 -4.49
CA ALA D 870 -14.34 8.62 -3.12
C ALA D 870 -15.27 7.42 -2.93
N ASP D 871 -16.47 7.51 -3.51
CA ASP D 871 -17.43 6.42 -3.41
C ASP D 871 -16.88 5.14 -4.02
N THR D 872 -16.12 5.27 -5.11
CA THR D 872 -15.58 4.08 -5.77
C THR D 872 -14.61 3.35 -4.84
N ALA D 873 -13.76 4.09 -4.15
CA ALA D 873 -12.83 3.46 -3.21
C ALA D 873 -13.59 2.76 -2.08
N LEU D 874 -14.50 3.50 -1.42
CA LEU D 874 -15.25 2.89 -0.34
C LEU D 874 -16.06 1.68 -0.82
N ARG D 875 -16.56 1.74 -2.06
CA ARG D 875 -17.38 0.66 -2.59
C ARG D 875 -16.55 -0.58 -2.89
N THR D 876 -15.36 -0.39 -3.48
CA THR D 876 -14.49 -1.53 -3.69
C THR D 876 -14.13 -2.19 -2.37
N ALA D 877 -13.92 -1.39 -1.32
CA ALA D 877 -13.67 -1.98 0.00
C ALA D 877 -14.86 -2.80 0.47
N ASP D 878 -16.07 -2.22 0.41
CA ASP D 878 -17.25 -2.93 0.89
C ASP D 878 -17.49 -4.21 0.09
N SER D 879 -17.30 -4.14 -1.24
CA SER D 879 -17.53 -5.30 -2.08
C SER D 879 -16.50 -6.38 -1.81
N GLY D 880 -15.24 -6.00 -1.59
CA GLY D 880 -14.25 -6.99 -1.20
C GLY D 880 -14.61 -7.69 0.09
N TYR D 881 -15.07 -6.93 1.08
CA TYR D 881 -15.48 -7.55 2.34
C TYR D 881 -16.65 -8.50 2.14
N LEU D 882 -17.64 -8.09 1.33
CA LEU D 882 -18.78 -8.96 1.07
C LEU D 882 -18.35 -10.23 0.35
N THR D 883 -17.44 -10.10 -0.62
CA THR D 883 -16.94 -11.28 -1.33
C THR D 883 -16.25 -12.22 -0.36
N ARG D 884 -15.46 -11.67 0.56
CA ARG D 884 -14.78 -12.51 1.55
C ARG D 884 -15.79 -13.27 2.39
N ARG D 885 -16.83 -12.58 2.87
CA ARG D 885 -17.86 -13.25 3.67
C ARG D 885 -18.55 -14.34 2.86
N LEU D 886 -18.90 -14.05 1.61
CA LEU D 886 -19.61 -15.02 0.78
C LEU D 886 -18.75 -16.24 0.48
N VAL D 887 -17.45 -16.02 0.26
CA VAL D 887 -16.56 -17.16 0.05
C VAL D 887 -16.48 -18.00 1.31
N ASP D 888 -16.37 -17.35 2.47
CA ASP D 888 -16.15 -18.10 3.71
C ASP D 888 -17.39 -18.88 4.11
N VAL D 889 -18.59 -18.35 3.84
CA VAL D 889 -19.80 -19.07 4.26
C VAL D 889 -19.95 -20.37 3.50
N SER D 890 -19.66 -20.36 2.20
CA SER D 890 -19.96 -21.48 1.30
C SER D 890 -18.71 -22.22 0.87
N GLN D 891 -17.73 -22.35 1.76
CA GLN D 891 -16.55 -23.15 1.44
C GLN D 891 -16.93 -24.61 1.23
N ASP D 892 -17.84 -25.13 2.05
CA ASP D 892 -18.14 -26.55 2.11
C ASP D 892 -19.24 -26.96 1.14
N VAL D 893 -19.50 -26.17 0.10
CA VAL D 893 -20.46 -26.55 -0.94
C VAL D 893 -19.71 -26.91 -2.20
N ILE D 894 -19.42 -28.21 -2.37
CA ILE D 894 -18.75 -28.70 -3.56
C ILE D 894 -19.44 -29.97 -4.01
N VAL D 895 -19.44 -30.20 -5.32
CA VAL D 895 -20.17 -31.33 -5.87
C VAL D 895 -19.53 -32.63 -5.39
N ARG D 896 -20.37 -33.54 -4.88
CA ARG D 896 -19.90 -34.78 -4.29
C ARG D 896 -20.42 -36.01 -5.04
N GLU D 897 -21.71 -36.06 -5.34
CA GLU D 897 -22.32 -37.18 -6.03
C GLU D 897 -22.66 -36.76 -7.46
N HIS D 898 -23.31 -37.67 -8.19
CA HIS D 898 -23.86 -37.37 -9.49
C HIS D 898 -25.35 -37.07 -9.45
N ASP D 899 -26.10 -37.77 -8.59
CA ASP D 899 -27.54 -37.60 -8.53
C ASP D 899 -28.05 -37.94 -7.13
N CYS D 900 -29.01 -37.15 -6.66
CA CYS D 900 -29.78 -37.51 -5.47
C CYS D 900 -30.93 -38.46 -5.78
N GLN D 901 -31.50 -38.34 -6.97
CA GLN D 901 -32.81 -38.89 -7.32
C GLN D 901 -33.92 -38.27 -6.48
N THR D 902 -33.68 -37.10 -5.90
CA THR D 902 -34.70 -36.44 -5.09
C THR D 902 -35.83 -35.94 -5.99
N GLU D 903 -37.06 -36.13 -5.52
CA GLU D 903 -38.21 -35.62 -6.27
C GLU D 903 -38.37 -34.12 -6.10
N ARG D 904 -37.89 -33.57 -4.99
CA ARG D 904 -38.11 -32.16 -4.70
C ARG D 904 -37.42 -31.28 -5.73
N GLY D 905 -38.06 -30.17 -6.06
CA GLY D 905 -37.54 -29.24 -7.04
C GLY D 905 -38.18 -27.88 -6.85
N ILE D 906 -37.79 -26.94 -7.70
CA ILE D 906 -38.27 -25.57 -7.64
C ILE D 906 -39.00 -25.24 -8.94
N VAL D 907 -40.05 -24.45 -8.82
CA VAL D 907 -40.91 -24.10 -9.96
C VAL D 907 -40.43 -22.78 -10.53
N VAL D 908 -40.22 -22.75 -11.85
CA VAL D 908 -39.81 -21.54 -12.57
C VAL D 908 -40.88 -21.22 -13.61
N GLU D 909 -41.25 -19.95 -13.69
CA GLU D 909 -42.47 -19.54 -14.39
C GLU D 909 -42.30 -19.51 -15.91
N LEU D 910 -41.13 -19.14 -16.39
CA LEU D 910 -40.91 -18.94 -17.85
C LEU D 910 -41.96 -17.92 -18.31
N ALA D 911 -42.47 -18.04 -19.53
CA ALA D 911 -43.37 -17.04 -20.09
C ALA D 911 -44.58 -16.82 -19.19
N GLU D 912 -45.26 -15.69 -19.42
CA GLU D 912 -46.46 -15.33 -18.69
C GLU D 912 -47.64 -15.32 -19.65
N ARG D 913 -48.75 -15.91 -19.23
CA ARG D 913 -49.94 -15.96 -20.07
C ARG D 913 -50.48 -14.54 -20.28
N ALA D 914 -50.68 -14.17 -21.53
CA ALA D 914 -51.20 -12.85 -21.83
C ALA D 914 -52.70 -12.80 -21.52
N PRO D 915 -53.21 -11.63 -21.09
CA PRO D 915 -54.67 -11.54 -20.83
C PRO D 915 -55.51 -11.90 -22.05
N ASP D 916 -55.08 -11.49 -23.24
CA ASP D 916 -55.79 -11.88 -24.46
C ASP D 916 -55.48 -13.31 -24.89
N GLY D 917 -54.43 -13.92 -24.33
CA GLY D 917 -54.05 -15.28 -24.64
C GLY D 917 -52.84 -15.34 -25.55
N THR D 918 -51.67 -15.50 -24.95
CA THR D 918 -50.41 -15.64 -25.67
C THR D 918 -49.32 -15.80 -24.62
N LEU D 919 -48.22 -16.46 -25.02
CA LEU D 919 -47.08 -16.67 -24.14
C LEU D 919 -45.96 -15.72 -24.56
N ILE D 920 -45.70 -14.72 -23.73
CA ILE D 920 -44.57 -13.82 -23.92
C ILE D 920 -43.43 -14.31 -23.03
N ARG D 921 -42.26 -14.53 -23.63
CA ARG D 921 -41.13 -15.07 -22.89
C ARG D 921 -40.78 -14.16 -21.72
N ASP D 922 -40.53 -14.77 -20.56
CA ASP D 922 -40.16 -13.99 -19.40
C ASP D 922 -38.85 -13.26 -19.66
N PRO D 923 -38.73 -11.99 -19.25
CA PRO D 923 -37.49 -11.26 -19.59
C PRO D 923 -36.26 -11.84 -18.93
N TYR D 924 -36.34 -12.19 -17.66
CA TYR D 924 -35.21 -12.73 -16.92
C TYR D 924 -35.28 -14.25 -16.86
N ILE D 925 -35.19 -14.87 -18.04
CA ILE D 925 -35.29 -16.33 -18.16
C ILE D 925 -33.91 -16.91 -18.38
N GLU D 926 -33.03 -16.17 -19.04
CA GLU D 926 -31.70 -16.67 -19.31
C GLU D 926 -30.95 -17.01 -18.02
N THR D 927 -31.24 -16.28 -16.94
CA THR D 927 -30.57 -16.47 -15.67
C THR D 927 -31.36 -17.32 -14.68
N SER D 928 -32.54 -17.81 -15.06
CA SER D 928 -33.40 -18.55 -14.15
C SER D 928 -33.63 -19.99 -14.58
N ALA D 929 -34.06 -20.22 -15.82
CA ALA D 929 -34.40 -21.56 -16.27
C ALA D 929 -33.30 -22.22 -17.08
N TYR D 930 -32.46 -21.46 -17.75
CA TYR D 930 -31.39 -22.04 -18.55
C TYR D 930 -30.39 -22.75 -17.65
N ALA D 931 -29.71 -23.76 -18.21
CA ALA D 931 -28.66 -24.48 -17.51
C ALA D 931 -29.18 -25.10 -16.22
N ARG D 932 -30.39 -25.62 -16.25
CA ARG D 932 -31.00 -26.32 -15.13
C ARG D 932 -31.44 -27.70 -15.58
N THR D 933 -31.63 -28.58 -14.61
CA THR D 933 -32.05 -29.96 -14.88
C THR D 933 -33.50 -30.13 -14.44
N LEU D 934 -34.31 -30.70 -15.33
CA LEU D 934 -35.72 -30.92 -15.02
C LEU D 934 -35.85 -31.99 -13.93
N GLY D 935 -36.67 -31.70 -12.93
CA GLY D 935 -36.92 -32.64 -11.86
C GLY D 935 -38.15 -33.49 -12.13
N THR D 936 -39.13 -32.90 -12.80
CA THR D 936 -40.36 -33.60 -13.16
C THR D 936 -40.61 -33.44 -14.65
N ASP D 937 -41.21 -34.47 -15.25
CA ASP D 937 -41.45 -34.45 -16.68
C ASP D 937 -42.46 -33.37 -17.04
N ALA D 938 -42.24 -32.72 -18.19
CA ALA D 938 -43.14 -31.69 -18.65
C ALA D 938 -44.36 -32.30 -19.34
N VAL D 939 -45.53 -31.73 -19.07
CA VAL D 939 -46.79 -32.20 -19.62
C VAL D 939 -47.49 -31.04 -20.31
N ASP D 940 -47.94 -31.25 -21.54
CA ASP D 940 -48.61 -30.23 -22.33
C ASP D 940 -50.06 -30.64 -22.53
N GLU D 941 -50.99 -29.87 -21.94
CA GLU D 941 -52.42 -30.14 -22.05
C GLU D 941 -52.73 -31.57 -21.65
N ALA D 942 -52.10 -32.03 -20.58
CA ALA D 942 -52.27 -33.40 -20.08
C ALA D 942 -51.92 -34.43 -21.15
N GLY D 943 -50.96 -34.10 -22.02
CA GLY D 943 -50.57 -34.98 -23.10
C GLY D 943 -49.25 -35.67 -22.86
N ASN D 944 -48.54 -35.99 -23.94
CA ASN D 944 -47.25 -36.67 -23.84
C ASN D 944 -46.21 -35.73 -23.26
N VAL D 945 -44.99 -36.23 -23.14
CA VAL D 945 -43.89 -35.45 -22.58
C VAL D 945 -43.16 -34.74 -23.72
N ILE D 946 -43.04 -33.42 -23.60
CA ILE D 946 -42.20 -32.67 -24.54
C ILE D 946 -40.73 -32.86 -24.18
N VAL D 947 -40.41 -32.82 -22.90
CA VAL D 947 -39.05 -33.09 -22.41
C VAL D 947 -39.16 -33.69 -21.02
N GLU D 948 -38.51 -34.82 -20.81
CA GLU D 948 -38.64 -35.56 -19.57
C GLU D 948 -37.57 -35.13 -18.57
N ARG D 949 -37.64 -35.70 -17.37
CA ARG D 949 -36.71 -35.33 -16.31
C ARG D 949 -35.28 -35.74 -16.68
N GLY D 950 -34.32 -34.94 -16.22
CA GLY D 950 -32.92 -35.22 -16.49
C GLY D 950 -32.47 -34.71 -17.84
N GLN D 951 -32.77 -33.44 -18.12
CA GLN D 951 -32.35 -32.80 -19.36
C GLN D 951 -31.76 -31.44 -19.03
N ASP D 952 -30.70 -31.06 -19.76
CA ASP D 952 -29.98 -29.84 -19.46
C ASP D 952 -30.84 -28.59 -19.61
N LEU D 953 -31.99 -28.68 -20.28
CA LEU D 953 -32.91 -27.56 -20.40
C LEU D 953 -32.23 -26.35 -21.05
N GLY D 954 -31.63 -26.59 -22.22
CA GLY D 954 -30.97 -25.55 -22.98
C GLY D 954 -31.93 -24.81 -23.89
N ASP D 955 -31.34 -23.98 -24.75
CA ASP D 955 -32.16 -23.11 -25.62
C ASP D 955 -33.16 -23.89 -26.45
N PRO D 956 -32.80 -24.99 -27.12
CA PRO D 956 -33.83 -25.75 -27.85
C PRO D 956 -34.94 -26.23 -26.93
N GLU D 957 -34.60 -26.61 -25.70
CA GLU D 957 -35.61 -27.09 -24.77
C GLU D 957 -36.59 -25.97 -24.41
N ILE D 958 -36.08 -24.77 -24.12
CA ILE D 958 -36.97 -23.66 -23.79
C ILE D 958 -37.85 -23.32 -24.99
N ASP D 959 -37.26 -23.33 -26.19
CA ASP D 959 -38.03 -23.06 -27.39
C ASP D 959 -39.18 -24.06 -27.51
N ALA D 960 -38.89 -25.34 -27.31
CA ALA D 960 -39.94 -26.35 -27.38
C ALA D 960 -41.00 -26.13 -26.32
N LEU D 961 -40.59 -25.78 -25.10
CA LEU D 961 -41.57 -25.56 -24.04
C LEU D 961 -42.49 -24.39 -24.36
N LEU D 962 -41.92 -23.27 -24.81
CA LEU D 962 -42.75 -22.12 -25.17
C LEU D 962 -43.66 -22.47 -26.34
N ALA D 963 -43.18 -23.25 -27.30
CA ALA D 963 -44.02 -23.67 -28.41
C ALA D 963 -45.19 -24.52 -27.92
N ALA D 964 -44.95 -25.41 -26.97
CA ALA D 964 -46.01 -26.30 -26.48
C ALA D 964 -47.13 -25.50 -25.82
N GLY D 965 -46.79 -24.48 -25.03
CA GLY D 965 -47.77 -23.69 -24.33
C GLY D 965 -47.80 -23.99 -22.85
N ILE D 966 -46.63 -24.19 -22.27
CA ILE D 966 -46.48 -24.52 -20.85
C ILE D 966 -45.52 -23.50 -20.24
N THR D 967 -45.88 -23.00 -19.06
CA THR D 967 -45.14 -21.90 -18.44
C THR D 967 -44.36 -22.36 -17.22
N GLN D 968 -45.03 -22.90 -16.21
CA GLN D 968 -44.33 -23.31 -15.00
C GLN D 968 -43.71 -24.69 -15.21
N VAL D 969 -42.43 -24.82 -14.85
CA VAL D 969 -41.75 -26.12 -14.91
C VAL D 969 -40.95 -26.32 -13.64
N LYS D 970 -40.87 -27.57 -13.21
CA LYS D 970 -40.13 -27.95 -12.01
C LYS D 970 -38.72 -28.38 -12.42
N VAL D 971 -37.73 -27.66 -11.92
CA VAL D 971 -36.33 -27.95 -12.20
C VAL D 971 -35.66 -28.36 -10.89
N ARG D 972 -34.45 -28.91 -10.99
CA ARG D 972 -33.68 -29.33 -9.84
C ARG D 972 -32.68 -28.23 -9.49
N SER D 973 -32.64 -27.88 -8.21
CA SER D 973 -31.78 -26.79 -7.73
C SER D 973 -31.07 -27.24 -6.47
N VAL D 974 -29.97 -26.56 -6.16
CA VAL D 974 -29.19 -26.91 -4.98
C VAL D 974 -30.01 -26.73 -3.71
N LEU D 975 -31.00 -25.84 -3.74
CA LEU D 975 -31.85 -25.63 -2.58
C LEU D 975 -32.48 -26.93 -2.13
N THR D 976 -33.13 -27.64 -3.05
CA THR D 976 -33.76 -28.92 -2.76
C THR D 976 -32.87 -30.06 -3.23
N CYS D 977 -31.70 -30.16 -2.59
CA CYS D 977 -30.72 -31.21 -2.88
C CYS D 977 -30.66 -32.14 -1.67
N ALA D 978 -30.94 -33.43 -1.92
CA ALA D 978 -31.06 -34.38 -0.81
C ALA D 978 -29.71 -34.76 -0.22
N THR D 979 -28.64 -34.70 -0.99
CA THR D 979 -27.32 -35.07 -0.49
C THR D 979 -26.93 -34.17 0.67
N SER D 980 -26.34 -34.77 1.70
CA SER D 980 -26.03 -34.04 2.93
C SER D 980 -24.77 -33.19 2.78
N THR D 981 -23.67 -33.80 2.37
CA THR D 981 -22.41 -33.11 2.22
C THR D 981 -22.35 -32.45 0.83
N GLY D 982 -22.26 -31.13 0.81
CA GLY D 982 -22.21 -30.44 -0.46
C GLY D 982 -23.50 -30.65 -1.24
N VAL D 983 -23.39 -30.56 -2.56
CA VAL D 983 -24.49 -30.81 -3.47
C VAL D 983 -24.04 -31.88 -4.45
N CYS D 984 -24.94 -32.23 -5.36
CA CYS D 984 -24.69 -33.21 -6.39
C CYS D 984 -24.65 -32.53 -7.75
N ALA D 985 -24.14 -33.27 -8.75
CA ALA D 985 -23.97 -32.68 -10.07
C ALA D 985 -25.31 -32.37 -10.73
N THR D 986 -26.28 -33.28 -10.64
CA THR D 986 -27.53 -33.09 -11.37
C THR D 986 -28.36 -31.95 -10.78
N CYS D 987 -28.50 -31.92 -9.45
CA CYS D 987 -29.30 -30.86 -8.85
C CYS D 987 -28.66 -29.49 -9.09
N TYR D 988 -27.33 -29.41 -8.99
CA TYR D 988 -26.67 -28.15 -9.33
C TYR D 988 -26.90 -27.78 -10.78
N GLY D 989 -26.80 -28.76 -11.68
CA GLY D 989 -27.09 -28.53 -13.08
C GLY D 989 -25.84 -28.39 -13.93
N ARG D 990 -25.94 -27.63 -15.01
CA ARG D 990 -24.83 -27.43 -15.92
C ARG D 990 -23.82 -26.44 -15.33
N SER D 991 -22.54 -26.70 -15.61
CA SER D 991 -21.50 -25.74 -15.29
C SER D 991 -21.50 -24.65 -16.35
N MET D 992 -21.66 -23.40 -15.92
CA MET D 992 -21.78 -22.31 -16.88
C MET D 992 -20.50 -22.15 -17.69
N ALA D 993 -19.34 -22.24 -17.03
CA ALA D 993 -18.06 -22.09 -17.73
C ALA D 993 -17.83 -23.24 -18.70
N THR D 994 -17.80 -24.46 -18.18
CA THR D 994 -17.50 -25.62 -19.03
C THR D 994 -18.59 -25.84 -20.07
N GLY D 995 -19.83 -25.47 -19.76
CA GLY D 995 -20.93 -25.65 -20.68
C GLY D 995 -21.59 -27.01 -20.64
N LYS D 996 -21.14 -27.90 -19.77
CA LYS D 996 -21.74 -29.24 -19.63
C LYS D 996 -22.06 -29.49 -18.17
N LEU D 997 -22.46 -30.72 -17.85
CA LEU D 997 -22.78 -31.05 -16.46
C LEU D 997 -21.54 -30.86 -15.59
N VAL D 998 -21.76 -30.38 -14.37
CA VAL D 998 -20.65 -30.07 -13.49
C VAL D 998 -19.95 -31.35 -13.05
N ASP D 999 -18.67 -31.23 -12.74
CA ASP D 999 -17.86 -32.38 -12.36
C ASP D 999 -18.15 -32.78 -10.91
N ILE D 1000 -17.48 -33.85 -10.46
CA ILE D 1000 -17.72 -34.42 -9.14
C ILE D 1000 -16.76 -33.87 -8.10
N GLY D 1001 -16.06 -32.77 -8.41
CA GLY D 1001 -15.18 -32.15 -7.44
C GLY D 1001 -15.23 -30.63 -7.48
N GLU D 1002 -16.07 -30.08 -8.34
CA GLU D 1002 -16.10 -28.63 -8.51
C GLU D 1002 -16.48 -27.93 -7.21
N ALA D 1003 -15.72 -26.91 -6.86
CA ALA D 1003 -16.02 -26.10 -5.67
C ALA D 1003 -17.01 -25.00 -6.10
N VAL D 1004 -18.27 -25.42 -6.24
CA VAL D 1004 -19.31 -24.51 -6.71
C VAL D 1004 -19.55 -23.39 -5.71
N GLY D 1005 -19.23 -23.60 -4.44
CA GLY D 1005 -19.41 -22.53 -3.46
C GLY D 1005 -18.49 -21.35 -3.73
N ILE D 1006 -17.22 -21.64 -4.00
CA ILE D 1006 -16.27 -20.56 -4.28
C ILE D 1006 -16.68 -19.83 -5.57
N VAL D 1007 -17.07 -20.60 -6.59
CA VAL D 1007 -17.48 -19.99 -7.86
C VAL D 1007 -18.69 -19.10 -7.64
N ALA D 1008 -19.66 -19.58 -6.86
CA ALA D 1008 -20.86 -18.78 -6.60
C ALA D 1008 -20.51 -17.50 -5.86
N ALA D 1009 -19.66 -17.61 -4.83
CA ALA D 1009 -19.28 -16.43 -4.06
C ALA D 1009 -18.57 -15.41 -4.94
N GLN D 1010 -17.63 -15.88 -5.77
CA GLN D 1010 -16.88 -14.97 -6.64
C GLN D 1010 -17.79 -14.37 -7.70
N SER D 1011 -18.72 -15.15 -8.25
CA SER D 1011 -19.62 -14.64 -9.26
C SER D 1011 -20.57 -13.59 -8.69
N ILE D 1012 -21.01 -13.77 -7.45
CA ILE D 1012 -21.86 -12.78 -6.82
C ILE D 1012 -21.07 -11.52 -6.48
N GLY D 1013 -19.84 -11.69 -6.01
CA GLY D 1013 -19.08 -10.57 -5.47
C GLY D 1013 -18.17 -9.83 -6.43
N GLU D 1014 -17.97 -10.34 -7.64
CA GLU D 1014 -17.17 -9.61 -8.62
C GLU D 1014 -17.95 -8.45 -9.23
N PRO D 1015 -19.21 -8.65 -9.65
CA PRO D 1015 -19.97 -7.52 -10.20
C PRO D 1015 -20.17 -6.38 -9.21
N GLY D 1016 -20.09 -6.63 -7.91
CA GLY D 1016 -19.95 -5.55 -6.97
C GLY D 1016 -18.74 -4.72 -7.38
N THR D 1017 -18.67 -3.45 -6.96
CA THR D 1017 -17.76 -2.43 -7.47
C THR D 1017 -18.26 -1.90 -8.81
N GLN D 1018 -19.31 -2.49 -9.38
CA GLN D 1018 -20.04 -1.95 -10.50
C GLN D 1018 -21.51 -1.72 -10.15
N LEU D 1019 -21.95 -2.18 -8.97
CA LEU D 1019 -23.27 -1.88 -8.44
C LEU D 1019 -23.21 -0.50 -7.79
N THR D 1020 -23.83 0.49 -8.44
CA THR D 1020 -23.75 1.86 -7.95
C THR D 1020 -24.63 2.03 -6.72
N MET D 1021 -24.05 1.81 -5.53
CA MET D 1021 -24.76 1.97 -4.27
C MET D 1021 -25.41 3.33 -4.16
N ILE D 1033 -35.51 2.92 -0.06
CA ILE D 1033 -34.85 1.84 0.65
C ILE D 1033 -33.47 1.61 0.03
N THR D 1034 -32.56 1.04 0.81
CA THR D 1034 -31.25 0.66 0.29
C THR D 1034 -31.43 -0.13 -1.00
N GLY D 1035 -30.60 0.19 -2.01
CA GLY D 1035 -30.85 -0.33 -3.34
C GLY D 1035 -29.64 -0.85 -4.10
N GLY D 1036 -28.44 -0.71 -3.55
CA GLY D 1036 -27.25 -1.19 -4.22
C GLY D 1036 -26.49 -2.20 -3.39
N LEU D 1037 -25.17 -2.05 -3.32
CA LEU D 1037 -24.37 -2.98 -2.52
C LEU D 1037 -24.83 -3.06 -1.07
N PRO D 1038 -25.19 -1.97 -0.40
CA PRO D 1038 -25.77 -2.12 0.94
C PRO D 1038 -27.00 -3.01 0.97
N ARG D 1039 -27.84 -2.96 -0.06
CA ARG D 1039 -29.03 -3.81 -0.07
C ARG D 1039 -28.65 -5.28 -0.13
N VAL D 1040 -27.72 -5.63 -1.02
CA VAL D 1040 -27.26 -7.02 -1.09
C VAL D 1040 -26.61 -7.42 0.22
N GLN D 1041 -25.84 -6.51 0.82
CA GLN D 1041 -25.16 -6.80 2.08
C GLN D 1041 -26.17 -7.11 3.18
N GLU D 1042 -27.24 -6.32 3.28
CA GLU D 1042 -28.24 -6.58 4.31
C GLU D 1042 -29.19 -7.73 3.93
N LEU D 1043 -29.24 -8.10 2.66
CA LEU D 1043 -30.02 -9.27 2.26
C LEU D 1043 -29.31 -10.56 2.63
N PHE D 1044 -28.01 -10.64 2.36
CA PHE D 1044 -27.27 -11.85 2.71
C PHE D 1044 -27.06 -11.94 4.22
N GLU D 1045 -26.84 -10.82 4.89
CA GLU D 1045 -26.68 -10.82 6.34
C GLU D 1045 -27.99 -11.11 7.07
N ALA D 1046 -29.13 -11.10 6.36
CA ALA D 1046 -30.44 -11.34 6.95
C ALA D 1046 -30.79 -10.29 8.00
N ARG D 1047 -30.15 -9.13 7.94
CA ARG D 1047 -30.46 -8.06 8.87
C ARG D 1047 -31.88 -7.55 8.64
N VAL D 1048 -32.50 -7.06 9.71
CA VAL D 1048 -33.80 -6.42 9.60
C VAL D 1048 -33.60 -5.15 8.78
N PRO D 1049 -34.34 -4.93 7.69
CA PRO D 1049 -34.10 -3.74 6.86
C PRO D 1049 -34.52 -2.47 7.58
N ARG D 1050 -34.02 -1.34 7.08
CA ARG D 1050 -34.43 -0.06 7.60
C ARG D 1050 -35.92 0.17 7.37
N GLY D 1051 -36.39 -0.12 6.16
CA GLY D 1051 -37.80 -0.01 5.85
C GLY D 1051 -38.55 -1.28 6.17
N LYS D 1052 -38.73 -1.56 7.46
CA LYS D 1052 -39.37 -2.79 7.91
C LYS D 1052 -40.86 -2.71 7.60
N ALA D 1053 -41.20 -3.05 6.35
CA ALA D 1053 -42.57 -3.04 5.89
C ALA D 1053 -43.25 -4.35 6.27
N PRO D 1054 -44.13 -4.36 7.28
CA PRO D 1054 -44.72 -5.63 7.71
C PRO D 1054 -45.62 -6.24 6.63
N ILE D 1055 -45.71 -7.56 6.66
CA ILE D 1055 -46.53 -8.32 5.72
C ILE D 1055 -47.61 -9.05 6.50
N ALA D 1056 -48.72 -9.32 5.82
CA ALA D 1056 -49.85 -9.96 6.46
C ALA D 1056 -49.45 -11.31 7.05
N ASP D 1057 -50.20 -11.75 8.05
CA ASP D 1057 -50.00 -13.03 8.69
C ASP D 1057 -51.06 -14.07 8.37
N VAL D 1058 -52.28 -13.63 8.08
CA VAL D 1058 -53.39 -14.54 7.77
C VAL D 1058 -54.31 -13.84 6.80
N THR D 1059 -54.87 -14.60 5.86
CA THR D 1059 -55.76 -14.04 4.85
C THR D 1059 -56.95 -13.37 5.52
N GLY D 1060 -57.20 -12.11 5.17
CA GLY D 1060 -58.27 -11.36 5.76
C GLY D 1060 -58.52 -10.05 5.03
N ARG D 1061 -59.26 -9.17 5.68
CA ARG D 1061 -59.60 -7.84 5.16
C ARG D 1061 -58.78 -6.81 5.91
N VAL D 1062 -58.13 -5.91 5.18
CA VAL D 1062 -57.23 -4.94 5.77
C VAL D 1062 -58.05 -3.74 6.25
N ARG D 1063 -58.32 -3.70 7.54
CA ARG D 1063 -58.92 -2.54 8.21
C ARG D 1063 -57.81 -1.49 8.37
N LEU D 1064 -57.75 -0.58 7.40
CA LEU D 1064 -56.77 0.48 7.40
C LEU D 1064 -57.35 1.76 8.00
N GLU D 1065 -56.47 2.53 8.65
CA GLU D 1065 -56.81 3.83 9.20
C GLU D 1065 -55.90 4.89 8.60
N ASP D 1066 -56.23 6.15 8.88
CA ASP D 1066 -55.35 7.29 8.59
C ASP D 1066 -55.03 7.96 9.91
N GLY D 1067 -53.79 7.82 10.36
CA GLY D 1067 -53.34 8.37 11.63
C GLY D 1067 -52.32 9.49 11.44
N GLU D 1068 -52.01 10.15 12.55
CA GLU D 1068 -51.05 11.24 12.57
C GLU D 1068 -49.75 10.72 13.20
N ARG D 1069 -48.66 10.82 12.45
CA ARG D 1069 -47.36 10.29 12.82
C ARG D 1069 -47.36 8.76 12.80
N PHE D 1070 -48.42 8.14 12.27
CA PHE D 1070 -48.49 6.68 12.23
C PHE D 1070 -49.69 6.17 11.46
N TYR D 1071 -49.77 4.86 11.27
CA TYR D 1071 -50.95 4.20 10.72
C TYR D 1071 -51.16 2.91 11.50
N LYS D 1072 -52.27 2.25 11.21
CA LYS D 1072 -52.52 0.88 11.68
C LYS D 1072 -53.07 0.08 10.51
N ILE D 1073 -52.25 -0.83 9.99
CA ILE D 1073 -52.73 -1.77 8.97
C ILE D 1073 -53.30 -2.95 9.71
N THR D 1074 -54.52 -2.82 10.21
CA THR D 1074 -55.16 -3.93 10.91
C THR D 1074 -55.69 -4.91 9.87
N ILE D 1075 -55.89 -6.15 10.26
CA ILE D 1075 -56.44 -7.15 9.35
C ILE D 1075 -57.36 -8.07 10.13
N VAL D 1076 -58.60 -8.21 9.66
CA VAL D 1076 -59.58 -9.14 10.23
C VAL D 1076 -59.61 -10.39 9.36
N PRO D 1077 -59.27 -11.56 9.90
CA PRO D 1077 -58.99 -12.73 9.04
C PRO D 1077 -60.26 -13.37 8.50
N ASP D 1078 -60.05 -14.24 7.51
CA ASP D 1078 -61.08 -15.13 6.99
C ASP D 1078 -61.07 -16.49 7.70
N ASP D 1079 -60.12 -16.69 8.61
CA ASP D 1079 -60.07 -17.90 9.43
C ASP D 1079 -61.03 -17.83 10.61
N GLY D 1080 -62.00 -16.92 10.58
CA GLY D 1080 -62.03 -15.92 11.63
C GLY D 1080 -61.44 -16.46 12.91
N GLY D 1081 -60.29 -15.88 13.25
CA GLY D 1081 -59.50 -16.28 14.40
C GLY D 1081 -59.32 -15.11 15.34
N GLU D 1082 -58.10 -14.56 15.38
CA GLU D 1082 -57.77 -13.42 16.24
C GLU D 1082 -57.03 -12.38 15.39
N GLU D 1083 -57.80 -11.46 14.82
CA GLU D 1083 -57.26 -10.36 14.03
C GLU D 1083 -56.11 -9.67 14.76
N VAL D 1084 -55.00 -9.51 14.06
CA VAL D 1084 -53.82 -8.84 14.59
C VAL D 1084 -53.76 -7.42 14.02
N VAL D 1085 -53.22 -6.52 14.82
CA VAL D 1085 -53.02 -5.13 14.41
C VAL D 1085 -51.53 -4.89 14.27
N TYR D 1086 -51.19 -3.82 13.57
CA TYR D 1086 -49.80 -3.42 13.37
C TYR D 1086 -49.52 -2.14 14.13
N ASP D 1087 -48.24 -1.96 14.45
CA ASP D 1087 -47.76 -0.97 15.42
C ASP D 1087 -47.75 0.42 14.80
N LYS D 1088 -46.99 1.34 15.38
CA LYS D 1088 -46.98 2.72 14.93
C LYS D 1088 -46.34 2.82 13.56
N ILE D 1089 -46.93 2.18 12.56
CA ILE D 1089 -46.43 2.18 11.19
C ILE D 1089 -46.34 3.64 10.74
N SER D 1090 -45.14 4.10 10.45
CA SER D 1090 -44.91 5.53 10.27
C SER D 1090 -45.64 6.05 9.03
N LYS D 1091 -46.00 7.34 9.10
CA LYS D 1091 -46.73 7.95 7.99
C LYS D 1091 -45.85 8.13 6.76
N ARG D 1092 -44.53 8.23 6.95
CA ARG D 1092 -43.65 8.44 5.81
C ARG D 1092 -43.71 7.28 4.83
N GLN D 1093 -43.74 6.05 5.35
CA GLN D 1093 -43.86 4.87 4.50
C GLN D 1093 -45.20 4.90 3.77
N ARG D 1094 -45.16 4.97 2.44
CA ARG D 1094 -46.38 4.99 1.66
C ARG D 1094 -46.91 3.58 1.43
N LEU D 1095 -48.21 3.50 1.16
CA LEU D 1095 -48.87 2.21 0.99
C LEU D 1095 -48.42 1.54 -0.31
N ARG D 1096 -48.53 0.22 -0.33
CA ARG D 1096 -48.11 -0.55 -1.49
C ARG D 1096 -49.22 -0.64 -2.52
N VAL D 1097 -48.81 -0.96 -3.75
CA VAL D 1097 -49.76 -1.19 -4.84
C VAL D 1097 -50.04 -2.69 -4.91
N PHE D 1098 -51.11 -3.11 -4.24
CA PHE D 1098 -51.58 -4.49 -4.32
C PHE D 1098 -52.39 -4.68 -5.60
N LYS D 1099 -52.41 -5.92 -6.10
CA LYS D 1099 -53.29 -6.25 -7.21
C LYS D 1099 -54.72 -6.42 -6.74
N GLU D 1105 -53.54 -3.52 -9.28
CA GLU D 1105 -53.65 -2.13 -9.70
C GLU D 1105 -54.02 -1.27 -8.50
N ARG D 1106 -55.11 -1.65 -7.83
CA ARG D 1106 -55.62 -0.86 -6.72
C ARG D 1106 -54.65 -0.90 -5.54
N VAL D 1107 -54.25 0.27 -5.05
CA VAL D 1107 -53.44 0.27 -3.84
C VAL D 1107 -54.24 -0.39 -2.72
N LEU D 1108 -53.52 -0.81 -1.69
CA LEU D 1108 -54.18 -1.40 -0.53
C LEU D 1108 -55.31 -0.50 -0.05
N SER D 1109 -56.53 -1.01 -0.15
CA SER D 1109 -57.73 -0.27 0.20
C SER D 1109 -58.29 -0.83 1.50
N ASP D 1110 -58.85 0.06 2.32
CA ASP D 1110 -59.44 -0.34 3.59
C ASP D 1110 -60.49 -1.41 3.35
N GLY D 1111 -60.40 -2.50 4.11
CA GLY D 1111 -61.28 -3.63 3.93
C GLY D 1111 -61.09 -4.35 2.61
N ASP D 1112 -59.85 -4.76 2.33
CA ASP D 1112 -59.49 -5.47 1.10
C ASP D 1112 -58.92 -6.84 1.43
N HIS D 1113 -59.28 -7.83 0.62
CA HIS D 1113 -58.85 -9.21 0.86
C HIS D 1113 -57.40 -9.37 0.38
N VAL D 1114 -56.50 -9.59 1.33
CA VAL D 1114 -55.10 -9.83 1.03
C VAL D 1114 -54.79 -11.30 1.28
N GLU D 1115 -53.71 -11.78 0.65
CA GLU D 1115 -53.23 -13.15 0.84
C GLU D 1115 -52.29 -13.23 2.02
N VAL D 1116 -51.56 -14.34 2.14
CA VAL D 1116 -50.74 -14.61 3.31
C VAL D 1116 -49.44 -13.81 3.34
N GLY D 1117 -49.01 -13.23 2.21
CA GLY D 1117 -47.71 -12.60 2.16
C GLY D 1117 -47.67 -11.21 1.57
N GLN D 1118 -48.76 -10.78 0.93
CA GLN D 1118 -48.79 -9.51 0.22
C GLN D 1118 -48.21 -8.38 1.06
N GLN D 1119 -47.11 -7.80 0.60
CA GLN D 1119 -46.47 -6.72 1.35
C GLN D 1119 -47.42 -5.54 1.47
N LEU D 1120 -47.64 -5.09 2.69
CA LEU D 1120 -48.64 -4.06 2.95
C LEU D 1120 -48.06 -2.67 2.76
N MET D 1121 -46.91 -2.41 3.37
CA MET D 1121 -46.25 -1.11 3.26
C MET D 1121 -45.11 -1.18 2.24
N GLU D 1122 -44.77 -0.01 1.69
CA GLU D 1122 -43.74 0.07 0.67
C GLU D 1122 -42.37 -0.26 1.25
N GLY D 1123 -41.49 -0.74 0.37
CA GLY D 1123 -40.13 -1.06 0.75
C GLY D 1123 -39.88 -2.55 0.84
N SER D 1124 -38.99 -2.95 1.73
CA SER D 1124 -38.62 -4.35 1.90
C SER D 1124 -39.28 -4.91 3.16
N ALA D 1125 -39.44 -6.23 3.17
CA ALA D 1125 -39.91 -6.97 4.33
C ALA D 1125 -38.76 -7.82 4.84
N ASP D 1126 -38.52 -7.78 6.15
CA ASP D 1126 -37.37 -8.49 6.69
C ASP D 1126 -37.51 -9.98 6.37
N PRO D 1127 -36.48 -10.63 5.85
CA PRO D 1127 -36.62 -12.05 5.49
C PRO D 1127 -37.10 -12.94 6.63
N HIS D 1128 -36.78 -12.61 7.88
CA HIS D 1128 -37.14 -13.49 8.99
C HIS D 1128 -38.66 -13.63 9.12
N GLU D 1129 -39.39 -12.52 8.99
CA GLU D 1129 -40.84 -12.58 9.13
C GLU D 1129 -41.46 -13.42 8.02
N VAL D 1130 -41.04 -13.19 6.77
CA VAL D 1130 -41.60 -13.96 5.66
C VAL D 1130 -41.26 -15.43 5.83
N LEU D 1131 -40.08 -15.74 6.35
CA LEU D 1131 -39.76 -17.13 6.65
C LEU D 1131 -40.75 -17.69 7.67
N ARG D 1132 -40.90 -17.01 8.81
CA ARG D 1132 -41.80 -17.50 9.85
C ARG D 1132 -43.22 -17.66 9.34
N VAL D 1133 -43.62 -16.87 8.35
CA VAL D 1133 -45.00 -16.86 7.88
C VAL D 1133 -45.22 -17.90 6.77
N GLN D 1134 -44.21 -18.17 5.94
CA GLN D 1134 -44.42 -18.93 4.72
C GLN D 1134 -43.44 -20.09 4.55
N GLY D 1135 -42.76 -20.52 5.61
CA GLY D 1135 -41.87 -21.64 5.49
C GLY D 1135 -40.59 -21.28 4.77
N PRO D 1136 -39.72 -22.27 4.54
CA PRO D 1136 -38.42 -21.97 3.95
C PRO D 1136 -38.46 -21.66 2.46
N ARG D 1137 -39.38 -22.27 1.72
CA ARG D 1137 -39.38 -22.09 0.26
C ARG D 1137 -39.64 -20.65 -0.12
N GLU D 1138 -40.59 -19.99 0.54
CA GLU D 1138 -40.95 -18.64 0.14
C GLU D 1138 -39.85 -17.65 0.52
N VAL D 1139 -39.19 -17.86 1.65
CA VAL D 1139 -38.06 -16.99 1.98
C VAL D 1139 -36.92 -17.21 0.99
N GLN D 1140 -36.72 -18.46 0.54
CA GLN D 1140 -35.74 -18.71 -0.50
C GLN D 1140 -36.06 -17.90 -1.75
N ILE D 1141 -37.30 -17.98 -2.20
CA ILE D 1141 -37.71 -17.24 -3.40
C ILE D 1141 -37.53 -15.75 -3.18
N HIS D 1142 -37.92 -15.25 -2.02
CA HIS D 1142 -37.81 -13.82 -1.73
C HIS D 1142 -36.35 -13.37 -1.80
N LEU D 1143 -35.45 -14.14 -1.19
CA LEU D 1143 -34.05 -13.75 -1.16
C LEU D 1143 -33.45 -13.76 -2.57
N VAL D 1144 -33.69 -14.83 -3.32
CA VAL D 1144 -33.15 -14.91 -4.67
C VAL D 1144 -33.70 -13.79 -5.54
N ARG D 1145 -35.01 -13.53 -5.44
CA ARG D 1145 -35.63 -12.49 -6.24
C ARG D 1145 -35.06 -11.12 -5.89
N GLU D 1146 -34.89 -10.82 -4.60
CA GLU D 1146 -34.40 -9.52 -4.21
C GLU D 1146 -32.95 -9.31 -4.65
N VAL D 1147 -32.10 -10.32 -4.45
CA VAL D 1147 -30.71 -10.18 -4.86
C VAL D 1147 -30.61 -10.02 -6.37
N GLN D 1148 -31.37 -10.83 -7.12
CA GLN D 1148 -31.33 -10.72 -8.57
C GLN D 1148 -31.91 -9.40 -9.04
N GLU D 1149 -32.90 -8.86 -8.34
CA GLU D 1149 -33.44 -7.55 -8.70
C GLU D 1149 -32.39 -6.47 -8.48
N VAL D 1150 -31.64 -6.55 -7.39
CA VAL D 1150 -30.57 -5.57 -7.15
C VAL D 1150 -29.52 -5.67 -8.24
N TYR D 1151 -29.17 -6.89 -8.65
CA TYR D 1151 -28.12 -7.04 -9.65
C TYR D 1151 -28.60 -6.68 -11.06
N ARG D 1152 -29.89 -6.84 -11.33
CA ARG D 1152 -30.44 -6.48 -12.64
C ARG D 1152 -30.59 -4.97 -12.78
N ALA D 1153 -30.92 -4.28 -11.67
CA ALA D 1153 -31.20 -2.86 -11.74
C ALA D 1153 -30.04 -2.08 -12.34
N GLN D 1154 -28.81 -2.56 -12.16
CA GLN D 1154 -27.64 -1.95 -12.77
C GLN D 1154 -27.34 -2.48 -14.16
N GLY D 1155 -27.77 -3.70 -14.48
CA GLY D 1155 -27.52 -4.31 -15.76
C GLY D 1155 -26.51 -5.43 -15.76
N VAL D 1156 -26.42 -6.20 -14.67
CA VAL D 1156 -25.49 -7.31 -14.54
C VAL D 1156 -26.29 -8.60 -14.47
N SER D 1157 -25.80 -9.62 -15.16
CA SER D 1157 -26.47 -10.91 -15.25
C SER D 1157 -25.67 -11.95 -14.49
N ILE D 1158 -26.28 -12.53 -13.46
CA ILE D 1158 -25.73 -13.65 -12.72
C ILE D 1158 -26.78 -14.75 -12.71
N HIS D 1159 -26.36 -15.98 -12.97
CA HIS D 1159 -27.32 -17.09 -12.95
C HIS D 1159 -27.87 -17.26 -11.54
N ASP D 1160 -29.13 -17.69 -11.47
CA ASP D 1160 -29.79 -17.84 -10.18
C ASP D 1160 -29.14 -18.89 -9.30
N LYS D 1161 -28.41 -19.84 -9.88
CA LYS D 1161 -27.91 -20.97 -9.09
C LYS D 1161 -26.85 -20.53 -8.08
N HIS D 1162 -26.12 -19.46 -8.36
CA HIS D 1162 -25.12 -18.99 -7.39
C HIS D 1162 -25.78 -18.39 -6.16
N ILE D 1163 -26.75 -17.50 -6.37
CA ILE D 1163 -27.52 -16.98 -5.25
C ILE D 1163 -28.22 -18.11 -4.53
N GLU D 1164 -28.62 -19.15 -5.27
CA GLU D 1164 -29.26 -20.30 -4.64
C GLU D 1164 -28.27 -21.06 -3.75
N VAL D 1165 -27.02 -21.18 -4.19
CA VAL D 1165 -26.01 -21.82 -3.35
C VAL D 1165 -25.84 -21.06 -2.05
N ILE D 1166 -25.72 -19.72 -2.14
CA ILE D 1166 -25.56 -18.92 -0.93
C ILE D 1166 -26.79 -19.05 -0.04
N VAL D 1167 -27.98 -18.96 -0.63
CA VAL D 1167 -29.21 -19.06 0.16
C VAL D 1167 -29.31 -20.41 0.83
N ARG D 1168 -28.97 -21.48 0.10
CA ARG D 1168 -28.92 -22.81 0.69
C ARG D 1168 -28.02 -22.82 1.91
N GLN D 1169 -26.84 -22.22 1.80
CA GLN D 1169 -25.94 -22.15 2.94
C GLN D 1169 -26.54 -21.36 4.09
N MET D 1170 -27.41 -20.40 3.79
CA MET D 1170 -28.00 -19.60 4.85
C MET D 1170 -29.07 -20.37 5.62
N LEU D 1171 -29.85 -21.20 4.91
CA LEU D 1171 -30.91 -22.01 5.54
C LEU D 1171 -30.41 -23.44 5.70
N ARG D 1172 -29.69 -23.68 6.80
CA ARG D 1172 -29.24 -25.03 7.13
C ARG D 1172 -29.35 -25.35 8.62
N ARG D 1173 -29.89 -24.46 9.44
CA ARG D 1173 -29.93 -24.64 10.87
C ARG D 1173 -31.36 -24.49 11.37
N VAL D 1174 -31.60 -24.98 12.58
CA VAL D 1174 -32.91 -24.97 13.20
C VAL D 1174 -32.76 -24.54 14.65
N THR D 1175 -33.68 -23.69 15.11
CA THR D 1175 -33.75 -23.30 16.50
C THR D 1175 -34.47 -24.38 17.30
N ILE D 1176 -33.95 -24.67 18.49
CA ILE D 1176 -34.54 -25.67 19.38
C ILE D 1176 -35.51 -24.97 20.32
N ILE D 1177 -36.75 -25.43 20.34
CA ILE D 1177 -37.76 -24.96 21.27
C ILE D 1177 -37.86 -25.87 22.48
N ASP D 1178 -37.98 -27.18 22.24
CA ASP D 1178 -38.05 -28.18 23.30
C ASP D 1178 -36.83 -29.08 23.20
N SER D 1179 -36.09 -29.19 24.30
CA SER D 1179 -34.94 -30.08 24.33
C SER D 1179 -35.35 -31.53 24.07
N GLY D 1180 -36.53 -31.92 24.53
CA GLY D 1180 -36.85 -33.33 24.63
C GLY D 1180 -36.12 -33.91 25.81
N SER D 1181 -35.19 -34.84 25.56
CA SER D 1181 -34.29 -35.31 26.60
C SER D 1181 -32.89 -35.56 26.06
N THR D 1182 -32.47 -34.81 25.03
CA THR D 1182 -31.19 -35.06 24.35
C THR D 1182 -30.40 -33.75 24.22
N GLU D 1183 -29.70 -33.38 25.29
CA GLU D 1183 -28.56 -32.46 25.24
C GLU D 1183 -28.72 -31.29 24.28
N PHE D 1184 -29.94 -30.79 24.11
CA PHE D 1184 -30.23 -29.71 23.16
C PHE D 1184 -30.77 -28.52 23.93
N LEU D 1185 -30.01 -27.44 23.96
CA LEU D 1185 -30.41 -26.24 24.69
C LEU D 1185 -31.48 -25.48 23.90
N PRO D 1186 -32.57 -25.06 24.53
CA PRO D 1186 -33.45 -24.07 23.90
C PRO D 1186 -32.66 -22.88 23.40
N GLY D 1187 -33.06 -22.37 22.24
CA GLY D 1187 -32.36 -21.27 21.61
C GLY D 1187 -31.09 -21.67 20.89
N SER D 1188 -30.71 -22.95 20.94
CA SER D 1188 -29.52 -23.42 20.24
C SER D 1188 -29.81 -23.53 18.75
N LEU D 1189 -28.83 -23.13 17.94
CA LEU D 1189 -28.91 -23.24 16.48
C LEU D 1189 -28.18 -24.51 16.10
N ILE D 1190 -28.93 -25.56 15.76
CA ILE D 1190 -28.34 -26.87 15.48
C ILE D 1190 -28.60 -27.22 14.02
N ASP D 1191 -27.61 -27.84 13.39
CA ASP D 1191 -27.70 -28.20 11.99
C ASP D 1191 -28.87 -29.17 11.80
N ARG D 1192 -29.57 -29.02 10.67
CA ARG D 1192 -30.75 -29.83 10.42
C ARG D 1192 -30.39 -31.31 10.28
N ALA D 1193 -29.24 -31.60 9.65
CA ALA D 1193 -28.82 -32.99 9.50
C ALA D 1193 -28.57 -33.64 10.86
N GLU D 1194 -27.84 -32.94 11.73
CA GLU D 1194 -27.60 -33.46 13.08
C GLU D 1194 -28.90 -33.50 13.88
N PHE D 1195 -29.79 -32.53 13.65
CA PHE D 1195 -31.10 -32.55 14.28
C PHE D 1195 -31.85 -33.84 13.94
N GLU D 1196 -31.92 -34.16 12.65
CA GLU D 1196 -32.59 -35.39 12.23
C GLU D 1196 -31.88 -36.61 12.78
N ALA D 1197 -30.56 -36.61 12.79
CA ALA D 1197 -29.81 -37.76 13.29
C ALA D 1197 -30.13 -38.01 14.76
N GLU D 1198 -30.18 -36.94 15.57
CA GLU D 1198 -30.51 -37.10 16.97
C GLU D 1198 -31.96 -37.54 17.15
N ASN D 1199 -32.87 -37.04 16.32
CA ASN D 1199 -34.25 -37.52 16.39
C ASN D 1199 -34.31 -39.02 16.10
N ARG D 1200 -33.57 -39.48 15.10
CA ARG D 1200 -33.54 -40.90 14.78
C ARG D 1200 -32.93 -41.71 15.92
N ARG D 1201 -31.89 -41.18 16.55
CA ARG D 1201 -31.28 -41.88 17.68
C ARG D 1201 -32.23 -41.92 18.88
N VAL D 1202 -33.12 -40.94 19.01
CA VAL D 1202 -33.95 -40.81 20.19
C VAL D 1202 -35.32 -41.46 20.05
N VAL D 1203 -35.81 -41.67 18.82
CA VAL D 1203 -37.14 -42.29 18.67
C VAL D 1203 -37.14 -43.67 19.33
N ALA D 1204 -36.07 -44.44 19.14
CA ALA D 1204 -35.90 -45.68 19.87
C ALA D 1204 -35.40 -45.39 21.29
N GLU D 1205 -35.48 -46.41 22.13
CA GLU D 1205 -35.05 -46.30 23.53
C GLU D 1205 -35.79 -45.17 24.24
N GLY D 1206 -37.07 -45.01 23.91
CA GLY D 1206 -37.88 -43.96 24.48
C GLY D 1206 -37.86 -42.71 23.61
N GLY D 1207 -39.02 -42.36 23.04
CA GLY D 1207 -39.10 -41.27 22.09
C GLY D 1207 -39.49 -39.96 22.73
N GLU D 1208 -38.61 -38.97 22.59
CA GLU D 1208 -38.85 -37.61 23.09
C GLU D 1208 -38.53 -36.64 21.96
N PRO D 1209 -39.43 -36.48 20.99
CA PRO D 1209 -39.17 -35.58 19.87
C PRO D 1209 -38.86 -34.16 20.34
N ALA D 1210 -37.70 -33.66 19.96
CA ALA D 1210 -37.26 -32.31 20.30
C ALA D 1210 -37.70 -31.38 19.18
N ALA D 1211 -38.80 -30.67 19.40
CA ALA D 1211 -39.35 -29.81 18.36
C ALA D 1211 -38.39 -28.69 18.00
N GLY D 1212 -38.39 -28.30 16.73
CA GLY D 1212 -37.53 -27.23 16.27
C GLY D 1212 -38.22 -26.41 15.19
N ARG D 1213 -37.63 -25.25 14.91
CA ARG D 1213 -38.20 -24.32 13.93
C ARG D 1213 -37.13 -23.80 12.99
N PRO D 1214 -37.41 -23.70 11.69
CA PRO D 1214 -36.39 -23.17 10.76
C PRO D 1214 -35.98 -21.75 11.11
N VAL D 1215 -34.74 -21.42 10.78
CA VAL D 1215 -34.18 -20.09 11.02
C VAL D 1215 -33.36 -19.68 9.80
N LEU D 1216 -33.40 -18.39 9.47
CA LEU D 1216 -32.58 -17.83 8.42
C LEU D 1216 -31.46 -17.04 9.08
N MET D 1217 -30.23 -17.55 8.99
CA MET D 1217 -29.07 -16.85 9.51
C MET D 1217 -28.55 -15.90 8.44
N GLY D 1218 -27.38 -15.30 8.72
CA GLY D 1218 -26.67 -14.51 7.74
C GLY D 1218 -25.37 -15.21 7.34
N ILE D 1219 -24.66 -14.56 6.43
CA ILE D 1219 -23.41 -15.15 5.96
C ILE D 1219 -22.37 -15.15 7.07
N THR D 1220 -22.26 -14.06 7.84
CA THR D 1220 -21.29 -14.02 8.94
C THR D 1220 -21.66 -15.01 10.04
N LYS D 1221 -22.90 -15.00 10.49
CA LYS D 1221 -23.31 -15.91 11.55
C LYS D 1221 -23.22 -17.36 11.10
N ALA D 1222 -23.64 -17.64 9.86
CA ALA D 1222 -23.56 -19.00 9.35
C ALA D 1222 -22.11 -19.46 9.22
N SER D 1223 -21.20 -18.55 8.88
CA SER D 1223 -19.80 -18.93 8.78
C SER D 1223 -19.17 -19.17 10.14
N LEU D 1224 -19.42 -18.29 11.10
CA LEU D 1224 -18.80 -18.43 12.42
C LEU D 1224 -19.40 -19.58 13.23
N ALA D 1225 -20.50 -20.17 12.78
CA ALA D 1225 -21.12 -21.29 13.47
C ALA D 1225 -20.64 -22.64 12.91
N THR D 1226 -19.66 -22.63 12.00
CA THR D 1226 -19.15 -23.87 11.44
C THR D 1226 -18.64 -24.79 12.54
N ASP D 1227 -18.48 -26.06 12.20
CA ASP D 1227 -18.00 -27.05 13.15
C ASP D 1227 -16.48 -27.04 13.29
N SER D 1228 -15.77 -26.33 12.42
CA SER D 1228 -14.32 -26.26 12.45
C SER D 1228 -13.89 -24.93 13.06
N TRP D 1229 -13.17 -25.00 14.18
CA TRP D 1229 -12.68 -23.78 14.81
C TRP D 1229 -11.52 -23.17 14.04
N LEU D 1230 -10.79 -23.97 13.25
CA LEU D 1230 -9.64 -23.45 12.54
C LEU D 1230 -10.06 -22.53 11.39
N SER D 1231 -11.23 -22.77 10.79
CA SER D 1231 -11.73 -21.89 9.75
C SER D 1231 -12.46 -20.69 10.32
N ALA D 1232 -13.26 -20.89 11.38
CA ALA D 1232 -13.94 -19.76 12.01
C ALA D 1232 -12.94 -18.78 12.62
N ALA D 1233 -11.89 -19.31 13.26
CA ALA D 1233 -10.88 -18.43 13.85
C ALA D 1233 -10.16 -17.62 12.78
N SER D 1234 -9.83 -18.25 11.66
CA SER D 1234 -9.17 -17.55 10.56
C SER D 1234 -10.12 -16.66 9.79
N PHE D 1235 -11.43 -16.81 9.97
CA PHE D 1235 -12.39 -15.95 9.30
C PHE D 1235 -12.50 -14.59 10.00
N GLN D 1236 -12.92 -14.59 11.27
CA GLN D 1236 -13.30 -13.36 11.93
C GLN D 1236 -13.46 -13.63 13.41
N GLU D 1237 -13.21 -12.59 14.21
CA GLU D 1237 -13.31 -12.68 15.67
C GLU D 1237 -12.52 -13.87 16.19
N THR D 1238 -11.21 -13.80 15.97
CA THR D 1238 -10.34 -14.93 16.31
C THR D 1238 -10.36 -15.21 17.81
N THR D 1239 -10.33 -14.16 18.63
CA THR D 1239 -10.23 -14.35 20.08
C THR D 1239 -11.50 -15.00 20.63
N ARG D 1240 -12.67 -14.51 20.21
CA ARG D 1240 -13.93 -15.10 20.67
C ARG D 1240 -14.02 -16.57 20.23
N VAL D 1241 -13.68 -16.82 18.96
CA VAL D 1241 -13.77 -18.17 18.42
C VAL D 1241 -12.87 -19.12 19.19
N LEU D 1242 -11.62 -18.70 19.44
CA LEU D 1242 -10.68 -19.57 20.13
C LEU D 1242 -11.05 -19.74 21.60
N THR D 1243 -11.55 -18.68 22.25
CA THR D 1243 -12.02 -18.82 23.62
C THR D 1243 -13.12 -19.87 23.72
N ASP D 1244 -14.14 -19.76 22.87
CA ASP D 1244 -15.24 -20.71 22.92
C ASP D 1244 -14.79 -22.12 22.54
N ALA D 1245 -13.96 -22.25 21.51
CA ALA D 1245 -13.49 -23.56 21.10
C ALA D 1245 -12.67 -24.21 22.21
N ALA D 1246 -11.82 -23.44 22.87
CA ALA D 1246 -11.04 -23.98 23.98
C ALA D 1246 -11.94 -24.42 25.12
N ILE D 1247 -12.97 -23.63 25.43
CA ILE D 1247 -13.87 -24.00 26.51
C ILE D 1247 -14.63 -25.28 26.15
N ASN D 1248 -14.96 -25.48 24.87
CA ASN D 1248 -15.81 -26.58 24.46
C ASN D 1248 -15.04 -27.86 24.12
N CYS D 1249 -13.71 -27.82 24.06
CA CYS D 1249 -12.91 -28.94 23.56
C CYS D 1249 -13.42 -29.39 22.18
N ARG D 1250 -13.33 -28.47 21.22
CA ARG D 1250 -13.76 -28.74 19.87
C ARG D 1250 -12.61 -29.31 19.05
N SER D 1251 -12.85 -30.46 18.43
CA SER D 1251 -11.88 -31.09 17.56
C SER D 1251 -12.22 -30.79 16.11
N ASP D 1252 -11.23 -30.33 15.36
CA ASP D 1252 -11.39 -30.01 13.95
C ASP D 1252 -11.02 -31.24 13.12
N LYS D 1253 -11.96 -31.71 12.29
CA LYS D 1253 -11.73 -32.88 11.48
C LYS D 1253 -10.96 -32.57 10.20
N LEU D 1254 -10.70 -31.30 9.91
CA LEU D 1254 -9.89 -30.89 8.76
C LEU D 1254 -10.51 -31.42 7.46
N ASN D 1255 -11.73 -30.95 7.21
CA ASN D 1255 -12.53 -31.39 6.07
C ASN D 1255 -12.87 -30.30 5.08
N GLY D 1256 -12.81 -29.03 5.46
CA GLY D 1256 -13.11 -27.95 4.55
C GLY D 1256 -11.92 -27.59 3.69
N LEU D 1257 -12.08 -26.51 2.94
CA LEU D 1257 -11.02 -26.03 2.06
C LEU D 1257 -10.04 -25.12 2.79
N LYS D 1258 -10.54 -24.26 3.69
CA LYS D 1258 -9.67 -23.34 4.41
C LYS D 1258 -8.77 -24.07 5.39
N GLU D 1259 -9.28 -25.08 6.09
CA GLU D 1259 -8.43 -25.83 7.03
C GLU D 1259 -7.33 -26.57 6.29
N ASN D 1260 -7.68 -27.23 5.17
CA ASN D 1260 -6.66 -27.94 4.41
C ASN D 1260 -5.62 -26.98 3.85
N VAL D 1261 -6.05 -25.80 3.40
CA VAL D 1261 -5.08 -24.80 2.95
C VAL D 1261 -4.18 -24.37 4.10
N ILE D 1262 -4.75 -24.17 5.28
CA ILE D 1262 -3.96 -23.68 6.41
C ILE D 1262 -2.88 -24.68 6.79
N ILE D 1263 -3.23 -25.96 6.85
CA ILE D 1263 -2.29 -26.99 7.28
C ILE D 1263 -1.46 -27.48 6.11
N GLY D 1264 -1.63 -26.85 4.95
CA GLY D 1264 -0.78 -27.16 3.80
C GLY D 1264 -0.92 -28.58 3.30
N LYS D 1265 -2.15 -29.06 3.15
CA LYS D 1265 -2.42 -30.36 2.55
C LYS D 1265 -3.56 -30.21 1.56
N LEU D 1266 -3.66 -31.21 0.66
CA LEU D 1266 -4.53 -31.08 -0.50
C LEU D 1266 -5.96 -30.79 -0.10
N ILE D 1267 -6.55 -29.78 -0.73
CA ILE D 1267 -7.93 -29.41 -0.48
C ILE D 1267 -8.82 -30.54 -1.01
N PRO D 1268 -9.96 -30.85 -0.37
CA PRO D 1268 -10.82 -31.95 -0.82
C PRO D 1268 -11.77 -31.55 -1.94
N ALA D 1269 -11.24 -30.87 -2.96
CA ALA D 1269 -12.04 -30.38 -4.06
C ALA D 1269 -11.24 -30.51 -5.35
N GLY D 1270 -11.96 -30.58 -6.46
CA GLY D 1270 -11.30 -30.66 -7.75
C GLY D 1270 -10.46 -31.91 -7.85
N THR D 1271 -9.17 -31.73 -8.11
CA THR D 1271 -8.25 -32.83 -8.31
C THR D 1271 -7.77 -33.45 -7.00
N GLY D 1272 -8.18 -32.92 -5.85
CA GLY D 1272 -7.71 -33.41 -4.57
C GLY D 1272 -8.64 -34.42 -3.92
N ILE D 1273 -9.83 -34.63 -4.50
CA ILE D 1273 -10.76 -35.57 -3.89
C ILE D 1273 -10.21 -37.00 -4.03
N ASN D 1274 -10.79 -37.91 -3.24
CA ASN D 1274 -10.23 -39.25 -3.11
C ASN D 1274 -10.44 -40.12 -4.34
N ARG D 1275 -11.33 -39.72 -5.26
CA ARG D 1275 -11.57 -40.52 -6.46
C ARG D 1275 -10.63 -40.18 -7.61
N TYR D 1276 -10.18 -38.93 -7.71
CA TYR D 1276 -9.25 -38.52 -8.74
C TYR D 1276 -7.80 -38.58 -8.30
N ARG D 1277 -7.52 -38.34 -7.01
CA ARG D 1277 -6.14 -38.26 -6.55
C ARG D 1277 -5.44 -39.61 -6.68
N ASN D 1278 -6.10 -40.70 -6.31
CA ASN D 1278 -5.49 -42.03 -6.30
C ASN D 1278 -5.92 -42.83 -7.53
N ILE D 1279 -6.04 -42.18 -8.68
CA ILE D 1279 -6.19 -42.89 -9.94
C ILE D 1279 -4.95 -43.74 -10.15
N ALA D 1280 -5.17 -45.01 -10.52
CA ALA D 1280 -4.07 -45.90 -10.87
C ALA D 1280 -3.84 -45.83 -12.37
N VAL D 1281 -2.60 -45.55 -12.77
CA VAL D 1281 -2.24 -45.35 -14.17
C VAL D 1281 -1.21 -46.39 -14.56
N GLN D 1282 -1.46 -47.09 -15.65
CA GLN D 1282 -0.52 -48.10 -16.14
C GLN D 1282 -0.72 -48.27 -17.64
N PRO D 1283 0.32 -48.67 -18.37
CA PRO D 1283 0.14 -48.88 -19.82
C PRO D 1283 -0.88 -49.96 -20.11
N THR D 1284 -1.64 -49.75 -21.19
CA THR D 1284 -2.54 -50.80 -21.67
C THR D 1284 -1.72 -51.96 -22.21
N GLU D 1285 -2.29 -53.16 -22.12
CA GLU D 1285 -1.54 -54.37 -22.40
C GLU D 1285 -1.01 -54.39 -23.83
N GLU D 1286 -1.85 -53.97 -24.79
CA GLU D 1286 -1.42 -53.98 -26.18
C GLU D 1286 -0.24 -53.05 -26.39
N ALA D 1287 -0.25 -51.89 -25.73
CA ALA D 1287 0.88 -50.96 -25.84
C ALA D 1287 2.16 -51.58 -25.31
N ARG D 1288 2.08 -52.26 -24.17
CA ARG D 1288 3.25 -52.93 -23.62
C ARG D 1288 3.75 -54.01 -24.56
N ALA D 1289 2.83 -54.77 -25.16
CA ALA D 1289 3.24 -55.80 -26.11
C ALA D 1289 3.94 -55.18 -27.32
N ALA D 1290 3.41 -54.07 -27.84
CA ALA D 1290 4.04 -53.42 -28.98
C ALA D 1290 5.43 -52.92 -28.63
N ALA D 1291 5.59 -52.33 -27.46
CA ALA D 1291 6.88 -51.81 -27.02
C ALA D 1291 7.73 -52.93 -26.43
N GLY E 28 -13.12 -30.47 -36.70
CA GLY E 28 -12.70 -29.69 -37.85
C GLY E 28 -11.83 -28.52 -37.46
N TYR E 29 -10.77 -28.80 -36.72
CA TYR E 29 -9.83 -27.77 -36.29
C TYR E 29 -8.70 -27.66 -37.32
N ASP E 30 -7.74 -26.79 -37.04
CA ASP E 30 -6.51 -26.72 -37.80
C ASP E 30 -5.36 -27.08 -36.88
N THR E 31 -4.17 -27.29 -37.45
CA THR E 31 -3.06 -27.91 -36.74
C THR E 31 -2.91 -27.29 -35.36
N PRO E 32 -3.28 -27.99 -34.29
CA PRO E 32 -3.11 -27.41 -32.95
C PRO E 32 -1.63 -27.26 -32.62
N LEU E 33 -1.25 -26.06 -32.22
CA LEU E 33 0.16 -25.68 -32.11
C LEU E 33 0.52 -25.47 -30.64
N GLY E 34 1.55 -26.17 -30.18
CA GLY E 34 2.06 -25.93 -28.85
C GLY E 34 1.23 -26.58 -27.76
N ILE E 35 1.12 -25.87 -26.65
CA ILE E 35 0.53 -26.38 -25.42
C ILE E 35 -0.92 -26.81 -25.62
N THR E 36 -1.56 -26.31 -26.68
CA THR E 36 -2.93 -26.68 -27.00
C THR E 36 -3.02 -27.88 -27.93
N ASN E 37 -2.00 -28.74 -27.92
CA ASN E 37 -1.95 -29.92 -28.76
C ASN E 37 -1.55 -31.12 -27.89
N PRO E 38 -2.34 -32.20 -27.87
CA PRO E 38 -3.62 -32.44 -28.56
C PRO E 38 -4.77 -31.66 -27.94
N PRO E 39 -5.86 -31.44 -28.68
CA PRO E 39 -6.96 -30.65 -28.13
C PRO E 39 -7.52 -31.29 -26.87
N ILE E 40 -7.87 -30.44 -25.89
CA ILE E 40 -8.27 -30.99 -24.60
C ILE E 40 -9.62 -31.69 -24.69
N ASP E 41 -10.51 -31.26 -25.59
CA ASP E 41 -11.81 -31.91 -25.71
C ASP E 41 -11.67 -33.38 -26.09
N GLU E 42 -10.81 -33.66 -27.06
CA GLU E 42 -10.63 -35.02 -27.55
C GLU E 42 -9.79 -35.85 -26.58
N LEU E 43 -9.15 -35.21 -25.61
CA LEU E 43 -8.64 -35.91 -24.44
C LEU E 43 -9.75 -36.20 -23.45
N LEU E 44 -10.64 -35.23 -23.21
CA LEU E 44 -11.74 -35.44 -22.27
C LEU E 44 -12.60 -36.62 -22.71
N ASP E 45 -12.68 -36.87 -24.01
CA ASP E 45 -13.39 -38.05 -24.47
C ASP E 45 -12.80 -39.33 -23.88
N ARG E 46 -11.54 -39.32 -23.47
CA ARG E 46 -10.89 -40.50 -22.90
C ARG E 46 -11.13 -40.67 -21.39
N VAL E 47 -11.67 -39.66 -20.72
CA VAL E 47 -11.80 -39.67 -19.27
C VAL E 47 -13.21 -39.21 -18.89
N SER E 48 -13.44 -39.09 -17.59
CA SER E 48 -14.74 -38.67 -17.06
C SER E 48 -14.82 -37.18 -16.76
N SER E 49 -13.69 -36.52 -16.53
CA SER E 49 -13.70 -35.09 -16.23
C SER E 49 -12.29 -34.55 -16.42
N LYS E 50 -12.18 -33.22 -16.38
CA LYS E 50 -10.88 -32.58 -16.54
C LYS E 50 -9.94 -32.92 -15.39
N TYR E 51 -10.48 -33.09 -14.18
CA TYR E 51 -9.65 -33.45 -13.04
C TYR E 51 -9.05 -34.85 -13.21
N ALA E 52 -9.84 -35.79 -13.71
CA ALA E 52 -9.32 -37.12 -13.99
C ALA E 52 -8.21 -37.07 -15.01
N LEU E 53 -8.39 -36.27 -16.07
CA LEU E 53 -7.33 -36.10 -17.07
C LEU E 53 -6.08 -35.51 -16.43
N VAL E 54 -6.26 -34.53 -15.56
CA VAL E 54 -5.12 -33.89 -14.91
C VAL E 54 -4.30 -34.92 -14.16
N ILE E 55 -4.95 -35.71 -13.30
CA ILE E 55 -4.21 -36.68 -12.50
C ILE E 55 -3.63 -37.79 -13.38
N TYR E 56 -4.41 -38.22 -14.38
CA TYR E 56 -3.96 -39.25 -15.31
C TYR E 56 -2.65 -38.85 -15.98
N ALA E 57 -2.65 -37.66 -16.60
CA ALA E 57 -1.46 -37.18 -17.28
C ALA E 57 -0.32 -36.95 -16.31
N ALA E 58 -0.61 -36.39 -15.13
CA ALA E 58 0.47 -36.09 -14.18
C ALA E 58 1.15 -37.36 -13.71
N LYS E 59 0.37 -38.39 -13.37
CA LYS E 59 0.96 -39.63 -12.89
C LYS E 59 1.74 -40.32 -14.00
N ARG E 60 1.22 -40.31 -15.23
CA ARG E 60 1.98 -40.90 -16.32
C ARG E 60 3.29 -40.15 -16.55
N ALA E 61 3.25 -38.82 -16.46
CA ALA E 61 4.46 -38.02 -16.64
C ALA E 61 5.49 -38.34 -15.56
N ARG E 62 5.04 -38.49 -14.32
CA ARG E 62 5.96 -38.87 -13.25
C ARG E 62 6.58 -40.23 -13.54
N GLN E 63 5.78 -41.19 -14.03
CA GLN E 63 6.31 -42.50 -14.37
C GLN E 63 7.38 -42.39 -15.46
N ILE E 64 7.12 -41.58 -16.48
CA ILE E 64 8.06 -41.46 -17.58
C ILE E 64 9.37 -40.82 -17.11
N ASN E 65 9.28 -39.79 -16.26
CA ASN E 65 10.49 -39.18 -15.73
C ASN E 65 11.28 -40.19 -14.90
N ASP E 66 10.59 -40.97 -14.07
CA ASP E 66 11.27 -42.00 -13.28
C ASP E 66 11.97 -43.00 -14.19
N TYR E 67 11.30 -43.41 -15.27
CA TYR E 67 11.93 -44.29 -16.25
C TYR E 67 13.23 -43.68 -16.75
N TYR E 68 13.17 -42.44 -17.24
CA TYR E 68 14.36 -41.84 -17.82
C TYR E 68 15.49 -41.75 -16.80
N ASN E 69 15.16 -41.45 -15.54
CA ASN E 69 16.19 -41.35 -14.52
C ASN E 69 16.69 -42.72 -14.09
N GLN E 70 15.80 -43.55 -13.56
CA GLN E 70 16.18 -44.83 -12.97
C GLN E 70 16.14 -45.96 -14.00
N LEU E 71 16.82 -45.76 -15.13
CA LEU E 71 17.00 -46.79 -16.15
C LEU E 71 18.46 -47.07 -16.45
N GLY E 72 19.29 -46.02 -16.57
CA GLY E 72 20.72 -46.26 -16.73
C GLY E 72 21.29 -47.02 -15.56
N GLU E 73 20.87 -46.69 -14.35
CA GLU E 73 21.12 -47.53 -13.20
C GLU E 73 20.27 -48.79 -13.30
N GLY E 74 20.46 -49.71 -12.36
CA GLY E 74 19.81 -51.00 -12.38
C GLY E 74 18.38 -50.97 -12.88
N ILE E 75 18.07 -51.78 -13.89
CA ILE E 75 16.82 -51.63 -14.63
C ILE E 75 15.64 -51.77 -13.70
N LEU E 76 14.83 -50.72 -13.62
CA LEU E 76 13.65 -50.67 -12.77
C LEU E 76 12.43 -51.09 -13.61
N GLU E 77 11.19 -50.85 -13.15
CA GLU E 77 10.01 -51.45 -13.77
C GLU E 77 9.21 -50.44 -14.60
N TYR E 78 8.97 -49.24 -14.06
CA TYR E 78 8.17 -48.24 -14.74
C TYR E 78 8.63 -48.06 -16.18
N VAL E 79 7.70 -48.18 -17.11
CA VAL E 79 8.02 -48.27 -18.53
C VAL E 79 7.68 -46.97 -19.23
N GLY E 80 8.06 -46.86 -20.50
CA GLY E 80 7.70 -45.73 -21.32
C GLY E 80 8.93 -45.02 -21.84
N PRO E 81 8.73 -44.08 -22.77
CA PRO E 81 7.46 -43.69 -23.39
C PRO E 81 6.95 -44.68 -24.43
N LEU E 82 5.66 -44.63 -24.73
CA LEU E 82 5.04 -45.48 -25.73
C LEU E 82 4.91 -44.80 -27.09
N VAL E 83 5.34 -43.54 -27.20
CA VAL E 83 5.25 -42.78 -28.44
C VAL E 83 6.59 -42.12 -28.68
N GLU E 84 7.00 -42.04 -29.94
CA GLU E 84 8.31 -41.48 -30.28
C GLU E 84 8.41 -40.05 -29.75
N PRO E 85 9.20 -39.80 -28.70
CA PRO E 85 9.27 -38.45 -28.15
C PRO E 85 10.01 -37.50 -29.09
N GLY E 86 9.71 -36.21 -28.95
CA GLY E 86 10.44 -35.19 -29.65
C GLY E 86 11.86 -35.06 -29.12
N LEU E 87 12.69 -34.36 -29.88
CA LEU E 87 14.10 -34.25 -29.53
C LEU E 87 14.28 -33.52 -28.20
N GLN E 88 13.54 -32.43 -27.98
CA GLN E 88 13.45 -31.76 -26.69
C GLN E 88 11.97 -31.59 -26.38
N GLU E 89 11.39 -32.58 -25.70
CA GLU E 89 9.97 -32.54 -25.38
C GLU E 89 9.77 -33.06 -23.96
N LYS E 90 8.99 -32.32 -23.18
CA LYS E 90 8.89 -32.59 -21.75
C LYS E 90 8.11 -33.87 -21.50
N PRO E 91 8.34 -34.54 -20.36
CA PRO E 91 7.60 -35.77 -20.08
C PRO E 91 6.08 -35.59 -20.03
N LEU E 92 5.59 -34.43 -19.58
CA LEU E 92 4.15 -34.24 -19.51
C LEU E 92 3.52 -34.24 -20.91
N SER E 93 4.18 -33.61 -21.88
CA SER E 93 3.65 -33.62 -23.24
C SER E 93 3.66 -35.05 -23.81
N ILE E 94 4.69 -35.82 -23.50
CA ILE E 94 4.73 -37.22 -23.93
C ILE E 94 3.57 -37.98 -23.32
N ALA E 95 3.33 -37.77 -22.01
CA ALA E 95 2.22 -38.43 -21.35
C ALA E 95 0.91 -38.10 -22.04
N LEU E 96 0.68 -36.82 -22.32
CA LEU E 96 -0.58 -36.42 -22.95
C LEU E 96 -0.72 -37.02 -24.34
N ARG E 97 0.36 -37.01 -25.12
CA ARG E 97 0.30 -37.62 -26.44
C ARG E 97 0.01 -39.10 -26.34
N GLU E 98 0.46 -39.74 -25.26
CA GLU E 98 0.07 -41.13 -25.01
C GLU E 98 -1.41 -41.25 -24.71
N ILE E 99 -1.95 -40.35 -23.87
CA ILE E 99 -3.38 -40.40 -23.54
C ILE E 99 -4.21 -40.27 -24.81
N HIS E 100 -3.82 -39.36 -25.69
CA HIS E 100 -4.59 -39.11 -26.90
C HIS E 100 -4.73 -40.37 -27.75
N ALA E 101 -3.68 -41.18 -27.83
CA ALA E 101 -3.68 -42.37 -28.66
C ALA E 101 -4.36 -43.56 -27.99
N ASP E 102 -5.08 -43.35 -26.89
CA ASP E 102 -5.74 -44.44 -26.17
C ASP E 102 -4.74 -45.53 -25.82
N LEU E 103 -3.53 -45.13 -25.49
CA LEU E 103 -2.42 -46.05 -25.26
C LEU E 103 -2.26 -46.44 -23.79
N LEU E 104 -3.14 -45.96 -22.91
CA LEU E 104 -3.05 -46.20 -21.49
C LEU E 104 -4.41 -46.63 -20.95
N GLU E 105 -4.41 -47.03 -19.69
CA GLU E 105 -5.64 -47.34 -18.97
C GLU E 105 -5.52 -46.78 -17.55
N HIS E 106 -6.67 -46.46 -16.96
CA HIS E 106 -6.66 -45.94 -15.60
C HIS E 106 -7.94 -46.37 -14.88
N THR E 107 -7.84 -46.47 -13.56
CA THR E 107 -8.97 -46.80 -12.70
C THR E 107 -9.08 -45.74 -11.62
N GLU E 108 -10.30 -45.22 -11.43
CA GLU E 108 -10.52 -44.20 -10.41
C GLU E 108 -10.78 -44.85 -9.05
N GLY E 109 -10.35 -44.16 -8.00
CA GLY E 109 -10.54 -44.64 -6.65
C GLY E 109 -11.98 -44.96 -6.31
N GLU F 232 -23.58 16.21 55.80
CA GLU F 232 -24.62 15.21 55.61
C GLU F 232 -24.55 14.62 54.21
N ALA F 233 -24.98 15.41 53.21
CA ALA F 233 -24.85 14.97 51.83
C ALA F 233 -23.39 14.81 51.45
N LEU F 234 -22.53 15.73 51.91
CA LEU F 234 -21.10 15.60 51.68
C LEU F 234 -20.56 14.31 52.27
N ARG F 235 -21.06 13.93 53.45
CA ARG F 235 -20.63 12.68 54.08
C ARG F 235 -20.97 11.48 53.20
N GLN F 236 -22.22 11.43 52.71
CA GLN F 236 -22.64 10.37 51.82
C GLN F 236 -21.78 10.34 50.56
N ALA F 237 -21.46 11.52 50.03
CA ALA F 237 -20.62 11.63 48.85
C ALA F 237 -19.23 11.05 49.09
N ARG F 238 -18.61 11.41 50.21
CA ARG F 238 -17.29 10.90 50.56
C ARG F 238 -17.35 9.38 50.66
N LYS F 239 -18.38 8.85 51.31
CA LYS F 239 -18.48 7.40 51.47
C LYS F 239 -18.62 6.73 50.10
N ASP F 240 -19.50 7.25 49.24
CA ASP F 240 -19.68 6.70 47.92
C ASP F 240 -18.35 6.71 47.17
N ALA F 241 -17.57 7.78 47.35
CA ALA F 241 -16.28 7.86 46.70
C ALA F 241 -15.34 6.77 47.19
N GLU F 242 -15.31 6.53 48.50
CA GLU F 242 -14.40 5.52 49.05
C GLU F 242 -14.66 4.14 48.47
N LEU F 243 -15.88 3.88 47.98
CA LEU F 243 -16.20 2.61 47.33
C LEU F 243 -16.09 2.73 45.83
N THR F 244 -14.91 3.10 45.32
CA THR F 244 -14.66 3.22 43.90
C THR F 244 -13.31 2.60 43.57
N ALA F 245 -13.22 2.01 42.37
CA ALA F 245 -12.02 1.28 41.96
C ALA F 245 -10.97 2.20 41.35
N SER F 246 -11.39 3.15 40.52
CA SER F 246 -10.49 4.07 39.81
C SER F 246 -9.60 3.36 38.80
N ALA F 247 -9.91 2.10 38.47
CA ALA F 247 -9.21 1.33 37.44
C ALA F 247 -7.69 1.49 37.51
N ASP F 248 -7.19 2.66 37.16
CA ASP F 248 -5.76 2.94 37.12
C ASP F 248 -5.07 2.42 38.37
N SER F 249 -4.16 1.45 38.19
CA SER F 249 -3.57 0.78 39.34
C SER F 249 -2.69 1.72 40.15
N VAL F 250 -1.96 2.61 39.47
CA VAL F 250 -1.21 3.62 40.21
C VAL F 250 -2.16 4.46 41.05
N ARG F 251 -3.31 4.83 40.48
CA ARG F 251 -4.28 5.62 41.23
C ARG F 251 -4.80 4.85 42.44
N ALA F 252 -5.09 3.56 42.26
CA ALA F 252 -5.59 2.75 43.37
C ALA F 252 -4.56 2.66 44.49
N TYR F 253 -3.30 2.43 44.15
CA TYR F 253 -2.26 2.33 45.17
C TYR F 253 -2.04 3.67 45.85
N LEU F 254 -2.01 4.76 45.07
CA LEU F 254 -1.86 6.09 45.66
C LEU F 254 -3.01 6.39 46.60
N LYS F 255 -4.20 5.86 46.31
CA LYS F 255 -5.33 6.00 47.23
C LYS F 255 -5.09 5.20 48.51
N GLN F 256 -4.69 3.93 48.36
CA GLN F 256 -4.58 3.07 49.54
C GLN F 256 -3.41 3.47 50.45
N ILE F 257 -2.41 4.19 49.93
CA ILE F 257 -1.30 4.56 50.79
C ILE F 257 -1.63 5.74 51.70
N GLY F 258 -2.63 6.55 51.35
CA GLY F 258 -2.98 7.69 52.16
C GLY F 258 -3.80 7.39 53.39
N LYS F 259 -4.17 6.12 53.60
CA LYS F 259 -5.04 5.77 54.72
C LYS F 259 -4.37 6.04 56.06
N VAL F 260 -3.09 5.70 56.18
CA VAL F 260 -2.36 5.79 57.43
C VAL F 260 -1.67 7.13 57.52
N ALA F 261 -1.83 7.81 58.66
CA ALA F 261 -1.20 9.11 58.85
C ALA F 261 0.29 8.97 59.10
N LEU F 262 1.00 10.08 58.99
CA LEU F 262 2.43 10.13 59.25
C LEU F 262 2.67 10.10 60.76
N LEU F 263 3.92 10.34 61.18
CA LEU F 263 4.29 10.31 62.58
C LEU F 263 5.26 11.45 62.88
N ASN F 264 5.69 11.52 64.13
CA ASN F 264 6.72 12.46 64.59
C ASN F 264 7.89 11.68 65.17
N ALA F 265 8.89 12.42 65.65
CA ALA F 265 10.14 11.80 66.07
C ALA F 265 9.93 10.83 67.21
N GLU F 266 9.19 11.24 68.25
CA GLU F 266 8.97 10.36 69.39
C GLU F 266 8.22 9.10 68.98
N GLU F 267 7.25 9.25 68.09
CA GLU F 267 6.57 8.07 67.57
C GLU F 267 7.55 7.15 66.86
N GLU F 268 8.47 7.73 66.07
CA GLU F 268 9.47 6.91 65.37
C GLU F 268 10.32 6.14 66.35
N VAL F 269 10.79 6.80 67.43
CA VAL F 269 11.71 6.12 68.34
C VAL F 269 10.97 5.03 69.11
N GLU F 270 9.74 5.29 69.56
CA GLU F 270 9.01 4.25 70.27
C GLU F 270 8.71 3.08 69.34
N LEU F 271 8.36 3.36 68.09
CA LEU F 271 8.08 2.30 67.14
C LEU F 271 9.31 1.45 66.89
N ALA F 272 10.47 2.09 66.68
CA ALA F 272 11.71 1.35 66.48
C ALA F 272 12.05 0.52 67.70
N LYS F 273 11.87 1.08 68.89
CA LYS F 273 12.13 0.31 70.11
C LYS F 273 11.23 -0.92 70.16
N ARG F 274 9.97 -0.77 69.75
CA ARG F 274 9.08 -1.92 69.68
C ARG F 274 9.61 -2.98 68.72
N ILE F 275 10.11 -2.56 67.56
CA ILE F 275 10.64 -3.52 66.60
C ILE F 275 11.82 -4.26 67.20
N GLU F 276 12.74 -3.54 67.84
CA GLU F 276 13.90 -4.20 68.44
C GLU F 276 13.48 -5.16 69.53
N ALA F 277 12.53 -4.76 70.37
CA ALA F 277 12.08 -5.64 71.44
C ALA F 277 11.47 -6.92 70.88
N GLY F 278 10.62 -6.79 69.85
CA GLY F 278 10.04 -7.97 69.24
C GLY F 278 11.09 -8.88 68.63
N LEU F 279 12.07 -8.29 67.93
CA LEU F 279 13.14 -9.09 67.35
C LEU F 279 13.93 -9.83 68.42
N TYR F 280 14.25 -9.14 69.51
CA TYR F 280 15.01 -9.79 70.58
C TYR F 280 14.20 -10.92 71.21
N ALA F 281 12.91 -10.71 71.41
CA ALA F 281 12.07 -11.78 71.95
C ALA F 281 12.08 -12.99 71.02
N THR F 282 11.93 -12.74 69.72
CA THR F 282 11.93 -13.85 68.76
C THR F 282 13.25 -14.60 68.81
N GLN F 283 14.37 -13.87 68.81
CA GLN F 283 15.67 -14.53 68.84
C GLN F 283 15.85 -15.33 70.12
N LEU F 284 15.50 -14.75 71.27
CA LEU F 284 15.68 -15.44 72.54
C LEU F 284 14.85 -16.70 72.60
N MET F 285 13.60 -16.65 72.13
CA MET F 285 12.79 -17.86 72.12
C MET F 285 13.33 -18.89 71.14
N THR F 286 13.89 -18.45 70.01
CA THR F 286 14.56 -19.38 69.12
C THR F 286 15.71 -20.08 69.85
N GLU F 287 16.46 -19.32 70.65
CA GLU F 287 17.56 -19.92 71.42
C GLU F 287 17.02 -20.93 72.41
N LEU F 288 15.95 -20.61 73.12
CA LEU F 288 15.39 -21.53 74.11
C LEU F 288 14.48 -22.59 73.49
N SER F 289 14.23 -22.55 72.19
CA SER F 289 13.50 -23.65 71.56
C SER F 289 14.31 -24.93 71.55
N GLU F 290 15.63 -24.83 71.69
CA GLU F 290 16.53 -25.99 71.72
C GLU F 290 17.23 -26.02 73.07
N ARG F 291 17.01 -27.10 73.82
CA ARG F 291 17.62 -27.28 75.13
C ARG F 291 17.34 -26.09 76.04
N GLY F 292 16.11 -25.58 75.98
CA GLY F 292 15.70 -24.43 76.75
C GLY F 292 14.84 -24.82 77.95
N GLU F 293 14.07 -23.84 78.42
CA GLU F 293 13.24 -23.99 79.61
C GLU F 293 11.78 -23.74 79.25
N LYS F 294 10.88 -24.47 79.90
CA LYS F 294 9.45 -24.29 79.70
C LYS F 294 9.02 -22.99 80.37
N LEU F 295 8.94 -21.92 79.60
CA LEU F 295 8.61 -20.62 80.15
C LEU F 295 7.19 -20.61 80.69
N PRO F 296 6.91 -19.82 81.72
CA PRO F 296 5.56 -19.82 82.30
C PRO F 296 4.54 -19.25 81.32
N ALA F 297 3.30 -19.69 81.50
CA ALA F 297 2.24 -19.36 80.54
C ALA F 297 2.07 -17.85 80.40
N ALA F 298 1.98 -17.14 81.53
CA ALA F 298 1.72 -15.70 81.46
C ALA F 298 2.89 -14.97 80.82
N GLN F 299 4.12 -15.26 81.26
CA GLN F 299 5.28 -14.58 80.71
C GLN F 299 5.44 -14.89 79.22
N ARG F 300 5.27 -16.15 78.84
CA ARG F 300 5.38 -16.51 77.43
C ARG F 300 4.31 -15.82 76.60
N ARG F 301 3.07 -15.79 77.09
CA ARG F 301 2.00 -15.11 76.36
C ARG F 301 2.31 -13.64 76.18
N ASP F 302 2.77 -12.98 77.24
CA ASP F 302 3.12 -11.57 77.14
C ASP F 302 4.24 -11.38 76.11
N MET F 303 5.25 -12.24 76.16
CA MET F 303 6.39 -12.08 75.26
C MET F 303 5.99 -12.30 73.80
N MET F 304 5.05 -13.22 73.54
CA MET F 304 4.53 -13.37 72.18
C MET F 304 3.74 -12.15 71.76
N TRP F 305 3.01 -11.54 72.71
CA TRP F 305 2.39 -10.27 72.40
C TRP F 305 3.44 -9.23 71.99
N ILE F 306 4.61 -9.24 72.66
CA ILE F 306 5.65 -8.26 72.31
C ILE F 306 6.18 -8.53 70.90
N CYS F 307 6.43 -9.80 70.57
CA CYS F 307 6.96 -10.12 69.24
C CYS F 307 5.96 -9.74 68.15
N ARG F 308 4.70 -10.09 68.33
CA ARG F 308 3.69 -9.70 67.37
C ARG F 308 3.57 -8.19 67.27
N ASP F 309 3.70 -7.49 68.40
CA ASP F 309 3.70 -6.03 68.36
C ASP F 309 4.89 -5.49 67.60
N GLY F 310 6.04 -6.17 67.68
CA GLY F 310 7.19 -5.74 66.90
C GLY F 310 6.91 -5.80 65.41
N ASP F 311 6.35 -6.92 64.96
CA ASP F 311 6.00 -7.00 63.54
C ASP F 311 4.90 -6.00 63.18
N ARG F 312 3.95 -5.77 64.09
CA ARG F 312 2.92 -4.77 63.87
C ARG F 312 3.53 -3.39 63.68
N ALA F 313 4.51 -3.05 64.52
CA ALA F 313 5.18 -1.76 64.41
C ALA F 313 5.93 -1.65 63.10
N LYS F 314 6.59 -2.72 62.66
CA LYS F 314 7.26 -2.68 61.38
C LYS F 314 6.28 -2.40 60.25
N ASN F 315 5.15 -3.10 60.25
CA ASN F 315 4.13 -2.88 59.22
C ASN F 315 3.60 -1.45 59.28
N HIS F 316 3.36 -0.94 60.49
CA HIS F 316 2.85 0.41 60.64
C HIS F 316 3.83 1.43 60.08
N LEU F 317 5.12 1.27 60.37
CA LEU F 317 6.13 2.19 59.87
C LEU F 317 6.19 2.15 58.35
N LEU F 318 6.22 0.95 57.78
CA LEU F 318 6.29 0.85 56.32
C LEU F 318 5.07 1.49 55.67
N GLU F 319 3.88 1.21 56.22
CA GLU F 319 2.67 1.83 55.69
C GLU F 319 2.73 3.34 55.80
N ALA F 320 3.32 3.85 56.89
CA ALA F 320 3.44 5.28 57.06
C ALA F 320 4.31 5.91 55.99
N ASN F 321 5.46 5.32 55.71
CA ASN F 321 6.42 5.92 54.79
C ASN F 321 6.26 5.46 53.34
N LEU F 322 5.21 4.68 53.04
CA LEU F 322 4.89 4.44 51.63
C LEU F 322 4.72 5.74 50.86
N ARG F 323 4.16 6.76 51.52
CA ARG F 323 4.01 8.06 50.87
C ARG F 323 5.37 8.65 50.53
N LEU F 324 6.34 8.53 51.45
CA LEU F 324 7.69 8.99 51.16
C LEU F 324 8.27 8.25 49.97
N VAL F 325 8.05 6.93 49.91
CA VAL F 325 8.58 6.14 48.81
C VAL F 325 8.00 6.63 47.48
N VAL F 326 6.69 6.89 47.46
CA VAL F 326 6.05 7.34 46.23
C VAL F 326 6.59 8.71 45.83
N SER F 327 6.67 9.63 46.79
CA SER F 327 7.13 10.98 46.49
C SER F 327 8.55 10.96 45.96
N LEU F 328 9.38 10.06 46.50
CA LEU F 328 10.76 9.95 46.02
C LEU F 328 10.80 9.37 44.61
N ALA F 329 10.07 8.27 44.38
CA ALA F 329 10.07 7.64 43.06
C ALA F 329 9.44 8.51 41.99
N LYS F 330 8.68 9.54 42.38
CA LYS F 330 8.13 10.47 41.39
C LYS F 330 9.23 11.04 40.50
N ARG F 331 10.41 11.28 41.06
CA ARG F 331 11.47 11.97 40.33
C ARG F 331 12.25 11.07 39.38
N TYR F 332 11.95 9.76 39.34
CA TYR F 332 12.60 8.83 38.43
C TYR F 332 11.65 8.35 37.33
N THR F 333 10.58 9.09 37.07
CA THR F 333 9.53 8.65 36.16
C THR F 333 9.81 9.11 34.74
N GLY F 334 9.30 8.34 33.78
CA GLY F 334 9.35 8.69 32.38
C GLY F 334 10.50 8.12 31.60
N ARG F 335 11.54 7.64 32.27
CA ARG F 335 12.71 7.06 31.63
C ARG F 335 12.90 5.64 32.12
N GLY F 336 13.31 4.76 31.21
CA GLY F 336 13.70 3.41 31.59
C GLY F 336 12.55 2.45 31.81
N MET F 337 11.87 2.59 32.95
CA MET F 337 10.85 1.62 33.36
C MET F 337 9.56 2.30 33.78
N ALA F 338 8.60 1.50 34.25
CA ALA F 338 7.29 2.01 34.63
C ALA F 338 7.34 2.67 36.00
N PHE F 339 6.20 3.23 36.42
CA PHE F 339 6.09 3.97 37.66
C PHE F 339 5.82 3.05 38.85
N LEU F 340 4.95 2.06 38.67
CA LEU F 340 4.65 1.13 39.76
C LEU F 340 5.84 0.25 40.09
N ASP F 341 6.63 -0.15 39.09
CA ASP F 341 7.85 -0.89 39.36
C ASP F 341 8.80 -0.06 40.20
N LEU F 342 8.92 1.23 39.89
CA LEU F 342 9.74 2.11 40.70
C LEU F 342 9.22 2.17 42.13
N ILE F 343 7.90 2.26 42.29
CA ILE F 343 7.34 2.32 43.64
C ILE F 343 7.66 1.05 44.41
N GLN F 344 7.54 -0.11 43.77
CA GLN F 344 7.79 -1.36 44.49
C GLN F 344 9.26 -1.51 44.84
N GLU F 345 10.16 -1.11 43.94
CA GLU F 345 11.58 -1.13 44.26
C GLU F 345 11.90 -0.17 45.41
N GLY F 346 11.28 1.00 45.41
CA GLY F 346 11.42 1.90 46.54
C GLY F 346 10.88 1.32 47.82
N ASN F 347 9.80 0.55 47.74
CA ASN F 347 9.26 -0.10 48.93
C ASN F 347 10.24 -1.13 49.48
N LEU F 348 10.90 -1.88 48.60
CA LEU F 348 11.96 -2.78 49.04
C LEU F 348 13.09 -2.01 49.71
N GLY F 349 13.49 -0.88 49.11
CA GLY F 349 14.52 -0.07 49.72
C GLY F 349 14.12 0.46 51.07
N LEU F 350 12.85 0.85 51.22
CA LEU F 350 12.37 1.35 52.51
C LEU F 350 12.33 0.25 53.54
N ILE F 351 11.97 -0.97 53.13
CA ILE F 351 12.04 -2.10 54.05
C ILE F 351 13.47 -2.31 54.53
N ARG F 352 14.43 -2.24 53.59
CA ARG F 352 15.83 -2.35 53.98
C ARG F 352 16.23 -1.24 54.95
N ALA F 353 15.79 -0.01 54.68
CA ALA F 353 16.12 1.10 55.57
C ALA F 353 15.57 0.87 56.96
N VAL F 354 14.30 0.44 57.05
CA VAL F 354 13.71 0.17 58.35
C VAL F 354 14.47 -0.95 59.04
N GLU F 355 15.02 -1.89 58.28
CA GLU F 355 15.85 -2.92 58.89
C GLU F 355 17.14 -2.35 59.47
N LYS F 356 17.70 -1.32 58.84
CA LYS F 356 18.98 -0.73 59.23
C LYS F 356 18.80 0.70 59.72
N PHE F 357 17.75 0.97 60.49
CA PHE F 357 17.47 2.31 60.99
C PHE F 357 17.81 2.38 62.47
N ASP F 358 18.60 3.39 62.85
CA ASP F 358 19.01 3.61 64.22
C ASP F 358 18.47 4.94 64.70
N TYR F 359 17.86 4.93 65.89
CA TYR F 359 17.36 6.16 66.51
C TYR F 359 18.29 6.71 67.56
N THR F 360 19.17 5.89 68.15
CA THR F 360 20.11 6.39 69.14
C THR F 360 21.00 7.47 68.54
N LYS F 361 21.25 7.41 67.23
CA LYS F 361 21.92 8.50 66.55
C LYS F 361 21.05 9.75 66.46
N GLY F 362 19.77 9.64 66.81
CA GLY F 362 18.91 10.81 66.96
C GLY F 362 18.72 11.59 65.68
N TYR F 363 18.28 10.93 64.63
CA TYR F 363 18.07 11.59 63.34
C TYR F 363 16.71 11.19 62.79
N LYS F 364 16.12 12.09 62.02
CA LYS F 364 14.80 11.84 61.44
C LYS F 364 14.85 10.63 60.53
N PHE F 365 13.77 9.85 60.54
CA PHE F 365 13.70 8.63 59.74
C PHE F 365 13.81 8.95 58.25
N SER F 366 13.14 10.02 57.80
CA SER F 366 13.12 10.34 56.38
C SER F 366 14.53 10.56 55.84
N THR F 367 15.36 11.28 56.59
CA THR F 367 16.72 11.58 56.12
C THR F 367 17.46 10.29 55.80
N TYR F 368 17.37 9.30 56.68
CA TYR F 368 18.08 8.04 56.46
C TYR F 368 17.44 7.22 55.35
N ALA F 369 16.11 7.08 55.38
CA ALA F 369 15.44 6.21 54.43
C ALA F 369 15.49 6.76 53.01
N THR F 370 15.67 8.07 52.84
CA THR F 370 15.75 8.63 51.50
C THR F 370 16.91 8.05 50.72
N TRP F 371 18.08 7.94 51.37
CA TRP F 371 19.24 7.41 50.67
C TRP F 371 19.06 5.94 50.30
N TRP F 372 18.47 5.15 51.21
CA TRP F 372 18.23 3.75 50.90
C TRP F 372 17.24 3.59 49.75
N ILE F 373 16.18 4.39 49.75
CA ILE F 373 15.19 4.30 48.67
C ILE F 373 15.82 4.74 47.35
N ARG F 374 16.60 5.82 47.38
CA ARG F 374 17.31 6.25 46.17
C ARG F 374 18.20 5.14 45.64
N GLN F 375 18.95 4.50 46.54
CA GLN F 375 19.86 3.43 46.12
C GLN F 375 19.08 2.27 45.51
N ALA F 376 17.98 1.86 46.14
CA ALA F 376 17.20 0.75 45.62
C ALA F 376 16.63 1.08 44.24
N ILE F 377 16.06 2.27 44.09
CA ILE F 377 15.48 2.65 42.81
C ILE F 377 16.56 2.72 41.74
N THR F 378 17.71 3.30 42.06
CA THR F 378 18.79 3.41 41.07
C THR F 378 19.32 2.04 40.68
N ARG F 379 19.47 1.14 41.65
CA ARG F 379 19.93 -0.22 41.33
C ARG F 379 18.92 -0.94 40.45
N ALA F 380 17.63 -0.80 40.75
CA ALA F 380 16.61 -1.44 39.91
C ALA F 380 16.63 -0.86 38.50
N MET F 381 16.80 0.45 38.37
CA MET F 381 16.96 1.05 37.06
C MET F 381 18.16 0.46 36.34
N ALA F 382 19.26 0.27 37.05
CA ALA F 382 20.45 -0.31 36.43
C ALA F 382 20.17 -1.73 35.94
N ASP F 383 19.46 -2.52 36.72
CA ASP F 383 19.24 -3.91 36.38
C ASP F 383 18.07 -4.12 35.43
N GLN F 384 16.86 -3.82 35.88
CA GLN F 384 15.64 -4.20 35.18
C GLN F 384 15.07 -3.06 34.33
N ALA F 385 15.92 -2.48 33.48
CA ALA F 385 15.49 -1.41 32.59
C ALA F 385 15.89 -1.59 31.14
N ARG F 386 16.85 -2.46 30.84
CA ARG F 386 17.40 -2.63 29.50
C ARG F 386 17.28 -4.08 29.09
N THR F 387 16.82 -4.31 27.85
CA THR F 387 16.56 -5.67 27.42
C THR F 387 17.82 -6.52 27.46
N ILE F 388 18.96 -5.92 27.13
CA ILE F 388 20.26 -6.57 27.27
C ILE F 388 20.91 -5.99 28.52
N ARG F 389 20.97 -6.79 29.58
CA ARG F 389 21.38 -6.28 30.88
C ARG F 389 22.86 -5.93 30.87
N ILE F 390 23.15 -4.65 31.07
CA ILE F 390 24.52 -4.20 31.31
C ILE F 390 24.73 -4.20 32.83
N PRO F 391 25.71 -4.94 33.37
CA PRO F 391 25.89 -4.96 34.83
C PRO F 391 26.07 -3.56 35.42
N VAL F 392 26.00 -3.46 36.75
CA VAL F 392 25.82 -2.13 37.37
C VAL F 392 27.00 -1.23 37.08
N HIS F 393 28.23 -1.70 37.29
CA HIS F 393 29.37 -0.80 37.20
C HIS F 393 29.47 -0.19 35.82
N MET F 394 29.23 -1.02 34.80
CA MET F 394 29.12 -0.51 33.46
C MET F 394 27.98 0.51 33.37
N VAL F 395 26.84 0.22 34.00
CA VAL F 395 25.70 1.14 33.92
C VAL F 395 26.09 2.50 34.47
N GLU F 396 26.78 2.51 35.61
CA GLU F 396 27.18 3.76 36.23
C GLU F 396 28.17 4.51 35.35
N VAL F 397 29.13 3.82 34.74
CA VAL F 397 30.10 4.53 33.93
C VAL F 397 29.42 5.12 32.68
N ILE F 398 28.47 4.40 32.09
CA ILE F 398 27.75 4.95 30.93
C ILE F 398 26.88 6.13 31.35
N ASN F 399 26.17 6.01 32.46
CA ASN F 399 25.36 7.14 32.92
C ASN F 399 26.24 8.35 33.17
N LYS F 400 27.44 8.11 33.72
CA LYS F 400 28.42 9.18 33.89
C LYS F 400 28.79 9.80 32.55
N LEU F 401 29.15 8.97 31.57
CA LEU F 401 29.47 9.48 30.24
C LEU F 401 28.36 10.35 29.69
N GLY F 402 27.12 9.89 29.83
CA GLY F 402 25.99 10.67 29.34
C GLY F 402 25.90 12.02 30.04
N ARG F 403 26.05 12.02 31.36
CA ARG F 403 25.99 13.29 32.08
C ARG F 403 27.13 14.21 31.69
N ILE F 404 28.34 13.68 31.54
CA ILE F 404 29.49 14.50 31.20
C ILE F 404 29.33 15.08 29.81
N GLN F 405 28.87 14.28 28.85
CA GLN F 405 28.67 14.84 27.52
C GLN F 405 27.52 15.85 27.53
N ARG F 406 26.54 15.67 28.42
CA ARG F 406 25.48 16.66 28.55
C ARG F 406 26.02 17.99 29.07
N GLU F 407 26.90 17.94 30.07
CA GLU F 407 27.45 19.18 30.61
C GLU F 407 28.40 19.85 29.63
N LEU F 408 29.26 19.06 28.98
CA LEU F 408 30.12 19.61 27.94
C LEU F 408 29.31 20.05 26.73
N LEU F 409 28.07 19.56 26.60
CA LEU F 409 27.14 20.09 25.61
C LEU F 409 26.60 21.44 26.05
N GLN F 410 26.33 21.57 27.35
CA GLN F 410 25.91 22.86 27.91
C GLN F 410 27.00 23.92 27.75
N ASP F 411 28.27 23.50 27.82
CA ASP F 411 29.38 24.45 27.75
C ASP F 411 29.87 24.66 26.32
N LEU F 412 30.40 23.59 25.70
CA LEU F 412 30.94 23.69 24.35
C LEU F 412 29.86 23.96 23.30
N GLY F 413 28.62 23.60 23.58
CA GLY F 413 27.53 23.83 22.65
C GLY F 413 27.37 22.73 21.63
N ARG F 414 28.41 22.48 20.84
CA ARG F 414 28.42 21.29 19.99
C ARG F 414 28.69 20.07 20.85
N GLU F 415 28.15 18.92 20.43
CA GLU F 415 28.33 17.70 21.20
C GLU F 415 29.83 17.47 21.40
N PRO F 416 30.30 17.31 22.62
CA PRO F 416 31.73 17.08 22.83
C PRO F 416 32.22 15.87 22.05
N THR F 417 33.35 16.05 21.37
CA THR F 417 33.97 14.97 20.63
C THR F 417 34.64 13.99 21.60
N PRO F 418 34.82 12.72 21.20
CA PRO F 418 35.37 11.70 22.13
C PRO F 418 36.54 12.17 22.99
N GLU F 419 37.35 13.09 22.48
CA GLU F 419 38.52 13.56 23.22
C GLU F 419 38.08 14.22 24.52
N GLU F 420 37.06 15.08 24.45
CA GLU F 420 36.61 15.81 25.64
C GLU F 420 36.12 14.85 26.70
N LEU F 421 35.30 13.87 26.31
CA LEU F 421 34.79 12.90 27.27
C LEU F 421 35.91 12.08 27.88
N ALA F 422 36.82 11.58 27.04
CA ALA F 422 37.93 10.78 27.55
C ALA F 422 38.71 11.57 28.59
N LYS F 423 38.95 12.86 28.32
CA LYS F 423 39.65 13.68 29.30
C LYS F 423 38.84 13.84 30.58
N GLU F 424 37.56 14.14 30.46
CA GLU F 424 36.72 14.37 31.63
C GLU F 424 36.43 13.09 32.42
N MET F 425 36.78 11.93 31.90
CA MET F 425 36.41 10.66 32.49
C MET F 425 37.61 9.80 32.89
N ASP F 426 38.84 10.26 32.63
CA ASP F 426 40.04 9.57 33.09
C ASP F 426 40.09 8.13 32.58
N ILE F 427 39.68 7.93 31.32
CA ILE F 427 39.81 6.65 30.65
C ILE F 427 40.29 6.91 29.23
N THR F 428 40.83 5.88 28.60
CA THR F 428 41.31 6.04 27.24
C THR F 428 40.14 6.33 26.31
N PRO F 429 40.32 7.16 25.27
CA PRO F 429 39.18 7.49 24.40
C PRO F 429 38.49 6.28 23.79
N GLU F 430 39.27 5.26 23.43
CA GLU F 430 38.69 4.01 22.97
C GLU F 430 37.73 3.46 24.01
N LYS F 431 38.01 3.74 25.28
CA LYS F 431 37.09 3.30 26.33
C LYS F 431 35.78 4.07 26.23
N VAL F 432 35.84 5.37 25.91
CA VAL F 432 34.62 6.11 25.65
C VAL F 432 33.84 5.43 24.52
N LEU F 433 34.55 5.05 23.46
CA LEU F 433 33.89 4.36 22.35
C LEU F 433 33.14 3.12 22.83
N GLU F 434 33.82 2.27 23.60
CA GLU F 434 33.20 1.00 24.00
C GLU F 434 32.08 1.25 25.03
N ILE F 435 32.25 2.27 25.88
CA ILE F 435 31.22 2.57 26.87
C ILE F 435 29.94 3.03 26.17
N GLN F 436 30.07 3.76 25.06
CA GLN F 436 28.88 4.12 24.29
C GLN F 436 28.43 3.02 23.32
N GLN F 437 29.27 2.04 23.03
CA GLN F 437 28.85 0.90 22.22
C GLN F 437 28.04 -0.11 23.03
N TYR F 438 28.42 -0.34 24.28
CA TYR F 438 27.68 -1.27 25.12
C TYR F 438 26.28 -0.74 25.42
N ALA F 439 26.09 0.58 25.36
CA ALA F 439 24.84 1.22 25.77
C ALA F 439 23.91 1.52 24.61
N ARG F 440 23.99 0.76 23.54
CA ARG F 440 23.13 0.96 22.39
C ARG F 440 21.86 0.14 22.60
N GLU F 441 20.76 0.83 22.91
CA GLU F 441 19.54 0.14 23.24
C GLU F 441 19.02 -0.61 22.01
N PRO F 442 18.49 -1.83 22.18
CA PRO F 442 17.90 -2.52 21.04
C PRO F 442 16.74 -1.74 20.44
N ILE F 443 16.27 -2.21 19.29
CA ILE F 443 15.08 -1.67 18.64
C ILE F 443 14.05 -2.78 18.62
N SER F 444 12.88 -2.50 18.04
CA SER F 444 11.79 -3.47 18.00
C SER F 444 11.55 -3.86 16.55
N LEU F 445 11.58 -5.16 16.26
CA LEU F 445 11.25 -5.63 14.91
C LEU F 445 9.76 -5.62 14.63
N ASP F 446 8.96 -5.02 15.52
CA ASP F 446 7.53 -4.86 15.33
C ASP F 446 7.15 -3.39 15.19
N GLN F 447 8.08 -2.57 14.71
CA GLN F 447 7.80 -1.16 14.41
C GLN F 447 7.28 -1.04 12.99
N THR F 448 6.12 -0.43 12.82
CA THR F 448 5.63 -0.10 11.49
C THR F 448 6.57 0.93 10.88
N ILE F 449 7.39 0.50 9.92
CA ILE F 449 8.43 1.37 9.39
C ILE F 449 7.83 2.55 8.64
N GLY F 450 6.59 2.42 8.15
CA GLY F 450 5.93 3.50 7.45
C GLY F 450 5.97 4.80 8.21
N ASP F 451 5.27 4.86 9.35
CA ASP F 451 5.34 5.99 10.25
C ASP F 451 4.45 5.76 11.46
N ASP F 454 1.97 -0.61 7.74
CA ASP F 454 1.62 -1.79 6.95
C ASP F 454 2.78 -2.79 6.92
N SER F 455 4.00 -2.29 7.14
CA SER F 455 5.20 -3.11 7.09
C SER F 455 5.96 -2.95 8.40
N GLN F 456 6.12 -4.04 9.13
CA GLN F 456 6.93 -4.05 10.34
C GLN F 456 8.36 -4.37 9.97
N LEU F 457 9.30 -3.84 10.75
CA LEU F 457 10.72 -4.03 10.47
C LEU F 457 11.08 -5.51 10.43
N GLY F 458 10.26 -6.36 11.04
CA GLY F 458 10.56 -7.78 11.09
C GLY F 458 10.60 -8.45 9.73
N ASP F 459 9.67 -8.13 8.84
CA ASP F 459 9.58 -8.77 7.53
C ASP F 459 10.39 -8.02 6.48
N PHE F 460 11.35 -7.22 6.92
CA PHE F 460 12.36 -6.63 6.03
C PHE F 460 13.75 -7.16 6.31
N ILE F 461 13.89 -8.12 7.23
CA ILE F 461 15.19 -8.60 7.70
C ILE F 461 15.37 -10.02 7.20
N GLU F 462 16.48 -10.27 6.51
CA GLU F 462 16.74 -11.56 5.89
C GLU F 462 17.40 -12.49 6.90
N ASP F 463 16.84 -13.69 7.06
CA ASP F 463 17.53 -14.72 7.80
C ASP F 463 18.81 -15.08 7.07
N SER F 464 19.95 -14.69 7.64
CA SER F 464 21.25 -14.92 7.01
C SER F 464 21.85 -16.26 7.40
N GLU F 465 21.04 -17.18 7.93
CA GLU F 465 21.53 -18.50 8.34
C GLU F 465 20.53 -19.56 7.91
N ALA F 466 19.90 -19.38 6.76
CA ALA F 466 18.95 -20.32 6.20
C ALA F 466 19.64 -21.09 5.08
N VAL F 467 19.24 -22.35 4.88
CA VAL F 467 19.78 -23.14 3.78
C VAL F 467 19.47 -22.37 2.51
N VAL F 468 20.50 -21.88 1.83
CA VAL F 468 20.29 -21.01 0.67
C VAL F 468 19.83 -21.80 -0.56
N ALA F 469 19.86 -23.14 -0.49
CA ALA F 469 19.26 -24.01 -1.49
C ALA F 469 20.05 -24.07 -2.78
N VAL F 470 21.09 -23.25 -2.91
CA VAL F 470 22.01 -23.37 -4.05
C VAL F 470 23.36 -23.87 -3.57
N ASP F 471 23.87 -23.29 -2.48
CA ASP F 471 25.05 -23.85 -1.84
C ASP F 471 24.78 -25.24 -1.29
N ALA F 472 23.52 -25.55 -0.96
CA ALA F 472 23.19 -26.89 -0.50
C ALA F 472 23.39 -27.93 -1.61
N VAL F 473 22.81 -27.67 -2.78
CA VAL F 473 23.01 -28.59 -3.91
C VAL F 473 24.47 -28.56 -4.35
N SER F 474 25.11 -27.40 -4.26
CA SER F 474 26.53 -27.31 -4.60
C SER F 474 27.35 -28.21 -3.71
N PHE F 475 27.06 -28.20 -2.41
CA PHE F 475 27.78 -29.07 -1.47
C PHE F 475 27.47 -30.53 -1.74
N THR F 476 26.22 -30.85 -2.06
CA THR F 476 25.87 -32.24 -2.37
C THR F 476 26.66 -32.74 -3.57
N LEU F 477 26.66 -31.97 -4.66
CA LEU F 477 27.40 -32.36 -5.84
C LEU F 477 28.91 -32.36 -5.59
N LEU F 478 29.39 -31.46 -4.73
CA LEU F 478 30.80 -31.45 -4.36
C LEU F 478 31.18 -32.74 -3.67
N GLN F 479 30.37 -33.18 -2.70
CA GLN F 479 30.63 -34.43 -2.02
C GLN F 479 30.59 -35.60 -3.00
N ASP F 480 29.60 -35.59 -3.90
CA ASP F 480 29.49 -36.67 -4.89
C ASP F 480 30.73 -36.76 -5.76
N GLN F 481 31.14 -35.64 -6.35
CA GLN F 481 32.28 -35.64 -7.25
C GLN F 481 33.59 -35.91 -6.50
N LEU F 482 33.70 -35.41 -5.27
CA LEU F 482 34.88 -35.71 -4.47
C LEU F 482 34.96 -37.21 -4.18
N GLN F 483 33.83 -37.83 -3.84
CA GLN F 483 33.82 -39.27 -3.63
C GLN F 483 34.23 -40.02 -4.88
N SER F 484 33.72 -39.60 -6.04
CA SER F 484 34.10 -40.27 -7.29
C SER F 484 35.60 -40.15 -7.55
N VAL F 485 36.12 -38.93 -7.51
CA VAL F 485 37.53 -38.72 -7.83
C VAL F 485 38.41 -39.44 -6.82
N LEU F 486 37.97 -39.55 -5.57
CA LEU F 486 38.70 -40.34 -4.59
C LEU F 486 38.67 -41.82 -4.98
N ASP F 487 37.52 -42.32 -5.42
CA ASP F 487 37.45 -43.71 -5.86
C ASP F 487 38.37 -43.98 -7.04
N THR F 488 38.73 -42.95 -7.82
CA THR F 488 39.66 -43.17 -8.92
C THR F 488 41.02 -43.67 -8.41
N LEU F 489 41.60 -42.98 -7.43
CA LEU F 489 42.93 -43.34 -6.97
C LEU F 489 42.90 -44.67 -6.21
N SER F 490 44.10 -45.17 -5.90
CA SER F 490 44.23 -46.47 -5.25
C SER F 490 43.51 -46.47 -3.91
N GLU F 491 43.07 -47.66 -3.49
CA GLU F 491 42.19 -47.77 -2.33
C GLU F 491 42.87 -47.28 -1.06
N ARG F 492 44.11 -47.71 -0.82
CA ARG F 492 44.83 -47.29 0.38
C ARG F 492 44.96 -45.78 0.43
N GLU F 493 45.25 -45.18 -0.72
CA GLU F 493 45.36 -43.72 -0.82
C GLU F 493 44.05 -43.06 -0.40
N ALA F 494 42.94 -43.55 -0.94
CA ALA F 494 41.63 -43.03 -0.55
C ALA F 494 41.43 -43.12 0.95
N GLY F 495 41.75 -44.29 1.52
CA GLY F 495 41.55 -44.48 2.95
C GLY F 495 42.34 -43.48 3.78
N VAL F 496 43.61 -43.28 3.41
CA VAL F 496 44.46 -42.40 4.23
C VAL F 496 43.94 -40.97 4.17
N VAL F 497 43.61 -40.47 2.97
CA VAL F 497 43.14 -39.09 2.90
C VAL F 497 41.81 -38.95 3.63
N ARG F 498 40.88 -39.89 3.41
CA ARG F 498 39.60 -39.88 4.11
C ARG F 498 39.80 -39.75 5.61
N LEU F 499 40.47 -40.73 6.22
CA LEU F 499 40.62 -40.70 7.67
C LEU F 499 41.52 -39.59 8.16
N ARG F 500 42.30 -38.95 7.28
CA ARG F 500 43.04 -37.77 7.67
C ARG F 500 42.12 -36.57 7.85
N PHE F 501 41.22 -36.32 6.91
CA PHE F 501 40.31 -35.18 7.05
C PHE F 501 38.99 -35.54 7.69
N GLY F 502 38.79 -36.80 8.08
CA GLY F 502 37.54 -37.20 8.73
C GLY F 502 36.34 -37.11 7.83
N LEU F 503 36.52 -37.37 6.53
CA LEU F 503 35.39 -37.35 5.61
C LEU F 503 34.44 -38.51 5.86
N THR F 504 34.98 -39.68 6.24
CA THR F 504 34.15 -40.87 6.35
C THR F 504 33.08 -40.72 7.43
N ASP F 505 33.44 -40.14 8.58
CA ASP F 505 32.48 -40.01 9.68
C ASP F 505 32.59 -38.68 10.42
N GLY F 506 33.35 -37.71 9.91
CA GLY F 506 33.44 -36.40 10.52
C GLY F 506 34.47 -36.25 11.62
N GLN F 507 35.29 -37.27 11.86
CA GLN F 507 36.31 -37.22 12.90
C GLN F 507 37.69 -37.18 12.27
N PRO F 508 38.39 -36.05 12.24
CA PRO F 508 39.76 -36.03 11.71
C PRO F 508 40.79 -36.43 12.74
N ARG F 509 41.80 -37.17 12.30
CA ARG F 509 42.89 -37.61 13.15
C ARG F 509 44.22 -37.37 12.45
N THR F 510 45.29 -37.57 13.21
CA THR F 510 46.64 -37.30 12.74
C THR F 510 47.29 -38.58 12.21
N LEU F 511 48.58 -38.49 11.92
CA LEU F 511 49.33 -39.62 11.37
C LEU F 511 49.36 -40.80 12.33
N ASP F 512 49.53 -40.54 13.63
CA ASP F 512 49.73 -41.61 14.60
C ASP F 512 48.53 -42.55 14.66
N GLU F 513 47.32 -41.98 14.62
CA GLU F 513 46.11 -42.81 14.78
C GLU F 513 45.96 -43.75 13.59
N ILE F 514 46.07 -43.20 12.38
CA ILE F 514 45.97 -44.02 11.18
C ILE F 514 47.08 -45.07 11.15
N GLY F 515 48.28 -44.71 11.62
CA GLY F 515 49.33 -45.71 11.73
C GLY F 515 48.96 -46.84 12.68
N GLN F 516 48.34 -46.49 13.82
CA GLN F 516 47.94 -47.49 14.79
C GLN F 516 46.88 -48.43 14.21
N VAL F 517 45.85 -47.87 13.59
CA VAL F 517 44.72 -48.68 13.13
C VAL F 517 45.15 -49.65 12.04
N TYR F 518 46.02 -49.22 11.13
CA TYR F 518 46.56 -50.11 10.09
C TYR F 518 47.79 -50.87 10.54
N GLY F 519 48.24 -50.68 11.78
CA GLY F 519 49.41 -51.39 12.27
C GLY F 519 50.68 -51.07 11.51
N VAL F 520 50.88 -49.80 11.18
CA VAL F 520 52.07 -49.34 10.48
C VAL F 520 52.58 -48.09 11.17
N THR F 521 53.89 -47.88 11.12
CA THR F 521 54.49 -46.70 11.73
C THR F 521 53.90 -45.43 11.15
N ARG F 522 53.98 -44.35 11.93
CA ARG F 522 53.40 -43.07 11.53
C ARG F 522 53.92 -42.59 10.19
N GLU F 523 55.19 -42.86 9.91
CA GLU F 523 55.86 -42.24 8.78
C GLU F 523 55.31 -42.74 7.45
N ARG F 524 54.90 -44.01 7.40
CA ARG F 524 54.36 -44.55 6.16
C ARG F 524 53.07 -43.84 5.78
N ILE F 525 52.21 -43.62 6.76
CA ILE F 525 50.99 -42.89 6.49
C ILE F 525 51.31 -41.49 6.00
N ARG F 526 52.28 -40.83 6.65
CA ARG F 526 52.67 -39.51 6.17
C ARG F 526 53.11 -39.55 4.70
N GLN F 527 53.94 -40.54 4.35
CA GLN F 527 54.48 -40.63 3.00
C GLN F 527 53.37 -40.86 1.98
N ILE F 528 52.50 -41.83 2.25
CA ILE F 528 51.43 -42.10 1.30
C ILE F 528 50.51 -40.89 1.18
N GLU F 529 50.31 -40.15 2.28
CA GLU F 529 49.51 -38.94 2.22
C GLU F 529 50.12 -37.93 1.26
N SER F 530 51.45 -37.76 1.34
CA SER F 530 52.11 -36.82 0.44
C SER F 530 51.92 -37.25 -1.01
N LYS F 531 52.08 -38.55 -1.28
CA LYS F 531 51.88 -39.04 -2.65
C LYS F 531 50.46 -38.80 -3.11
N THR F 532 49.48 -39.00 -2.22
CA THR F 532 48.08 -38.78 -2.56
C THR F 532 47.82 -37.33 -2.94
N MET F 533 48.34 -36.40 -2.13
CA MET F 533 48.15 -34.99 -2.44
C MET F 533 48.77 -34.67 -3.79
N SER F 534 49.98 -35.16 -4.04
CA SER F 534 50.64 -34.88 -5.31
C SER F 534 49.82 -35.40 -6.48
N LYS F 535 49.28 -36.61 -6.35
CA LYS F 535 48.45 -37.17 -7.43
C LYS F 535 47.19 -36.34 -7.65
N LEU F 536 46.44 -36.07 -6.57
CA LEU F 536 45.18 -35.35 -6.71
C LEU F 536 45.38 -33.93 -7.19
N ARG F 537 46.57 -33.36 -7.01
CA ARG F 537 46.81 -32.00 -7.48
C ARG F 537 47.01 -31.95 -8.99
N HIS F 538 47.29 -33.10 -9.62
CA HIS F 538 47.53 -33.19 -11.05
C HIS F 538 46.37 -32.56 -11.81
N PRO F 539 46.63 -31.80 -12.89
CA PRO F 539 45.52 -31.14 -13.62
C PRO F 539 44.39 -32.08 -14.02
N SER F 540 44.68 -33.37 -14.11
CA SER F 540 43.69 -34.35 -14.51
C SER F 540 42.51 -34.37 -13.53
N ARG F 541 42.82 -34.37 -12.23
CA ARG F 541 41.81 -34.51 -11.19
C ARG F 541 41.59 -33.19 -10.44
N SER F 542 41.85 -32.08 -11.10
CA SER F 542 41.62 -30.75 -10.53
C SER F 542 40.51 -29.99 -11.23
N GLN F 543 40.43 -30.10 -12.56
CA GLN F 543 39.31 -29.50 -13.28
C GLN F 543 37.98 -30.15 -12.96
N VAL F 544 38.00 -31.35 -12.39
CA VAL F 544 36.78 -32.01 -11.89
C VAL F 544 36.49 -31.61 -10.46
N LEU F 545 37.31 -30.74 -9.86
CA LEU F 545 37.11 -30.32 -8.50
C LEU F 545 37.23 -28.82 -8.30
N ARG F 546 37.71 -28.06 -9.29
CA ARG F 546 37.67 -26.61 -9.23
C ARG F 546 36.21 -26.15 -9.38
N ASP F 547 35.99 -24.85 -9.22
CA ASP F 547 34.67 -24.21 -9.22
C ASP F 547 33.86 -24.60 -7.99
N TYR F 548 34.45 -25.34 -7.05
CA TYR F 548 33.84 -25.64 -5.77
C TYR F 548 34.55 -24.94 -4.61
N LEU F 549 35.67 -24.29 -4.88
CA LEU F 549 36.44 -23.58 -3.86
C LEU F 549 36.25 -22.08 -3.97
N VAL G 5 18.99 -5.08 1.90
CA VAL G 5 18.29 -5.70 3.02
C VAL G 5 19.07 -5.45 4.30
N LEU G 6 18.36 -5.32 5.43
CA LEU G 6 19.03 -5.12 6.70
C LEU G 6 19.89 -6.31 7.10
N ARG G 7 19.55 -7.51 6.64
CA ARG G 7 20.42 -8.67 6.75
C ARG G 7 20.86 -8.89 8.20
N GLY G 8 19.93 -9.29 9.06
CA GLY G 8 20.24 -9.65 10.42
C GLY G 8 20.61 -11.11 10.56
N SER G 9 21.05 -11.46 11.78
CA SER G 9 21.42 -12.82 12.11
C SER G 9 20.98 -13.14 13.53
N ARG G 10 20.67 -14.41 13.77
CA ARG G 10 20.37 -14.91 15.10
C ARG G 10 21.61 -15.24 15.90
N LEU G 11 22.79 -14.79 15.44
CA LEU G 11 24.04 -15.29 15.98
C LEU G 11 24.05 -16.81 15.82
N GLY G 12 24.95 -17.51 16.50
CA GLY G 12 25.04 -18.93 16.22
C GLY G 12 25.43 -19.13 14.78
N ALA G 13 25.01 -20.27 14.21
CA ALA G 13 25.30 -20.58 12.82
C ALA G 13 24.56 -21.84 12.38
N VAL G 14 24.83 -22.27 11.14
CA VAL G 14 24.33 -23.53 10.61
C VAL G 14 25.54 -24.46 10.46
N SER G 15 25.25 -25.76 10.40
CA SER G 15 26.29 -26.75 10.13
C SER G 15 25.66 -27.92 9.39
N TYR G 16 25.75 -27.88 8.05
CA TYR G 16 25.42 -29.08 7.28
C TYR G 16 26.46 -30.15 7.57
N GLU G 17 26.07 -31.19 8.29
CA GLU G 17 26.93 -32.35 8.50
C GLU G 17 26.00 -33.55 8.42
N THR G 18 26.27 -34.44 7.45
CA THR G 18 25.37 -35.53 7.13
C THR G 18 24.90 -36.23 8.40
N ASP G 19 23.60 -36.15 8.68
CA ASP G 19 23.09 -36.69 9.92
C ASP G 19 23.32 -38.19 9.98
N ARG G 20 23.87 -38.66 11.10
CA ARG G 20 24.16 -40.06 11.32
C ARG G 20 23.33 -40.54 12.50
N ASN G 21 22.66 -41.68 12.31
CA ASN G 21 21.97 -42.37 13.39
C ASN G 21 22.59 -43.73 13.68
N HIS G 22 23.69 -44.09 13.01
CA HIS G 22 24.23 -45.43 13.13
C HIS G 22 25.38 -45.52 14.14
N ASP G 23 26.47 -44.80 13.89
CA ASP G 23 27.60 -44.79 14.82
C ASP G 23 27.51 -43.57 15.72
N LEU G 24 27.00 -43.76 16.93
CA LEU G 24 26.72 -42.66 17.85
C LEU G 24 27.44 -42.91 19.16
N ALA G 25 27.82 -41.82 19.82
CA ALA G 25 28.58 -41.93 21.05
C ALA G 25 27.75 -42.65 22.12
N PRO G 26 28.37 -43.44 22.98
CA PRO G 26 27.60 -44.20 23.98
C PRO G 26 27.10 -43.27 25.09
N ARG G 27 25.92 -43.59 25.61
CA ARG G 27 25.23 -42.76 26.59
C ARG G 27 24.80 -43.59 27.78
N GLN G 28 24.67 -42.92 28.93
CA GLN G 28 24.28 -43.57 30.19
C GLN G 28 23.22 -42.67 30.84
N ILE G 29 21.95 -43.02 30.62
CA ILE G 29 20.85 -42.25 31.19
C ILE G 29 21.01 -42.22 32.70
N ALA G 30 20.99 -41.02 33.26
CA ALA G 30 21.11 -40.81 34.70
C ALA G 30 19.80 -40.25 35.24
N ARG G 31 19.24 -40.92 36.24
CA ARG G 31 17.98 -40.50 36.83
C ARG G 31 18.27 -39.55 37.99
N TYR G 32 17.49 -38.48 38.09
CA TYR G 32 17.55 -37.54 39.19
C TYR G 32 16.15 -37.42 39.79
N ARG G 33 16.08 -37.05 41.06
CA ARG G 33 14.79 -36.92 41.76
C ARG G 33 14.72 -35.55 42.41
N THR G 34 13.69 -34.79 42.09
CA THR G 34 13.48 -33.48 42.68
C THR G 34 12.85 -33.63 44.07
N ASP G 35 12.51 -32.50 44.68
CA ASP G 35 11.86 -32.52 45.98
C ASP G 35 10.44 -33.06 45.88
N ASN G 36 9.70 -32.66 44.84
CA ASN G 36 8.31 -33.11 44.71
C ASN G 36 8.22 -34.47 44.05
N GLY G 37 9.00 -35.43 44.54
CA GLY G 37 8.96 -36.80 44.08
C GLY G 37 8.85 -37.00 42.57
N GLU G 38 9.51 -36.14 41.79
CA GLU G 38 9.48 -36.22 40.34
C GLU G 38 10.84 -36.65 39.82
N GLU G 39 10.89 -37.86 39.25
CA GLU G 39 12.06 -38.36 38.58
C GLU G 39 12.27 -37.65 37.23
N PHE G 40 13.52 -37.66 36.77
CA PHE G 40 13.89 -36.97 35.54
C PHE G 40 15.13 -37.65 34.97
N GLU G 41 15.00 -38.19 33.77
CA GLU G 41 16.14 -38.81 33.10
C GLU G 41 16.98 -37.76 32.38
N VAL G 42 18.28 -37.98 32.36
CA VAL G 42 19.23 -37.06 31.74
C VAL G 42 20.28 -37.88 31.01
N PRO G 43 20.34 -37.86 29.66
CA PRO G 43 21.35 -38.66 28.96
C PRO G 43 22.74 -38.03 28.95
N PHE G 44 23.49 -38.24 30.04
CA PHE G 44 24.88 -37.81 30.07
C PHE G 44 25.75 -38.81 29.32
N ALA G 45 26.89 -38.33 28.85
CA ALA G 45 27.88 -39.19 28.20
C ALA G 45 28.67 -39.97 29.25
N ASP G 46 29.08 -41.19 28.89
CA ASP G 46 29.75 -42.05 29.85
C ASP G 46 31.06 -41.44 30.31
N ASP G 47 31.80 -40.80 29.40
CA ASP G 47 33.13 -40.29 29.71
C ASP G 47 33.05 -38.96 30.45
N ALA G 48 32.29 -38.92 31.54
CA ALA G 48 32.19 -37.74 32.38
C ALA G 48 31.44 -38.12 33.64
N GLU G 49 31.93 -37.65 34.79
CA GLU G 49 31.26 -37.95 36.04
C GLU G 49 29.83 -37.40 36.00
N ILE G 50 28.89 -38.19 36.49
CA ILE G 50 27.49 -37.77 36.54
C ILE G 50 27.35 -36.79 37.69
N PRO G 51 26.99 -35.53 37.46
CA PRO G 51 26.88 -34.59 38.59
C PRO G 51 25.85 -35.06 39.61
N GLY G 52 26.04 -34.59 40.84
CA GLY G 52 25.15 -34.95 41.94
C GLY G 52 23.90 -34.12 42.08
N THR G 53 23.78 -33.03 41.32
CA THR G 53 22.60 -32.17 41.39
C THR G 53 22.36 -31.56 40.02
N TRP G 54 21.12 -31.67 39.53
CA TRP G 54 20.75 -31.16 38.22
C TRP G 54 19.53 -30.27 38.35
N LEU G 55 19.54 -29.12 37.67
CA LEU G 55 18.35 -28.28 37.60
C LEU G 55 17.42 -28.88 36.57
N CYS G 56 16.44 -29.65 37.06
CA CYS G 56 15.61 -30.46 36.18
C CYS G 56 14.59 -29.59 35.45
N ARG G 57 13.85 -30.24 34.54
CA ARG G 57 12.80 -29.55 33.81
C ARG G 57 11.75 -28.98 34.76
N ASN G 58 11.61 -29.57 35.96
CA ASN G 58 10.64 -29.08 36.91
C ASN G 58 10.93 -27.63 37.32
N GLY G 59 12.18 -27.18 37.13
CA GLY G 59 12.60 -25.86 37.54
C GLY G 59 13.26 -25.81 38.90
N MET G 60 13.27 -26.91 39.63
CA MET G 60 13.92 -27.01 40.93
C MET G 60 15.01 -28.08 40.87
N GLU G 61 16.06 -27.88 41.65
CA GLU G 61 17.19 -28.78 41.62
C GLU G 61 16.84 -30.13 42.23
N GLY G 62 17.38 -31.18 41.65
CA GLY G 62 17.20 -32.53 42.15
C GLY G 62 18.52 -33.24 42.27
N THR G 63 18.67 -33.99 43.36
CA THR G 63 19.86 -34.76 43.62
C THR G 63 19.82 -36.08 42.85
N LEU G 64 20.98 -36.72 42.74
CA LEU G 64 21.05 -38.04 42.14
C LEU G 64 20.23 -39.02 42.96
N ILE G 65 19.71 -40.07 42.33
CA ILE G 65 18.85 -41.05 42.98
C ILE G 65 19.60 -42.30 43.39
N GLU G 66 20.83 -42.49 42.93
CA GLU G 66 21.67 -43.59 43.34
C GLU G 66 22.21 -43.29 44.73
N GLY G 67 23.29 -43.95 45.13
CA GLY G 67 23.81 -43.73 46.46
C GLY G 67 24.59 -42.43 46.49
N ASP G 68 25.87 -42.47 46.81
CA ASP G 68 26.66 -41.25 46.87
C ASP G 68 26.06 -40.29 47.90
N LEU G 69 25.22 -39.35 47.45
CA LEU G 69 24.61 -38.37 48.33
C LEU G 69 25.70 -37.56 49.03
N PRO G 70 26.46 -36.75 48.30
CA PRO G 70 27.55 -35.99 48.96
C PRO G 70 27.06 -35.05 50.05
N GLU G 71 25.90 -34.44 49.87
CA GLU G 71 25.30 -33.56 50.87
C GLU G 71 26.26 -32.44 51.29
N PRO G 72 26.47 -31.44 50.44
CA PRO G 72 27.34 -30.31 50.82
C PRO G 72 26.63 -29.33 51.74
N LYS G 73 27.31 -28.22 52.05
CA LYS G 73 26.75 -27.15 52.87
C LYS G 73 26.97 -25.81 52.18
N LYS G 74 26.12 -24.84 52.54
CA LYS G 74 26.15 -23.51 51.93
C LYS G 74 26.00 -22.45 53.02
N VAL G 75 26.19 -21.20 52.61
CA VAL G 75 26.12 -20.08 53.54
C VAL G 75 24.74 -20.02 54.18
N LYS G 76 24.71 -19.73 55.48
CA LYS G 76 23.47 -19.58 56.24
C LYS G 76 22.77 -18.31 55.75
N PRO G 77 21.60 -17.95 56.30
CA PRO G 77 20.65 -17.18 55.52
C PRO G 77 21.16 -15.78 55.24
N PRO G 78 21.29 -15.38 53.93
CA PRO G 78 22.29 -14.37 53.54
C PRO G 78 22.55 -13.34 54.63
N ARG G 79 21.49 -12.73 55.12
CA ARG G 79 21.54 -11.90 56.32
C ARG G 79 20.18 -11.91 57.00
N THR G 80 20.05 -11.13 58.07
CA THR G 80 18.80 -11.10 58.81
C THR G 80 18.72 -9.85 59.67
N HIS G 81 17.50 -9.32 59.81
CA HIS G 81 17.27 -8.06 60.53
C HIS G 81 17.91 -8.09 61.91
N TRP G 82 17.83 -9.23 62.61
CA TRP G 82 18.50 -9.35 63.89
C TRP G 82 20.01 -9.18 63.74
N ASP G 83 20.60 -9.81 62.73
CA ASP G 83 22.04 -9.68 62.52
C ASP G 83 22.42 -8.24 62.21
N MET G 84 21.61 -7.55 61.40
CA MET G 84 21.91 -6.15 61.11
C MET G 84 21.77 -5.29 62.36
N LEU G 85 20.82 -5.64 63.24
CA LEU G 85 20.69 -4.92 64.50
C LEU G 85 21.93 -5.11 65.38
N LEU G 86 22.44 -6.34 65.44
CA LEU G 86 23.60 -6.61 66.28
C LEU G 86 24.87 -5.93 65.79
N GLU G 87 24.87 -5.40 64.57
CA GLU G 87 25.98 -4.60 64.07
C GLU G 87 25.86 -3.13 64.44
N ARG G 88 24.80 -2.74 65.16
CA ARG G 88 24.68 -1.39 65.65
C ARG G 88 24.18 -1.31 67.09
N ARG G 89 23.87 -2.44 67.74
CA ARG G 89 23.43 -2.46 69.12
C ARG G 89 23.98 -3.71 69.79
N SER G 90 24.03 -3.67 71.12
CA SER G 90 24.56 -4.77 71.93
C SER G 90 23.44 -5.38 72.77
N ILE G 91 23.82 -6.41 73.55
CA ILE G 91 22.80 -7.19 74.25
C ILE G 91 22.25 -6.44 75.46
N GLU G 92 23.10 -5.70 76.18
CA GLU G 92 22.65 -5.15 77.47
C GLU G 92 21.55 -4.11 77.26
N GLU G 93 21.72 -3.22 76.27
CA GLU G 93 20.68 -2.20 76.05
C GLU G 93 19.41 -2.83 75.50
N LEU G 94 19.55 -3.85 74.65
CA LEU G 94 18.38 -4.55 74.15
C LEU G 94 17.61 -5.23 75.28
N GLU G 95 18.34 -5.86 76.20
CA GLU G 95 17.70 -6.46 77.38
C GLU G 95 17.01 -5.40 78.22
N GLU G 96 17.66 -4.26 78.43
CA GLU G 96 17.04 -3.18 79.20
C GLU G 96 15.74 -2.73 78.54
N LEU G 97 15.76 -2.55 77.22
CA LEU G 97 14.54 -2.17 76.52
C LEU G 97 13.47 -3.25 76.64
N LEU G 98 13.87 -4.52 76.59
CA LEU G 98 12.91 -5.59 76.79
C LEU G 98 12.30 -5.53 78.18
N LYS G 99 13.10 -5.22 79.20
CA LYS G 99 12.56 -5.10 80.55
C LYS G 99 11.58 -3.94 80.63
N GLU G 100 11.92 -2.81 80.01
CA GLU G 100 11.00 -1.67 80.01
C GLU G 100 9.68 -2.04 79.36
N ARG G 101 9.74 -2.71 78.21
CA ARG G 101 8.52 -3.11 77.51
C ARG G 101 7.71 -4.10 78.35
N LEU G 102 8.39 -5.06 78.98
CA LEU G 102 7.70 -6.05 79.79
C LEU G 102 7.01 -5.40 80.98
N GLU G 103 7.69 -4.48 81.66
CA GLU G 103 7.07 -3.78 82.77
C GLU G 103 5.90 -2.93 82.31
N LEU G 104 6.02 -2.32 81.12
CA LEU G 104 4.92 -1.52 80.59
C LEU G 104 3.69 -2.38 80.35
N ILE G 105 3.87 -3.54 79.71
CA ILE G 105 2.72 -4.42 79.47
C ILE G 105 2.15 -4.93 80.79
N ARG G 106 3.01 -5.28 81.74
CA ARG G 106 2.53 -5.76 83.03
C ARG G 106 1.69 -4.69 83.73
N SER G 107 2.13 -3.43 83.66
CA SER G 107 1.34 -2.34 84.22
C SER G 107 0.03 -2.20 83.47
N ARG G 108 0.04 -2.39 82.15
CA ARG G 108 -1.19 -2.30 81.37
C ARG G 108 -2.20 -3.35 81.84
N ARG G 109 -1.74 -4.58 82.07
CA ARG G 109 -2.67 -5.65 82.46
C ARG G 109 -3.11 -5.49 83.91
N ARG G 110 -2.15 -5.53 84.84
CA ARG G 110 -2.46 -5.56 86.27
C ARG G 110 -2.01 -4.32 87.03
N GLY G 111 -1.25 -3.42 86.41
CA GLY G 111 -0.79 -2.22 87.10
C GLY G 111 0.52 -2.43 87.83
N ILE H 125 32.05 53.32 49.33
CA ILE H 125 32.22 51.87 49.39
C ILE H 125 32.25 51.31 47.98
N PHE H 126 31.29 51.72 47.15
CA PHE H 126 31.16 51.25 45.78
C PHE H 126 31.49 52.40 44.84
N LYS H 127 32.55 52.23 44.06
CA LYS H 127 33.03 53.26 43.16
C LYS H 127 33.14 52.69 41.74
N VAL H 128 32.92 53.55 40.76
CA VAL H 128 32.99 53.11 39.38
C VAL H 128 34.42 52.68 39.04
N GLY H 129 34.53 51.65 38.22
CA GLY H 129 35.84 51.15 37.80
C GLY H 129 36.55 50.29 38.81
N ASP H 130 35.87 49.86 39.88
CA ASP H 130 36.47 49.04 40.91
C ASP H 130 36.22 47.57 40.62
N THR H 131 37.27 46.75 40.77
CA THR H 131 37.16 45.31 40.56
C THR H 131 36.70 44.69 41.87
N VAL H 132 35.38 44.58 42.03
CA VAL H 132 34.77 44.12 43.27
C VAL H 132 34.51 42.62 43.17
N VAL H 133 34.61 41.93 44.30
CA VAL H 133 34.40 40.49 44.35
C VAL H 133 32.94 40.22 44.73
N TYR H 134 32.26 39.42 43.92
CA TYR H 134 30.88 39.04 44.13
C TYR H 134 30.79 37.51 44.18
N PRO H 135 30.21 36.93 45.23
CA PRO H 135 30.10 35.47 45.28
C PRO H 135 28.88 34.96 44.54
N HIS H 136 29.00 33.79 43.91
CA HIS H 136 30.13 32.86 43.82
C HIS H 136 30.78 32.92 42.45
N HIS H 137 30.75 34.12 41.84
CA HIS H 137 31.34 34.34 40.53
C HIS H 137 32.74 34.95 40.61
N GLY H 138 33.24 35.23 41.81
CA GLY H 138 34.56 35.80 41.94
C GLY H 138 34.62 37.25 41.51
N ALA H 139 35.62 37.61 40.70
CA ALA H 139 35.76 38.99 40.27
C ALA H 139 34.56 39.44 39.46
N ALA H 140 34.21 40.73 39.58
CA ALA H 140 33.04 41.28 38.89
C ALA H 140 33.26 42.79 38.75
N LEU H 141 33.64 43.21 37.55
CA LEU H 141 33.87 44.63 37.29
C LEU H 141 32.56 45.39 37.30
N VAL H 142 32.54 46.52 38.00
CA VAL H 142 31.36 47.38 38.00
C VAL H 142 31.35 48.20 36.72
N GLU H 143 30.16 48.56 36.26
CA GLU H 143 30.00 49.50 35.15
C GLU H 143 29.40 50.83 35.60
N ALA H 144 28.27 50.80 36.30
CA ALA H 144 27.52 52.00 36.60
C ALA H 144 26.44 51.71 37.64
N ILE H 145 25.51 52.64 37.83
CA ILE H 145 24.39 52.45 38.73
C ILE H 145 23.16 53.11 38.11
N GLU H 146 22.00 52.53 38.34
CA GLU H 146 20.76 52.95 37.69
C GLU H 146 19.67 53.17 38.74
N THR H 147 18.83 54.19 38.51
CA THR H 147 17.73 54.47 39.43
C THR H 147 16.77 53.29 39.53
N ARG H 148 16.32 52.78 38.38
CA ARG H 148 15.40 51.64 38.31
C ARG H 148 14.27 51.77 39.34
N THR H 149 13.50 52.85 39.24
CA THR H 149 12.46 53.10 40.23
C THR H 149 11.43 51.97 40.23
N ILE H 150 11.30 51.30 41.37
CA ILE H 150 10.35 50.21 41.55
C ILE H 150 9.53 50.48 42.80
N LYS H 151 8.22 50.28 42.69
CA LYS H 151 7.30 50.62 43.77
C LYS H 151 7.39 52.09 44.13
N GLY H 152 7.72 52.92 43.13
CA GLY H 152 7.93 54.34 43.35
C GLY H 152 9.23 54.70 44.03
N GLU H 153 10.12 53.73 44.23
CA GLU H 153 11.36 53.93 44.96
C GLU H 153 12.52 53.81 43.97
N GLN H 154 13.32 54.87 43.86
CA GLN H 154 14.49 54.83 42.97
C GLN H 154 15.58 53.98 43.61
N LYS H 155 15.29 52.71 43.83
CA LYS H 155 16.27 51.83 44.46
C LYS H 155 17.52 51.74 43.61
N GLU H 156 18.62 52.25 44.15
CA GLU H 156 19.88 52.21 43.44
C GLU H 156 20.22 50.77 43.07
N TYR H 157 20.55 50.55 41.80
CA TYR H 157 20.89 49.22 41.29
C TYR H 157 22.22 49.31 40.55
N LEU H 158 23.30 48.99 41.26
CA LEU H 158 24.63 49.02 40.66
C LEU H 158 24.86 47.75 39.86
N VAL H 159 25.55 47.90 38.73
CA VAL H 159 25.66 46.84 37.72
C VAL H 159 27.07 46.28 37.71
N LEU H 160 27.18 44.96 37.80
CA LEU H 160 28.43 44.20 37.75
C LEU H 160 28.43 43.31 36.54
N LYS H 161 29.63 43.09 35.98
CA LYS H 161 29.86 42.22 34.84
C LYS H 161 31.00 41.29 35.18
N VAL H 162 30.79 40.00 34.97
CA VAL H 162 31.78 38.97 35.28
C VAL H 162 32.28 38.39 33.97
N ALA H 163 33.60 38.34 33.81
CA ALA H 163 34.20 37.85 32.58
C ALA H 163 34.02 36.35 32.37
N GLN H 164 33.58 35.62 33.40
CA GLN H 164 33.48 34.17 33.27
C GLN H 164 32.19 33.75 32.55
N GLY H 165 31.06 34.33 32.92
CA GLY H 165 29.79 33.98 32.33
C GLY H 165 29.24 35.05 31.40
N ASP H 166 29.92 36.20 31.34
CA ASP H 166 29.49 37.32 30.52
C ASP H 166 28.04 37.70 30.81
N LEU H 167 27.72 37.79 32.10
CA LEU H 167 26.40 38.17 32.56
C LEU H 167 26.47 39.42 33.41
N THR H 168 25.38 40.19 33.42
CA THR H 168 25.29 41.42 34.18
C THR H 168 24.36 41.19 35.39
N VAL H 169 24.83 41.58 36.56
CA VAL H 169 24.09 41.45 37.81
C VAL H 169 23.89 42.85 38.39
N ARG H 170 22.64 43.24 38.58
CA ARG H 170 22.31 44.52 39.20
C ARG H 170 21.88 44.25 40.64
N VAL H 171 22.55 44.90 41.59
CA VAL H 171 22.31 44.66 43.01
C VAL H 171 22.00 45.98 43.71
N PRO H 172 21.24 45.97 44.82
CA PRO H 172 21.02 47.21 45.57
C PRO H 172 22.16 47.48 46.54
N ALA H 173 22.65 48.72 46.54
CA ALA H 173 23.78 49.07 47.40
C ALA H 173 23.41 48.94 48.87
N GLU H 174 22.17 49.26 49.24
CA GLU H 174 21.79 49.26 50.65
C GLU H 174 21.96 47.86 51.26
N ASN H 175 21.56 46.82 50.53
CA ASN H 175 21.73 45.44 50.97
C ASN H 175 22.76 44.69 50.13
N ALA H 176 23.65 45.41 49.45
CA ALA H 176 24.66 44.75 48.65
C ALA H 176 25.55 43.85 49.51
N GLU H 177 25.98 44.38 50.67
CA GLU H 177 26.80 43.57 51.57
C GLU H 177 26.03 42.35 52.08
N TYR H 178 24.71 42.46 52.20
CA TYR H 178 23.92 41.33 52.68
C TYR H 178 24.06 40.14 51.74
N VAL H 179 24.05 40.39 50.43
CA VAL H 179 24.20 39.29 49.47
C VAL H 179 25.56 38.62 49.64
N GLY H 180 26.61 39.42 49.81
CA GLY H 180 27.94 38.90 50.05
C GLY H 180 29.01 39.52 49.19
N VAL H 181 28.65 40.56 48.43
CA VAL H 181 29.63 41.24 47.59
C VAL H 181 30.70 41.87 48.46
N ARG H 182 31.97 41.66 48.09
CA ARG H 182 33.10 42.18 48.83
C ARG H 182 34.11 42.78 47.85
N ASP H 183 34.85 43.77 48.33
CA ASP H 183 35.86 44.41 47.50
C ASP H 183 37.08 43.51 47.39
N VAL H 184 38.05 43.94 46.57
CA VAL H 184 39.29 43.19 46.41
C VAL H 184 39.99 43.11 47.76
N VAL H 185 40.30 41.88 48.20
CA VAL H 185 40.97 41.72 49.48
C VAL H 185 42.44 42.13 49.34
N GLY H 186 42.98 42.69 50.42
CA GLY H 186 44.33 43.18 50.45
C GLY H 186 45.34 42.06 50.63
N GLN H 187 46.55 42.45 50.99
CA GLN H 187 47.64 41.49 51.17
C GLN H 187 47.54 40.72 52.47
N GLU H 188 46.78 41.23 53.45
CA GLU H 188 46.58 40.49 54.69
C GLU H 188 45.90 39.15 54.41
N GLY H 189 44.83 39.15 53.60
CA GLY H 189 44.21 37.90 53.23
C GLY H 189 45.12 37.04 52.37
N LEU H 190 45.97 37.66 51.57
CA LEU H 190 46.92 36.91 50.74
C LEU H 190 47.88 36.10 51.61
N ASP H 191 48.52 36.75 52.58
CA ASP H 191 49.41 36.00 53.46
C ASP H 191 48.63 35.02 54.32
N LYS H 192 47.40 35.36 54.68
CA LYS H 192 46.57 34.43 55.44
C LYS H 192 46.33 33.15 54.65
N VAL H 193 45.98 33.27 53.37
CA VAL H 193 45.69 32.08 52.58
C VAL H 193 46.97 31.28 52.33
N PHE H 194 48.11 31.97 52.18
CA PHE H 194 49.36 31.23 52.07
C PHE H 194 49.64 30.40 53.32
N GLN H 195 49.55 31.04 54.49
CA GLN H 195 49.77 30.32 55.75
C GLN H 195 48.79 29.16 55.89
N VAL H 196 47.51 29.38 55.53
CA VAL H 196 46.53 28.32 55.62
C VAL H 196 46.89 27.18 54.67
N LEU H 197 47.39 27.52 53.48
CA LEU H 197 47.88 26.49 52.59
C LEU H 197 48.99 25.69 53.25
N ARG H 198 49.71 26.30 54.20
CA ARG H 198 50.66 25.59 55.03
C ARG H 198 50.11 25.24 56.41
N ALA H 199 48.84 24.86 56.49
CA ALA H 199 48.25 24.40 57.74
C ALA H 199 48.11 22.88 57.70
N PRO H 200 48.95 22.12 58.44
CA PRO H 200 48.84 20.65 58.39
C PRO H 200 47.83 20.09 59.39
N HIS H 201 47.78 18.75 59.49
CA HIS H 201 46.98 18.06 60.51
C HIS H 201 45.48 18.27 60.27
N THR H 202 45.03 17.95 59.06
CA THR H 202 43.63 18.02 58.70
C THR H 202 43.05 16.61 58.63
N GLU H 203 41.94 16.38 59.33
CA GLU H 203 41.23 15.11 59.30
C GLU H 203 39.77 15.35 58.97
N GLU H 204 39.17 14.40 58.29
CA GLU H 204 37.80 14.48 57.79
C GLU H 204 37.01 13.29 58.29
N PRO H 205 35.68 13.39 58.31
CA PRO H 205 34.86 12.24 58.71
C PRO H 205 35.07 11.07 57.77
N THR H 206 34.87 9.85 58.30
CA THR H 206 35.17 8.65 57.54
C THR H 206 34.32 8.55 56.28
N ASN H 207 33.03 8.84 56.39
CA ASN H 207 32.14 8.71 55.24
C ASN H 207 32.51 9.74 54.17
N TRP H 208 32.48 9.29 52.90
CA TRP H 208 32.74 10.20 51.80
C TRP H 208 31.63 11.24 51.67
N SER H 209 30.38 10.83 51.93
CA SER H 209 29.25 11.74 51.74
C SER H 209 29.35 12.92 52.69
N ARG H 210 29.69 12.66 53.95
CA ARG H 210 29.74 13.73 54.94
C ARG H 210 30.81 14.76 54.59
N ARG H 211 32.01 14.29 54.24
CA ARG H 211 33.08 15.21 53.89
C ARG H 211 32.76 15.96 52.60
N TYR H 212 32.14 15.30 51.63
CA TYR H 212 31.73 15.98 50.42
C TYR H 212 30.73 17.09 50.72
N LYS H 213 29.74 16.80 51.57
CA LYS H 213 28.78 17.82 51.95
C LYS H 213 29.47 18.96 52.68
N ALA H 214 30.41 18.64 53.58
CA ALA H 214 31.10 19.67 54.34
C ALA H 214 31.87 20.61 53.42
N ASN H 215 32.64 20.05 52.48
CA ASN H 215 33.44 20.91 51.62
C ASN H 215 32.57 21.63 50.59
N LEU H 216 31.45 21.03 50.17
CA LEU H 216 30.53 21.75 49.30
C LEU H 216 29.91 22.94 50.00
N GLU H 217 29.49 22.77 51.26
CA GLU H 217 28.99 23.90 52.02
C GLU H 217 30.07 24.94 52.24
N LYS H 218 31.31 24.48 52.45
CA LYS H 218 32.42 25.40 52.60
C LYS H 218 32.61 26.26 51.35
N LEU H 219 32.54 25.63 50.17
CA LEU H 219 32.60 26.38 48.93
C LEU H 219 31.42 27.35 48.81
N ALA H 220 30.22 26.87 49.14
CA ALA H 220 29.02 27.70 49.00
C ALA H 220 29.07 28.91 49.91
N SER H 221 29.73 28.80 51.07
CA SER H 221 29.82 29.93 51.99
C SER H 221 30.48 31.13 51.32
N GLY H 222 31.35 30.89 50.35
CA GLY H 222 32.05 31.96 49.66
C GLY H 222 33.24 32.50 50.42
N ASP H 223 33.47 32.08 51.66
CA ASP H 223 34.64 32.51 52.40
C ASP H 223 35.90 32.05 51.68
N VAL H 224 36.81 33.00 51.43
CA VAL H 224 38.01 32.68 50.67
C VAL H 224 38.84 31.63 51.40
N ASN H 225 38.94 31.74 52.73
CA ASN H 225 39.72 30.79 53.50
C ASN H 225 39.15 29.38 53.39
N LYS H 226 37.83 29.26 53.50
CA LYS H 226 37.20 27.94 53.48
C LYS H 226 37.39 27.26 52.12
N VAL H 227 37.15 28.02 51.03
CA VAL H 227 37.33 27.45 49.70
C VAL H 227 38.80 27.12 49.45
N ALA H 228 39.71 27.95 49.96
CA ALA H 228 41.13 27.65 49.81
C ALA H 228 41.52 26.37 50.52
N GLU H 229 41.01 26.19 51.74
CA GLU H 229 41.31 24.96 52.48
C GLU H 229 40.72 23.75 51.75
N VAL H 230 39.50 23.88 51.23
CA VAL H 230 38.89 22.77 50.49
C VAL H 230 39.73 22.44 49.27
N VAL H 231 40.15 23.47 48.52
CA VAL H 231 40.94 23.25 47.31
C VAL H 231 42.23 22.53 47.64
N ARG H 232 42.96 23.03 48.64
CA ARG H 232 44.25 22.43 48.95
C ARG H 232 44.08 21.00 49.43
N ASP H 233 43.12 20.75 50.32
CA ASP H 233 42.94 19.40 50.84
C ASP H 233 42.56 18.43 49.73
N LEU H 234 41.63 18.84 48.86
CA LEU H 234 41.21 17.97 47.78
C LEU H 234 42.34 17.73 46.79
N TRP H 235 43.14 18.77 46.50
CA TRP H 235 44.24 18.59 45.57
C TRP H 235 45.30 17.67 46.14
N ARG H 236 45.65 17.83 47.42
CA ARG H 236 46.64 16.94 48.00
C ARG H 236 46.15 15.51 48.00
N ARG H 237 44.85 15.30 48.28
CA ARG H 237 44.31 13.95 48.26
C ARG H 237 44.33 13.35 46.84
N ASP H 238 43.87 14.11 45.85
CA ASP H 238 43.88 13.65 44.46
C ASP H 238 45.29 13.31 44.01
N GLN H 239 46.24 14.21 44.26
CA GLN H 239 47.64 13.94 43.93
C GLN H 239 48.19 12.79 44.76
N GLU H 240 47.62 12.55 45.94
CA GLU H 240 48.06 11.42 46.76
C GLU H 240 47.79 10.11 46.06
N ARG H 241 46.52 9.86 45.70
CA ARG H 241 46.23 8.57 45.06
C ARG H 241 45.17 8.62 43.95
N GLY H 242 44.62 9.77 43.60
CA GLY H 242 43.62 9.84 42.56
C GLY H 242 42.27 9.34 43.04
N LEU H 243 41.23 10.12 42.77
CA LEU H 243 39.95 9.86 43.41
C LEU H 243 38.78 9.52 42.47
N SER H 244 38.35 10.47 41.66
CA SER H 244 37.04 10.37 41.02
C SER H 244 36.80 11.60 40.16
N ALA H 245 35.64 11.61 39.50
CA ALA H 245 35.26 12.71 38.60
C ALA H 245 34.53 13.83 39.34
N GLY H 246 33.67 13.49 40.29
CA GLY H 246 32.95 14.55 41.02
C GLY H 246 33.87 15.41 41.85
N GLU H 247 34.80 14.77 42.57
CA GLU H 247 35.81 15.52 43.30
C GLU H 247 36.67 16.33 42.34
N LYS H 248 36.97 15.76 41.17
CA LYS H 248 37.73 16.50 40.17
C LYS H 248 36.99 17.77 39.74
N ARG H 249 35.68 17.66 39.52
CA ARG H 249 34.89 18.82 39.13
C ARG H 249 34.89 19.88 40.22
N MET H 250 34.68 19.45 41.47
CA MET H 250 34.71 20.39 42.58
C MET H 250 36.05 21.09 42.66
N LEU H 251 37.14 20.33 42.54
CA LEU H 251 38.47 20.90 42.61
C LEU H 251 38.70 21.89 41.48
N ALA H 252 38.27 21.54 40.27
CA ALA H 252 38.46 22.43 39.13
C ALA H 252 37.73 23.75 39.34
N LYS H 253 36.46 23.68 39.74
CA LYS H 253 35.69 24.90 39.96
C LYS H 253 36.32 25.77 41.04
N ALA H 254 36.65 25.15 42.18
CA ALA H 254 37.16 25.92 43.31
C ALA H 254 38.52 26.51 42.99
N ARG H 255 39.38 25.75 42.32
CA ARG H 255 40.69 26.27 41.91
C ARG H 255 40.53 27.40 40.91
N GLN H 256 39.58 27.30 39.98
CA GLN H 256 39.34 28.37 39.02
C GLN H 256 38.98 29.67 39.74
N ILE H 257 37.99 29.60 40.63
CA ILE H 257 37.56 30.81 41.33
C ILE H 257 38.70 31.37 42.17
N LEU H 258 39.47 30.49 42.82
CA LEU H 258 40.58 30.96 43.65
C LEU H 258 41.66 31.64 42.82
N VAL H 259 42.00 31.06 41.66
CA VAL H 259 43.04 31.65 40.83
C VAL H 259 42.60 33.01 40.30
N GLY H 260 41.33 33.12 39.89
CA GLY H 260 40.84 34.44 39.48
C GLY H 260 40.92 35.45 40.61
N GLU H 261 40.47 35.05 41.80
CA GLU H 261 40.48 35.96 42.94
C GLU H 261 41.90 36.40 43.28
N LEU H 262 42.86 35.47 43.25
CA LEU H 262 44.25 35.83 43.55
C LEU H 262 44.83 36.73 42.45
N ALA H 263 44.55 36.39 41.19
CA ALA H 263 45.00 37.21 40.07
C ALA H 263 44.62 38.66 40.29
N LEU H 264 43.36 38.90 40.65
CA LEU H 264 42.97 40.27 40.94
C LEU H 264 43.47 40.74 42.31
N ALA H 265 43.75 39.81 43.21
CA ALA H 265 44.24 40.19 44.54
C ALA H 265 45.55 40.94 44.43
N GLU H 266 46.42 40.51 43.52
CA GLU H 266 47.65 41.24 43.23
C GLU H 266 47.70 41.73 41.78
N SER H 267 46.58 41.72 41.07
CA SER H 267 46.54 42.10 39.65
C SER H 267 47.65 41.41 38.87
N THR H 268 47.94 40.16 39.25
CA THR H 268 49.04 39.40 38.67
C THR H 268 48.64 38.62 37.43
N ASP H 269 47.37 38.68 37.01
CA ASP H 269 46.90 38.04 35.78
C ASP H 269 46.69 36.54 35.98
N ASP H 270 45.74 35.99 35.22
CA ASP H 270 45.27 34.62 35.46
C ASP H 270 46.38 33.59 35.23
N ALA H 271 47.19 33.78 34.19
CA ALA H 271 48.26 32.81 33.90
C ALA H 271 49.31 32.82 35.01
N LYS H 272 49.80 34.02 35.35
CA LYS H 272 50.78 34.12 36.42
C LYS H 272 50.15 33.78 37.77
N ALA H 273 48.86 34.04 37.93
CA ALA H 273 48.16 33.61 39.15
C ALA H 273 48.12 32.09 39.26
N GLU H 274 47.85 31.41 38.15
CA GLU H 274 47.88 29.95 38.14
C GLU H 274 49.27 29.45 38.49
N THR H 275 50.31 30.07 37.92
CA THR H 275 51.67 29.62 38.20
C THR H 275 52.05 29.86 39.66
N ILE H 276 51.67 31.01 40.23
CA ILE H 276 51.99 31.26 41.64
C ILE H 276 51.22 30.30 42.54
N LEU H 277 49.98 29.97 42.18
CA LEU H 277 49.28 28.91 42.89
C LEU H 277 50.06 27.60 42.80
N ASP H 278 50.61 27.30 41.63
CA ASP H 278 51.31 26.03 41.43
C ASP H 278 52.62 25.99 42.22
N GLU H 279 53.30 27.12 42.37
CA GLU H 279 54.53 27.11 43.18
C GLU H 279 54.21 27.09 44.66
N VAL H 280 53.17 27.80 45.10
CA VAL H 280 52.94 27.93 46.54
C VAL H 280 52.35 26.65 47.12
N LEU H 281 51.56 25.91 46.33
CA LEU H 281 51.07 24.62 46.79
C LEU H 281 52.21 23.65 47.08
N ALA H 282 53.38 23.86 46.47
CA ALA H 282 54.49 22.93 46.64
C ALA H 282 54.98 22.92 48.09
N ALA H 283 55.05 24.10 48.70
CA ALA H 283 55.49 24.24 50.09
C ALA H 283 56.93 23.78 50.25
P1 POP L . -12.76 4.21 -17.93
O1 POP L . -11.93 3.77 -19.11
O2 POP L . -13.76 5.26 -18.39
O3 POP L . -11.88 4.79 -16.86
O POP L . -13.56 2.93 -17.35
P2 POP L . -14.27 1.89 -18.34
O4 POP L . -13.22 1.28 -19.24
O5 POP L . -15.29 2.61 -19.19
O6 POP L . -14.94 0.81 -17.53
ZN ZN M . 29.63 -27.21 27.64
ZN ZN N . -28.91 -33.18 -5.74
MG MG O . -5.64 0.60 -15.35
#